data_7CBP
#
_entry.id   7CBP
#
_cell.length_a   1.00
_cell.length_b   1.00
_cell.length_c   1.00
_cell.angle_alpha   90.00
_cell.angle_beta   90.00
_cell.angle_gamma   90.00
#
_symmetry.space_group_name_H-M   'P 1'
#
loop_
_entity.id
_entity.type
_entity.pdbx_description
1 polymer 'Small envelope protein M'
2 polymer 'Envelope protein E'
3 polymer 'Fab Heavy chain'
4 polymer 'Fab light chain'
5 branched 2-acetamido-2-deoxy-beta-D-glucopyranose-(1-4)-2-acetamido-2-deoxy-beta-D-glucopyranose
#
loop_
_entity_poly.entity_id
_entity_poly.type
_entity_poly.pdbx_seq_one_letter_code
_entity_poly.pdbx_strand_id
1 'polypeptide(L)' AVTLPSHSTRKLQTRSQTWLESREYTKHLIRVENWIFRNPGFALAAAAIAWLLGSSTSQKVIYLVMILLIAPAYS T,U,V
2 'polypeptide(L)'
;IRCIGVSNRDFVEGMSGGTWVDVVLEHGGCVTVMAQDKPTVDIELVTTTVSNMAEVRSYCYEASISDMASDSRCPTQGEA
YLDKQSDTQYVCKRTLVDRGWGNGCGLFGKGSLVTCAKFACSKKMTGKSIQPENLEYRIMLSVHGSQHSGMIVNDTGHET
DENRAKVEITPNSPRAEATLGGFGSLGLDCEPRTGLDFSDLYYLTMNNKHWLVHKEWFHDIPLPWHAGADTGTPHWNNKE
ALVEFKDAHAKRQTVVVLGSQEGAVHTALAGALEAEMDGAKGRLSSGHLKCRLKMDKLRLKGVSYSLCTAAFTFTKIPAE
TLHGTVTVEVQYAGTDGPCKVPAQMAVDMQTLTPVGRLITANPVITESTENSKMMLELDPPFGDSYIVIGVGEKKITHHW
HRSGSTIGKAFEATVRGAKRMAVLGDTAWDFGSVGGALNSLGKGIHQIFGAAFKSLFGGMSWFSQILIGTLLMWLGLNTK
NGSISLMCLALGGVLIFLSTA
;
Q,N,K
3 'polypeptide(L)'
;EVQLLESGGGLVQPGGSLRLSCAASGFSFSTYSMHWVRQAPGKGLEWVSAISGEGDSAYYADSVKGRFTISRDNSKNTLY
LQMNKVRAEDTAVYYCVGGYSNFYYYYTMDAWGQGTMVTVSSASTKGPSVFPLAPSSKSTSGGTAALGCLVKDYFPEPVT
VSWNSGALTSGVHTFPAVLQSSGLYSLSSVVTVPSSSLGTQTYICNVNHKPSNTKVDKKVEP
;
D,R
4 'polypeptide(L)'
;DIVMTQSPASLSLSPGERATLSCRATQSISTFLAWYQQKPGQAPRLLIYDASTRASGIPARFSGSRSGTDFTLTITRLEP
EDFAVYYCQQRYNWPPYSFGQGTKLEIKRTVAAPSVFIFPPSDEQLKSGTASVVCLLNNFYPREAKVQWKVDNALQSGNS
QESVTEQDSKDSTYSLSSTLTLSKADYEKHKVYACEVTHQGLSSPVTKSFNRGEC
;
E,S
#
loop_
_chem_comp.id
_chem_comp.type
_chem_comp.name
_chem_comp.formula
NAG D-saccharide, beta linking 2-acetamido-2-deoxy-beta-D-glucopyranose 'C8 H15 N O6'
#
# COMPACT_ATOMS: atom_id res chain seq x y z
CA ALA A 1 18.16 3.19 -8.03
C ALA A 1 18.95 3.92 -9.10
N VAL A 2 19.67 3.16 -9.91
CA VAL A 2 20.52 3.75 -10.95
C VAL A 2 19.76 3.91 -12.25
N THR A 3 19.14 2.83 -12.72
CA THR A 3 18.42 2.83 -14.00
C THR A 3 16.97 3.22 -13.76
N LEU A 4 16.75 4.52 -13.66
CA LEU A 4 15.39 5.05 -13.63
C LEU A 4 14.72 4.84 -14.98
N PRO A 5 13.46 4.43 -14.99
CA PRO A 5 12.77 4.17 -16.27
C PRO A 5 12.42 5.49 -16.95
N SER A 6 12.59 5.51 -18.27
CA SER A 6 12.33 6.72 -19.03
C SER A 6 10.84 6.82 -19.37
N HIS A 7 10.26 7.98 -19.10
CA HIS A 7 8.85 8.23 -19.33
C HIS A 7 8.52 8.57 -20.77
N SER A 8 9.52 8.65 -21.64
CA SER A 8 9.28 8.92 -23.06
C SER A 8 8.70 7.71 -23.79
N THR A 9 8.67 6.54 -23.15
CA THR A 9 7.95 5.40 -23.69
C THR A 9 6.44 5.64 -23.65
N ARG A 10 5.95 6.24 -22.57
CA ARG A 10 4.52 6.42 -22.41
C ARG A 10 4.18 7.89 -22.24
N LYS A 11 4.71 8.74 -23.12
CA LYS A 11 4.44 10.16 -23.01
C LYS A 11 3.00 10.44 -23.43
N LEU A 12 2.44 11.50 -22.87
CA LEU A 12 1.04 11.85 -23.10
C LEU A 12 1.00 12.96 -24.15
N GLN A 13 0.73 12.58 -25.39
CA GLN A 13 0.72 13.53 -26.50
C GLN A 13 -0.62 14.26 -26.50
N THR A 14 -0.61 15.49 -26.00
CA THR A 14 -1.74 16.40 -26.09
C THR A 14 -1.29 17.64 -26.84
N ARG A 15 -2.16 18.64 -26.89
CA ARG A 15 -1.80 19.90 -27.53
C ARG A 15 -0.83 20.69 -26.68
N SER A 16 -0.92 20.57 -25.36
CA SER A 16 0.00 21.24 -24.46
C SER A 16 1.34 20.50 -24.43
N GLN A 17 2.32 21.12 -23.78
CA GLN A 17 3.68 20.59 -23.74
C GLN A 17 3.87 19.64 -22.57
N THR A 18 4.94 18.84 -22.66
CA THR A 18 5.32 17.91 -21.60
C THR A 18 6.22 18.61 -20.59
N TRP A 19 6.84 17.83 -19.71
CA TRP A 19 7.68 18.38 -18.66
C TRP A 19 9.03 18.85 -19.21
N LEU A 20 9.76 17.97 -19.88
CA LEU A 20 11.04 18.31 -20.50
C LEU A 20 10.90 18.09 -22.00
N GLU A 21 10.43 19.11 -22.71
CA GLU A 21 10.30 19.03 -24.16
C GLU A 21 11.31 19.88 -24.91
N SER A 22 11.91 20.88 -24.26
CA SER A 22 12.94 21.69 -24.93
C SER A 22 14.22 20.89 -25.11
N ARG A 23 14.68 20.22 -24.06
CA ARG A 23 15.89 19.41 -24.10
C ARG A 23 15.60 17.97 -24.48
N GLU A 24 14.42 17.68 -25.04
CA GLU A 24 14.10 16.32 -25.44
C GLU A 24 14.70 15.99 -26.80
N TYR A 25 14.78 16.98 -27.69
CA TYR A 25 15.28 16.74 -29.04
C TYR A 25 16.79 16.49 -29.04
N THR A 26 17.56 17.42 -28.48
CA THR A 26 19.01 17.28 -28.40
C THR A 26 19.41 16.77 -27.01
N LYS A 27 19.03 15.52 -26.75
CA LYS A 27 19.42 14.83 -25.54
C LYS A 27 20.32 13.64 -25.82
N HIS A 28 19.84 12.70 -26.64
CA HIS A 28 20.64 11.54 -27.03
C HIS A 28 21.66 11.87 -28.10
N LEU A 29 21.37 12.85 -28.95
CA LEU A 29 22.34 13.30 -29.94
C LEU A 29 23.53 13.95 -29.27
N ILE A 30 23.28 14.70 -28.20
CA ILE A 30 24.35 15.31 -27.41
C ILE A 30 25.18 14.22 -26.72
N ARG A 31 24.53 13.13 -26.27
CA ARG A 31 25.25 12.03 -25.62
C ARG A 31 26.13 11.27 -26.59
N VAL A 32 25.61 10.96 -27.79
CA VAL A 32 26.43 10.23 -28.75
C VAL A 32 27.50 11.13 -29.36
N GLU A 33 27.26 12.45 -29.46
CA GLU A 33 28.30 13.34 -29.97
C GLU A 33 29.41 13.54 -28.95
N ASN A 34 29.05 13.67 -27.68
CA ASN A 34 30.07 13.78 -26.62
C ASN A 34 30.87 12.49 -26.47
N TRP A 35 30.22 11.33 -26.65
CA TRP A 35 30.95 10.08 -26.57
C TRP A 35 31.86 9.87 -27.78
N ILE A 36 31.39 10.22 -28.97
CA ILE A 36 32.22 10.04 -30.16
C ILE A 36 33.28 11.13 -30.27
N PHE A 37 33.14 12.22 -29.52
CA PHE A 37 34.20 13.21 -29.44
C PHE A 37 35.23 12.81 -28.40
N ARG A 38 34.81 12.15 -27.31
CA ARG A 38 35.78 11.71 -26.32
C ARG A 38 36.42 10.37 -26.66
N ASN A 39 35.85 9.59 -27.59
CA ASN A 39 36.42 8.32 -28.00
C ASN A 39 36.49 8.28 -29.52
N PRO A 40 37.55 8.82 -30.13
CA PRO A 40 37.63 8.83 -31.59
C PRO A 40 38.02 7.50 -32.22
N GLY A 41 38.71 6.62 -31.48
CA GLY A 41 39.17 5.37 -32.07
C GLY A 41 38.09 4.35 -32.36
N PHE A 42 36.92 4.48 -31.72
CA PHE A 42 35.87 3.52 -31.99
C PHE A 42 35.20 3.73 -33.35
N ALA A 43 35.40 4.88 -33.98
CA ALA A 43 34.99 5.04 -35.37
C ALA A 43 35.79 4.12 -36.28
N LEU A 44 37.11 4.04 -36.06
CA LEU A 44 37.93 3.08 -36.79
C LEU A 44 37.61 1.65 -36.39
N ALA A 45 37.29 1.42 -35.10
CA ALA A 45 36.90 0.08 -34.66
C ALA A 45 35.56 -0.36 -35.25
N ALA A 46 34.66 0.58 -35.53
CA ALA A 46 33.39 0.21 -36.14
C ALA A 46 33.55 0.07 -37.64
N ALA A 47 34.50 0.78 -38.22
CA ALA A 47 34.78 0.56 -39.63
C ALA A 47 35.46 -0.80 -39.82
N ALA A 48 36.24 -1.23 -38.82
CA ALA A 48 36.88 -2.54 -38.87
C ALA A 48 35.92 -3.69 -38.56
N ILE A 49 34.82 -3.44 -37.88
CA ILE A 49 33.91 -4.52 -37.46
C ILE A 49 32.75 -4.68 -38.44
N ALA A 50 32.08 -3.58 -38.77
CA ALA A 50 30.86 -3.65 -39.58
C ALA A 50 31.15 -3.93 -41.05
N TRP A 51 32.38 -3.69 -41.51
CA TRP A 51 32.75 -4.04 -42.88
C TRP A 51 32.85 -5.56 -43.09
N LEU A 52 33.13 -6.32 -42.03
CA LEU A 52 33.20 -7.76 -42.19
C LEU A 52 31.82 -8.40 -42.30
N LEU A 53 30.80 -7.77 -41.73
CA LEU A 53 29.44 -8.28 -41.82
C LEU A 53 28.71 -7.69 -43.02
N GLY A 54 27.61 -8.34 -43.39
CA GLY A 54 26.79 -7.89 -44.48
C GLY A 54 27.29 -8.31 -45.84
N SER A 55 28.47 -7.80 -46.21
CA SER A 55 29.16 -8.06 -47.49
C SER A 55 28.30 -7.69 -48.68
N SER A 56 27.60 -6.57 -48.55
CA SER A 56 26.77 -6.04 -49.63
C SER A 56 26.95 -4.54 -49.81
N THR A 57 27.83 -3.91 -49.02
CA THR A 57 28.15 -2.47 -49.00
C THR A 57 26.93 -1.57 -48.73
N SER A 58 25.86 -2.12 -48.17
CA SER A 58 24.71 -1.31 -47.77
C SER A 58 24.29 -1.67 -46.36
N GLN A 59 24.55 -2.91 -45.94
CA GLN A 59 24.31 -3.31 -44.57
C GLN A 59 25.47 -3.00 -43.64
N LYS A 60 26.67 -2.78 -44.21
CA LYS A 60 27.82 -2.36 -43.43
C LYS A 60 27.59 -1.00 -42.80
N VAL A 61 26.97 -0.08 -43.53
CA VAL A 61 26.68 1.25 -43.01
C VAL A 61 25.58 1.18 -41.95
N ILE A 62 24.63 0.25 -42.11
CA ILE A 62 23.58 0.06 -41.12
C ILE A 62 24.17 -0.47 -39.81
N TYR A 63 25.07 -1.46 -39.90
CA TYR A 63 25.68 -1.97 -38.69
C TYR A 63 26.69 -1.00 -38.10
N LEU A 64 27.29 -0.13 -38.92
CA LEU A 64 28.16 0.91 -38.37
C LEU A 64 27.37 1.95 -37.59
N VAL A 65 26.20 2.36 -38.11
CA VAL A 65 25.35 3.29 -37.39
C VAL A 65 24.77 2.67 -36.11
N MET A 66 24.32 1.40 -36.20
CA MET A 66 23.78 0.68 -35.05
C MET A 66 24.84 0.42 -33.97
N ILE A 67 26.08 0.11 -34.36
CA ILE A 67 27.15 -0.09 -33.40
C ILE A 67 27.56 1.25 -32.78
N LEU A 68 27.67 2.30 -33.59
CA LEU A 68 28.04 3.63 -33.14
C LEU A 68 26.98 4.25 -32.23
N LEU A 69 25.72 3.80 -32.33
CA LEU A 69 24.69 4.24 -31.42
C LEU A 69 24.48 3.30 -30.24
N ILE A 70 24.90 2.03 -30.34
CA ILE A 70 24.68 1.12 -29.21
C ILE A 70 25.77 1.26 -28.16
N ALA A 71 26.84 1.98 -28.46
CA ALA A 71 28.00 2.15 -27.61
C ALA A 71 27.87 3.18 -26.46
N PRO A 72 27.40 4.47 -26.66
CA PRO A 72 27.31 5.35 -25.47
C PRO A 72 26.22 5.00 -24.48
N ALA A 73 25.00 4.85 -24.95
CA ALA A 73 23.90 4.33 -24.14
C ALA A 73 24.04 2.83 -24.29
N TYR A 74 24.54 2.18 -23.24
CA TYR A 74 25.00 0.81 -23.36
C TYR A 74 23.86 -0.19 -23.50
N SER A 75 22.65 0.19 -23.05
CA SER A 75 21.42 -0.60 -23.12
C SER A 75 21.45 -2.00 -22.52
CA ALA B 1 9.99 -27.41 1.98
C ALA B 1 9.53 -28.78 1.52
N VAL B 2 9.35 -28.93 0.21
CA VAL B 2 8.86 -30.17 -0.37
C VAL B 2 9.99 -30.96 -1.02
N THR B 3 10.94 -30.26 -1.65
CA THR B 3 12.06 -30.91 -2.33
C THR B 3 13.27 -31.00 -1.40
N LEU B 4 13.14 -31.87 -0.39
CA LEU B 4 14.27 -32.15 0.48
C LEU B 4 15.28 -33.00 -0.27
N PRO B 5 16.52 -32.55 -0.44
CA PRO B 5 17.49 -33.32 -1.21
C PRO B 5 18.01 -34.52 -0.44
N SER B 6 18.24 -35.61 -1.16
CA SER B 6 18.70 -36.83 -0.54
C SER B 6 20.19 -36.76 -0.24
N HIS B 7 20.60 -37.44 0.82
CA HIS B 7 22.00 -37.44 1.22
C HIS B 7 22.80 -38.53 0.53
N SER B 8 22.19 -39.32 -0.35
CA SER B 8 22.90 -40.37 -1.05
C SER B 8 23.79 -39.85 -2.17
N THR B 9 23.70 -38.55 -2.49
CA THR B 9 24.66 -37.95 -3.41
C THR B 9 26.05 -37.89 -2.79
N ARG B 10 26.12 -37.62 -1.49
CA ARG B 10 27.40 -37.49 -0.80
C ARG B 10 27.46 -38.45 0.36
N LYS B 11 27.13 -39.72 0.11
CA LYS B 11 27.10 -40.71 1.19
C LYS B 11 28.52 -41.06 1.63
N LEU B 12 28.71 -41.10 2.95
CA LEU B 12 30.02 -41.38 3.54
C LEU B 12 30.23 -42.89 3.47
N GLN B 13 30.85 -43.34 2.37
CA GLN B 13 31.11 -44.75 2.17
C GLN B 13 32.24 -45.22 3.07
N THR B 14 31.90 -45.75 4.24
CA THR B 14 32.87 -46.24 5.20
C THR B 14 32.59 -47.70 5.55
N ARG B 15 33.36 -48.22 6.50
CA ARG B 15 33.25 -49.63 6.87
C ARG B 15 32.00 -49.89 7.71
N SER B 16 31.66 -48.96 8.59
CA SER B 16 30.50 -49.14 9.46
C SER B 16 29.20 -48.89 8.69
N GLN B 17 28.09 -49.17 9.34
CA GLN B 17 26.78 -49.02 8.71
C GLN B 17 26.36 -47.56 8.70
N THR B 18 25.59 -47.20 7.67
CA THR B 18 25.04 -45.87 7.53
C THR B 18 23.71 -45.78 8.27
N TRP B 19 22.96 -44.71 8.06
CA TRP B 19 21.69 -44.54 8.74
C TRP B 19 20.62 -45.45 8.14
N LEU B 20 20.32 -45.28 6.86
CA LEU B 20 19.38 -46.12 6.14
C LEU B 20 20.16 -46.90 5.09
N GLU B 21 20.58 -48.11 5.45
CA GLU B 21 21.27 -48.99 4.53
C GLU B 21 20.43 -50.19 4.10
N SER B 22 19.54 -50.67 4.98
CA SER B 22 18.67 -51.78 4.62
C SER B 22 17.59 -51.33 3.64
N ARG B 23 17.09 -50.11 3.81
CA ARG B 23 16.11 -49.54 2.89
C ARG B 23 16.74 -48.67 1.82
N GLU B 24 18.03 -48.88 1.54
CA GLU B 24 18.70 -48.14 0.48
C GLU B 24 18.52 -48.77 -0.88
N TYR B 25 18.55 -50.10 -0.94
CA TYR B 25 18.41 -50.81 -2.21
C TYR B 25 16.97 -50.73 -2.71
N THR B 26 16.02 -51.12 -1.86
CA THR B 26 14.60 -51.10 -2.22
C THR B 26 13.97 -49.79 -1.74
N LYS B 27 14.40 -48.71 -2.36
CA LYS B 27 13.87 -47.39 -2.09
C LYS B 27 13.23 -46.76 -3.32
N HIS B 28 13.86 -46.89 -4.48
CA HIS B 28 13.32 -46.39 -5.73
C HIS B 28 12.56 -47.43 -6.51
N LEU B 29 12.91 -48.70 -6.33
CA LEU B 29 12.26 -49.80 -7.04
C LEU B 29 10.82 -49.96 -6.62
N ILE B 30 10.53 -49.74 -5.33
CA ILE B 30 9.16 -49.79 -4.83
C ILE B 30 8.34 -48.64 -5.39
N ARG B 31 8.97 -47.47 -5.57
CA ARG B 31 8.28 -46.31 -6.12
C ARG B 31 7.92 -46.51 -7.60
N VAL B 32 8.88 -46.98 -8.41
CA VAL B 32 8.60 -47.19 -9.82
C VAL B 32 7.67 -48.39 -10.03
N GLU B 33 7.73 -49.39 -9.13
CA GLU B 33 6.83 -50.53 -9.23
C GLU B 33 5.40 -50.15 -8.86
N ASN B 34 5.23 -49.33 -7.82
CA ASN B 34 3.90 -48.86 -7.45
C ASN B 34 3.32 -47.90 -8.49
N TRP B 35 4.17 -47.06 -9.08
CA TRP B 35 3.68 -46.15 -10.10
C TRP B 35 3.31 -46.88 -11.39
N ILE B 36 4.03 -47.94 -11.74
CA ILE B 36 3.67 -48.68 -12.93
C ILE B 36 2.52 -49.65 -12.64
N PHE B 37 2.25 -49.94 -11.37
CA PHE B 37 1.05 -50.72 -11.05
C PHE B 37 -0.20 -49.85 -11.02
N ARG B 38 -0.07 -48.59 -10.62
CA ARG B 38 -1.25 -47.72 -10.59
C ARG B 38 -1.65 -47.23 -11.97
N ASN B 39 -0.71 -47.14 -12.91
CA ASN B 39 -0.99 -46.66 -14.26
C ASN B 39 -0.45 -47.67 -15.27
N PRO B 40 -1.24 -48.67 -15.63
CA PRO B 40 -0.77 -49.66 -16.62
C PRO B 40 -0.73 -49.15 -18.03
N GLY B 41 -1.50 -48.10 -18.35
CA GLY B 41 -1.53 -47.57 -19.71
C GLY B 41 -0.29 -46.79 -20.10
N PHE B 42 0.52 -46.37 -19.12
CA PHE B 42 1.70 -45.59 -19.46
C PHE B 42 2.81 -46.46 -20.05
N ALA B 43 2.77 -47.77 -19.83
CA ALA B 43 3.70 -48.66 -20.53
C ALA B 43 3.41 -48.70 -22.03
N LEU B 44 2.13 -48.75 -22.39
CA LEU B 44 1.77 -48.67 -23.81
C LEU B 44 2.02 -47.27 -24.36
N ALA B 45 1.81 -46.23 -23.54
CA ALA B 45 2.13 -44.86 -23.95
C ALA B 45 3.62 -44.65 -24.13
N ALA B 46 4.46 -45.40 -23.43
CA ALA B 46 5.90 -45.33 -23.62
C ALA B 46 6.35 -46.18 -24.80
N ALA B 47 5.67 -47.30 -25.05
CA ALA B 47 5.99 -48.12 -26.21
C ALA B 47 5.57 -47.45 -27.50
N ALA B 48 4.54 -46.59 -27.46
CA ALA B 48 4.16 -45.83 -28.64
C ALA B 48 5.15 -44.70 -28.94
N ILE B 49 5.92 -44.26 -27.96
CA ILE B 49 6.86 -43.16 -28.17
C ILE B 49 8.25 -43.69 -28.49
N ALA B 50 8.73 -44.68 -27.74
CA ALA B 50 10.10 -45.15 -27.88
C ALA B 50 10.32 -45.98 -29.14
N TRP B 51 9.26 -46.54 -29.70
CA TRP B 51 9.37 -47.21 -30.99
C TRP B 51 9.59 -46.20 -32.12
N LEU B 52 9.03 -44.99 -31.97
CA LEU B 52 9.25 -43.95 -32.96
C LEU B 52 10.67 -43.40 -32.90
N LEU B 53 11.28 -43.35 -31.72
CA LEU B 53 12.65 -42.89 -31.59
C LEU B 53 13.62 -44.06 -31.69
N GLY B 54 14.92 -43.77 -31.68
CA GLY B 54 15.93 -44.79 -31.74
C GLY B 54 16.24 -45.26 -33.15
N SER B 55 15.26 -45.96 -33.75
CA SER B 55 15.29 -46.45 -35.14
C SER B 55 16.45 -47.41 -35.39
N SER B 56 16.78 -48.20 -34.38
CA SER B 56 17.81 -49.23 -34.51
C SER B 56 17.46 -50.52 -33.79
N THR B 57 16.27 -50.60 -33.16
CA THR B 57 15.75 -51.71 -32.35
C THR B 57 16.66 -52.10 -31.18
N SER B 58 17.53 -51.20 -30.76
CA SER B 58 18.41 -51.38 -29.60
C SER B 58 18.41 -50.15 -28.71
N GLN B 59 18.38 -48.96 -29.28
CA GLN B 59 18.21 -47.73 -28.51
C GLN B 59 16.76 -47.47 -28.15
N LYS B 60 15.82 -48.17 -28.80
CA LYS B 60 14.41 -48.06 -28.43
C LYS B 60 14.16 -48.62 -27.03
N VAL B 61 14.89 -49.67 -26.66
CA VAL B 61 14.75 -50.23 -25.32
C VAL B 61 15.31 -49.30 -24.26
N ILE B 62 16.41 -48.60 -24.59
CA ILE B 62 17.00 -47.62 -23.68
C ILE B 62 16.08 -46.42 -23.53
N TYR B 63 15.45 -45.98 -24.64
CA TYR B 63 14.44 -44.92 -24.60
C TYR B 63 13.23 -45.31 -23.77
N LEU B 64 12.76 -46.55 -23.92
CA LEU B 64 11.61 -47.04 -23.17
C LEU B 64 11.91 -47.15 -21.68
N VAL B 65 13.11 -47.65 -21.34
CA VAL B 65 13.49 -47.82 -19.94
C VAL B 65 13.70 -46.46 -19.27
N MET B 66 14.35 -45.52 -19.96
CA MET B 66 14.55 -44.20 -19.37
C MET B 66 13.29 -43.35 -19.36
N ILE B 67 12.33 -43.60 -20.25
CA ILE B 67 11.04 -42.92 -20.15
C ILE B 67 10.23 -43.50 -18.98
N LEU B 68 10.23 -44.83 -18.84
CA LEU B 68 9.54 -45.46 -17.73
C LEU B 68 10.19 -45.19 -16.38
N LEU B 69 11.48 -44.84 -16.35
CA LEU B 69 12.12 -44.41 -15.11
C LEU B 69 12.02 -42.92 -14.87
N ILE B 70 11.89 -42.12 -15.92
CA ILE B 70 11.72 -40.67 -15.73
C ILE B 70 10.29 -40.31 -15.39
N ALA B 71 9.36 -41.25 -15.53
CA ALA B 71 7.95 -41.03 -15.28
C ALA B 71 7.52 -40.95 -13.81
N PRO B 72 7.93 -41.90 -12.86
CA PRO B 72 7.42 -41.75 -11.48
C PRO B 72 8.03 -40.55 -10.75
N ALA B 73 9.35 -40.50 -10.72
CA ALA B 73 10.06 -39.34 -10.20
C ALA B 73 10.28 -38.39 -11.37
N TYR B 74 9.58 -37.26 -11.36
CA TYR B 74 9.53 -36.37 -12.51
C TYR B 74 10.83 -35.59 -12.65
N SER B 75 11.30 -35.01 -11.55
CA SER B 75 12.54 -34.23 -11.43
C SER B 75 12.67 -33.07 -12.42
CA ALA C 1 8.75 -46.12 4.58
C ALA C 1 9.34 -44.83 4.05
N VAL C 2 10.22 -44.96 3.06
CA VAL C 2 10.88 -43.80 2.47
C VAL C 2 10.18 -43.42 1.16
N THR C 3 9.69 -44.42 0.44
CA THR C 3 9.07 -44.21 -0.87
C THR C 3 7.60 -43.82 -0.70
N LEU C 4 7.39 -42.60 -0.21
CA LEU C 4 6.05 -42.06 -0.10
C LEU C 4 5.55 -41.67 -1.48
N PRO C 5 4.39 -42.16 -1.92
CA PRO C 5 3.87 -41.75 -3.23
C PRO C 5 3.25 -40.37 -3.20
N SER C 6 3.50 -39.61 -4.26
CA SER C 6 2.98 -38.25 -4.34
C SER C 6 1.58 -38.25 -4.93
N HIS C 7 0.77 -37.29 -4.48
CA HIS C 7 -0.62 -37.21 -4.92
C HIS C 7 -0.77 -36.47 -6.25
N SER C 8 0.32 -36.02 -6.87
CA SER C 8 0.24 -35.34 -8.16
C SER C 8 -0.07 -36.29 -9.31
N THR C 9 -0.01 -37.61 -9.07
CA THR C 9 -0.45 -38.57 -10.08
C THR C 9 -1.95 -38.50 -10.30
N ARG C 10 -2.73 -38.31 -9.24
CA ARG C 10 -4.18 -38.33 -9.31
C ARG C 10 -4.78 -37.07 -8.70
N LYS C 11 -4.27 -35.92 -9.13
CA LYS C 11 -4.76 -34.65 -8.62
C LYS C 11 -6.17 -34.37 -9.14
N LEU C 12 -7.03 -33.89 -8.26
CA LEU C 12 -8.44 -33.67 -8.57
C LEU C 12 -8.59 -32.33 -9.27
N GLN C 13 -8.71 -32.37 -10.59
CA GLN C 13 -8.75 -31.16 -11.42
C GLN C 13 -10.13 -30.52 -11.31
N THR C 14 -10.25 -29.52 -10.45
CA THR C 14 -11.45 -28.70 -10.35
C THR C 14 -11.08 -27.23 -10.54
N ARG C 15 -12.06 -26.36 -10.37
CA ARG C 15 -11.83 -24.92 -10.51
C ARG C 15 -11.05 -24.37 -9.33
N SER C 16 -11.18 -24.99 -8.16
CA SER C 16 -10.57 -24.48 -6.94
C SER C 16 -9.07 -24.81 -6.89
N GLN C 17 -8.44 -24.43 -5.80
CA GLN C 17 -7.03 -24.70 -5.57
C GLN C 17 -6.84 -26.03 -4.87
N THR C 18 -5.70 -26.66 -5.14
CA THR C 18 -5.33 -27.91 -4.48
C THR C 18 -4.61 -27.59 -3.17
N TRP C 19 -3.97 -28.60 -2.57
CA TRP C 19 -3.27 -28.38 -1.30
C TRP C 19 -1.95 -27.65 -1.51
N LEU C 20 -1.04 -28.25 -2.26
CA LEU C 20 0.23 -27.61 -2.59
C LEU C 20 0.08 -27.01 -3.99
N GLU C 21 -0.26 -25.73 -4.05
CA GLU C 21 -0.38 -25.03 -5.31
C GLU C 21 0.74 -24.03 -5.56
N SER C 22 1.21 -23.36 -4.51
CA SER C 22 2.28 -22.39 -4.68
C SER C 22 3.63 -23.06 -4.89
N ARG C 23 3.88 -24.16 -4.18
CA ARG C 23 5.12 -24.92 -4.32
C ARG C 23 4.97 -26.09 -5.28
N GLU C 24 4.01 -26.02 -6.20
CA GLU C 24 3.82 -27.09 -7.16
C GLU C 24 4.68 -26.91 -8.41
N TYR C 25 4.74 -25.70 -8.95
CA TYR C 25 5.43 -25.46 -10.21
C TYR C 25 6.94 -25.45 -10.00
N THR C 26 7.41 -24.66 -9.05
CA THR C 26 8.84 -24.56 -8.76
C THR C 26 9.22 -25.51 -7.63
N LYS C 27 9.05 -26.80 -7.89
CA LYS C 27 9.47 -27.84 -6.96
C LYS C 27 10.54 -28.73 -7.57
N HIS C 28 10.27 -29.32 -8.73
CA HIS C 28 11.24 -30.20 -9.37
C HIS C 28 12.36 -29.42 -10.04
N LEU C 29 12.06 -28.21 -10.54
CA LEU C 29 13.08 -27.38 -11.16
C LEU C 29 14.12 -26.92 -10.17
N ILE C 30 13.70 -26.60 -8.94
CA ILE C 30 14.62 -26.24 -7.87
C ILE C 30 15.49 -27.43 -7.49
N ARG C 31 14.91 -28.63 -7.51
CA ARG C 31 15.66 -29.84 -7.17
C ARG C 31 16.71 -30.17 -8.22
N VAL C 32 16.35 -30.13 -9.50
CA VAL C 32 17.31 -30.46 -10.55
C VAL C 32 18.36 -29.35 -10.71
N GLU C 33 17.99 -28.09 -10.47
CA GLU C 33 18.94 -26.99 -10.56
C GLU C 33 19.93 -27.02 -9.40
N ASN C 34 19.44 -27.32 -8.19
CA ASN C 34 20.31 -27.44 -7.03
C ASN C 34 21.23 -28.64 -7.14
N TRP C 35 20.74 -29.75 -7.70
CA TRP C 35 21.61 -30.92 -7.85
C TRP C 35 22.64 -30.71 -8.94
N ILE C 36 22.28 -30.03 -10.03
CA ILE C 36 23.26 -29.80 -11.09
C ILE C 36 24.21 -28.67 -10.71
N PHE C 37 23.84 -27.83 -9.74
CA PHE C 37 24.80 -26.88 -9.19
C PHE C 37 25.73 -27.54 -8.20
N ARG C 38 25.26 -28.57 -7.49
CA ARG C 38 26.13 -29.27 -6.54
C ARG C 38 27.03 -30.30 -7.21
N ASN C 39 26.72 -30.74 -8.42
CA ASN C 39 27.52 -31.71 -9.14
C ASN C 39 27.81 -31.15 -10.52
N PRO C 40 28.94 -30.47 -10.69
CA PRO C 40 29.21 -29.80 -11.97
C PRO C 40 29.73 -30.75 -13.04
N GLY C 41 30.43 -31.81 -12.64
CA GLY C 41 31.06 -32.68 -13.60
C GLY C 41 30.13 -33.66 -14.29
N PHE C 42 28.91 -33.83 -13.78
CA PHE C 42 28.03 -34.82 -14.37
C PHE C 42 27.42 -34.36 -15.69
N ALA C 43 27.44 -33.06 -15.98
CA ALA C 43 27.05 -32.59 -17.30
C ALA C 43 28.06 -33.04 -18.36
N LEU C 44 29.36 -32.92 -18.06
CA LEU C 44 30.38 -33.44 -18.97
C LEU C 44 30.38 -34.96 -19.01
N ALA C 45 30.07 -35.61 -17.88
CA ALA C 45 29.94 -37.05 -17.85
C ALA C 45 28.77 -37.55 -18.69
N ALA C 46 27.69 -36.77 -18.77
CA ALA C 46 26.57 -37.15 -19.63
C ALA C 46 26.86 -36.83 -21.09
N ALA C 47 27.55 -35.71 -21.34
CA ALA C 47 27.90 -35.34 -22.71
C ALA C 47 28.94 -36.27 -23.32
N ALA C 48 29.76 -36.92 -22.50
CA ALA C 48 30.62 -37.99 -23.01
C ALA C 48 29.84 -39.25 -23.33
N ILE C 49 28.66 -39.44 -22.73
CA ILE C 49 27.86 -40.64 -22.94
C ILE C 49 26.79 -40.42 -23.99
N ALA C 50 26.07 -39.30 -23.91
CA ALA C 50 24.92 -39.08 -24.79
C ALA C 50 25.34 -38.72 -26.21
N TRP C 51 26.58 -38.25 -26.41
CA TRP C 51 27.10 -38.06 -27.75
C TRP C 51 27.31 -39.39 -28.46
N LEU C 52 27.66 -40.44 -27.71
CA LEU C 52 27.82 -41.78 -28.28
C LEU C 52 26.49 -42.37 -28.72
N LEU C 53 25.41 -42.06 -28.00
CA LEU C 53 24.09 -42.59 -28.31
C LEU C 53 23.38 -41.72 -29.34
N GLY C 54 22.49 -42.35 -30.10
CA GLY C 54 21.73 -41.65 -31.12
C GLY C 54 22.43 -41.60 -32.48
N SER C 55 23.55 -40.87 -32.52
CA SER C 55 24.36 -40.59 -33.73
C SER C 55 23.51 -39.98 -34.83
N SER C 56 22.69 -39.00 -34.46
CA SER C 56 21.81 -38.34 -35.39
C SER C 56 21.77 -36.82 -35.20
N THR C 57 22.63 -36.28 -34.33
CA THR C 57 22.80 -34.87 -33.96
C THR C 57 21.54 -34.22 -33.39
N SER C 58 20.54 -35.01 -33.03
CA SER C 58 19.29 -34.51 -32.45
C SER C 58 18.76 -35.41 -31.35
N GLN C 59 19.10 -36.69 -31.33
CA GLN C 59 18.78 -37.58 -30.23
C GLN C 59 19.80 -37.49 -29.10
N LYS C 60 20.97 -36.93 -29.37
CA LYS C 60 21.98 -36.73 -28.34
C LYS C 60 21.52 -35.72 -27.30
N VAL C 61 20.82 -34.67 -27.73
CA VAL C 61 20.27 -33.69 -26.80
C VAL C 61 19.13 -34.31 -25.99
N ILE C 62 18.37 -35.21 -26.59
CA ILE C 62 17.29 -35.90 -25.88
C ILE C 62 17.84 -36.84 -24.83
N TYR C 63 18.91 -37.58 -25.17
CA TYR C 63 19.57 -38.45 -24.19
C TYR C 63 20.27 -37.65 -23.10
N LEU C 64 20.82 -36.48 -23.44
CA LEU C 64 21.42 -35.61 -22.44
C LEU C 64 20.39 -35.07 -21.46
N VAL C 65 19.21 -34.68 -21.97
CA VAL C 65 18.13 -34.18 -21.13
C VAL C 65 17.58 -35.28 -20.23
N MET C 66 17.43 -36.50 -20.78
CA MET C 66 16.89 -37.60 -19.98
C MET C 66 17.89 -38.10 -18.93
N ILE C 67 19.19 -38.06 -19.23
CA ILE C 67 20.19 -38.43 -18.21
C ILE C 67 20.28 -37.34 -17.15
N LEU C 68 20.28 -36.07 -17.56
CA LEU C 68 20.34 -34.95 -16.61
C LEU C 68 19.08 -34.82 -15.76
N LEU C 69 17.95 -35.37 -16.20
CA LEU C 69 16.76 -35.39 -15.37
C LEU C 69 16.60 -36.68 -14.57
N ILE C 70 17.22 -37.79 -15.02
CA ILE C 70 17.16 -39.01 -14.22
C ILE C 70 18.19 -39.02 -13.12
N ALA C 71 19.13 -38.08 -13.13
CA ALA C 71 20.23 -38.08 -12.17
C ALA C 71 19.91 -37.51 -10.78
N PRO C 72 19.16 -36.37 -10.59
CA PRO C 72 18.85 -35.97 -9.20
C PRO C 72 17.87 -36.90 -8.50
N ALA C 73 16.72 -37.10 -9.11
CA ALA C 73 15.75 -38.08 -8.62
C ALA C 73 15.97 -39.34 -9.45
N TYR C 74 16.43 -40.40 -8.79
CA TYR C 74 16.98 -41.56 -9.49
C TYR C 74 15.88 -42.43 -10.05
N SER C 75 14.88 -42.75 -9.24
CA SER C 75 13.75 -43.66 -9.54
C SER C 75 14.17 -45.03 -10.07
N ILE D 1 -27.52 -10.29 -7.50
CA ILE D 1 -27.48 -10.70 -6.10
C ILE D 1 -26.75 -12.04 -6.00
N ARG D 2 -25.74 -12.08 -5.12
CA ARG D 2 -24.94 -13.23 -4.67
C ARG D 2 -24.03 -13.81 -5.76
N CYS D 3 -24.07 -13.31 -6.99
CA CYS D 3 -23.21 -13.79 -8.05
C CYS D 3 -22.66 -12.65 -8.89
N ILE D 4 -22.82 -11.40 -8.43
CA ILE D 4 -22.46 -10.24 -9.24
C ILE D 4 -21.05 -9.75 -8.99
N GLY D 5 -20.39 -10.24 -7.94
CA GLY D 5 -19.06 -9.76 -7.62
C GLY D 5 -17.98 -10.79 -7.83
N VAL D 6 -18.37 -12.05 -7.98
CA VAL D 6 -17.43 -13.14 -8.16
C VAL D 6 -16.91 -13.11 -9.60
N SER D 7 -15.60 -13.29 -9.75
CA SER D 7 -14.97 -13.13 -11.06
C SER D 7 -15.22 -14.30 -11.99
N ASN D 8 -15.66 -15.44 -11.48
CA ASN D 8 -15.88 -16.63 -12.30
C ASN D 8 -17.34 -16.79 -12.71
N ARG D 9 -18.04 -15.68 -12.90
CA ARG D 9 -19.43 -15.72 -13.31
C ARG D 9 -19.52 -15.97 -14.82
N ASP D 10 -20.29 -16.99 -15.19
CA ASP D 10 -20.50 -17.34 -16.59
C ASP D 10 -21.95 -17.06 -16.97
N PHE D 11 -22.17 -16.61 -18.20
CA PHE D 11 -23.50 -16.31 -18.69
C PHE D 11 -23.94 -17.43 -19.62
N VAL D 12 -25.01 -18.12 -19.24
CA VAL D 12 -25.55 -19.23 -20.02
C VAL D 12 -26.85 -18.75 -20.64
N GLU D 13 -26.77 -18.35 -21.91
CA GLU D 13 -27.91 -17.87 -22.66
C GLU D 13 -28.14 -18.76 -23.87
N GLY D 14 -29.39 -18.76 -24.34
CA GLY D 14 -29.77 -19.61 -25.45
C GLY D 14 -30.35 -20.93 -24.98
N MET D 15 -31.63 -21.15 -25.23
CA MET D 15 -32.35 -22.32 -24.73
C MET D 15 -33.01 -23.05 -25.89
N SER D 16 -33.70 -24.13 -25.55
CA SER D 16 -34.52 -24.87 -26.52
C SER D 16 -35.96 -24.37 -26.47
N GLY D 17 -36.11 -23.09 -26.84
CA GLY D 17 -37.39 -22.42 -26.73
C GLY D 17 -37.75 -21.95 -25.35
N GLY D 18 -36.83 -22.03 -24.39
CA GLY D 18 -37.11 -21.67 -23.01
C GLY D 18 -37.60 -22.81 -22.14
N THR D 19 -37.51 -24.06 -22.61
CA THR D 19 -37.97 -25.18 -21.82
C THR D 19 -36.95 -25.58 -20.76
N TRP D 20 -35.77 -26.01 -21.20
CA TRP D 20 -34.72 -26.41 -20.28
C TRP D 20 -33.37 -26.13 -20.90
N VAL D 21 -32.37 -25.93 -20.04
CA VAL D 21 -31.00 -25.67 -20.47
C VAL D 21 -30.06 -26.40 -19.52
N ASP D 22 -29.20 -27.25 -20.07
CA ASP D 22 -28.29 -28.05 -19.26
C ASP D 22 -27.11 -27.19 -18.83
N VAL D 23 -26.78 -27.23 -17.54
CA VAL D 23 -25.75 -26.38 -16.96
C VAL D 23 -24.92 -27.20 -15.97
N VAL D 24 -23.72 -26.71 -15.69
CA VAL D 24 -22.80 -27.33 -14.74
C VAL D 24 -22.50 -26.30 -13.64
N LEU D 25 -22.94 -26.59 -12.43
CA LEU D 25 -22.74 -25.69 -11.29
C LEU D 25 -21.42 -26.03 -10.62
N GLU D 26 -20.39 -25.23 -10.87
CA GLU D 26 -19.11 -25.42 -10.21
C GLU D 26 -19.17 -24.86 -8.79
N HIS D 27 -18.15 -25.20 -8.00
CA HIS D 27 -18.17 -24.87 -6.58
C HIS D 27 -17.78 -23.43 -6.32
N GLY D 28 -16.84 -22.89 -7.09
CA GLY D 28 -16.43 -21.51 -6.90
C GLY D 28 -17.00 -20.60 -7.94
N GLY D 29 -17.25 -21.13 -9.13
CA GLY D 29 -17.84 -20.35 -10.19
C GLY D 29 -19.31 -20.10 -9.97
N CYS D 30 -19.80 -19.04 -10.59
CA CYS D 30 -21.19 -18.65 -10.49
C CYS D 30 -21.83 -18.75 -11.87
N VAL D 31 -23.12 -19.06 -11.88
CA VAL D 31 -23.86 -19.27 -13.12
C VAL D 31 -25.00 -18.26 -13.18
N THR D 32 -24.98 -17.42 -14.21
CA THR D 32 -26.04 -16.46 -14.47
C THR D 32 -26.79 -16.93 -15.70
N VAL D 33 -28.09 -17.22 -15.53
CA VAL D 33 -28.94 -17.70 -16.61
C VAL D 33 -29.96 -16.62 -16.93
N MET D 34 -29.92 -16.14 -18.17
CA MET D 34 -30.85 -15.12 -18.63
C MET D 34 -31.76 -15.72 -19.69
N ALA D 35 -32.98 -15.18 -19.78
CA ALA D 35 -33.97 -15.74 -20.68
C ALA D 35 -34.65 -14.66 -21.51
N GLN D 36 -35.70 -15.05 -22.24
CA GLN D 36 -36.43 -14.11 -23.08
C GLN D 36 -37.52 -13.38 -22.31
N ASP D 37 -38.43 -14.15 -21.69
CA ASP D 37 -39.54 -13.56 -20.94
C ASP D 37 -39.57 -14.04 -19.49
N LYS D 38 -38.44 -14.52 -18.98
CA LYS D 38 -38.30 -15.03 -17.63
C LYS D 38 -37.20 -14.26 -16.91
N PRO D 39 -37.29 -14.08 -15.59
CA PRO D 39 -36.28 -13.28 -14.89
C PRO D 39 -34.96 -14.02 -14.76
N THR D 40 -33.88 -13.23 -14.67
CA THR D 40 -32.54 -13.79 -14.63
C THR D 40 -32.25 -14.35 -13.25
N VAL D 41 -31.93 -15.63 -13.19
CA VAL D 41 -31.72 -16.36 -11.95
C VAL D 41 -30.23 -16.71 -11.83
N ASP D 42 -29.62 -16.31 -10.74
CA ASP D 42 -28.20 -16.59 -10.48
C ASP D 42 -28.08 -17.80 -9.57
N ILE D 43 -27.28 -18.77 -9.99
CA ILE D 43 -27.06 -20.00 -9.25
C ILE D 43 -25.61 -20.07 -8.81
N GLU D 44 -25.38 -20.56 -7.59
CA GLU D 44 -24.04 -20.74 -7.08
C GLU D 44 -24.03 -21.91 -6.11
N LEU D 45 -23.19 -22.90 -6.38
CA LEU D 45 -23.02 -24.02 -5.45
C LEU D 45 -22.18 -23.56 -4.26
N VAL D 46 -22.68 -23.79 -3.05
CA VAL D 46 -22.07 -23.25 -1.84
C VAL D 46 -21.35 -24.33 -1.04
N THR D 47 -22.07 -25.33 -0.55
CA THR D 47 -21.48 -26.34 0.31
C THR D 47 -21.79 -27.73 -0.21
N THR D 48 -20.98 -28.69 0.23
CA THR D 48 -21.18 -30.10 -0.09
C THR D 48 -20.84 -30.88 1.17
N THR D 49 -21.87 -31.24 1.93
CA THR D 49 -21.69 -31.92 3.20
C THR D 49 -21.83 -33.42 3.00
N VAL D 50 -20.84 -34.16 3.51
CA VAL D 50 -20.83 -35.62 3.45
C VAL D 50 -21.08 -36.13 4.86
N SER D 51 -22.19 -36.82 5.06
CA SER D 51 -22.62 -37.26 6.38
C SER D 51 -22.45 -38.76 6.52
N ASN D 52 -22.16 -39.19 7.76
CA ASN D 52 -22.09 -40.59 8.20
C ASN D 52 -21.06 -41.40 7.40
N MET D 53 -19.81 -40.99 7.54
CA MET D 53 -18.70 -41.66 6.87
C MET D 53 -18.16 -42.79 7.75
N ALA D 54 -18.05 -43.98 7.16
CA ALA D 54 -17.37 -45.08 7.82
C ALA D 54 -15.87 -44.98 7.54
N GLU D 55 -15.08 -45.60 8.42
CA GLU D 55 -13.64 -45.51 8.32
C GLU D 55 -13.05 -46.69 7.59
N VAL D 56 -11.85 -46.46 7.05
CA VAL D 56 -11.07 -47.45 6.32
C VAL D 56 -9.76 -47.57 7.08
N ARG D 57 -8.77 -48.25 6.49
CA ARG D 57 -7.44 -48.45 7.08
C ARG D 57 -6.75 -47.16 7.47
N SER D 58 -6.56 -46.97 8.77
CA SER D 58 -6.08 -45.70 9.32
C SER D 58 -4.60 -45.85 9.67
N TYR D 59 -3.76 -45.08 8.99
CA TYR D 59 -2.32 -45.19 9.17
C TYR D 59 -1.86 -44.44 10.42
N CYS D 60 -0.65 -44.76 10.85
CA CYS D 60 0.03 -44.06 11.92
C CYS D 60 1.23 -43.32 11.34
N TYR D 61 1.50 -42.13 11.87
CA TYR D 61 2.62 -41.34 11.37
C TYR D 61 3.70 -41.08 12.41
N GLU D 62 3.35 -41.01 13.69
CA GLU D 62 4.32 -40.74 14.75
C GLU D 62 4.29 -41.90 15.74
N ALA D 63 5.35 -42.69 15.74
CA ALA D 63 5.44 -43.87 16.59
C ALA D 63 6.27 -43.58 17.82
N SER D 64 6.37 -44.58 18.69
CA SER D 64 7.14 -44.46 19.92
C SER D 64 7.59 -45.85 20.34
N ILE D 65 8.91 -46.06 20.38
CA ILE D 65 9.46 -47.33 20.79
C ILE D 65 9.40 -47.43 22.31
N SER D 66 8.74 -48.47 22.81
CA SER D 66 8.59 -48.69 24.24
C SER D 66 9.79 -49.48 24.75
N ASP D 67 9.67 -50.07 25.95
CA ASP D 67 10.72 -50.85 26.60
C ASP D 67 11.13 -52.07 25.77
N MET D 68 12.35 -52.03 25.25
CA MET D 68 12.85 -53.06 24.35
C MET D 68 13.58 -54.14 25.13
N ALA D 69 13.90 -55.22 24.42
CA ALA D 69 14.67 -56.33 24.97
C ALA D 69 15.45 -56.98 23.85
N SER D 70 16.46 -57.77 24.23
CA SER D 70 17.31 -58.42 23.25
C SER D 70 17.90 -59.69 23.85
N ASP D 71 18.21 -60.65 22.98
CA ASP D 71 18.83 -61.89 23.39
C ASP D 71 19.67 -62.42 22.26
N SER D 72 20.85 -62.92 22.59
CA SER D 72 21.80 -63.43 21.62
C SER D 72 21.96 -64.93 21.76
N ARG D 73 22.44 -65.55 20.69
CA ARG D 73 22.73 -66.96 20.68
C ARG D 73 24.15 -67.18 20.19
N CYS D 74 24.84 -68.12 20.83
CA CYS D 74 26.20 -68.47 20.44
C CYS D 74 26.20 -69.20 19.09
N PRO D 75 27.27 -69.04 18.30
CA PRO D 75 27.30 -69.71 16.99
C PRO D 75 27.44 -71.21 17.12
N THR D 76 26.79 -71.93 16.20
CA THR D 76 26.62 -73.40 16.20
C THR D 76 26.01 -73.91 17.50
N GLN D 77 25.10 -73.11 18.08
CA GLN D 77 24.36 -73.45 19.29
C GLN D 77 22.88 -73.17 19.11
N GLY D 78 22.41 -73.07 17.87
CA GLY D 78 21.04 -72.75 17.59
C GLY D 78 20.88 -71.30 17.19
N GLU D 79 19.62 -70.85 17.23
CA GLU D 79 19.27 -69.47 16.92
C GLU D 79 18.68 -68.80 18.15
N ALA D 80 18.53 -67.48 18.07
CA ALA D 80 18.03 -66.72 19.19
C ALA D 80 16.51 -66.81 19.27
N TYR D 81 16.00 -66.65 20.49
CA TYR D 81 14.56 -66.73 20.74
C TYR D 81 14.24 -65.93 21.99
N LEU D 82 13.20 -65.11 21.90
CA LEU D 82 12.68 -64.39 23.06
C LEU D 82 11.24 -64.80 23.31
N ASP D 83 10.80 -64.57 24.54
CA ASP D 83 9.41 -64.84 24.89
C ASP D 83 8.46 -63.79 24.33
N LYS D 84 8.96 -62.59 24.03
CA LYS D 84 8.14 -61.53 23.46
C LYS D 84 8.34 -61.39 21.96
N GLN D 85 8.67 -62.48 21.28
CA GLN D 85 8.79 -62.49 19.83
C GLN D 85 7.46 -62.80 19.16
N SER D 86 6.67 -63.70 19.74
CA SER D 86 5.43 -64.15 19.13
C SER D 86 4.28 -63.16 19.30
N ASP D 87 4.47 -62.09 20.07
CA ASP D 87 3.44 -61.08 20.22
C ASP D 87 3.37 -60.20 18.98
N THR D 88 2.16 -59.74 18.66
CA THR D 88 1.94 -58.93 17.48
C THR D 88 2.09 -57.44 17.73
N GLN D 89 2.10 -57.00 18.98
CA GLN D 89 2.33 -55.61 19.30
C GLN D 89 3.80 -55.29 19.51
N TYR D 90 4.67 -56.29 19.40
CA TYR D 90 6.11 -56.10 19.48
C TYR D 90 6.73 -56.28 18.10
N VAL D 91 7.64 -55.39 17.73
CA VAL D 91 8.41 -55.57 16.51
C VAL D 91 9.61 -56.47 16.81
N CYS D 92 10.14 -57.11 15.77
CA CYS D 92 11.21 -58.07 15.94
C CYS D 92 11.99 -58.21 14.65
N LYS D 93 13.31 -58.35 14.77
CA LYS D 93 14.16 -58.61 13.62
C LYS D 93 15.36 -59.44 14.05
N ARG D 94 15.62 -60.50 13.30
CA ARG D 94 16.78 -61.35 13.52
C ARG D 94 17.96 -60.86 12.68
N THR D 95 19.16 -61.11 13.18
CA THR D 95 20.37 -60.74 12.45
C THR D 95 21.49 -61.71 12.80
N LEU D 96 22.62 -61.55 12.14
CA LEU D 96 23.80 -62.40 12.34
C LEU D 96 24.95 -61.51 12.77
N VAL D 97 25.42 -61.70 14.00
CA VAL D 97 26.46 -60.86 14.57
C VAL D 97 27.70 -61.70 14.85
N ASP D 98 28.83 -61.02 15.03
CA ASP D 98 30.07 -61.67 15.38
C ASP D 98 30.08 -62.00 16.86
N ARG D 99 30.43 -63.23 17.19
CA ARG D 99 30.46 -63.69 18.58
C ARG D 99 31.75 -64.45 18.82
N GLY D 100 32.44 -64.10 19.91
CA GLY D 100 33.71 -64.72 20.21
C GLY D 100 33.90 -65.07 21.67
N TRP D 101 35.13 -65.37 22.06
CA TRP D 101 35.42 -65.76 23.43
C TRP D 101 35.40 -64.58 24.39
N GLY D 102 35.59 -63.36 23.89
CA GLY D 102 35.51 -62.19 24.74
C GLY D 102 34.10 -61.85 25.18
N ASN D 103 33.10 -62.31 24.44
CA ASN D 103 31.70 -62.06 24.76
C ASN D 103 31.10 -63.15 25.64
N GLY D 104 31.92 -64.07 26.13
CA GLY D 104 31.45 -65.16 26.95
C GLY D 104 31.15 -66.44 26.21
N CYS D 105 31.14 -66.42 24.88
CA CYS D 105 30.85 -67.60 24.10
C CYS D 105 32.07 -68.51 24.01
N GLY D 106 31.87 -69.72 23.48
CA GLY D 106 32.93 -70.68 23.37
C GLY D 106 33.13 -71.28 21.99
N LEU D 107 32.64 -70.59 20.96
CA LEU D 107 32.82 -71.06 19.58
C LEU D 107 32.75 -69.84 18.66
N PHE D 108 33.84 -69.56 17.96
CA PHE D 108 33.91 -68.39 17.11
C PHE D 108 33.10 -68.57 15.84
N GLY D 109 32.56 -67.47 15.33
CA GLY D 109 31.78 -67.50 14.13
C GLY D 109 30.65 -66.49 14.19
N LYS D 110 29.77 -66.57 13.19
CA LYS D 110 28.61 -65.70 13.10
C LYS D 110 27.49 -66.23 13.99
N GLY D 111 27.06 -65.42 14.94
CA GLY D 111 26.02 -65.81 15.88
C GLY D 111 24.63 -65.51 15.37
N SER D 112 23.72 -65.25 16.31
CA SER D 112 22.35 -64.91 15.98
C SER D 112 21.81 -64.00 17.06
N LEU D 113 21.25 -62.86 16.65
CA LEU D 113 20.78 -61.84 17.58
C LEU D 113 19.39 -61.38 17.14
N VAL D 114 18.47 -61.31 18.11
CA VAL D 114 17.11 -60.85 17.86
C VAL D 114 16.83 -59.71 18.82
N THR D 115 16.50 -58.54 18.28
CA THR D 115 16.14 -57.37 19.08
C THR D 115 14.65 -57.14 18.95
N CYS D 116 13.95 -57.10 20.08
CA CYS D 116 12.51 -56.92 20.11
C CYS D 116 12.15 -55.62 20.80
N ALA D 117 11.19 -54.89 20.23
CA ALA D 117 10.75 -53.63 20.77
C ALA D 117 9.24 -53.51 20.61
N LYS D 118 8.58 -52.97 21.63
CA LYS D 118 7.13 -52.80 21.59
C LYS D 118 6.78 -51.55 20.79
N PHE D 119 6.00 -51.74 19.73
CA PHE D 119 5.56 -50.64 18.88
C PHE D 119 4.35 -49.98 19.52
N ALA D 120 4.42 -48.65 19.70
CA ALA D 120 3.33 -47.90 20.32
C ALA D 120 3.11 -46.63 19.53
N CYS D 121 2.03 -46.60 18.74
CA CYS D 121 1.71 -45.42 17.96
C CYS D 121 1.15 -44.33 18.85
N SER D 122 1.62 -43.10 18.66
CA SER D 122 1.16 -41.99 19.47
C SER D 122 -0.03 -41.27 18.83
N LYS D 123 0.16 -40.75 17.63
CA LYS D 123 -0.89 -40.02 16.92
C LYS D 123 -1.07 -40.62 15.55
N LYS D 124 -2.27 -41.12 15.28
CA LYS D 124 -2.58 -41.76 14.00
C LYS D 124 -3.52 -40.87 13.21
N MET D 125 -3.46 -41.02 11.89
CA MET D 125 -4.40 -40.34 11.01
C MET D 125 -5.49 -41.31 10.58
N THR D 126 -6.71 -40.82 10.46
CA THR D 126 -7.87 -41.66 10.19
C THR D 126 -8.37 -41.37 8.78
N GLY D 127 -8.40 -42.39 7.93
CA GLY D 127 -8.95 -42.27 6.61
C GLY D 127 -10.35 -42.85 6.56
N LYS D 128 -11.31 -42.02 6.19
CA LYS D 128 -12.70 -42.42 6.10
C LYS D 128 -13.10 -42.61 4.64
N SER D 129 -14.24 -43.28 4.45
CA SER D 129 -14.78 -43.55 3.12
C SER D 129 -16.00 -42.66 2.87
N ILE D 130 -16.13 -42.19 1.64
CA ILE D 130 -17.22 -41.32 1.24
C ILE D 130 -18.15 -42.12 0.33
N GLN D 131 -19.40 -42.27 0.76
CA GLN D 131 -20.38 -43.00 -0.03
C GLN D 131 -21.17 -42.04 -0.93
N PRO D 132 -21.50 -42.46 -2.16
CA PRO D 132 -22.25 -41.57 -3.06
C PRO D 132 -23.70 -41.36 -2.65
N GLU D 133 -24.25 -42.17 -1.75
CA GLU D 133 -25.61 -41.99 -1.25
C GLU D 133 -25.67 -41.10 -0.01
N ASN D 134 -24.63 -40.30 0.24
CA ASN D 134 -24.57 -39.46 1.43
C ASN D 134 -24.32 -37.99 1.11
N LEU D 135 -24.21 -37.61 -0.15
CA LEU D 135 -23.90 -36.24 -0.52
C LEU D 135 -25.13 -35.35 -0.38
N GLU D 136 -24.94 -34.16 0.18
CA GLU D 136 -26.02 -33.18 0.36
C GLU D 136 -25.55 -31.86 -0.24
N TYR D 137 -25.76 -31.69 -1.54
CA TYR D 137 -25.42 -30.44 -2.21
C TYR D 137 -26.42 -29.37 -1.80
N ARG D 138 -25.93 -28.27 -1.26
CA ARG D 138 -26.77 -27.11 -1.02
C ARG D 138 -26.63 -26.14 -2.19
N ILE D 139 -27.75 -25.65 -2.68
CA ILE D 139 -27.79 -24.72 -3.80
C ILE D 139 -28.54 -23.47 -3.35
N MET D 140 -27.85 -22.34 -3.38
CA MET D 140 -28.49 -21.05 -3.11
C MET D 140 -28.98 -20.46 -4.42
N LEU D 141 -30.30 -20.33 -4.56
CA LEU D 141 -30.91 -19.70 -5.70
C LEU D 141 -31.22 -18.25 -5.36
N SER D 142 -30.89 -17.35 -6.28
CA SER D 142 -31.16 -15.93 -6.08
C SER D 142 -31.36 -15.29 -7.45
N VAL D 143 -32.58 -14.84 -7.70
CA VAL D 143 -32.85 -14.15 -8.96
C VAL D 143 -32.33 -12.72 -8.87
N HIS D 144 -32.04 -12.14 -10.04
CA HIS D 144 -31.66 -10.73 -10.07
C HIS D 144 -32.89 -9.86 -9.83
N GLY D 145 -33.87 -9.97 -10.73
CA GLY D 145 -35.25 -9.51 -10.58
C GLY D 145 -35.45 -8.10 -10.08
N SER D 146 -36.26 -7.98 -9.04
CA SER D 146 -36.41 -6.74 -8.29
C SER D 146 -35.56 -6.85 -7.03
N GLN D 147 -34.34 -6.32 -7.09
CA GLN D 147 -33.43 -6.39 -5.96
C GLN D 147 -33.89 -5.44 -4.86
N HIS D 148 -33.77 -5.90 -3.62
CA HIS D 148 -34.30 -5.18 -2.47
C HIS D 148 -33.15 -4.58 -1.68
N SER D 149 -33.25 -3.27 -1.40
CA SER D 149 -32.31 -2.49 -0.57
C SER D 149 -30.90 -2.50 -1.13
N GLY D 150 -30.77 -2.61 -2.45
CA GLY D 150 -29.48 -2.76 -3.09
C GLY D 150 -28.93 -4.16 -2.91
N MET D 151 -28.45 -4.45 -1.70
CA MET D 151 -27.99 -5.79 -1.34
C MET D 151 -28.42 -6.06 0.09
N ILE D 152 -29.07 -7.21 0.30
CA ILE D 152 -29.53 -7.59 1.62
C ILE D 152 -28.52 -8.56 2.22
N VAL D 153 -28.72 -8.91 3.49
CA VAL D 153 -27.92 -9.96 4.11
C VAL D 153 -28.33 -11.30 3.52
N ASN D 154 -27.34 -12.09 3.10
CA ASN D 154 -27.61 -13.38 2.49
C ASN D 154 -27.72 -14.51 3.50
N ASP D 155 -27.75 -14.20 4.80
CA ASP D 155 -28.01 -15.21 5.81
C ASP D 155 -29.50 -15.44 6.04
N THR D 156 -30.35 -14.57 5.51
CA THR D 156 -31.80 -14.73 5.61
C THR D 156 -32.24 -15.65 4.46
N GLY D 157 -32.01 -16.94 4.65
CA GLY D 157 -32.43 -17.93 3.68
C GLY D 157 -33.74 -18.58 4.10
N HIS D 158 -34.48 -17.89 4.96
CA HIS D 158 -35.76 -18.36 5.47
C HIS D 158 -36.90 -18.02 4.52
N GLU D 159 -38.14 -18.09 5.01
CA GLU D 159 -39.30 -17.79 4.18
C GLU D 159 -39.41 -16.32 3.81
N THR D 160 -38.71 -15.43 4.52
CA THR D 160 -38.62 -14.04 4.08
C THR D 160 -37.61 -13.93 2.94
N ASP D 161 -37.57 -12.73 2.34
CA ASP D 161 -36.74 -12.38 1.18
C ASP D 161 -37.03 -13.34 0.00
N GLU D 162 -38.24 -13.21 -0.53
CA GLU D 162 -38.83 -14.15 -1.48
C GLU D 162 -38.12 -14.21 -2.84
N ASN D 163 -37.17 -13.32 -3.11
CA ASN D 163 -36.34 -13.45 -4.30
C ASN D 163 -35.23 -14.49 -4.14
N ARG D 164 -35.00 -14.98 -2.92
CA ARG D 164 -33.97 -15.96 -2.65
C ARG D 164 -34.57 -17.20 -1.99
N ALA D 165 -33.98 -18.36 -2.29
CA ALA D 165 -34.40 -19.62 -1.69
C ALA D 165 -33.23 -20.59 -1.75
N LYS D 166 -33.18 -21.50 -0.79
CA LYS D 166 -32.14 -22.52 -0.74
C LYS D 166 -32.68 -23.84 -1.26
N VAL D 167 -31.80 -24.60 -1.92
CA VAL D 167 -32.14 -25.88 -2.53
C VAL D 167 -31.14 -26.91 -2.02
N GLU D 168 -31.62 -27.94 -1.34
CA GLU D 168 -30.80 -29.04 -0.88
C GLU D 168 -30.96 -30.21 -1.84
N ILE D 169 -29.84 -30.67 -2.41
CA ILE D 169 -29.84 -31.73 -3.41
C ILE D 169 -29.25 -32.99 -2.77
N THR D 170 -30.04 -34.06 -2.77
CA THR D 170 -29.71 -35.41 -2.35
C THR D 170 -29.85 -36.34 -3.55
N PRO D 171 -29.03 -37.39 -3.66
CA PRO D 171 -29.34 -38.43 -4.66
C PRO D 171 -30.56 -39.26 -4.33
N ASN D 172 -31.03 -39.25 -3.08
CA ASN D 172 -32.29 -39.90 -2.75
C ASN D 172 -33.49 -39.15 -3.31
N SER D 173 -33.36 -37.83 -3.50
CA SER D 173 -34.40 -37.01 -4.13
C SER D 173 -33.72 -36.02 -5.06
N PRO D 174 -33.40 -36.45 -6.30
CA PRO D 174 -32.57 -35.60 -7.17
C PRO D 174 -33.28 -34.40 -7.76
N ARG D 175 -34.61 -34.38 -7.75
CA ARG D 175 -35.36 -33.23 -8.23
C ARG D 175 -35.74 -32.34 -7.05
N ALA D 176 -35.78 -31.03 -7.31
CA ALA D 176 -36.14 -30.07 -6.28
C ALA D 176 -36.77 -28.85 -6.94
N GLU D 177 -37.42 -28.04 -6.12
CA GLU D 177 -38.17 -26.90 -6.62
C GLU D 177 -38.18 -25.82 -5.54
N ALA D 178 -37.77 -24.61 -5.90
CA ALA D 178 -37.68 -23.49 -4.98
C ALA D 178 -38.82 -22.51 -5.29
N THR D 179 -39.67 -22.27 -4.30
CA THR D 179 -40.80 -21.37 -4.48
C THR D 179 -40.32 -19.94 -4.31
N LEU D 180 -40.29 -19.20 -5.42
CA LEU D 180 -39.92 -17.79 -5.42
C LEU D 180 -41.19 -16.97 -5.48
N GLY D 181 -41.41 -16.12 -4.47
CA GLY D 181 -42.63 -15.36 -4.33
C GLY D 181 -42.90 -14.34 -5.43
N GLY D 182 -43.85 -14.66 -6.29
CA GLY D 182 -44.15 -13.83 -7.45
C GLY D 182 -43.49 -14.34 -8.71
N PHE D 183 -42.29 -14.89 -8.58
CA PHE D 183 -41.52 -15.34 -9.73
C PHE D 183 -41.87 -16.76 -10.16
N GLY D 184 -42.77 -17.43 -9.45
CA GLY D 184 -43.12 -18.79 -9.78
C GLY D 184 -42.26 -19.78 -9.04
N SER D 185 -41.70 -20.74 -9.77
CA SER D 185 -40.89 -21.78 -9.15
C SER D 185 -39.96 -22.38 -10.18
N LEU D 186 -38.68 -22.50 -9.85
CA LEU D 186 -37.68 -23.09 -10.73
C LEU D 186 -37.44 -24.54 -10.34
N GLY D 187 -37.47 -25.42 -11.33
CA GLY D 187 -37.28 -26.84 -11.11
C GLY D 187 -35.87 -27.28 -11.48
N LEU D 188 -35.28 -28.10 -10.61
CA LEU D 188 -33.92 -28.59 -10.78
C LEU D 188 -33.93 -30.09 -11.06
N ASP D 189 -32.94 -30.53 -11.83
CA ASP D 189 -32.80 -31.93 -12.25
C ASP D 189 -31.35 -32.37 -12.05
N CYS D 190 -30.83 -32.16 -10.85
CA CYS D 190 -29.43 -32.43 -10.56
C CYS D 190 -29.15 -33.93 -10.53
N GLU D 191 -27.95 -34.30 -10.99
CA GLU D 191 -27.49 -35.68 -11.03
C GLU D 191 -26.23 -35.77 -10.18
N PRO D 192 -26.38 -35.89 -8.85
CA PRO D 192 -25.18 -35.89 -7.98
C PRO D 192 -24.39 -37.18 -8.01
N ARG D 193 -24.95 -38.27 -8.54
CA ARG D 193 -24.17 -39.49 -8.69
C ARG D 193 -23.14 -39.36 -9.81
N THR D 194 -23.44 -38.57 -10.83
CA THR D 194 -22.47 -38.28 -11.88
C THR D 194 -21.74 -36.97 -11.59
N GLY D 195 -21.12 -36.92 -10.42
CA GLY D 195 -20.43 -35.72 -9.97
C GLY D 195 -18.94 -35.86 -10.00
N LEU D 196 -18.29 -35.69 -8.85
CA LEU D 196 -16.83 -35.81 -8.75
C LEU D 196 -16.43 -37.20 -8.27
N ASP D 197 -16.96 -38.21 -8.98
CA ASP D 197 -16.61 -39.65 -8.97
C ASP D 197 -16.23 -40.23 -7.60
N PHE D 198 -17.13 -40.06 -6.64
CA PHE D 198 -16.80 -40.25 -5.23
C PHE D 198 -16.67 -41.71 -4.81
N SER D 199 -16.77 -42.68 -5.72
CA SER D 199 -16.44 -44.05 -5.39
C SER D 199 -14.93 -44.27 -5.32
N ASP D 200 -14.13 -43.38 -5.91
CA ASP D 200 -12.68 -43.47 -5.89
C ASP D 200 -12.06 -42.35 -5.06
N LEU D 201 -12.78 -41.85 -4.06
CA LEU D 201 -12.29 -40.80 -3.18
C LEU D 201 -12.49 -41.21 -1.74
N TYR D 202 -11.52 -40.88 -0.90
CA TYR D 202 -11.59 -41.10 0.53
C TYR D 202 -11.60 -39.76 1.25
N TYR D 203 -11.55 -39.80 2.58
CA TYR D 203 -11.64 -38.60 3.40
C TYR D 203 -10.69 -38.79 4.58
N LEU D 204 -9.53 -38.13 4.50
CA LEU D 204 -8.52 -38.25 5.53
C LEU D 204 -8.77 -37.26 6.65
N THR D 205 -8.51 -37.71 7.89
CA THR D 205 -8.64 -36.86 9.06
C THR D 205 -7.32 -36.94 9.81
N MET D 206 -6.53 -35.88 9.75
CA MET D 206 -5.15 -35.89 10.26
C MET D 206 -4.91 -34.59 11.01
N ASN D 207 -4.97 -34.66 12.35
CA ASN D 207 -4.56 -33.61 13.27
C ASN D 207 -5.38 -32.33 13.08
N ASN D 208 -6.71 -32.50 13.17
CA ASN D 208 -7.74 -31.47 13.00
C ASN D 208 -7.66 -30.80 11.62
N LYS D 209 -7.26 -31.56 10.61
CA LYS D 209 -7.24 -31.11 9.23
C LYS D 209 -7.86 -32.21 8.36
N HIS D 210 -8.44 -31.82 7.24
CA HIS D 210 -9.15 -32.77 6.39
C HIS D 210 -8.74 -32.56 4.94
N TRP D 211 -8.99 -33.59 4.12
CA TRP D 211 -8.59 -33.57 2.73
C TRP D 211 -9.56 -34.40 1.91
N LEU D 212 -9.39 -34.33 0.59
CA LEU D 212 -10.08 -35.20 -0.35
C LEU D 212 -9.01 -36.06 -1.01
N VAL D 213 -8.76 -37.21 -0.43
CA VAL D 213 -7.64 -38.07 -0.78
C VAL D 213 -8.12 -39.14 -1.76
N HIS D 214 -7.40 -39.30 -2.87
CA HIS D 214 -7.72 -40.32 -3.85
C HIS D 214 -7.48 -41.72 -3.30
N LYS D 215 -8.25 -42.69 -3.80
CA LYS D 215 -8.25 -44.03 -3.22
C LYS D 215 -6.98 -44.80 -3.57
N GLU D 216 -6.53 -44.68 -4.82
CA GLU D 216 -5.34 -45.39 -5.27
C GLU D 216 -4.08 -44.84 -4.62
N TRP D 217 -4.07 -43.55 -4.28
CA TRP D 217 -2.99 -43.01 -3.49
C TRP D 217 -3.06 -43.47 -2.04
N PHE D 218 -4.27 -43.64 -1.51
CA PHE D 218 -4.42 -43.97 -0.10
C PHE D 218 -4.15 -45.42 0.20
N HIS D 219 -4.28 -46.31 -0.79
CA HIS D 219 -4.01 -47.72 -0.58
C HIS D 219 -2.54 -48.08 -0.81
N ASP D 220 -1.64 -47.10 -0.85
CA ASP D 220 -0.24 -47.36 -1.18
C ASP D 220 0.73 -46.61 -0.28
N ILE D 221 0.36 -46.33 0.96
CA ILE D 221 1.22 -45.60 1.89
C ILE D 221 2.01 -46.62 2.71
N PRO D 222 3.34 -46.60 2.67
CA PRO D 222 4.15 -47.50 3.53
C PRO D 222 4.22 -47.00 4.97
N LEU D 223 3.16 -47.25 5.71
CA LEU D 223 3.03 -46.86 7.11
C LEU D 223 2.27 -47.96 7.83
N PRO D 224 2.42 -48.06 9.16
CA PRO D 224 1.64 -49.06 9.91
C PRO D 224 0.17 -48.71 9.94
N TRP D 225 -0.67 -49.72 9.69
CA TRP D 225 -2.11 -49.53 9.55
C TRP D 225 -2.85 -50.69 10.20
N HIS D 226 -4.15 -50.51 10.36
CA HIS D 226 -5.01 -51.55 10.91
C HIS D 226 -6.33 -51.51 10.14
N ALA D 227 -7.36 -52.13 10.71
CA ALA D 227 -8.65 -52.26 10.03
C ALA D 227 -9.36 -50.92 9.93
N GLY D 228 -9.63 -50.28 11.07
CA GLY D 228 -10.23 -48.96 11.05
C GLY D 228 -11.33 -48.77 12.07
N ALA D 229 -12.03 -49.85 12.41
CA ALA D 229 -13.18 -49.79 13.30
C ALA D 229 -12.83 -50.01 14.76
N ASP D 230 -11.61 -49.67 15.17
CA ASP D 230 -11.17 -49.85 16.55
C ASP D 230 -10.49 -48.56 17.01
N THR D 231 -11.02 -47.96 18.08
CA THR D 231 -10.47 -46.74 18.64
C THR D 231 -9.49 -46.98 19.78
N GLY D 232 -9.33 -48.23 20.22
CA GLY D 232 -8.44 -48.51 21.32
C GLY D 232 -7.00 -48.68 20.89
N THR D 233 -6.36 -49.78 21.30
CA THR D 233 -5.01 -50.07 20.87
C THR D 233 -5.07 -51.06 19.73
N PRO D 234 -4.78 -50.66 18.49
CA PRO D 234 -4.98 -51.53 17.34
C PRO D 234 -3.85 -52.54 17.17
N HIS D 235 -3.94 -53.30 16.08
CA HIS D 235 -3.01 -54.39 15.84
C HIS D 235 -1.72 -53.90 15.17
N TRP D 236 -1.83 -52.91 14.28
CA TRP D 236 -0.73 -52.27 13.55
C TRP D 236 0.08 -53.26 12.72
N ASN D 237 -0.55 -53.75 11.65
CA ASN D 237 0.20 -54.50 10.65
C ASN D 237 1.22 -53.60 9.96
N ASN D 238 2.29 -54.23 9.46
CA ASN D 238 3.42 -53.60 8.74
C ASN D 238 4.10 -52.53 9.61
N LYS D 239 4.72 -53.00 10.70
CA LYS D 239 5.44 -52.11 11.60
C LYS D 239 6.86 -51.83 11.15
N GLU D 240 7.39 -52.59 10.19
CA GLU D 240 8.81 -52.52 9.86
C GLU D 240 9.16 -51.33 8.98
N ALA D 241 8.18 -50.57 8.52
CA ALA D 241 8.43 -49.38 7.71
C ALA D 241 8.60 -48.11 8.54
N LEU D 242 8.56 -48.21 9.86
CA LEU D 242 8.74 -47.05 10.71
C LEU D 242 9.87 -47.19 11.71
N VAL D 243 10.24 -48.40 12.10
CA VAL D 243 11.39 -48.62 12.96
C VAL D 243 12.58 -49.00 12.10
N GLU D 244 13.79 -48.73 12.60
CA GLU D 244 15.01 -49.03 11.88
C GLU D 244 15.95 -49.79 12.80
N PHE D 245 16.38 -50.98 12.36
CA PHE D 245 17.28 -51.83 13.11
C PHE D 245 18.70 -51.57 12.62
N LYS D 246 19.50 -50.88 13.43
CA LYS D 246 20.87 -50.55 13.09
C LYS D 246 21.81 -51.22 14.07
N ASP D 247 22.73 -52.02 13.55
CA ASP D 247 23.81 -52.62 14.32
C ASP D 247 25.10 -51.92 13.93
N ALA D 248 25.81 -51.37 14.92
CA ALA D 248 27.00 -50.57 14.66
C ALA D 248 28.15 -51.44 14.15
N HIS D 249 28.65 -52.35 14.99
CA HIS D 249 29.80 -53.18 14.63
C HIS D 249 29.56 -54.62 15.05
N ALA D 250 28.31 -55.08 14.89
CA ALA D 250 27.79 -56.40 15.30
C ALA D 250 27.94 -56.66 16.80
N LYS D 251 28.04 -55.60 17.61
CA LYS D 251 28.18 -55.71 19.06
C LYS D 251 26.92 -55.31 19.80
N ARG D 252 26.21 -54.31 19.29
CA ARG D 252 25.03 -53.76 19.95
C ARG D 252 24.04 -53.39 18.86
N GLN D 253 22.82 -53.91 18.95
CA GLN D 253 21.80 -53.68 17.94
C GLN D 253 20.71 -52.83 18.56
N THR D 254 20.82 -51.52 18.40
CA THR D 254 19.83 -50.59 18.89
C THR D 254 18.83 -50.31 17.76
N VAL D 255 17.55 -50.55 18.04
CA VAL D 255 16.50 -50.25 17.08
C VAL D 255 15.98 -48.85 17.38
N VAL D 256 16.01 -47.98 16.37
CA VAL D 256 15.57 -46.61 16.53
C VAL D 256 14.43 -46.35 15.54
N VAL D 257 13.50 -45.52 15.95
CA VAL D 257 12.32 -45.24 15.16
C VAL D 257 12.63 -44.05 14.25
N LEU D 258 11.90 -43.96 13.14
CA LEU D 258 11.93 -42.75 12.35
C LEU D 258 11.07 -41.68 13.02
N GLY D 259 11.21 -40.45 12.55
CA GLY D 259 10.53 -39.32 13.15
C GLY D 259 9.05 -39.28 12.82
N SER D 260 8.43 -38.18 13.25
CA SER D 260 7.01 -37.95 12.96
C SER D 260 6.84 -37.66 11.48
N GLN D 261 6.11 -38.54 10.78
CA GLN D 261 5.97 -38.47 9.34
C GLN D 261 4.85 -37.54 8.89
N GLU D 262 4.39 -36.63 9.76
CA GLU D 262 3.32 -35.70 9.39
C GLU D 262 3.80 -34.68 8.38
N GLY D 263 5.04 -34.20 8.52
CA GLY D 263 5.61 -33.33 7.52
C GLY D 263 5.94 -34.05 6.23
N ALA D 264 6.25 -35.34 6.32
CA ALA D 264 6.50 -36.11 5.12
C ALA D 264 5.22 -36.50 4.39
N VAL D 265 4.09 -36.50 5.09
CA VAL D 265 2.82 -36.84 4.46
C VAL D 265 2.02 -35.59 4.06
N HIS D 266 2.35 -34.42 4.63
CA HIS D 266 1.79 -33.18 4.08
C HIS D 266 2.44 -32.84 2.75
N THR D 267 3.71 -33.18 2.59
CA THR D 267 4.40 -32.99 1.32
C THR D 267 4.01 -34.02 0.28
N ALA D 268 3.40 -35.13 0.69
CA ALA D 268 2.95 -36.14 -0.24
C ALA D 268 1.56 -35.88 -0.79
N LEU D 269 0.85 -34.88 -0.27
CA LEU D 269 -0.46 -34.50 -0.78
C LEU D 269 -0.31 -33.37 -1.81
N ALA D 270 0.28 -33.73 -2.94
CA ALA D 270 0.54 -32.75 -3.99
C ALA D 270 -0.69 -32.39 -4.82
N GLY D 271 -1.80 -33.11 -4.66
CA GLY D 271 -2.98 -32.83 -5.45
C GLY D 271 -4.29 -33.00 -4.72
N ALA D 272 -4.24 -33.05 -3.39
CA ALA D 272 -5.45 -33.19 -2.61
C ALA D 272 -6.19 -31.86 -2.50
N LEU D 273 -7.49 -31.95 -2.23
CA LEU D 273 -8.34 -30.79 -2.02
C LEU D 273 -8.64 -30.70 -0.53
N GLU D 274 -8.26 -29.58 0.08
CA GLU D 274 -8.45 -29.42 1.52
C GLU D 274 -9.92 -29.13 1.81
N ALA D 275 -10.52 -29.98 2.63
CA ALA D 275 -11.89 -29.80 3.08
C ALA D 275 -11.91 -29.42 4.55
N GLU D 276 -13.08 -29.04 5.03
CA GLU D 276 -13.29 -28.70 6.43
C GLU D 276 -14.39 -29.57 7.01
N MET D 277 -14.70 -29.33 8.28
CA MET D 277 -15.71 -30.13 8.98
C MET D 277 -16.41 -29.26 9.99
N ASP D 278 -17.74 -29.15 9.87
CA ASP D 278 -18.55 -28.34 10.76
C ASP D 278 -19.32 -29.18 11.76
N GLY D 279 -18.76 -30.32 12.16
CA GLY D 279 -19.42 -31.22 13.09
C GLY D 279 -19.18 -32.66 12.71
N ALA D 280 -20.25 -33.43 12.54
CA ALA D 280 -20.14 -34.81 12.09
C ALA D 280 -20.10 -34.94 10.57
N LYS D 281 -20.29 -33.83 9.85
CA LYS D 281 -20.36 -33.83 8.40
C LYS D 281 -19.18 -33.06 7.84
N GLY D 282 -18.54 -33.61 6.81
CA GLY D 282 -17.39 -32.97 6.22
C GLY D 282 -17.71 -32.09 5.03
N ARG D 283 -17.65 -30.78 5.21
CA ARG D 283 -17.94 -29.84 4.15
C ARG D 283 -16.79 -29.77 3.17
N LEU D 284 -17.09 -29.93 1.89
CA LEU D 284 -16.07 -29.77 0.87
C LEU D 284 -15.99 -28.31 0.44
N SER D 285 -14.82 -27.95 -0.07
CA SER D 285 -14.61 -26.63 -0.68
C SER D 285 -14.46 -26.72 -2.19
N SER D 286 -14.93 -27.81 -2.79
CA SER D 286 -14.72 -28.04 -4.21
C SER D 286 -15.80 -28.98 -4.73
N GLY D 287 -15.79 -29.18 -6.04
CA GLY D 287 -16.68 -30.08 -6.73
C GLY D 287 -17.41 -29.39 -7.86
N HIS D 288 -18.26 -30.16 -8.54
CA HIS D 288 -19.13 -29.60 -9.56
C HIS D 288 -20.36 -30.48 -9.67
N LEU D 289 -21.50 -29.86 -9.92
CA LEU D 289 -22.77 -30.54 -10.08
C LEU D 289 -23.08 -30.76 -11.55
N LYS D 290 -24.30 -31.19 -11.83
CA LYS D 290 -24.76 -31.40 -13.20
C LYS D 290 -26.27 -31.21 -13.17
N CYS D 291 -26.73 -30.02 -13.54
CA CYS D 291 -28.10 -29.61 -13.27
C CYS D 291 -28.80 -29.18 -14.55
N ARG D 292 -29.99 -29.70 -14.77
CA ARG D 292 -30.89 -29.25 -15.83
C ARG D 292 -31.96 -28.36 -15.21
N LEU D 293 -32.21 -27.22 -15.85
CA LEU D 293 -33.08 -26.18 -15.29
C LEU D 293 -34.43 -26.24 -15.98
N LYS D 294 -35.40 -26.89 -15.34
CA LYS D 294 -36.77 -26.89 -15.84
C LYS D 294 -37.41 -25.55 -15.47
N MET D 295 -37.70 -24.74 -16.48
CA MET D 295 -38.13 -23.35 -16.28
C MET D 295 -39.56 -23.10 -16.74
N ASP D 296 -40.39 -24.14 -16.79
CA ASP D 296 -41.77 -23.97 -17.26
C ASP D 296 -42.62 -23.20 -16.24
N LYS D 297 -42.36 -23.36 -14.95
CA LYS D 297 -43.08 -22.63 -13.92
C LYS D 297 -42.32 -21.40 -13.44
N LEU D 298 -41.43 -20.87 -14.26
CA LEU D 298 -40.72 -19.63 -13.96
C LEU D 298 -41.36 -18.53 -14.77
N ARG D 299 -42.16 -17.70 -14.12
CA ARG D 299 -42.84 -16.60 -14.78
C ARG D 299 -42.29 -15.27 -14.28
N LEU D 300 -42.42 -14.26 -15.12
CA LEU D 300 -41.79 -12.97 -14.87
C LEU D 300 -42.70 -12.14 -13.95
N LYS D 301 -42.12 -11.64 -12.86
CA LYS D 301 -42.87 -10.86 -11.89
C LYS D 301 -42.82 -9.39 -12.27
N GLY D 302 -44.00 -8.77 -12.38
CA GLY D 302 -44.08 -7.35 -12.61
C GLY D 302 -44.21 -6.92 -14.05
N VAL D 303 -44.75 -7.79 -14.92
CA VAL D 303 -44.97 -7.38 -16.30
C VAL D 303 -46.19 -6.46 -16.39
N SER D 304 -47.13 -6.62 -15.48
CA SER D 304 -48.36 -5.81 -15.48
C SER D 304 -48.18 -4.44 -14.84
N TYR D 305 -47.00 -4.12 -14.35
CA TYR D 305 -46.78 -2.83 -13.73
C TYR D 305 -46.60 -1.74 -14.78
N SER D 306 -46.92 -0.51 -14.39
CA SER D 306 -46.72 0.64 -15.26
C SER D 306 -45.27 1.10 -15.21
N LEU D 307 -44.95 2.08 -16.05
CA LEU D 307 -43.60 2.64 -16.05
C LEU D 307 -43.47 3.70 -14.97
N CYS D 308 -42.24 4.13 -14.74
CA CYS D 308 -41.97 5.21 -13.81
C CYS D 308 -42.32 6.55 -14.45
N THR D 309 -42.41 7.60 -13.62
CA THR D 309 -42.73 8.93 -14.11
C THR D 309 -41.50 9.81 -14.29
N ALA D 310 -40.77 10.06 -13.20
CA ALA D 310 -39.63 10.97 -13.19
C ALA D 310 -38.86 10.77 -11.87
N ALA D 311 -37.90 11.65 -11.64
CA ALA D 311 -37.23 11.88 -10.35
C ALA D 311 -36.47 10.66 -9.85
N PHE D 312 -35.48 10.26 -10.63
CA PHE D 312 -34.53 9.25 -10.18
C PHE D 312 -33.34 9.93 -9.51
N THR D 313 -32.58 9.13 -8.76
CA THR D 313 -31.40 9.61 -8.07
C THR D 313 -30.27 8.62 -8.27
N PHE D 314 -29.12 9.13 -8.72
CA PHE D 314 -27.98 8.30 -9.09
C PHE D 314 -27.00 8.19 -7.94
N THR D 315 -27.23 7.22 -7.07
CA THR D 315 -26.33 6.90 -5.98
C THR D 315 -25.56 5.64 -6.33
N LYS D 316 -24.42 5.45 -5.67
CA LYS D 316 -23.50 4.32 -5.85
C LYS D 316 -23.04 4.23 -7.31
N ILE D 317 -22.20 5.20 -7.68
CA ILE D 317 -21.60 5.38 -9.01
C ILE D 317 -21.01 4.08 -9.55
N PRO D 318 -21.50 3.58 -10.67
CA PRO D 318 -21.33 2.17 -11.02
C PRO D 318 -19.92 1.85 -11.54
N ALA D 319 -19.68 0.56 -11.77
CA ALA D 319 -18.38 0.09 -12.21
C ALA D 319 -18.57 -1.16 -13.06
N GLU D 320 -17.46 -1.66 -13.59
CA GLU D 320 -17.45 -2.88 -14.39
C GLU D 320 -17.12 -4.07 -13.51
N THR D 321 -17.93 -5.12 -13.59
CA THR D 321 -17.72 -6.32 -12.78
C THR D 321 -16.92 -7.37 -13.55
N LEU D 322 -15.78 -6.94 -14.11
CA LEU D 322 -14.73 -7.77 -14.74
C LEU D 322 -15.21 -8.60 -15.93
N HIS D 323 -16.38 -8.32 -16.49
CA HIS D 323 -16.88 -9.09 -17.62
C HIS D 323 -17.53 -8.22 -18.69
N GLY D 324 -17.55 -6.90 -18.50
CA GLY D 324 -18.26 -6.02 -19.40
C GLY D 324 -19.60 -5.57 -18.90
N THR D 325 -20.07 -6.13 -17.79
CA THR D 325 -21.36 -5.77 -17.22
C THR D 325 -21.21 -4.64 -16.22
N VAL D 326 -22.20 -3.76 -16.19
CA VAL D 326 -22.19 -2.58 -15.34
C VAL D 326 -23.33 -2.71 -14.34
N THR D 327 -23.01 -2.86 -13.07
CA THR D 327 -24.00 -2.99 -12.02
C THR D 327 -24.36 -1.60 -11.52
N VAL D 328 -25.59 -1.18 -11.76
CA VAL D 328 -26.03 0.19 -11.53
C VAL D 328 -27.06 0.20 -10.41
N GLU D 329 -26.85 1.06 -9.42
CA GLU D 329 -27.80 1.28 -8.34
C GLU D 329 -28.53 2.60 -8.57
N VAL D 330 -29.84 2.61 -8.34
CA VAL D 330 -30.65 3.81 -8.48
C VAL D 330 -31.55 3.95 -7.25
N GLN D 331 -32.07 5.17 -7.07
CA GLN D 331 -32.95 5.49 -5.96
C GLN D 331 -34.14 6.26 -6.52
N TYR D 332 -35.25 5.56 -6.73
CA TYR D 332 -36.44 6.17 -7.31
C TYR D 332 -37.12 7.05 -6.28
N ALA D 333 -36.99 8.36 -6.42
CA ALA D 333 -37.63 9.31 -5.52
C ALA D 333 -39.06 9.51 -6.00
N GLY D 334 -39.96 8.67 -5.50
CA GLY D 334 -41.35 8.74 -5.88
C GLY D 334 -42.20 7.69 -5.17
N THR D 335 -43.44 8.05 -4.87
CA THR D 335 -44.35 7.18 -4.14
C THR D 335 -45.35 6.48 -5.05
N ASP D 336 -44.94 6.16 -6.28
CA ASP D 336 -45.83 5.47 -7.20
C ASP D 336 -45.96 3.98 -6.88
N GLY D 337 -45.02 3.41 -6.15
CA GLY D 337 -45.11 2.03 -5.76
C GLY D 337 -44.54 1.11 -6.82
N PRO D 338 -45.31 0.12 -7.24
CA PRO D 338 -44.82 -0.88 -8.21
C PRO D 338 -44.75 -0.33 -9.65
N CYS D 339 -43.67 0.36 -9.95
CA CYS D 339 -43.42 0.86 -11.29
C CYS D 339 -42.23 0.13 -11.91
N LYS D 340 -42.14 0.22 -13.23
CA LYS D 340 -41.12 -0.49 -14.01
C LYS D 340 -40.10 0.50 -14.53
N VAL D 341 -38.82 0.23 -14.27
CA VAL D 341 -37.74 1.17 -14.53
C VAL D 341 -37.38 1.19 -16.01
N PRO D 342 -37.45 2.35 -16.68
CA PRO D 342 -37.06 2.43 -18.11
C PRO D 342 -35.56 2.58 -18.32
N ALA D 343 -34.85 1.45 -18.31
CA ALA D 343 -33.40 1.44 -18.49
C ALA D 343 -33.06 0.90 -19.87
N GLN D 344 -32.17 1.62 -20.57
CA GLN D 344 -31.66 1.15 -21.85
C GLN D 344 -30.29 1.77 -22.11
N MET D 345 -29.49 1.08 -22.89
CA MET D 345 -28.16 1.55 -23.29
C MET D 345 -28.23 2.09 -24.70
N ALA D 346 -27.79 3.34 -24.88
CA ALA D 346 -28.02 4.04 -26.14
C ALA D 346 -26.90 5.01 -26.43
N VAL D 347 -26.28 4.85 -27.60
CA VAL D 347 -25.48 5.90 -28.21
C VAL D 347 -26.45 6.76 -29.01
N ASP D 348 -26.00 7.97 -29.41
CA ASP D 348 -26.74 8.95 -30.23
C ASP D 348 -28.05 9.35 -29.55
N MET D 349 -27.88 10.09 -28.44
CA MET D 349 -28.91 10.37 -27.43
C MET D 349 -30.19 11.03 -27.97
N GLN D 350 -30.16 11.61 -29.17
CA GLN D 350 -31.40 12.10 -29.78
C GLN D 350 -32.32 10.96 -30.21
N THR D 351 -31.77 9.78 -30.49
CA THR D 351 -32.57 8.66 -30.96
C THR D 351 -32.95 7.68 -29.87
N LEU D 352 -32.05 7.48 -28.90
CA LEU D 352 -32.21 6.54 -27.77
C LEU D 352 -32.45 5.11 -28.25
N THR D 353 -31.71 4.71 -29.27
CA THR D 353 -31.84 3.35 -29.79
C THR D 353 -31.17 2.36 -28.85
N PRO D 354 -31.88 1.32 -28.38
CA PRO D 354 -31.25 0.33 -27.51
C PRO D 354 -30.27 -0.55 -28.26
N VAL D 355 -28.98 -0.37 -27.97
CA VAL D 355 -27.92 -1.06 -28.69
C VAL D 355 -27.35 -2.21 -27.86
N GLY D 356 -27.30 -2.05 -26.55
CA GLY D 356 -26.81 -3.10 -25.66
C GLY D 356 -27.94 -3.81 -24.96
N ARG D 357 -27.79 -5.13 -24.83
CA ARG D 357 -28.82 -5.94 -24.20
C ARG D 357 -28.78 -5.77 -22.69
N LEU D 358 -29.87 -6.16 -22.05
CA LEU D 358 -30.08 -5.95 -20.62
C LEU D 358 -30.00 -7.28 -19.90
N ILE D 359 -29.27 -7.31 -18.78
CA ILE D 359 -29.11 -8.55 -18.03
C ILE D 359 -30.28 -8.77 -17.09
N THR D 360 -30.51 -7.81 -16.19
CA THR D 360 -31.66 -7.90 -15.28
C THR D 360 -32.92 -7.57 -16.06
N ALA D 361 -33.58 -8.60 -16.58
CA ALA D 361 -34.76 -8.37 -17.43
C ALA D 361 -35.95 -7.98 -16.58
N ASN D 362 -36.71 -6.98 -17.08
CA ASN D 362 -37.87 -6.35 -16.49
C ASN D 362 -37.61 -5.84 -15.08
N PRO D 363 -36.88 -4.72 -14.92
CA PRO D 363 -36.60 -4.22 -13.58
C PRO D 363 -37.82 -3.60 -12.93
N VAL D 364 -38.00 -3.85 -11.64
CA VAL D 364 -39.21 -3.50 -10.92
C VAL D 364 -38.84 -2.75 -9.65
N ILE D 365 -39.42 -1.55 -9.48
CA ILE D 365 -39.41 -0.89 -8.18
C ILE D 365 -40.41 -1.58 -7.27
N THR D 366 -39.94 -2.00 -6.09
CA THR D 366 -40.75 -2.80 -5.18
C THR D 366 -41.41 -1.96 -4.09
N GLU D 367 -40.64 -1.15 -3.37
CA GLU D 367 -41.17 -0.42 -2.22
C GLU D 367 -42.04 0.74 -2.66
N SER D 368 -43.10 1.00 -1.89
CA SER D 368 -44.03 2.08 -2.16
C SER D 368 -43.75 3.32 -1.31
N THR D 369 -42.54 3.45 -0.77
CA THR D 369 -42.17 4.59 0.04
C THR D 369 -41.66 5.73 -0.85
N GLU D 370 -41.03 6.72 -0.24
CA GLU D 370 -40.52 7.86 -1.01
C GLU D 370 -39.28 7.48 -1.82
N ASN D 371 -38.30 6.84 -1.17
CA ASN D 371 -37.01 6.53 -1.78
C ASN D 371 -36.86 5.02 -1.80
N SER D 372 -37.23 4.41 -2.92
CA SER D 372 -37.15 2.97 -3.10
C SER D 372 -35.91 2.66 -3.91
N LYS D 373 -35.02 1.84 -3.36
CA LYS D 373 -33.78 1.55 -4.04
C LYS D 373 -33.98 0.44 -5.07
N MET D 374 -33.00 0.32 -5.96
CA MET D 374 -32.98 -0.71 -6.97
C MET D 374 -31.54 -0.93 -7.41
N MET D 375 -31.24 -2.17 -7.79
CA MET D 375 -29.91 -2.55 -8.26
C MET D 375 -30.07 -3.33 -9.55
N LEU D 376 -29.52 -2.81 -10.64
CA LEU D 376 -29.67 -3.40 -11.96
C LEU D 376 -28.33 -3.93 -12.45
N GLU D 377 -28.33 -4.42 -13.68
CA GLU D 377 -27.11 -4.82 -14.36
C GLU D 377 -27.34 -4.74 -15.86
N LEU D 378 -26.48 -3.99 -16.55
CA LEU D 378 -26.60 -3.81 -17.98
C LEU D 378 -25.32 -4.23 -18.67
N ASP D 379 -25.45 -4.67 -19.92
CA ASP D 379 -24.31 -5.05 -20.75
C ASP D 379 -24.19 -4.06 -21.89
N PRO D 380 -23.34 -3.04 -21.79
CA PRO D 380 -23.18 -2.09 -22.88
C PRO D 380 -22.39 -2.70 -24.03
N PRO D 381 -22.51 -2.17 -25.23
CA PRO D 381 -21.63 -2.59 -26.32
C PRO D 381 -20.24 -1.97 -26.17
N PHE D 382 -19.33 -2.44 -27.02
CA PHE D 382 -17.95 -1.98 -26.96
C PHE D 382 -17.85 -0.60 -27.60
N GLY D 383 -17.39 0.37 -26.82
CA GLY D 383 -17.34 1.74 -27.28
C GLY D 383 -17.95 2.70 -26.28
N ASP D 384 -18.64 3.72 -26.77
CA ASP D 384 -19.25 4.74 -25.93
C ASP D 384 -20.76 4.51 -25.85
N SER D 385 -21.33 4.75 -24.68
CA SER D 385 -22.75 4.53 -24.47
C SER D 385 -23.22 5.37 -23.30
N TYR D 386 -24.54 5.45 -23.15
CA TYR D 386 -25.18 6.16 -22.05
C TYR D 386 -26.13 5.22 -21.32
N ILE D 387 -26.20 5.36 -20.00
CA ILE D 387 -27.11 4.57 -19.18
C ILE D 387 -28.31 5.46 -18.91
N VAL D 388 -29.31 5.39 -19.77
CA VAL D 388 -30.52 6.20 -19.65
C VAL D 388 -31.53 5.41 -18.83
N ILE D 389 -31.77 5.84 -17.59
CA ILE D 389 -32.59 5.10 -16.65
C ILE D 389 -33.83 5.91 -16.29
N GLY D 390 -34.38 6.62 -17.27
CA GLY D 390 -35.58 7.39 -17.02
C GLY D 390 -36.33 7.64 -18.32
N VAL D 391 -37.43 8.38 -18.19
CA VAL D 391 -38.22 8.79 -19.34
C VAL D 391 -38.59 10.26 -19.18
N GLY D 392 -38.94 10.89 -20.29
CA GLY D 392 -39.41 12.26 -20.26
C GLY D 392 -38.27 13.25 -20.30
N GLU D 393 -38.34 14.25 -19.41
CA GLU D 393 -37.33 15.30 -19.36
C GLU D 393 -36.54 15.32 -18.07
N LYS D 394 -37.03 14.70 -17.00
CA LYS D 394 -36.32 14.63 -15.73
C LYS D 394 -35.45 13.38 -15.62
N LYS D 395 -35.15 12.72 -16.74
CA LYS D 395 -34.33 11.53 -16.71
C LYS D 395 -32.88 11.91 -16.44
N ILE D 396 -32.16 10.99 -15.79
CA ILE D 396 -30.74 11.15 -15.54
C ILE D 396 -30.01 10.06 -16.31
N THR D 397 -28.84 10.40 -16.83
CA THR D 397 -28.06 9.47 -17.61
C THR D 397 -26.65 9.39 -17.03
N HIS D 398 -25.86 8.49 -17.59
CA HIS D 398 -24.48 8.29 -17.16
C HIS D 398 -23.69 7.76 -18.33
N HIS D 399 -22.60 8.44 -18.69
CA HIS D 399 -21.76 7.95 -19.76
C HIS D 399 -20.91 6.79 -19.27
N TRP D 400 -20.84 5.74 -20.08
CA TRP D 400 -20.01 4.59 -19.79
C TRP D 400 -19.21 4.22 -21.04
N HIS D 401 -17.93 3.91 -20.84
CA HIS D 401 -17.05 3.46 -21.91
C HIS D 401 -16.56 2.06 -21.56
N ARG D 402 -17.08 1.06 -22.26
CA ARG D 402 -16.66 -0.32 -22.06
C ARG D 402 -15.49 -0.60 -23.00
N SER D 403 -14.28 -0.66 -22.45
CA SER D 403 -13.09 -0.87 -23.24
C SER D 403 -13.00 -2.34 -23.66
N GLY D 404 -12.71 -2.56 -24.93
CA GLY D 404 -12.61 -3.89 -25.47
C GLY D 404 -13.17 -3.93 -26.87
N SER D 405 -13.26 -5.14 -27.42
CA SER D 405 -13.80 -5.35 -28.75
C SER D 405 -14.64 -6.62 -28.75
N THR D 406 -15.33 -6.85 -29.86
CA THR D 406 -16.12 -8.07 -29.99
C THR D 406 -15.22 -9.30 -30.13
N ILE D 407 -14.12 -9.17 -30.86
CA ILE D 407 -13.21 -10.30 -31.03
C ILE D 407 -12.39 -10.52 -29.76
N GLY D 408 -12.23 -9.48 -28.92
CA GLY D 408 -11.59 -9.69 -27.64
C GLY D 408 -12.45 -10.48 -26.67
N LYS D 409 -13.76 -10.20 -26.67
CA LYS D 409 -14.67 -11.00 -25.86
C LYS D 409 -14.85 -12.40 -26.43
N ALA D 410 -14.73 -12.55 -27.76
CA ALA D 410 -14.76 -13.87 -28.37
C ALA D 410 -13.54 -14.70 -27.96
N PHE D 411 -12.36 -14.09 -27.96
CA PHE D 411 -11.15 -14.79 -27.50
C PHE D 411 -11.19 -15.07 -26.00
N GLU D 412 -11.76 -14.15 -25.21
CA GLU D 412 -11.93 -14.37 -23.78
C GLU D 412 -12.88 -15.53 -23.49
N ALA D 413 -14.00 -15.60 -24.21
CA ALA D 413 -14.92 -16.73 -24.08
C ALA D 413 -14.31 -18.03 -24.59
N THR D 414 -13.43 -17.97 -25.59
CA THR D 414 -12.74 -19.17 -26.05
C THR D 414 -11.73 -19.67 -25.02
N VAL D 415 -11.02 -18.76 -24.37
CA VAL D 415 -10.08 -19.12 -23.32
C VAL D 415 -10.82 -19.67 -22.10
N ARG D 416 -11.97 -19.08 -21.77
CA ARG D 416 -12.82 -19.56 -20.69
C ARG D 416 -13.39 -20.94 -20.98
N GLY D 417 -13.78 -21.19 -22.24
CA GLY D 417 -14.24 -22.51 -22.62
C GLY D 417 -13.13 -23.55 -22.64
N ALA D 418 -11.91 -23.14 -22.99
CA ALA D 418 -10.78 -24.07 -22.93
C ALA D 418 -10.42 -24.44 -21.50
N LYS D 419 -10.48 -23.46 -20.58
CA LYS D 419 -10.26 -23.77 -19.17
C LYS D 419 -11.41 -24.61 -18.60
N ARG D 420 -12.63 -24.39 -19.07
CA ARG D 420 -13.78 -25.19 -18.64
C ARG D 420 -13.67 -26.62 -19.15
N MET D 421 -13.14 -26.79 -20.36
CA MET D 421 -12.92 -28.13 -20.90
C MET D 421 -11.78 -28.84 -20.20
N ALA D 422 -10.74 -28.11 -19.81
CA ALA D 422 -9.63 -28.73 -19.09
C ALA D 422 -9.99 -29.06 -17.65
N VAL D 423 -10.89 -28.29 -17.03
CA VAL D 423 -11.28 -28.58 -15.65
C VAL D 423 -12.24 -29.75 -15.60
N LEU D 424 -13.31 -29.71 -16.39
CA LEU D 424 -14.39 -30.68 -16.27
C LEU D 424 -14.22 -31.88 -17.18
N GLY D 425 -14.05 -31.64 -18.48
CA GLY D 425 -13.88 -32.73 -19.43
C GLY D 425 -15.15 -33.10 -20.15
N ASP D 426 -15.73 -34.26 -19.80
CA ASP D 426 -16.92 -34.74 -20.49
C ASP D 426 -18.17 -33.94 -20.12
N THR D 427 -18.17 -33.35 -18.92
CA THR D 427 -19.31 -32.54 -18.49
C THR D 427 -19.28 -31.13 -19.09
N ALA D 428 -18.15 -30.73 -19.69
CA ALA D 428 -18.04 -29.40 -20.26
C ALA D 428 -18.87 -29.21 -21.52
N TRP D 429 -19.28 -30.31 -22.19
CA TRP D 429 -20.13 -30.17 -23.36
C TRP D 429 -21.58 -29.95 -23.02
N ASP D 430 -21.95 -30.02 -21.74
CA ASP D 430 -23.33 -29.81 -21.31
C ASP D 430 -23.42 -28.62 -20.36
N PHE D 431 -22.52 -27.65 -20.53
CA PHE D 431 -22.56 -26.45 -19.70
C PHE D 431 -23.56 -25.43 -20.23
N GLY D 432 -23.70 -25.34 -21.54
CA GLY D 432 -24.68 -24.46 -22.13
C GLY D 432 -25.50 -25.16 -23.19
N SER D 433 -25.53 -26.48 -23.12
CA SER D 433 -26.18 -27.28 -24.14
C SER D 433 -27.69 -27.25 -23.97
N VAL D 434 -28.40 -27.29 -25.09
CA VAL D 434 -29.85 -27.33 -25.11
C VAL D 434 -30.38 -28.68 -25.55
N GLY D 435 -29.51 -29.64 -25.86
CA GLY D 435 -29.93 -30.93 -26.34
C GLY D 435 -30.01 -30.99 -27.85
N GLY D 436 -29.61 -32.11 -28.42
CA GLY D 436 -29.66 -32.26 -29.86
C GLY D 436 -28.65 -33.29 -30.33
N ALA D 437 -28.38 -33.27 -31.63
CA ALA D 437 -27.41 -34.15 -32.25
C ALA D 437 -26.06 -33.49 -32.46
N LEU D 438 -25.85 -32.31 -31.86
CA LEU D 438 -24.57 -31.62 -31.96
C LEU D 438 -23.85 -31.49 -30.64
N ASN D 439 -24.56 -31.35 -29.54
CA ASN D 439 -23.95 -31.32 -28.21
C ASN D 439 -23.91 -32.68 -27.55
N SER D 440 -24.17 -33.75 -28.30
CA SER D 440 -24.07 -35.11 -27.79
C SER D 440 -23.11 -35.97 -28.57
N LEU D 441 -22.92 -35.72 -29.87
CA LEU D 441 -21.90 -36.44 -30.62
C LEU D 441 -20.51 -35.94 -30.24
N GLY D 442 -20.36 -34.62 -30.07
CA GLY D 442 -19.11 -34.07 -29.56
C GLY D 442 -18.81 -34.52 -28.14
N LYS D 443 -19.86 -34.63 -27.31
CA LYS D 443 -19.69 -35.18 -25.97
C LYS D 443 -19.34 -36.66 -26.01
N GLY D 444 -19.86 -37.39 -26.99
CA GLY D 444 -19.53 -38.80 -27.12
C GLY D 444 -18.09 -39.03 -27.56
N ILE D 445 -17.63 -38.28 -28.57
CA ILE D 445 -16.24 -38.41 -29.00
C ILE D 445 -15.29 -37.83 -27.95
N HIS D 446 -15.75 -36.87 -27.13
CA HIS D 446 -14.93 -36.42 -26.01
C HIS D 446 -14.92 -37.42 -24.87
N GLN D 447 -15.98 -38.22 -24.71
CA GLN D 447 -15.97 -39.30 -23.74
C GLN D 447 -15.03 -40.42 -24.18
N ILE D 448 -14.99 -40.70 -25.48
CA ILE D 448 -14.03 -41.66 -26.03
C ILE D 448 -12.60 -41.15 -25.87
N PHE D 449 -12.38 -39.85 -26.11
CA PHE D 449 -11.07 -39.25 -25.90
C PHE D 449 -10.69 -39.20 -24.43
N GLY D 450 -11.66 -39.03 -23.53
CA GLY D 450 -11.37 -39.08 -22.11
C GLY D 450 -11.07 -40.48 -21.61
N ALA D 451 -11.72 -41.48 -22.19
CA ALA D 451 -11.36 -42.86 -21.88
C ALA D 451 -10.03 -43.26 -22.49
N ALA D 452 -9.61 -42.60 -23.57
CA ALA D 452 -8.31 -42.86 -24.18
C ALA D 452 -7.22 -41.91 -23.69
N PHE D 453 -7.56 -40.98 -22.81
CA PHE D 453 -6.59 -40.06 -22.23
C PHE D 453 -6.39 -40.27 -20.73
N LYS D 454 -7.49 -40.38 -19.97
CA LYS D 454 -7.39 -40.56 -18.53
C LYS D 454 -6.90 -41.97 -18.18
N SER D 455 -7.18 -42.95 -19.02
CA SER D 455 -6.67 -44.29 -18.80
C SER D 455 -5.26 -44.47 -19.37
N LEU D 456 -4.87 -43.63 -20.33
CA LEU D 456 -3.56 -43.78 -20.95
C LEU D 456 -2.46 -43.21 -20.06
N PHE D 457 -2.51 -41.90 -19.82
CA PHE D 457 -1.45 -41.29 -19.01
C PHE D 457 -1.76 -41.46 -17.52
N GLY D 458 -2.82 -40.81 -17.04
CA GLY D 458 -3.44 -41.12 -15.76
C GLY D 458 -2.68 -40.96 -14.46
N GLY D 459 -1.38 -40.68 -14.51
CA GLY D 459 -0.58 -40.63 -13.31
C GLY D 459 0.53 -39.62 -13.40
N MET D 460 0.35 -38.62 -14.26
CA MET D 460 1.39 -37.64 -14.50
C MET D 460 1.14 -36.39 -13.68
N SER D 461 2.24 -35.72 -13.31
CA SER D 461 2.18 -34.50 -12.53
C SER D 461 2.04 -33.30 -13.47
N TRP D 462 2.23 -32.10 -12.92
CA TRP D 462 2.24 -30.91 -13.75
C TRP D 462 3.50 -30.85 -14.61
N PHE D 463 4.64 -31.25 -14.05
CA PHE D 463 5.90 -31.09 -14.75
C PHE D 463 6.13 -32.19 -15.79
N SER D 464 5.71 -33.42 -15.47
CA SER D 464 5.93 -34.55 -16.38
C SER D 464 5.08 -34.45 -17.63
N GLN D 465 3.91 -33.80 -17.55
CA GLN D 465 3.10 -33.56 -18.73
C GLN D 465 3.79 -32.60 -19.69
N ILE D 466 4.40 -31.54 -19.16
CA ILE D 466 5.15 -30.61 -20.01
C ILE D 466 6.42 -31.25 -20.54
N LEU D 467 7.03 -32.15 -19.74
CA LEU D 467 8.22 -32.86 -20.18
C LEU D 467 7.93 -33.82 -21.33
N ILE D 468 6.84 -34.57 -21.27
CA ILE D 468 6.48 -35.39 -22.43
C ILE D 468 5.84 -34.57 -23.54
N GLY D 469 5.31 -33.38 -23.23
CA GLY D 469 4.74 -32.56 -24.27
C GLY D 469 5.78 -31.89 -25.13
N THR D 470 6.94 -31.56 -24.55
CA THR D 470 8.05 -31.06 -25.35
C THR D 470 8.61 -32.16 -26.25
N LEU D 471 8.59 -33.41 -25.78
CA LEU D 471 8.99 -34.54 -26.62
C LEU D 471 8.00 -34.79 -27.75
N LEU D 472 6.70 -34.68 -27.47
CA LEU D 472 5.70 -34.80 -28.53
C LEU D 472 5.73 -33.62 -29.50
N MET D 473 6.09 -32.43 -29.02
CA MET D 473 6.25 -31.29 -29.90
C MET D 473 7.48 -31.46 -30.80
N TRP D 474 8.54 -32.08 -30.28
CA TRP D 474 9.68 -32.41 -31.13
C TRP D 474 9.34 -33.51 -32.12
N LEU D 475 8.49 -34.46 -31.72
CA LEU D 475 8.05 -35.51 -32.65
C LEU D 475 7.13 -34.96 -33.72
N GLY D 476 6.40 -33.89 -33.42
CA GLY D 476 5.60 -33.23 -34.44
C GLY D 476 6.39 -32.29 -35.32
N LEU D 477 7.49 -31.73 -34.80
CA LEU D 477 8.33 -30.82 -35.57
C LEU D 477 9.29 -31.55 -36.51
N ASN D 478 9.43 -32.86 -36.36
CA ASN D 478 10.31 -33.67 -37.19
C ASN D 478 9.59 -34.97 -37.51
N THR D 479 10.35 -35.96 -37.99
CA THR D 479 9.89 -37.33 -38.29
C THR D 479 8.74 -37.33 -39.30
N LYS D 480 9.12 -36.98 -40.53
CA LYS D 480 8.19 -36.82 -41.64
C LYS D 480 7.58 -38.18 -42.00
N ASN D 481 6.32 -38.37 -41.62
CA ASN D 481 5.60 -39.61 -41.86
C ASN D 481 4.11 -39.29 -41.90
N GLY D 482 3.29 -40.35 -42.02
CA GLY D 482 1.86 -40.16 -42.01
C GLY D 482 1.30 -39.88 -40.63
N SER D 483 1.94 -40.41 -39.59
CA SER D 483 1.49 -40.22 -38.21
C SER D 483 2.12 -38.95 -37.63
N ILE D 484 1.70 -37.82 -38.16
CA ILE D 484 2.21 -36.52 -37.73
C ILE D 484 1.16 -35.68 -37.02
N SER D 485 -0.12 -36.04 -37.13
CA SER D 485 -1.17 -35.35 -36.39
C SER D 485 -1.40 -35.93 -35.01
N LEU D 486 -0.99 -37.19 -34.78
CA LEU D 486 -1.17 -37.80 -33.48
C LEU D 486 -0.18 -37.29 -32.44
N MET D 487 0.89 -36.62 -32.86
CA MET D 487 1.88 -36.08 -31.95
C MET D 487 1.75 -34.58 -31.76
N CYS D 488 0.79 -33.94 -32.41
CA CYS D 488 0.55 -32.52 -32.24
C CYS D 488 -0.74 -32.21 -31.50
N LEU D 489 -1.81 -32.99 -31.75
CA LEU D 489 -3.02 -32.85 -30.96
C LEU D 489 -2.83 -33.37 -29.55
N ALA D 490 -1.98 -34.39 -29.38
CA ALA D 490 -1.64 -34.89 -28.05
C ALA D 490 -0.61 -34.03 -27.34
N LEU D 491 -0.09 -33.00 -28.00
CA LEU D 491 0.70 -31.96 -27.36
C LEU D 491 -0.20 -30.88 -26.79
N GLY D 492 -1.19 -30.43 -27.57
CA GLY D 492 -2.11 -29.41 -27.09
C GLY D 492 -3.05 -29.92 -26.02
N GLY D 493 -3.56 -31.15 -26.19
CA GLY D 493 -4.43 -31.76 -25.20
C GLY D 493 -3.74 -32.13 -23.90
N VAL D 494 -2.41 -32.08 -23.86
CA VAL D 494 -1.65 -32.24 -22.63
C VAL D 494 -1.28 -30.88 -22.04
N LEU D 495 -0.84 -29.94 -22.88
CA LEU D 495 -0.35 -28.66 -22.38
C LEU D 495 -1.49 -27.77 -21.90
N ILE D 496 -2.65 -27.80 -22.56
CA ILE D 496 -3.81 -27.07 -22.06
C ILE D 496 -4.33 -27.72 -20.78
N PHE D 497 -4.23 -29.05 -20.69
CA PHE D 497 -4.69 -29.77 -19.50
C PHE D 497 -3.79 -29.52 -18.30
N LEU D 498 -2.50 -29.26 -18.52
CA LEU D 498 -1.56 -29.07 -17.43
C LEU D 498 -0.80 -27.76 -17.56
N SER D 499 -1.44 -26.72 -18.07
CA SER D 499 -0.82 -25.40 -18.06
C SER D 499 -1.76 -24.34 -17.49
N THR D 500 -3.06 -24.55 -17.65
CA THR D 500 -4.06 -23.58 -17.24
C THR D 500 -4.56 -23.87 -15.83
N ALA D 501 -3.62 -23.86 -14.89
CA ALA D 501 -3.93 -24.10 -13.49
C ALA D 501 -4.13 -22.77 -12.77
N ILE E 1 -14.57 36.89 -28.81
CA ILE E 1 -15.16 36.84 -27.47
C ILE E 1 -14.76 35.54 -26.80
N ARG E 2 -13.64 35.61 -26.07
CA ARG E 2 -12.99 34.58 -25.25
C ARG E 2 -12.31 33.48 -26.07
N CYS E 3 -12.49 33.49 -27.40
CA CYS E 3 -11.87 32.49 -28.26
C CYS E 3 -11.39 33.11 -29.56
N ILE E 4 -11.40 34.44 -29.69
CA ILE E 4 -11.16 35.09 -30.96
C ILE E 4 -9.67 35.33 -31.24
N GLY E 5 -8.81 35.19 -30.23
CA GLY E 5 -7.40 35.46 -30.46
C GLY E 5 -6.52 34.26 -30.21
N VAL E 6 -7.13 33.15 -29.83
CA VAL E 6 -6.40 31.92 -29.54
C VAL E 6 -5.98 31.27 -30.84
N SER E 7 -4.73 30.79 -30.90
CA SER E 7 -4.16 30.28 -32.14
C SER E 7 -4.69 28.90 -32.51
N ASN E 8 -5.39 28.21 -31.60
CA ASN E 8 -5.86 26.86 -31.85
C ASN E 8 -7.37 26.84 -32.08
N ARG E 9 -7.92 27.96 -32.53
CA ARG E 9 -9.33 28.06 -32.81
C ARG E 9 -9.63 27.42 -34.17
N ASP E 10 -10.54 26.46 -34.19
CA ASP E 10 -11.00 25.85 -35.43
C ASP E 10 -12.47 26.17 -35.63
N PHE E 11 -12.91 26.09 -36.87
CA PHE E 11 -14.28 26.45 -37.25
C PHE E 11 -15.02 25.20 -37.67
N VAL E 12 -16.11 24.90 -36.98
CA VAL E 12 -16.99 23.78 -37.32
C VAL E 12 -18.32 24.36 -37.78
N GLU E 13 -18.76 23.94 -38.96
CA GLU E 13 -19.97 24.47 -39.57
C GLU E 13 -20.73 23.35 -40.25
N GLY E 14 -22.05 23.52 -40.34
CA GLY E 14 -22.89 22.54 -40.98
C GLY E 14 -23.34 21.46 -40.03
N MET E 15 -24.63 21.21 -39.95
CA MET E 15 -25.19 20.17 -39.11
C MET E 15 -26.02 19.22 -39.95
N SER E 16 -26.39 18.08 -39.34
CA SER E 16 -27.25 17.09 -39.98
C SER E 16 -28.69 17.57 -39.84
N GLY E 17 -29.09 18.44 -40.77
CA GLY E 17 -30.41 19.01 -40.72
C GLY E 17 -30.62 20.04 -39.63
N GLY E 18 -29.54 20.66 -39.15
CA GLY E 18 -29.67 21.63 -38.08
C GLY E 18 -29.93 21.04 -36.72
N THR E 19 -29.63 19.75 -36.53
CA THR E 19 -29.94 19.05 -35.30
C THR E 19 -28.72 18.93 -34.38
N TRP E 20 -27.66 18.29 -34.85
CA TRP E 20 -26.50 18.06 -34.01
C TRP E 20 -25.23 18.07 -34.84
N VAL E 21 -24.12 18.32 -34.16
CA VAL E 21 -22.80 18.23 -34.76
C VAL E 21 -21.88 17.61 -33.71
N ASP E 22 -20.86 16.89 -34.18
CA ASP E 22 -19.93 16.19 -33.30
C ASP E 22 -18.61 16.95 -33.29
N VAL E 23 -18.09 17.21 -32.10
CA VAL E 23 -16.91 18.06 -31.94
C VAL E 23 -16.02 17.51 -30.83
N VAL E 24 -14.75 17.90 -30.86
CA VAL E 24 -13.76 17.50 -29.87
C VAL E 24 -13.16 18.78 -29.27
N LEU E 25 -13.36 18.97 -27.98
CA LEU E 25 -12.87 20.18 -27.30
C LEU E 25 -11.49 19.90 -26.72
N GLU E 26 -10.47 20.48 -27.32
CA GLU E 26 -9.12 20.38 -26.78
C GLU E 26 -8.98 21.28 -25.55
N HIS E 27 -7.97 20.99 -24.74
CA HIS E 27 -7.86 21.70 -23.47
C HIS E 27 -7.17 23.04 -23.62
N GLY E 28 -6.10 23.09 -24.42
CA GLY E 28 -5.48 24.36 -24.72
C GLY E 28 -6.14 25.08 -25.87
N GLY E 29 -6.97 24.36 -26.62
CA GLY E 29 -7.58 24.88 -27.82
C GLY E 29 -8.97 25.44 -27.56
N CYS E 30 -9.56 25.97 -28.64
CA CYS E 30 -10.89 26.53 -28.61
C CYS E 30 -11.60 26.13 -29.89
N VAL E 31 -12.92 26.02 -29.82
CA VAL E 31 -13.73 25.65 -30.98
C VAL E 31 -14.78 26.72 -31.19
N THR E 32 -14.77 27.35 -32.35
CA THR E 32 -15.79 28.30 -32.76
C THR E 32 -16.82 27.57 -33.61
N VAL E 33 -18.06 27.54 -33.14
CA VAL E 33 -19.14 26.80 -33.79
C VAL E 33 -20.07 27.80 -34.44
N MET E 34 -20.24 27.68 -35.76
CA MET E 34 -21.11 28.56 -36.53
C MET E 34 -22.13 27.72 -37.30
N ALA E 35 -23.29 28.31 -37.53
CA ALA E 35 -24.37 27.66 -38.27
C ALA E 35 -24.95 28.66 -39.26
N GLN E 36 -26.05 28.27 -39.90
CA GLN E 36 -26.66 29.11 -40.92
C GLN E 36 -27.56 30.17 -40.28
N ASP E 37 -28.59 29.72 -39.55
CA ASP E 37 -29.57 30.62 -38.97
C ASP E 37 -29.49 30.64 -37.44
N LYS E 38 -28.37 30.20 -36.88
CA LYS E 38 -28.13 30.13 -35.46
C LYS E 38 -26.89 30.94 -35.12
N PRO E 39 -26.86 31.61 -33.95
CA PRO E 39 -25.71 32.46 -33.63
C PRO E 39 -24.46 31.67 -33.32
N THR E 40 -23.32 32.31 -33.61
CA THR E 40 -22.02 31.67 -33.47
C THR E 40 -21.61 31.61 -32.00
N VAL E 41 -21.40 30.40 -31.49
CA VAL E 41 -21.13 30.17 -30.09
C VAL E 41 -19.71 29.64 -29.93
N ASP E 42 -18.93 30.28 -29.06
CA ASP E 42 -17.56 29.88 -28.78
C ASP E 42 -17.52 28.91 -27.61
N ILE E 43 -16.79 27.81 -27.78
CA ILE E 43 -16.60 26.82 -26.73
C ILE E 43 -15.13 26.84 -26.32
N GLU E 44 -14.87 26.73 -25.02
CA GLU E 44 -13.50 26.73 -24.52
C GLU E 44 -13.42 25.85 -23.28
N LEU E 45 -12.71 24.74 -23.40
CA LEU E 45 -12.41 23.90 -22.25
C LEU E 45 -11.30 24.57 -21.44
N VAL E 46 -11.57 24.84 -20.17
CA VAL E 46 -10.70 25.65 -19.33
C VAL E 46 -9.93 24.81 -18.32
N THR E 47 -10.61 23.88 -17.65
CA THR E 47 -10.01 23.14 -16.55
C THR E 47 -10.47 21.70 -16.57
N THR E 48 -9.81 20.88 -15.77
CA THR E 48 -10.20 19.50 -15.51
C THR E 48 -9.86 19.24 -14.05
N THR E 49 -10.85 19.39 -13.18
CA THR E 49 -10.65 19.31 -11.73
C THR E 49 -10.96 17.90 -11.28
N VAL E 50 -9.92 17.14 -10.93
CA VAL E 50 -10.07 15.76 -10.49
C VAL E 50 -10.05 15.75 -8.97
N SER E 51 -11.11 15.21 -8.38
CA SER E 51 -11.28 15.16 -6.93
C SER E 51 -11.23 13.71 -6.46
N ASN E 52 -11.13 13.55 -5.14
CA ASN E 52 -11.23 12.27 -4.43
C ASN E 52 -10.17 11.27 -4.88
N MET E 53 -8.91 11.63 -4.63
CA MET E 53 -7.78 10.77 -4.98
C MET E 53 -7.32 9.99 -3.76
N ALA E 54 -7.11 8.69 -3.94
CA ALA E 54 -6.56 7.81 -2.92
C ALA E 54 -5.13 7.45 -3.30
N GLU E 55 -4.30 7.25 -2.28
CA GLU E 55 -2.88 7.11 -2.53
C GLU E 55 -2.53 5.69 -2.99
N VAL E 56 -1.37 5.59 -3.63
CA VAL E 56 -0.79 4.33 -4.09
C VAL E 56 0.57 4.24 -3.41
N ARG E 57 1.39 3.29 -3.85
CA ARG E 57 2.76 3.12 -3.36
C ARG E 57 3.58 4.40 -3.50
N SER E 58 4.01 4.93 -2.37
CA SER E 58 4.67 6.23 -2.31
C SER E 58 6.16 6.00 -2.09
N TYR E 59 6.98 6.52 -2.99
CA TYR E 59 8.41 6.27 -3.00
C TYR E 59 9.16 7.31 -2.18
N CYS E 60 10.36 6.93 -1.74
CA CYS E 60 11.29 7.84 -1.12
C CYS E 60 12.31 8.31 -2.15
N TYR E 61 12.74 9.56 -2.01
CA TYR E 61 13.74 10.12 -2.91
C TYR E 61 14.92 10.73 -2.19
N GLU E 62 14.80 11.09 -0.91
CA GLU E 62 15.91 11.57 -0.11
C GLU E 62 16.00 10.71 1.14
N ALA E 63 17.04 9.90 1.24
CA ALA E 63 17.20 8.97 2.34
C ALA E 63 18.28 9.47 3.29
N SER E 64 18.38 8.77 4.42
CA SER E 64 19.43 9.03 5.38
C SER E 64 19.78 7.73 6.09
N ILE E 65 21.04 7.63 6.49
CA ILE E 65 21.56 6.47 7.21
C ILE E 65 21.88 6.90 8.62
N SER E 66 21.31 6.20 9.60
CA SER E 66 21.50 6.48 11.01
C SER E 66 22.78 5.75 11.47
N ASP E 67 22.95 5.58 12.79
CA ASP E 67 24.12 4.89 13.34
C ASP E 67 24.21 3.45 12.85
N MET E 68 25.23 3.18 12.04
CA MET E 68 25.42 1.89 11.40
C MET E 68 26.18 0.95 12.32
N ALA E 69 26.18 -0.33 11.96
CA ALA E 69 26.91 -1.32 12.73
C ALA E 69 27.34 -2.47 11.82
N SER E 70 28.42 -3.15 12.20
CA SER E 70 28.92 -4.27 11.41
C SER E 70 29.65 -5.22 12.35
N ASP E 71 29.55 -6.52 12.05
CA ASP E 71 30.20 -7.54 12.87
C ASP E 71 30.51 -8.78 12.06
N SER E 72 31.67 -9.35 12.32
CA SER E 72 32.12 -10.52 11.60
C SER E 72 32.14 -11.77 12.47
N ARG E 73 32.18 -12.91 11.79
CA ARG E 73 32.27 -14.26 12.33
C ARG E 73 33.49 -14.94 11.73
N CYS E 74 34.09 -15.79 12.54
CA CYS E 74 35.29 -16.52 12.15
C CYS E 74 34.99 -17.51 11.03
N PRO E 75 35.98 -17.81 10.19
CA PRO E 75 35.77 -18.82 9.14
C PRO E 75 35.61 -20.22 9.74
N THR E 76 34.68 -20.99 9.16
CA THR E 76 34.19 -22.28 9.65
C THR E 76 33.75 -22.20 11.11
N GLN E 77 33.06 -21.12 11.45
CA GLN E 77 32.52 -20.93 12.79
C GLN E 77 31.11 -20.39 12.75
N GLY E 78 30.40 -20.56 11.65
CA GLY E 78 29.06 -20.07 11.50
C GLY E 78 28.99 -18.79 10.71
N GLU E 79 27.77 -18.28 10.60
CA GLU E 79 27.47 -17.04 9.91
C GLU E 79 27.14 -15.95 10.92
N ALA E 80 27.45 -14.70 10.56
CA ALA E 80 27.29 -13.59 11.50
C ALA E 80 25.82 -13.19 11.58
N TYR E 81 25.45 -12.61 12.73
CA TYR E 81 24.06 -12.26 12.98
C TYR E 81 23.98 -11.18 14.06
N LEU E 82 23.05 -10.25 13.90
CA LEU E 82 22.75 -9.23 14.88
C LEU E 82 21.32 -9.25 15.35
N ASP E 83 21.11 -8.68 16.53
CA ASP E 83 19.78 -8.49 17.06
C ASP E 83 19.07 -7.31 16.41
N LYS E 84 19.84 -6.39 15.80
CA LYS E 84 19.28 -5.26 15.07
C LYS E 84 18.89 -5.62 13.65
N GLN E 85 19.16 -6.85 13.22
CA GLN E 85 18.65 -7.37 11.96
C GLN E 85 17.19 -7.78 12.08
N SER E 86 16.67 -7.90 13.31
CA SER E 86 15.32 -8.33 13.58
C SER E 86 14.31 -7.18 13.56
N ASP E 87 14.66 -6.06 12.94
CA ASP E 87 13.74 -4.96 12.72
C ASP E 87 13.75 -4.64 11.23
N THR E 88 12.58 -4.21 10.74
CA THR E 88 12.45 -3.93 9.31
C THR E 88 12.99 -2.55 8.92
N GLN E 89 13.39 -1.73 9.89
CA GLN E 89 13.95 -0.42 9.60
C GLN E 89 15.47 -0.46 9.50
N TYR E 90 16.06 -1.64 9.33
CA TYR E 90 17.50 -1.80 9.19
C TYR E 90 17.79 -2.55 7.91
N VAL E 91 18.60 -1.97 7.04
CA VAL E 91 19.09 -2.66 5.86
C VAL E 91 20.41 -3.34 6.21
N CYS E 92 20.71 -4.44 5.54
CA CYS E 92 21.91 -5.21 5.83
C CYS E 92 22.31 -6.01 4.59
N LYS E 93 23.57 -6.44 4.56
CA LYS E 93 24.07 -7.24 3.46
C LYS E 93 25.24 -8.09 3.95
N ARG E 94 25.18 -9.38 3.67
CA ARG E 94 26.23 -10.31 4.06
C ARG E 94 27.35 -10.34 3.03
N THR E 95 28.59 -10.46 3.51
CA THR E 95 29.74 -10.47 2.62
C THR E 95 30.86 -11.30 3.24
N LEU E 96 31.91 -11.50 2.47
CA LEU E 96 33.07 -12.30 2.86
C LEU E 96 34.32 -11.43 2.81
N VAL E 97 34.97 -11.24 3.96
CA VAL E 97 36.20 -10.46 4.04
C VAL E 97 37.33 -11.32 4.58
N ASP E 98 38.55 -10.82 4.41
CA ASP E 98 39.73 -11.54 4.88
C ASP E 98 39.83 -11.43 6.40
N ARG E 99 40.32 -12.50 7.03
CA ARG E 99 40.42 -12.49 8.47
C ARG E 99 41.72 -13.16 8.89
N GLY E 100 42.50 -12.50 9.75
CA GLY E 100 43.76 -13.07 10.17
C GLY E 100 44.01 -13.00 11.66
N TRP E 101 45.24 -13.31 12.11
CA TRP E 101 45.48 -13.21 13.55
C TRP E 101 45.69 -11.78 14.00
N GLY E 102 46.05 -10.88 13.07
CA GLY E 102 46.03 -9.47 13.37
C GLY E 102 44.63 -8.92 13.41
N ASN E 103 43.69 -9.62 12.77
CA ASN E 103 42.27 -9.32 12.79
C ASN E 103 41.56 -10.05 13.92
N GLY E 104 42.30 -10.72 14.78
CA GLY E 104 41.76 -11.42 15.93
C GLY E 104 41.18 -12.80 15.77
N CYS E 105 41.23 -13.41 14.59
CA CYS E 105 40.64 -14.75 14.50
C CYS E 105 41.66 -15.80 14.92
N GLY E 106 41.31 -17.07 14.75
CA GLY E 106 42.20 -18.17 15.06
C GLY E 106 42.15 -19.16 13.92
N LEU E 107 41.62 -18.70 12.78
CA LEU E 107 41.53 -19.50 11.57
C LEU E 107 41.54 -18.54 10.39
N PHE E 108 42.48 -18.69 9.49
CA PHE E 108 42.54 -17.80 8.34
C PHE E 108 41.54 -18.26 7.28
N GLY E 109 40.85 -17.29 6.69
CA GLY E 109 39.88 -17.61 5.65
C GLY E 109 38.98 -16.43 5.36
N LYS E 110 37.87 -16.72 4.69
CA LYS E 110 36.89 -15.72 4.27
C LYS E 110 35.72 -15.77 5.24
N GLY E 111 35.81 -15.00 6.31
CA GLY E 111 34.76 -14.99 7.30
C GLY E 111 33.55 -14.20 6.86
N SER E 112 32.41 -14.55 7.46
CA SER E 112 31.16 -13.88 7.14
C SER E 112 31.12 -12.52 7.82
N LEU E 113 30.50 -11.55 7.15
CA LEU E 113 30.42 -10.18 7.68
C LEU E 113 29.08 -9.58 7.32
N VAL E 114 28.34 -9.13 8.33
CA VAL E 114 27.04 -8.50 8.17
C VAL E 114 27.16 -7.05 8.62
N THR E 115 26.71 -6.12 7.78
CA THR E 115 26.72 -4.69 8.11
C THR E 115 25.30 -4.13 8.12
N CYS E 116 24.78 -3.86 9.31
CA CYS E 116 23.46 -3.25 9.43
C CYS E 116 23.54 -1.74 9.26
N ALA E 117 22.43 -1.17 8.82
CA ALA E 117 22.33 0.28 8.64
C ALA E 117 20.86 0.67 8.80
N LYS E 118 20.59 1.52 9.77
CA LYS E 118 19.21 1.94 10.06
C LYS E 118 18.75 2.95 9.03
N PHE E 119 17.75 2.57 8.25
CA PHE E 119 17.23 3.41 7.18
C PHE E 119 16.24 4.42 7.75
N ALA E 120 16.32 5.66 7.27
CA ALA E 120 15.40 6.71 7.71
C ALA E 120 15.21 7.69 6.55
N CYS E 121 14.09 7.57 5.85
CA CYS E 121 13.77 8.51 4.78
C CYS E 121 13.25 9.81 5.39
N SER E 122 13.74 10.94 4.86
CA SER E 122 13.35 12.25 5.36
C SER E 122 12.24 12.87 4.51
N LYS E 123 12.44 12.94 3.20
CA LYS E 123 11.44 13.49 2.28
C LYS E 123 11.08 12.42 1.27
N LYS E 124 9.77 12.22 1.07
CA LYS E 124 9.28 11.19 0.17
C LYS E 124 8.28 11.80 -0.79
N MET E 125 8.17 11.17 -1.96
CA MET E 125 7.16 11.55 -2.94
C MET E 125 5.95 10.63 -2.81
N THR E 126 4.83 11.07 -3.36
CA THR E 126 3.58 10.36 -3.19
C THR E 126 2.88 10.23 -4.54
N GLY E 127 2.46 9.01 -4.88
CA GLY E 127 1.64 8.77 -6.03
C GLY E 127 0.19 8.57 -5.60
N LYS E 128 -0.71 9.23 -6.31
CA LYS E 128 -2.14 9.13 -6.04
C LYS E 128 -2.85 8.55 -7.25
N SER E 129 -3.99 7.92 -7.00
CA SER E 129 -4.76 7.28 -8.06
C SER E 129 -5.82 8.22 -8.61
N ILE E 130 -6.07 8.12 -9.91
CA ILE E 130 -7.08 8.91 -10.59
C ILE E 130 -8.23 7.99 -10.95
N GLN E 131 -9.39 8.23 -10.35
CA GLN E 131 -10.53 7.42 -10.76
C GLN E 131 -11.22 8.06 -11.96
N PRO E 132 -11.66 7.26 -12.94
CA PRO E 132 -12.35 7.85 -14.10
C PRO E 132 -13.74 8.35 -13.79
N GLU E 133 -14.33 7.97 -12.66
CA GLU E 133 -15.64 8.45 -12.26
C GLU E 133 -15.58 9.74 -11.46
N ASN E 134 -14.41 10.39 -11.39
CA ASN E 134 -14.24 11.60 -10.60
C ASN E 134 -13.80 12.80 -11.41
N LEU E 135 -13.84 12.73 -12.73
CA LEU E 135 -13.45 13.85 -13.56
C LEU E 135 -14.56 14.90 -13.57
N GLU E 136 -14.18 16.16 -13.46
CA GLU E 136 -15.11 17.29 -13.51
C GLU E 136 -14.58 18.29 -14.53
N TYR E 137 -15.12 18.23 -15.75
CA TYR E 137 -14.73 19.14 -16.81
C TYR E 137 -15.58 20.40 -16.75
N ARG E 138 -14.94 21.56 -16.73
CA ARG E 138 -15.64 22.84 -16.83
C ARG E 138 -15.59 23.32 -18.27
N ILE E 139 -16.74 23.71 -18.80
CA ILE E 139 -16.86 24.18 -20.18
C ILE E 139 -17.42 25.59 -20.14
N MET E 140 -16.66 26.54 -20.70
CA MET E 140 -17.14 27.90 -20.86
C MET E 140 -17.82 28.04 -22.22
N LEU E 141 -18.95 28.75 -22.23
CA LEU E 141 -19.68 29.03 -23.46
C LEU E 141 -19.88 30.51 -23.61
N SER E 142 -19.78 30.99 -24.85
CA SER E 142 -19.95 32.40 -25.15
C SER E 142 -20.42 32.53 -26.59
N VAL E 143 -21.54 33.23 -26.79
CA VAL E 143 -22.04 33.45 -28.14
C VAL E 143 -21.49 34.77 -28.66
N HIS E 144 -21.49 34.92 -29.97
CA HIS E 144 -20.92 36.09 -30.63
C HIS E 144 -21.99 37.14 -30.83
N GLY E 145 -21.86 38.26 -30.12
CA GLY E 145 -22.81 39.35 -30.26
C GLY E 145 -22.97 40.19 -29.02
N SER E 146 -23.14 41.50 -29.24
CA SER E 146 -23.43 42.53 -28.22
C SER E 146 -22.38 42.55 -27.12
N GLN E 147 -21.11 42.50 -27.51
CA GLN E 147 -20.01 42.47 -26.56
C GLN E 147 -19.02 43.56 -26.91
N HIS E 148 -18.28 44.00 -25.90
CA HIS E 148 -17.21 44.96 -26.06
C HIS E 148 -15.88 44.25 -25.80
N SER E 149 -14.79 44.98 -25.98
CA SER E 149 -13.47 44.40 -25.74
C SER E 149 -13.07 44.40 -24.28
N GLY E 150 -13.87 45.00 -23.40
CA GLY E 150 -13.55 45.09 -21.99
C GLY E 150 -14.05 43.88 -21.22
N MET E 151 -15.01 44.10 -20.33
CA MET E 151 -15.50 43.06 -19.43
C MET E 151 -16.52 42.11 -20.08
N ILE E 152 -16.64 42.11 -21.41
CA ILE E 152 -17.51 41.18 -22.09
C ILE E 152 -16.74 40.15 -22.91
N VAL E 153 -15.55 40.49 -23.41
CA VAL E 153 -14.71 39.55 -24.15
C VAL E 153 -13.51 39.08 -23.35
N ASN E 154 -13.56 39.20 -22.04
CA ASN E 154 -12.50 38.77 -21.15
C ASN E 154 -13.06 37.68 -20.24
N ASP E 155 -12.31 37.29 -19.22
CA ASP E 155 -12.69 36.21 -18.34
C ASP E 155 -13.73 36.59 -17.28
N THR E 156 -14.41 37.73 -17.40
CA THR E 156 -15.47 38.11 -16.45
C THR E 156 -16.70 37.26 -16.72
N GLY E 157 -16.69 36.07 -16.14
CA GLY E 157 -17.78 35.12 -16.31
C GLY E 157 -18.19 34.50 -14.99
N HIS E 158 -17.89 35.19 -13.89
CA HIS E 158 -18.27 34.74 -12.56
C HIS E 158 -19.60 35.32 -12.12
N GLU E 159 -20.60 35.19 -12.99
CA GLU E 159 -21.95 35.72 -12.76
C GLU E 159 -22.90 35.00 -13.71
N THR E 160 -24.18 35.37 -13.63
CA THR E 160 -25.22 34.81 -14.48
C THR E 160 -25.80 35.94 -15.31
N ASP E 161 -25.20 36.18 -16.47
CA ASP E 161 -25.65 37.20 -17.41
C ASP E 161 -25.95 36.52 -18.75
N GLU E 162 -26.28 37.34 -19.74
CA GLU E 162 -26.48 36.81 -21.08
C GLU E 162 -25.13 36.63 -21.77
N ASN E 163 -25.16 35.84 -22.84
CA ASN E 163 -24.07 35.59 -23.79
C ASN E 163 -22.83 34.93 -23.17
N ARG E 164 -22.92 34.43 -21.93
CA ARG E 164 -21.83 33.75 -21.26
C ARG E 164 -22.42 32.69 -20.35
N ALA E 165 -21.82 31.49 -20.38
CA ALA E 165 -22.35 30.38 -19.59
C ALA E 165 -21.24 29.41 -19.27
N LYS E 166 -21.27 28.86 -18.05
CA LYS E 166 -20.38 27.81 -17.64
C LYS E 166 -21.18 26.59 -17.22
N VAL E 167 -20.60 25.41 -17.46
CA VAL E 167 -21.22 24.13 -17.12
C VAL E 167 -20.15 23.19 -16.61
N GLU E 168 -20.51 22.35 -15.65
CA GLU E 168 -19.64 21.30 -15.17
C GLU E 168 -20.06 19.96 -15.74
N ILE E 169 -19.09 19.18 -16.19
CA ILE E 169 -19.34 17.90 -16.83
C ILE E 169 -18.72 16.81 -15.96
N THR E 170 -19.57 16.06 -15.29
CA THR E 170 -19.19 14.85 -14.56
C THR E 170 -19.63 13.63 -15.35
N PRO E 171 -19.16 12.43 -15.00
CA PRO E 171 -19.81 11.23 -15.55
C PRO E 171 -21.19 10.98 -14.97
N ASN E 172 -21.50 11.50 -13.78
CA ASN E 172 -22.86 11.38 -13.26
C ASN E 172 -23.83 12.28 -14.01
N SER E 173 -23.35 13.41 -14.53
CA SER E 173 -24.15 14.30 -15.37
C SER E 173 -23.41 14.54 -16.67
N PRO E 174 -23.45 13.58 -17.60
CA PRO E 174 -22.67 13.73 -18.83
C PRO E 174 -23.25 14.68 -19.84
N ARG E 175 -24.52 15.05 -19.67
CA ARG E 175 -25.16 16.03 -20.54
C ARG E 175 -25.42 17.30 -19.75
N ALA E 176 -25.41 18.43 -20.46
CA ALA E 176 -25.66 19.72 -19.84
C ALA E 176 -26.46 20.59 -20.80
N GLU E 177 -27.17 21.56 -20.23
CA GLU E 177 -28.00 22.48 -20.99
C GLU E 177 -27.74 23.89 -20.44
N ALA E 178 -26.86 24.63 -21.10
CA ALA E 178 -26.51 25.97 -20.64
C ALA E 178 -27.60 26.95 -21.02
N THR E 179 -28.00 27.78 -20.06
CA THR E 179 -29.08 28.74 -20.26
C THR E 179 -28.50 30.05 -20.77
N LEU E 180 -28.81 30.39 -22.01
CA LEU E 180 -28.39 31.65 -22.62
C LEU E 180 -29.64 32.51 -22.77
N GLY E 181 -29.69 33.62 -22.04
CA GLY E 181 -30.84 34.49 -22.00
C GLY E 181 -31.19 35.15 -23.32
N GLY E 182 -32.29 34.70 -23.93
CA GLY E 182 -32.71 35.16 -25.23
C GLY E 182 -32.25 34.31 -26.38
N PHE E 183 -31.11 33.63 -26.23
CA PHE E 183 -30.53 32.82 -27.29
C PHE E 183 -31.01 31.38 -27.25
N GLY E 184 -31.80 31.01 -26.27
CA GLY E 184 -32.24 29.62 -26.15
C GLY E 184 -31.32 28.84 -25.24
N SER E 185 -30.88 27.68 -25.71
CA SER E 185 -30.00 26.83 -24.92
C SER E 185 -29.23 25.90 -25.86
N LEU E 186 -27.94 25.77 -25.61
CA LEU E 186 -27.12 24.81 -26.33
C LEU E 186 -27.10 23.49 -25.56
N GLY E 187 -27.36 22.39 -26.26
CA GLY E 187 -27.39 21.09 -25.63
C GLY E 187 -26.09 20.32 -25.78
N LEU E 188 -25.40 20.09 -24.67
CA LEU E 188 -24.16 19.33 -24.69
C LEU E 188 -24.45 17.88 -24.30
N ASP E 189 -23.69 16.97 -24.92
CA ASP E 189 -23.82 15.54 -24.68
C ASP E 189 -22.43 14.92 -24.54
N CYS E 190 -21.62 15.49 -23.63
CA CYS E 190 -20.23 15.13 -23.47
C CYS E 190 -20.06 13.71 -22.95
N GLU E 191 -18.90 13.13 -23.24
CA GLU E 191 -18.56 11.76 -22.88
C GLU E 191 -17.27 11.78 -22.09
N PRO E 192 -17.33 12.04 -20.77
CA PRO E 192 -16.12 12.34 -20.01
C PRO E 192 -15.27 11.14 -19.65
N ARG E 193 -15.81 9.92 -19.71
CA ARG E 193 -14.98 8.75 -19.42
C ARG E 193 -14.04 8.41 -20.58
N THR E 194 -14.28 8.94 -21.76
CA THR E 194 -13.35 8.81 -22.88
C THR E 194 -12.40 10.00 -22.94
N GLY E 195 -11.74 10.28 -21.82
CA GLY E 195 -10.76 11.34 -21.77
C GLY E 195 -9.41 10.87 -22.24
N LEU E 196 -8.37 11.15 -21.46
CA LEU E 196 -7.02 10.69 -21.80
C LEU E 196 -6.69 9.41 -21.03
N ASP E 197 -7.58 8.41 -21.23
CA ASP E 197 -7.58 7.04 -20.68
C ASP E 197 -7.09 6.93 -19.24
N PHE E 198 -7.81 7.62 -18.34
CA PHE E 198 -7.35 7.91 -16.98
C PHE E 198 -7.29 6.69 -16.05
N SER E 199 -7.56 5.48 -16.52
CA SER E 199 -7.32 4.28 -15.72
C SER E 199 -5.83 3.95 -15.63
N ASP E 200 -5.00 4.51 -16.51
CA ASP E 200 -3.56 4.23 -16.51
C ASP E 200 -2.74 5.48 -16.22
N LEU E 201 -3.32 6.47 -15.56
CA LEU E 201 -2.60 7.69 -15.20
C LEU E 201 -2.71 7.91 -13.70
N TYR E 202 -1.59 8.23 -13.08
CA TYR E 202 -1.52 8.54 -11.66
C TYR E 202 -1.31 10.03 -11.47
N TYR E 203 -1.13 10.42 -10.21
CA TYR E 203 -0.99 11.82 -9.83
C TYR E 203 0.16 11.91 -8.84
N LEU E 204 1.30 12.43 -9.30
CA LEU E 204 2.48 12.49 -8.46
C LEU E 204 2.43 13.71 -7.54
N THR E 205 3.15 13.61 -6.43
CA THR E 205 3.26 14.70 -5.46
C THR E 205 4.70 14.75 -4.98
N MET E 206 5.48 15.68 -5.51
CA MET E 206 6.87 15.85 -5.14
C MET E 206 7.19 17.33 -5.12
N ASN E 207 7.60 17.82 -3.94
CA ASN E 207 8.14 19.17 -3.73
C ASN E 207 7.12 20.25 -4.12
N ASN E 208 5.84 19.97 -3.84
CA ASN E 208 4.67 20.77 -4.26
C ASN E 208 4.65 20.98 -5.77
N LYS E 209 4.99 19.93 -6.52
CA LYS E 209 4.85 19.90 -7.96
C LYS E 209 4.20 18.57 -8.34
N HIS E 210 3.29 18.62 -9.32
CA HIS E 210 2.48 17.46 -9.63
C HIS E 210 2.51 17.17 -11.12
N TRP E 211 2.46 15.89 -11.45
CA TRP E 211 2.49 15.43 -12.83
C TRP E 211 1.37 14.44 -13.08
N LEU E 212 1.04 14.26 -14.36
CA LEU E 212 0.16 13.18 -14.79
C LEU E 212 1.02 11.99 -15.16
N VAL E 213 1.51 11.31 -14.13
CA VAL E 213 2.45 10.21 -14.28
C VAL E 213 1.71 8.97 -14.77
N HIS E 214 2.23 8.35 -15.82
CA HIS E 214 1.65 7.13 -16.35
C HIS E 214 1.85 5.97 -15.38
N LYS E 215 0.89 5.04 -15.38
CA LYS E 215 0.84 4.00 -14.35
C LYS E 215 1.92 2.95 -14.57
N GLU E 216 2.15 2.55 -15.82
CA GLU E 216 3.13 1.52 -16.11
C GLU E 216 4.56 2.03 -15.93
N TRP E 217 4.78 3.33 -16.05
CA TRP E 217 6.05 3.90 -15.66
C TRP E 217 6.17 3.95 -14.14
N PHE E 218 5.07 4.21 -13.45
CA PHE E 218 5.12 4.40 -12.01
C PHE E 218 5.29 3.09 -11.27
N HIS E 219 4.88 1.98 -11.87
CA HIS E 219 5.00 0.69 -11.21
C HIS E 219 6.38 0.08 -11.32
N ASP E 220 7.33 0.72 -12.00
CA ASP E 220 8.64 0.15 -12.23
C ASP E 220 9.75 1.10 -11.80
N ILE E 221 9.55 1.85 -10.72
CA ILE E 221 10.57 2.75 -10.19
C ILE E 221 11.40 1.99 -9.16
N PRO E 222 12.72 1.92 -9.32
CA PRO E 222 13.57 1.26 -8.31
C PRO E 222 13.95 2.19 -7.16
N LEU E 223 13.01 2.43 -6.27
CA LEU E 223 13.20 3.29 -5.12
C LEU E 223 12.52 2.66 -3.93
N PRO E 224 12.96 2.97 -2.70
CA PRO E 224 12.26 2.43 -1.53
C PRO E 224 10.88 3.05 -1.37
N TRP E 225 9.92 2.21 -1.00
CA TRP E 225 8.53 2.62 -0.99
C TRP E 225 7.76 1.87 0.08
N HIS E 226 6.66 2.47 0.52
CA HIS E 226 5.65 1.81 1.32
C HIS E 226 4.31 1.93 0.62
N ALA E 227 3.34 1.14 1.07
CA ALA E 227 2.08 0.99 0.35
C ALA E 227 1.12 2.15 0.53
N GLY E 228 1.45 3.14 1.37
CA GLY E 228 0.66 4.34 1.48
C GLY E 228 -0.40 4.32 2.55
N ALA E 229 -0.76 3.14 3.05
CA ALA E 229 -1.77 3.03 4.11
C ALA E 229 -1.10 2.99 5.47
N ASP E 230 -0.38 4.05 5.79
CA ASP E 230 0.38 4.11 7.02
C ASP E 230 0.47 5.56 7.48
N THR E 231 0.21 5.78 8.77
CA THR E 231 0.36 7.09 9.39
C THR E 231 1.40 7.04 10.52
N GLY E 232 2.42 6.19 10.36
CA GLY E 232 3.46 6.08 11.35
C GLY E 232 4.83 5.86 10.72
N THR E 233 5.56 4.86 11.22
CA THR E 233 6.83 4.49 10.63
C THR E 233 6.58 3.57 9.44
N PRO E 234 6.98 3.95 8.24
CA PRO E 234 6.72 3.11 7.07
C PRO E 234 7.64 1.90 7.03
N HIS E 235 7.17 0.86 6.32
CA HIS E 235 7.92 -0.39 6.25
C HIS E 235 9.13 -0.26 5.34
N TRP E 236 9.00 0.50 4.25
CA TRP E 236 10.03 0.77 3.24
C TRP E 236 10.56 -0.53 2.62
N ASN E 237 9.67 -1.14 1.83
CA ASN E 237 10.07 -2.26 0.98
C ASN E 237 11.13 -1.80 -0.02
N ASN E 238 12.07 -2.71 -0.30
CA ASN E 238 13.22 -2.53 -1.20
C ASN E 238 14.08 -1.33 -0.78
N LYS E 239 14.69 -1.48 0.40
CA LYS E 239 15.58 -0.46 0.93
C LYS E 239 16.96 -0.47 0.27
N GLU E 240 17.26 -1.49 -0.52
CA GLU E 240 18.60 -1.66 -1.09
C GLU E 240 18.82 -0.86 -2.36
N ALA E 241 17.92 0.05 -2.72
CA ALA E 241 18.08 0.85 -3.92
C ALA E 241 18.76 2.19 -3.66
N LEU E 242 18.99 2.55 -2.41
CA LEU E 242 19.66 3.79 -2.08
C LEU E 242 20.87 3.63 -1.19
N VAL E 243 21.16 2.42 -0.72
CA VAL E 243 22.34 2.16 0.07
C VAL E 243 23.32 1.32 -0.74
N GLU E 244 24.61 1.50 -0.44
CA GLU E 244 25.69 0.81 -1.16
C GLU E 244 26.66 0.23 -0.15
N PHE E 245 26.81 -1.09 -0.19
CA PHE E 245 27.71 -1.82 0.68
C PHE E 245 28.99 -2.12 -0.09
N LYS E 246 29.97 -1.24 0.07
CA LYS E 246 31.21 -1.28 -0.69
C LYS E 246 32.34 -1.84 0.15
N ASP E 247 32.98 -2.90 -0.32
CA ASP E 247 34.15 -3.46 0.34
C ASP E 247 35.36 -2.63 -0.09
N ALA E 248 36.03 -1.99 0.87
CA ALA E 248 37.14 -1.11 0.54
C ALA E 248 38.35 -1.88 0.03
N HIS E 249 38.92 -2.76 0.86
CA HIS E 249 40.07 -3.56 0.47
C HIS E 249 39.98 -4.96 1.07
N ALA E 250 38.74 -5.47 1.16
CA ALA E 250 38.37 -6.77 1.76
C ALA E 250 38.78 -6.87 3.23
N LYS E 251 38.87 -5.74 3.90
CA LYS E 251 39.14 -5.64 5.33
C LYS E 251 38.01 -4.98 6.10
N ARG E 252 37.28 -4.08 5.46
CA ARG E 252 36.22 -3.33 6.10
C ARG E 252 35.12 -3.01 5.10
N GLN E 253 33.87 -3.29 5.47
CA GLN E 253 32.72 -3.06 4.60
C GLN E 253 32.01 -1.80 5.09
N THR E 254 32.11 -0.73 4.32
CA THR E 254 31.43 0.52 4.63
C THR E 254 30.13 0.63 3.84
N VAL E 255 29.15 1.29 4.43
CA VAL E 255 27.86 1.49 3.80
C VAL E 255 27.60 2.99 3.74
N VAL E 256 27.36 3.50 2.54
CA VAL E 256 27.09 4.91 2.33
C VAL E 256 25.76 5.05 1.60
N VAL E 257 25.09 6.17 1.85
CA VAL E 257 23.83 6.42 1.18
C VAL E 257 24.09 6.98 -0.21
N LEU E 258 23.13 6.80 -1.10
CA LEU E 258 23.17 7.48 -2.37
C LEU E 258 22.59 8.88 -2.22
N GLY E 259 22.72 9.69 -3.26
CA GLY E 259 22.23 11.04 -3.22
C GLY E 259 20.71 11.11 -3.35
N SER E 260 20.21 12.33 -3.26
CA SER E 260 18.77 12.55 -3.40
C SER E 260 18.36 12.38 -4.85
N GLN E 261 17.31 11.59 -5.09
CA GLN E 261 16.88 11.25 -6.44
C GLN E 261 15.86 12.23 -7.00
N GLU E 262 15.88 13.48 -6.54
CA GLU E 262 14.92 14.46 -7.01
C GLU E 262 15.21 14.86 -8.45
N GLY E 263 16.45 15.23 -8.73
CA GLY E 263 16.84 15.53 -10.09
C GLY E 263 16.93 14.30 -10.98
N ALA E 264 17.16 13.14 -10.40
CA ALA E 264 17.21 11.91 -11.19
C ALA E 264 15.83 11.42 -11.58
N VAL E 265 14.78 11.89 -10.90
CA VAL E 265 13.43 11.55 -11.30
C VAL E 265 12.75 12.73 -12.01
N HIS E 266 13.29 13.95 -11.90
CA HIS E 266 12.82 15.04 -12.74
C HIS E 266 13.29 14.84 -14.18
N THR E 267 14.50 14.31 -14.37
CA THR E 267 14.97 13.95 -15.69
C THR E 267 14.36 12.65 -16.18
N ALA E 268 13.89 11.79 -15.27
CA ALA E 268 13.20 10.58 -15.69
C ALA E 268 11.74 10.85 -16.05
N LEU E 269 11.20 12.00 -15.65
CA LEU E 269 9.84 12.39 -15.98
C LEU E 269 9.78 13.21 -17.26
N ALA E 270 10.34 12.69 -18.34
CA ALA E 270 10.38 13.43 -19.59
C ALA E 270 9.15 13.18 -20.47
N GLY E 271 8.11 12.57 -19.93
CA GLY E 271 6.93 12.29 -20.71
C GLY E 271 5.63 12.63 -20.02
N ALA E 272 5.70 13.06 -18.76
CA ALA E 272 4.49 13.41 -18.04
C ALA E 272 4.09 14.86 -18.31
N LEU E 273 2.84 15.16 -18.01
CA LEU E 273 2.29 16.50 -18.16
C LEU E 273 2.13 17.12 -16.78
N GLU E 274 2.62 18.34 -16.62
CA GLU E 274 2.57 18.99 -15.31
C GLU E 274 1.16 19.48 -15.03
N ALA E 275 0.69 19.24 -13.81
CA ALA E 275 -0.61 19.67 -13.35
C ALA E 275 -0.44 20.47 -12.08
N GLU E 276 -1.53 21.07 -11.62
CA GLU E 276 -1.52 21.84 -10.39
C GLU E 276 -2.54 21.25 -9.41
N MET E 277 -2.52 21.77 -8.19
CA MET E 277 -3.37 21.23 -7.13
C MET E 277 -3.76 22.37 -6.22
N ASP E 278 -5.06 22.68 -6.17
CA ASP E 278 -5.58 23.80 -5.38
C ASP E 278 -6.24 23.31 -4.09
N GLY E 279 -5.67 22.28 -3.48
CA GLY E 279 -6.23 21.73 -2.26
C GLY E 279 -6.28 20.22 -2.32
N ALA E 280 -7.47 19.65 -2.16
CA ALA E 280 -7.67 18.22 -2.34
C ALA E 280 -8.07 17.85 -3.76
N LYS E 281 -8.25 18.83 -4.63
CA LYS E 281 -8.66 18.61 -6.00
C LYS E 281 -7.49 18.85 -6.94
N GLY E 282 -7.43 18.06 -8.00
CA GLY E 282 -6.36 18.22 -8.97
C GLY E 282 -6.82 18.89 -10.25
N ARG E 283 -6.47 20.16 -10.42
CA ARG E 283 -6.77 20.88 -11.65
C ARG E 283 -5.73 20.51 -12.71
N LEU E 284 -6.20 20.06 -13.86
CA LEU E 284 -5.32 19.73 -14.97
C LEU E 284 -5.25 20.89 -15.94
N SER E 285 -4.31 20.78 -16.88
CA SER E 285 -4.18 21.77 -17.96
C SER E 285 -4.02 21.09 -19.30
N SER E 286 -4.57 19.88 -19.43
CA SER E 286 -4.39 19.09 -20.65
C SER E 286 -5.55 18.12 -20.77
N GLY E 287 -5.65 17.50 -21.94
CA GLY E 287 -6.65 16.48 -22.21
C GLY E 287 -7.53 16.88 -23.37
N HIS E 288 -8.60 16.11 -23.55
CA HIS E 288 -9.58 16.37 -24.60
C HIS E 288 -10.90 15.75 -24.20
N LEU E 289 -11.98 16.32 -24.70
CA LEU E 289 -13.32 15.81 -24.45
C LEU E 289 -13.91 15.23 -25.73
N LYS E 290 -15.16 14.78 -25.62
CA LYS E 290 -15.87 14.19 -26.75
C LYS E 290 -17.35 14.56 -26.55
N CYS E 291 -17.79 15.61 -27.24
CA CYS E 291 -19.11 16.18 -27.00
C CYS E 291 -19.90 16.25 -28.30
N ARG E 292 -21.18 15.92 -28.21
CA ARG E 292 -22.13 16.16 -29.30
C ARG E 292 -22.97 17.37 -28.94
N LEU E 293 -23.09 18.31 -29.88
CA LEU E 293 -23.72 19.59 -29.63
C LEU E 293 -25.14 19.57 -30.18
N LYS E 294 -26.13 19.36 -29.30
CA LYS E 294 -27.53 19.53 -29.68
C LYS E 294 -27.82 21.01 -29.87
N MET E 295 -28.02 21.42 -31.12
CA MET E 295 -28.20 22.82 -31.46
C MET E 295 -29.63 23.13 -31.86
N ASP E 296 -30.58 22.30 -31.46
CA ASP E 296 -31.96 22.48 -31.88
C ASP E 296 -32.66 23.60 -31.13
N LYS E 297 -32.22 23.89 -29.90
CA LYS E 297 -32.84 24.93 -29.10
C LYS E 297 -32.12 26.27 -29.16
N LEU E 298 -30.97 26.33 -29.84
CA LEU E 298 -30.23 27.58 -29.97
C LEU E 298 -30.92 28.44 -31.01
N ARG E 299 -31.52 29.55 -30.57
CA ARG E 299 -32.20 30.47 -31.46
C ARG E 299 -31.43 31.78 -31.56
N LEU E 300 -31.74 32.54 -32.61
CA LEU E 300 -31.04 33.78 -32.92
C LEU E 300 -31.83 34.98 -32.39
N LYS E 301 -31.15 35.81 -31.62
CA LYS E 301 -31.78 36.98 -30.99
C LYS E 301 -31.47 38.23 -31.80
N GLY E 302 -32.50 39.02 -32.09
CA GLY E 302 -32.33 40.29 -32.75
C GLY E 302 -32.63 40.30 -34.23
N VAL E 303 -33.41 39.34 -34.74
CA VAL E 303 -33.74 39.34 -36.15
C VAL E 303 -34.85 40.34 -36.45
N SER E 304 -35.71 40.60 -35.48
CA SER E 304 -36.84 41.52 -35.67
C SER E 304 -36.46 42.98 -35.51
N TYR E 305 -35.21 43.28 -35.17
CA TYR E 305 -34.79 44.67 -34.97
C TYR E 305 -34.62 45.38 -36.31
N SER E 306 -34.72 46.69 -36.27
CA SER E 306 -34.54 47.51 -37.45
C SER E 306 -33.05 47.83 -37.65
N LEU E 307 -32.75 48.45 -38.78
CA LEU E 307 -31.38 48.87 -39.08
C LEU E 307 -31.00 50.11 -38.28
N CYS E 308 -29.72 50.38 -38.24
CA CYS E 308 -29.22 51.63 -37.70
C CYS E 308 -29.48 52.75 -38.70
N THR E 309 -29.59 53.98 -38.19
CA THR E 309 -29.86 55.10 -39.08
C THR E 309 -28.59 55.55 -39.81
N ALA E 310 -27.60 56.02 -39.06
CA ALA E 310 -26.35 56.52 -39.62
C ALA E 310 -25.30 56.58 -38.53
N ALA E 311 -24.17 57.21 -38.84
CA ALA E 311 -23.13 57.66 -37.92
C ALA E 311 -22.47 56.49 -37.17
N PHE E 312 -21.74 55.68 -37.93
CA PHE E 312 -20.81 54.73 -37.37
C PHE E 312 -19.42 55.36 -37.30
N THR E 313 -18.63 54.92 -36.32
CA THR E 313 -17.31 55.50 -36.09
C THR E 313 -16.30 54.36 -35.92
N PHE E 314 -15.16 54.49 -36.59
CA PHE E 314 -14.15 53.45 -36.62
C PHE E 314 -13.13 53.67 -35.50
N THR E 315 -13.36 53.02 -34.37
CA THR E 315 -12.39 52.91 -33.30
C THR E 315 -11.92 51.47 -33.22
N LYS E 316 -10.72 51.29 -32.65
CA LYS E 316 -10.00 50.03 -32.51
C LYS E 316 -9.82 49.33 -33.86
N ILE E 317 -8.93 49.94 -34.66
CA ILE E 317 -8.49 49.56 -36.01
C ILE E 317 -8.27 48.06 -36.19
N PRO E 318 -8.93 47.43 -37.16
CA PRO E 318 -9.01 45.96 -37.20
C PRO E 318 -7.72 45.27 -37.63
N ALA E 319 -7.53 44.06 -37.13
CA ALA E 319 -6.36 43.25 -37.42
C ALA E 319 -6.78 41.81 -37.68
N GLU E 320 -5.86 41.02 -38.23
CA GLU E 320 -6.10 39.64 -38.60
C GLU E 320 -5.72 38.68 -37.47
N THR E 321 -6.66 37.83 -37.08
CA THR E 321 -6.45 36.92 -35.94
C THR E 321 -5.93 35.56 -36.39
N LEU E 322 -4.82 35.56 -37.13
CA LEU E 322 -3.93 34.43 -37.42
C LEU E 322 -4.61 33.26 -38.14
N HIS E 323 -5.81 33.45 -38.66
CA HIS E 323 -6.51 32.42 -39.40
C HIS E 323 -7.20 32.94 -40.64
N GLY E 324 -7.31 34.25 -40.81
CA GLY E 324 -8.07 34.83 -41.88
C GLY E 324 -9.28 35.62 -41.41
N THR E 325 -9.69 35.48 -40.15
CA THR E 325 -10.81 36.25 -39.64
C THR E 325 -10.33 37.60 -39.13
N VAL E 326 -11.14 38.63 -39.36
CA VAL E 326 -10.81 40.00 -39.01
C VAL E 326 -11.73 40.45 -37.89
N THR E 327 -11.18 40.67 -36.71
CA THR E 327 -11.95 41.23 -35.60
C THR E 327 -12.12 42.72 -35.83
N VAL E 328 -13.35 43.15 -36.09
CA VAL E 328 -13.65 44.53 -36.42
C VAL E 328 -14.49 45.14 -35.30
N GLU E 329 -13.98 46.20 -34.69
CA GLU E 329 -14.68 46.93 -33.65
C GLU E 329 -15.26 48.21 -34.20
N VAL E 330 -16.47 48.55 -33.77
CA VAL E 330 -17.12 49.80 -34.16
C VAL E 330 -17.59 50.53 -32.90
N GLN E 331 -17.83 51.83 -33.06
CA GLN E 331 -18.46 52.65 -32.03
C GLN E 331 -19.67 53.30 -32.68
N TYR E 332 -20.84 52.69 -32.51
CA TYR E 332 -22.05 53.22 -33.13
C TYR E 332 -22.53 54.45 -32.38
N ALA E 333 -22.73 55.54 -33.11
CA ALA E 333 -23.20 56.81 -32.55
C ALA E 333 -24.64 56.99 -32.99
N GLY E 334 -25.58 56.69 -32.11
CA GLY E 334 -26.98 56.86 -32.41
C GLY E 334 -27.83 56.41 -31.24
N THR E 335 -29.07 56.89 -31.24
CA THR E 335 -30.00 56.65 -30.14
C THR E 335 -31.14 55.71 -30.56
N ASP E 336 -30.82 54.71 -31.38
CA ASP E 336 -31.85 53.74 -31.76
C ASP E 336 -32.04 52.67 -30.69
N GLY E 337 -31.00 52.37 -29.92
CA GLY E 337 -31.08 51.33 -28.92
C GLY E 337 -30.93 49.96 -29.53
N PRO E 338 -32.01 49.17 -29.52
CA PRO E 338 -31.96 47.84 -30.16
C PRO E 338 -32.02 47.93 -31.68
N CYS E 339 -30.88 48.20 -32.29
CA CYS E 339 -30.76 48.30 -33.74
C CYS E 339 -29.84 47.21 -34.25
N LYS E 340 -29.85 47.02 -35.57
CA LYS E 340 -29.09 45.96 -36.23
C LYS E 340 -28.06 46.60 -37.15
N VAL E 341 -26.80 46.24 -36.96
CA VAL E 341 -25.70 46.77 -37.76
C VAL E 341 -25.65 46.05 -39.09
N PRO E 342 -25.78 46.75 -40.22
CA PRO E 342 -25.72 46.06 -41.52
C PRO E 342 -24.29 45.91 -42.01
N ALA E 343 -23.55 45.06 -41.30
CA ALA E 343 -22.16 44.82 -41.62
C ALA E 343 -22.04 43.72 -42.67
N GLN E 344 -21.16 43.95 -43.64
CA GLN E 344 -20.94 42.97 -44.70
C GLN E 344 -19.57 43.20 -45.29
N MET E 345 -19.06 42.14 -45.91
CA MET E 345 -17.84 42.21 -46.69
C MET E 345 -18.20 42.38 -48.14
N ALA E 346 -17.34 43.08 -48.89
CA ALA E 346 -17.67 43.40 -50.26
C ALA E 346 -16.38 43.57 -51.04
N VAL E 347 -16.33 42.90 -52.18
CA VAL E 347 -15.32 43.14 -53.20
C VAL E 347 -15.97 43.98 -54.28
N ASP E 348 -15.25 45.01 -54.72
CA ASP E 348 -15.66 45.99 -55.72
C ASP E 348 -16.95 46.73 -55.31
N MET E 349 -16.79 47.55 -54.27
CA MET E 349 -17.85 48.14 -53.47
C MET E 349 -18.86 49.04 -54.18
N GLN E 350 -18.66 49.34 -55.48
CA GLN E 350 -19.68 50.06 -56.25
C GLN E 350 -20.93 49.22 -56.52
N THR E 351 -20.85 47.90 -56.36
CA THR E 351 -22.00 47.02 -56.52
C THR E 351 -22.57 46.58 -55.18
N LEU E 352 -21.72 46.51 -54.16
CA LEU E 352 -22.07 46.23 -52.76
C LEU E 352 -22.70 44.85 -52.61
N THR E 353 -22.08 43.87 -53.25
CA THR E 353 -22.53 42.49 -53.17
C THR E 353 -21.86 41.79 -52.00
N PRO E 354 -22.61 41.17 -51.11
CA PRO E 354 -21.98 40.41 -50.01
C PRO E 354 -21.35 39.13 -50.54
N VAL E 355 -20.04 39.01 -50.38
CA VAL E 355 -19.25 37.92 -50.92
C VAL E 355 -18.60 37.10 -49.81
N GLY E 356 -17.95 37.77 -48.87
CA GLY E 356 -17.31 37.06 -47.79
C GLY E 356 -18.31 36.75 -46.70
N ARG E 357 -18.11 35.60 -46.04
CA ARG E 357 -19.08 35.20 -45.05
C ARG E 357 -18.83 35.94 -43.74
N LEU E 358 -19.82 35.85 -42.85
CA LEU E 358 -19.85 36.61 -41.62
C LEU E 358 -19.87 35.64 -40.44
N ILE E 359 -18.99 35.88 -39.47
CA ILE E 359 -18.91 35.00 -38.32
C ILE E 359 -19.99 35.33 -37.30
N THR E 360 -19.99 36.57 -36.81
CA THR E 360 -20.97 37.01 -35.84
C THR E 360 -22.31 37.22 -36.54
N ALA E 361 -23.16 36.21 -36.48
CA ALA E 361 -24.46 36.29 -37.14
C ALA E 361 -25.40 37.21 -36.38
N ASN E 362 -26.08 38.09 -37.13
CA ASN E 362 -27.01 39.13 -36.68
C ASN E 362 -26.40 40.04 -35.61
N PRO E 363 -25.50 40.97 -35.97
CA PRO E 363 -24.90 41.85 -34.96
C PRO E 363 -25.89 42.87 -34.43
N VAL E 364 -25.97 42.97 -33.11
CA VAL E 364 -27.04 43.71 -32.43
C VAL E 364 -26.42 44.69 -31.44
N ILE E 365 -26.76 45.97 -31.58
CA ILE E 365 -26.50 46.94 -30.53
C ILE E 365 -27.59 46.82 -29.46
N THR E 366 -27.19 46.74 -28.20
CA THR E 366 -28.14 46.58 -27.10
C THR E 366 -28.35 47.87 -26.32
N GLU E 367 -27.27 48.61 -26.04
CA GLU E 367 -27.36 49.80 -25.19
C GLU E 367 -28.06 50.95 -25.91
N SER E 368 -28.92 51.65 -25.17
CA SER E 368 -29.69 52.76 -25.72
C SER E 368 -28.98 54.10 -25.60
N THR E 369 -27.69 54.10 -25.27
CA THR E 369 -26.96 55.35 -25.11
C THR E 369 -26.51 55.88 -26.47
N GLU E 370 -25.78 56.98 -26.44
CA GLU E 370 -25.28 57.60 -27.67
C GLU E 370 -24.09 56.83 -28.23
N ASN E 371 -23.03 56.68 -27.43
CA ASN E 371 -21.83 55.98 -27.84
C ASN E 371 -21.95 54.53 -27.41
N SER E 372 -22.01 53.63 -28.39
CA SER E 372 -22.21 52.21 -28.13
C SER E 372 -21.20 51.41 -28.93
N LYS E 373 -20.39 50.62 -28.24
CA LYS E 373 -19.39 49.79 -28.89
C LYS E 373 -19.96 48.44 -29.30
N MET E 374 -19.30 47.80 -30.25
CA MET E 374 -19.64 46.46 -30.68
C MET E 374 -18.38 45.79 -31.20
N MET E 375 -18.30 44.46 -31.01
CA MET E 375 -17.14 43.67 -31.40
C MET E 375 -17.59 42.60 -32.39
N LEU E 376 -17.15 42.72 -33.63
CA LEU E 376 -17.59 41.84 -34.70
C LEU E 376 -16.45 40.93 -35.12
N GLU E 377 -16.73 40.08 -36.10
CA GLU E 377 -15.73 39.18 -36.67
C GLU E 377 -16.17 38.85 -38.08
N LEU E 378 -15.31 39.11 -39.06
CA LEU E 378 -15.65 38.89 -40.46
C LEU E 378 -14.49 38.19 -41.14
N ASP E 379 -14.83 37.34 -42.12
CA ASP E 379 -13.82 36.60 -42.88
C ASP E 379 -13.87 36.97 -44.35
N PRO E 380 -12.86 37.65 -44.89
CA PRO E 380 -12.88 38.05 -46.28
C PRO E 380 -12.48 36.89 -47.18
N PRO E 381 -12.78 36.98 -48.48
CA PRO E 381 -12.17 36.05 -49.44
C PRO E 381 -10.73 36.44 -49.75
N PHE E 382 -10.06 35.55 -50.47
CA PHE E 382 -8.66 35.72 -50.79
C PHE E 382 -8.54 36.73 -51.91
N GLY E 383 -8.03 37.90 -51.59
CA GLY E 383 -7.91 38.99 -52.52
C GLY E 383 -8.26 40.28 -51.83
N ASP E 384 -8.48 41.30 -52.65
CA ASP E 384 -8.86 42.61 -52.15
C ASP E 384 -10.33 42.61 -51.71
N SER E 385 -10.61 43.25 -50.58
CA SER E 385 -11.97 43.30 -50.06
C SER E 385 -12.16 44.51 -49.17
N TYR E 386 -13.42 44.95 -49.07
CA TYR E 386 -13.77 46.11 -48.26
C TYR E 386 -14.70 45.69 -47.12
N ILE E 387 -14.60 46.39 -45.99
CA ILE E 387 -15.44 46.11 -44.83
C ILE E 387 -16.50 47.20 -44.70
N VAL E 388 -17.68 46.96 -45.26
CA VAL E 388 -18.78 47.93 -45.19
C VAL E 388 -19.58 47.67 -43.92
N ILE E 389 -19.51 48.61 -42.98
CA ILE E 389 -20.16 48.46 -41.67
C ILE E 389 -21.21 49.54 -41.46
N GLY E 390 -21.83 50.00 -42.54
CA GLY E 390 -22.79 51.09 -42.40
C GLY E 390 -23.84 51.07 -43.48
N VAL E 391 -24.75 52.03 -43.39
CA VAL E 391 -25.89 52.12 -44.29
C VAL E 391 -26.01 53.57 -44.79
N GLY E 392 -26.03 53.73 -46.11
CA GLY E 392 -26.21 55.03 -46.73
C GLY E 392 -24.92 55.73 -47.09
N GLU E 393 -24.87 57.05 -46.89
CA GLU E 393 -23.68 57.81 -47.21
C GLU E 393 -22.71 57.89 -46.03
N LYS E 394 -23.17 57.59 -44.81
CA LYS E 394 -22.33 57.68 -43.63
C LYS E 394 -21.72 56.35 -43.23
N LYS E 395 -21.57 55.45 -44.19
CA LYS E 395 -20.87 54.20 -43.94
C LYS E 395 -19.37 54.43 -43.91
N ILE E 396 -18.69 53.57 -43.16
CA ILE E 396 -17.23 53.57 -43.06
C ILE E 396 -16.74 52.25 -43.63
N THR E 397 -15.87 52.32 -44.62
CA THR E 397 -15.33 51.15 -45.26
C THR E 397 -13.87 50.96 -44.87
N HIS E 398 -13.33 49.78 -45.14
CA HIS E 398 -11.97 49.50 -44.73
C HIS E 398 -11.32 48.57 -45.74
N HIS E 399 -10.21 49.02 -46.32
CA HIS E 399 -9.46 48.22 -47.27
C HIS E 399 -8.75 47.06 -46.59
N TRP E 400 -9.16 45.83 -46.88
CA TRP E 400 -8.58 44.67 -46.23
C TRP E 400 -8.15 43.67 -47.28
N HIS E 401 -7.00 43.03 -47.05
CA HIS E 401 -6.46 42.05 -47.99
C HIS E 401 -5.97 40.83 -47.22
N ARG E 402 -6.71 39.74 -47.30
CA ARG E 402 -6.31 38.49 -46.66
C ARG E 402 -5.28 37.82 -47.55
N SER E 403 -4.04 37.74 -47.06
CA SER E 403 -2.95 37.17 -47.84
C SER E 403 -3.06 35.66 -47.87
N GLY E 404 -3.19 35.09 -49.05
CA GLY E 404 -3.28 33.66 -49.22
C GLY E 404 -4.05 33.32 -50.47
N SER E 405 -4.50 32.08 -50.53
CA SER E 405 -5.27 31.57 -51.65
C SER E 405 -6.13 30.41 -51.15
N THR E 406 -6.90 29.83 -52.06
CA THR E 406 -7.75 28.70 -51.69
C THR E 406 -6.93 27.43 -51.49
N ILE E 407 -5.95 27.19 -52.36
CA ILE E 407 -5.15 25.97 -52.24
C ILE E 407 -4.19 26.08 -51.05
N GLY E 408 -3.76 27.30 -50.69
CA GLY E 408 -3.02 27.49 -49.45
C GLY E 408 -3.86 27.26 -48.21
N LYS E 409 -5.14 27.67 -48.27
CA LYS E 409 -6.10 27.33 -47.21
C LYS E 409 -6.29 25.83 -47.06
N ALA E 410 -6.40 25.11 -48.18
CA ALA E 410 -6.56 23.66 -48.12
C ALA E 410 -5.29 22.97 -47.63
N PHE E 411 -4.11 23.50 -47.96
CA PHE E 411 -2.86 22.93 -47.46
C PHE E 411 -2.70 23.17 -45.97
N GLU E 412 -3.08 24.37 -45.49
CA GLU E 412 -3.06 24.63 -44.05
C GLU E 412 -4.09 23.81 -43.31
N ALA E 413 -5.24 23.54 -43.93
CA ALA E 413 -6.23 22.65 -43.33
C ALA E 413 -5.74 21.21 -43.29
N THR E 414 -4.95 20.79 -44.29
CA THR E 414 -4.36 19.46 -44.26
C THR E 414 -3.30 19.34 -43.16
N VAL E 415 -2.52 20.40 -42.95
CA VAL E 415 -1.55 20.42 -41.86
C VAL E 415 -2.25 20.41 -40.50
N ARG E 416 -3.35 21.15 -40.39
CA ARG E 416 -4.12 21.18 -39.14
C ARG E 416 -4.82 19.86 -38.87
N GLY E 417 -5.31 19.20 -39.92
CA GLY E 417 -5.88 17.87 -39.76
C GLY E 417 -4.85 16.81 -39.40
N ALA E 418 -3.62 16.94 -39.93
CA ALA E 418 -2.56 16.02 -39.55
C ALA E 418 -2.13 16.20 -38.10
N LYS E 419 -2.08 17.46 -37.63
CA LYS E 419 -1.77 17.69 -36.22
C LYS E 419 -2.91 17.24 -35.31
N ARG E 420 -4.16 17.42 -35.76
CA ARG E 420 -5.31 16.97 -35.01
C ARG E 420 -5.38 15.45 -34.94
N MET E 421 -4.92 14.77 -35.98
CA MET E 421 -4.85 13.31 -35.95
C MET E 421 -3.69 12.83 -35.08
N ALA E 422 -2.57 13.56 -35.09
CA ALA E 422 -1.43 13.18 -34.27
C ALA E 422 -1.65 13.42 -32.79
N VAL E 423 -2.53 14.35 -32.43
CA VAL E 423 -2.84 14.59 -31.02
C VAL E 423 -3.93 13.64 -30.51
N LEU E 424 -5.06 13.59 -31.21
CA LEU E 424 -6.19 12.81 -30.71
C LEU E 424 -6.09 11.34 -31.06
N GLY E 425 -5.67 11.03 -32.27
CA GLY E 425 -5.65 9.63 -32.73
C GLY E 425 -6.99 9.23 -33.36
N ASP E 426 -7.75 8.39 -32.64
CA ASP E 426 -8.99 7.86 -33.19
C ASP E 426 -10.10 8.90 -33.17
N THR E 427 -10.10 9.81 -32.20
CA THR E 427 -11.21 10.73 -32.03
C THR E 427 -11.16 11.91 -32.99
N ALA E 428 -10.11 12.03 -33.80
CA ALA E 428 -9.98 13.16 -34.72
C ALA E 428 -10.92 13.08 -35.91
N TRP E 429 -11.53 11.93 -36.16
CA TRP E 429 -12.53 11.85 -37.21
C TRP E 429 -13.88 12.40 -36.79
N ASP E 430 -14.09 12.66 -35.50
CA ASP E 430 -15.33 13.18 -34.98
C ASP E 430 -15.19 14.63 -34.54
N PHE E 431 -14.43 15.41 -35.31
CA PHE E 431 -14.24 16.81 -35.00
C PHE E 431 -15.22 17.71 -35.73
N GLY E 432 -15.59 17.34 -36.96
CA GLY E 432 -16.60 18.09 -37.69
C GLY E 432 -17.58 17.16 -38.37
N SER E 433 -17.72 15.95 -37.83
CA SER E 433 -18.58 14.94 -38.43
C SER E 433 -20.03 15.21 -38.11
N VAL E 434 -20.88 15.16 -39.13
CA VAL E 434 -22.32 15.28 -38.95
C VAL E 434 -23.00 13.91 -38.97
N GLY E 435 -22.24 12.84 -39.01
CA GLY E 435 -22.81 11.51 -39.07
C GLY E 435 -22.90 11.00 -40.50
N GLY E 436 -22.05 10.06 -40.86
CA GLY E 436 -22.07 9.55 -42.21
C GLY E 436 -21.43 8.19 -42.29
N ALA E 437 -21.30 7.70 -43.52
CA ALA E 437 -20.70 6.41 -43.79
C ALA E 437 -19.21 6.51 -44.08
N LEU E 438 -18.63 7.69 -43.99
CA LEU E 438 -17.20 7.88 -44.18
C LEU E 438 -16.48 8.38 -42.95
N ASN E 439 -17.16 9.12 -42.07
CA ASN E 439 -16.58 9.53 -40.79
C ASN E 439 -16.75 8.48 -39.71
N SER E 440 -17.48 7.40 -39.99
CA SER E 440 -17.57 6.27 -39.07
C SER E 440 -16.89 5.02 -39.60
N LEU E 441 -16.66 4.93 -40.92
CA LEU E 441 -15.80 3.89 -41.46
C LEU E 441 -14.34 4.28 -41.33
N GLY E 442 -14.03 5.56 -41.60
CA GLY E 442 -12.68 6.05 -41.41
C GLY E 442 -12.25 6.04 -39.96
N LYS E 443 -13.17 6.35 -39.04
CA LYS E 443 -12.87 6.26 -37.62
C LYS E 443 -12.70 4.81 -37.17
N GLY E 444 -13.43 3.88 -37.80
CA GLY E 444 -13.26 2.48 -37.47
C GLY E 444 -11.94 1.91 -37.94
N ILE E 445 -11.54 2.23 -39.18
CA ILE E 445 -10.26 1.74 -39.69
C ILE E 445 -9.10 2.46 -39.00
N HIS E 446 -9.29 3.69 -38.55
CA HIS E 446 -8.27 4.35 -37.75
C HIS E 446 -8.22 3.78 -36.34
N GLN E 447 -9.34 3.30 -35.81
CA GLN E 447 -9.31 2.59 -34.53
C GLN E 447 -8.60 1.26 -34.64
N ILE E 448 -8.77 0.56 -35.77
CA ILE E 448 -8.02 -0.67 -36.02
C ILE E 448 -6.53 -0.39 -36.16
N PHE E 449 -6.17 0.68 -36.88
CA PHE E 449 -4.77 1.08 -37.02
C PHE E 449 -4.17 1.54 -35.69
N GLY E 450 -4.95 2.23 -34.85
CA GLY E 450 -4.45 2.65 -33.56
C GLY E 450 -4.28 1.51 -32.58
N ALA E 451 -5.20 0.53 -32.61
CA ALA E 451 -5.04 -0.65 -31.77
C ALA E 451 -3.95 -1.57 -32.28
N ALA E 452 -3.59 -1.49 -33.56
CA ALA E 452 -2.50 -2.29 -34.09
C ALA E 452 -1.17 -1.56 -34.07
N PHE E 453 -1.16 -0.25 -33.83
CA PHE E 453 0.07 0.53 -33.75
C PHE E 453 0.49 0.84 -32.32
N LYS E 454 -0.45 1.23 -31.46
CA LYS E 454 -0.12 1.55 -30.08
C LYS E 454 0.21 0.31 -29.26
N SER E 455 -0.23 -0.86 -29.70
CA SER E 455 0.18 -2.11 -29.07
C SER E 455 1.49 -2.65 -29.64
N LEU E 456 1.79 -2.34 -30.91
CA LEU E 456 2.99 -2.89 -31.53
C LEU E 456 4.23 -2.12 -31.11
N PHE E 457 4.31 -0.84 -31.48
CA PHE E 457 5.48 -0.04 -31.08
C PHE E 457 5.29 0.52 -29.68
N GLY E 458 4.36 1.46 -29.50
CA GLY E 458 3.86 1.90 -28.21
C GLY E 458 4.78 2.50 -27.16
N GLY E 459 6.08 2.54 -27.42
CA GLY E 459 7.05 2.91 -26.40
C GLY E 459 8.24 3.67 -26.95
N MET E 460 8.13 4.14 -28.18
CA MET E 460 9.22 4.86 -28.80
C MET E 460 9.25 6.31 -28.35
N SER E 461 10.45 6.84 -28.16
CA SER E 461 10.67 8.22 -27.76
C SER E 461 10.61 9.11 -28.98
N TRP E 462 10.96 10.39 -28.82
CA TRP E 462 10.92 11.30 -29.95
C TRP E 462 12.08 11.03 -30.90
N PHE E 463 13.25 10.71 -30.36
CA PHE E 463 14.40 10.44 -31.22
C PHE E 463 14.33 9.04 -31.83
N SER E 464 13.85 8.05 -31.06
CA SER E 464 13.80 6.68 -31.54
C SER E 464 12.75 6.49 -32.62
N GLN E 465 11.72 7.35 -32.63
CA GLN E 465 10.73 7.32 -33.69
C GLN E 465 11.36 7.71 -35.03
N ILE E 466 12.17 8.76 -35.04
CA ILE E 466 12.86 9.16 -36.26
C ILE E 466 13.98 8.16 -36.60
N LEU E 467 14.55 7.52 -35.59
CA LEU E 467 15.60 6.53 -35.81
C LEU E 467 15.07 5.26 -36.48
N ILE E 468 13.88 4.80 -36.07
CA ILE E 468 13.28 3.68 -36.78
C ILE E 468 12.59 4.13 -38.05
N GLY E 469 12.24 5.42 -38.17
CA GLY E 469 11.69 5.93 -39.40
C GLY E 469 12.71 6.01 -40.52
N THR E 470 13.98 6.26 -40.17
CA THR E 470 15.04 6.20 -41.18
C THR E 470 15.24 4.79 -41.69
N LEU E 471 15.14 3.79 -40.80
CA LEU E 471 15.25 2.40 -41.21
C LEU E 471 14.08 1.96 -42.08
N LEU E 472 12.87 2.39 -41.72
CA LEU E 472 11.70 2.09 -42.55
C LEU E 472 11.73 2.87 -43.86
N MET E 473 12.37 4.04 -43.88
CA MET E 473 12.56 4.78 -45.13
C MET E 473 13.53 4.05 -46.06
N TRP E 474 14.61 3.50 -45.51
CA TRP E 474 15.55 2.75 -46.33
C TRP E 474 14.97 1.41 -46.77
N LEU E 475 14.09 0.83 -45.96
CA LEU E 475 13.38 -0.38 -46.38
C LEU E 475 12.24 -0.09 -47.34
N GLY E 476 11.78 1.15 -47.41
CA GLY E 476 10.79 1.51 -48.42
C GLY E 476 11.46 1.89 -49.72
N LEU E 477 12.68 2.40 -49.65
CA LEU E 477 13.43 2.73 -50.85
C LEU E 477 14.07 1.52 -51.52
N ASN E 478 14.03 0.36 -50.90
CA ASN E 478 14.55 -0.88 -51.50
C ASN E 478 13.54 -1.98 -51.24
N THR E 479 13.98 -3.21 -51.54
CA THR E 479 13.19 -4.46 -51.43
C THR E 479 11.90 -4.37 -52.25
N LYS E 480 12.10 -4.32 -53.57
CA LYS E 480 11.01 -4.17 -54.53
C LYS E 480 10.20 -5.45 -54.55
N ASN E 481 9.05 -5.44 -53.87
CA ASN E 481 8.17 -6.58 -53.76
C ASN E 481 6.77 -6.06 -53.48
N GLY E 482 5.86 -6.96 -53.09
CA GLY E 482 4.51 -6.55 -52.77
C GLY E 482 4.36 -5.87 -51.43
N SER E 483 5.33 -6.06 -50.53
CA SER E 483 5.28 -5.45 -49.21
C SER E 483 5.99 -4.10 -49.17
N ILE E 484 5.62 -3.22 -50.10
CA ILE E 484 6.19 -1.88 -50.13
C ILE E 484 5.26 -0.84 -49.52
N SER E 485 3.97 -1.17 -49.33
CA SER E 485 3.06 -0.25 -48.67
C SER E 485 3.17 -0.34 -47.15
N LEU E 486 3.61 -1.50 -46.64
CA LEU E 486 3.88 -1.62 -45.21
C LEU E 486 5.09 -0.81 -44.79
N MET E 487 6.03 -0.59 -45.71
CA MET E 487 7.21 0.21 -45.43
C MET E 487 7.00 1.69 -45.70
N CYS E 488 5.83 2.08 -46.18
CA CYS E 488 5.50 3.47 -46.42
C CYS E 488 4.38 4.00 -45.53
N LEU E 489 3.45 3.14 -45.12
CA LEU E 489 2.42 3.56 -44.17
C LEU E 489 3.01 3.69 -42.77
N ALA E 490 3.80 2.72 -42.35
CA ALA E 490 4.49 2.77 -41.07
C ALA E 490 5.72 3.67 -41.08
N LEU E 491 6.08 4.22 -42.23
CA LEU E 491 7.10 5.26 -42.30
C LEU E 491 6.48 6.63 -42.01
N GLY E 492 5.42 6.98 -42.74
CA GLY E 492 4.77 8.26 -42.53
C GLY E 492 4.03 8.35 -41.21
N GLY E 493 3.42 7.23 -40.78
CA GLY E 493 2.72 7.18 -39.50
C GLY E 493 3.61 7.31 -38.28
N VAL E 494 4.93 7.19 -38.45
CA VAL E 494 5.87 7.46 -37.38
C VAL E 494 6.57 8.81 -37.59
N LEU E 495 6.84 9.18 -38.85
CA LEU E 495 7.56 10.42 -39.13
C LEU E 495 6.70 11.65 -38.85
N ILE E 496 5.43 11.63 -39.25
CA ILE E 496 4.55 12.76 -38.96
C ILE E 496 4.17 12.74 -37.48
N PHE E 497 4.17 11.55 -36.86
CA PHE E 497 3.96 11.45 -35.43
C PHE E 497 5.11 12.05 -34.63
N LEU E 498 6.32 12.01 -35.17
CA LEU E 498 7.49 12.51 -34.47
C LEU E 498 7.90 13.92 -34.86
N SER E 499 7.48 14.41 -36.03
CA SER E 499 7.92 15.71 -36.50
C SER E 499 6.91 16.81 -36.21
N THR E 500 5.69 16.47 -35.83
CA THR E 500 4.66 17.47 -35.55
C THR E 500 4.68 17.82 -34.05
N ALA E 501 5.77 18.47 -33.66
CA ALA E 501 5.96 18.87 -32.27
C ALA E 501 6.47 20.30 -32.20
N ILE F 1 43.88 -61.41 21.21
CA ILE F 1 43.63 -60.52 22.34
C ILE F 1 43.28 -59.13 21.82
N ARG F 2 42.01 -58.76 22.03
CA ARG F 2 41.31 -57.52 21.66
C ARG F 2 41.03 -57.39 20.18
N CYS F 3 41.55 -58.31 19.37
CA CYS F 3 41.25 -58.34 17.94
C CYS F 3 41.01 -59.76 17.44
N ILE F 4 41.07 -60.77 18.33
CA ILE F 4 41.05 -62.16 17.90
C ILE F 4 39.65 -62.66 17.56
N GLY F 5 38.61 -61.92 17.90
CA GLY F 5 37.25 -62.37 17.66
C GLY F 5 36.52 -61.58 16.60
N VAL F 6 37.09 -60.44 16.21
CA VAL F 6 36.46 -59.57 15.23
C VAL F 6 36.71 -60.12 13.84
N SER F 7 35.65 -60.17 13.03
CA SER F 7 35.74 -60.75 11.69
C SER F 7 36.45 -59.85 10.69
N ASN F 8 36.66 -58.58 11.03
CA ASN F 8 37.33 -57.63 10.14
C ASN F 8 38.80 -57.45 10.50
N ARG F 9 39.40 -58.50 11.07
CA ARG F 9 40.81 -58.46 11.43
C ARG F 9 41.67 -58.79 10.22
N ASP F 10 42.62 -57.91 9.92
CA ASP F 10 43.56 -58.11 8.83
C ASP F 10 44.96 -58.35 9.38
N PHE F 11 45.74 -59.15 8.66
CA PHE F 11 47.09 -59.50 9.06
C PHE F 11 48.07 -58.76 8.17
N VAL F 12 48.96 -57.98 8.78
CA VAL F 12 50.00 -57.24 8.07
C VAL F 12 51.34 -57.76 8.54
N GLU F 13 52.14 -58.27 7.60
CA GLU F 13 53.43 -58.85 7.93
C GLU F 13 54.46 -58.38 6.90
N GLY F 14 55.70 -58.25 7.34
CA GLY F 14 56.77 -57.85 6.46
C GLY F 14 56.98 -56.35 6.45
N MET F 15 58.16 -55.91 6.87
CA MET F 15 58.50 -54.49 6.96
C MET F 15 59.66 -54.18 6.02
N SER F 16 60.21 -52.97 6.17
CA SER F 16 61.43 -52.58 5.48
C SER F 16 62.64 -52.98 6.32
N GLY F 17 62.86 -54.29 6.40
CA GLY F 17 63.91 -54.83 7.24
C GLY F 17 63.61 -54.75 8.73
N GLY F 18 62.34 -54.69 9.11
CA GLY F 18 61.97 -54.56 10.50
C GLY F 18 61.93 -53.14 11.02
N THR F 19 62.10 -52.14 10.15
CA THR F 19 62.08 -50.74 10.60
C THR F 19 60.66 -50.28 10.84
N TRP F 20 59.84 -50.27 9.79
CA TRP F 20 58.48 -49.75 9.89
C TRP F 20 57.61 -50.38 8.83
N VAL F 21 56.30 -50.28 9.06
CA VAL F 21 55.29 -50.66 8.08
C VAL F 21 54.22 -49.58 8.12
N ASP F 22 53.52 -49.40 7.00
CA ASP F 22 52.48 -48.40 6.88
C ASP F 22 51.13 -49.11 6.83
N VAL F 23 50.21 -48.68 7.69
CA VAL F 23 48.93 -49.36 7.85
C VAL F 23 47.82 -48.33 8.00
N VAL F 24 46.59 -48.77 7.72
CA VAL F 24 45.39 -47.95 7.80
C VAL F 24 44.44 -48.61 8.78
N LEU F 25 44.15 -47.94 9.89
CA LEU F 25 43.31 -48.49 10.94
C LEU F 25 41.86 -48.11 10.68
N GLU F 26 41.04 -49.09 10.30
CA GLU F 26 39.62 -48.88 10.19
C GLU F 26 38.99 -48.79 11.57
N HIS F 27 37.84 -48.12 11.65
CA HIS F 27 37.20 -47.92 12.95
C HIS F 27 36.49 -49.18 13.43
N GLY F 28 35.87 -49.92 12.52
CA GLY F 28 35.29 -51.20 12.88
C GLY F 28 36.18 -52.39 12.62
N GLY F 29 37.30 -52.19 11.93
CA GLY F 29 38.21 -53.27 11.62
C GLY F 29 39.31 -53.42 12.65
N CYS F 30 40.17 -54.40 12.40
CA CYS F 30 41.27 -54.70 13.29
C CYS F 30 42.50 -55.04 12.46
N VAL F 31 43.67 -54.77 13.01
CA VAL F 31 44.94 -54.99 12.32
C VAL F 31 45.85 -55.79 13.25
N THR F 32 46.31 -56.94 12.77
CA THR F 32 47.29 -57.77 13.48
C THR F 32 48.63 -57.63 12.78
N VAL F 33 49.65 -57.20 13.52
CA VAL F 33 50.97 -56.97 12.98
C VAL F 33 51.93 -57.99 13.57
N MET F 34 52.51 -58.82 12.71
CA MET F 34 53.51 -59.80 13.11
C MET F 34 54.80 -59.56 12.34
N ALA F 35 55.92 -59.83 13.00
CA ALA F 35 57.23 -59.57 12.41
C ALA F 35 58.11 -60.81 12.46
N GLN F 36 59.41 -60.63 12.22
CA GLN F 36 60.34 -61.76 12.23
C GLN F 36 60.56 -62.26 13.65
N ASP F 37 61.13 -61.42 14.51
CA ASP F 37 61.41 -61.82 15.89
C ASP F 37 60.85 -60.82 16.89
N LYS F 38 59.87 -60.04 16.48
CA LYS F 38 59.23 -59.05 17.31
C LYS F 38 57.83 -59.51 17.68
N PRO F 39 57.35 -59.19 18.90
CA PRO F 39 56.07 -59.75 19.35
C PRO F 39 54.88 -59.12 18.63
N THR F 40 53.85 -59.94 18.46
CA THR F 40 52.68 -59.54 17.70
C THR F 40 51.81 -58.62 18.56
N VAL F 41 51.60 -57.40 18.09
CA VAL F 41 50.77 -56.41 18.77
C VAL F 41 49.55 -56.14 17.89
N ASP F 42 48.37 -56.31 18.47
CA ASP F 42 47.11 -56.10 17.76
C ASP F 42 46.63 -54.69 17.98
N ILE F 43 46.25 -54.03 16.89
CA ILE F 43 45.84 -52.62 16.91
C ILE F 43 44.35 -52.54 16.61
N GLU F 44 43.67 -51.65 17.32
CA GLU F 44 42.23 -51.49 17.15
C GLU F 44 41.86 -50.05 17.47
N LEU F 45 41.18 -49.40 16.54
CA LEU F 45 40.65 -48.07 16.75
C LEU F 45 39.25 -48.19 17.36
N VAL F 46 39.03 -47.50 18.47
CA VAL F 46 37.80 -47.64 19.25
C VAL F 46 36.90 -46.41 19.10
N THR F 47 37.42 -45.23 19.40
CA THR F 47 36.61 -44.02 19.41
C THR F 47 37.29 -42.93 18.60
N THR F 48 36.50 -41.93 18.23
CA THR F 48 36.97 -40.74 17.53
C THR F 48 36.19 -39.58 18.15
N THR F 49 36.75 -38.96 19.17
CA THR F 49 36.04 -37.94 19.92
C THR F 49 36.40 -36.57 19.36
N VAL F 50 35.37 -35.81 18.97
CA VAL F 50 35.54 -34.48 18.41
C VAL F 50 35.09 -33.48 19.47
N SER F 51 36.00 -32.61 19.88
CA SER F 51 35.72 -31.63 20.91
C SER F 51 35.67 -30.23 20.33
N ASN F 52 34.98 -29.35 21.07
CA ASN F 52 34.89 -27.91 20.81
C ASN F 52 34.32 -27.59 19.43
N MET F 53 33.08 -28.00 19.22
CA MET F 53 32.41 -27.80 17.95
C MET F 53 31.71 -26.45 17.91
N ALA F 54 31.79 -25.78 16.76
CA ALA F 54 31.16 -24.49 16.56
C ALA F 54 29.82 -24.66 15.85
N GLU F 55 28.87 -23.80 16.20
CA GLU F 55 27.53 -23.88 15.67
C GLU F 55 27.42 -23.16 14.33
N VAL F 56 26.55 -23.70 13.48
CA VAL F 56 26.27 -23.17 12.14
C VAL F 56 24.78 -22.86 12.10
N ARG F 57 24.25 -22.57 10.91
CA ARG F 57 22.82 -22.33 10.70
C ARG F 57 21.97 -23.49 11.21
N SER F 58 20.97 -23.15 12.04
CA SER F 58 20.14 -24.13 12.72
C SER F 58 18.73 -24.02 12.18
N TYR F 59 18.27 -25.08 11.51
CA TYR F 59 16.96 -25.09 10.88
C TYR F 59 15.86 -25.39 11.89
N CYS F 60 14.62 -25.06 11.51
CA CYS F 60 13.43 -25.47 12.23
C CYS F 60 12.77 -26.62 11.48
N TYR F 61 12.28 -27.60 12.23
CA TYR F 61 11.58 -28.74 11.64
C TYR F 61 10.16 -28.90 12.17
N GLU F 62 9.76 -28.11 13.16
CA GLU F 62 8.40 -28.22 13.71
C GLU F 62 7.96 -26.81 14.11
N ALA F 63 6.96 -26.29 13.42
CA ALA F 63 6.54 -24.91 13.60
C ALA F 63 5.13 -24.83 14.17
N SER F 64 4.69 -23.60 14.42
CA SER F 64 3.35 -23.35 14.95
C SER F 64 2.96 -21.91 14.60
N ILE F 65 1.81 -21.76 13.98
CA ILE F 65 1.31 -20.44 13.58
C ILE F 65 0.56 -19.83 14.76
N SER F 66 0.93 -18.61 15.13
CA SER F 66 0.27 -17.86 16.18
C SER F 66 -0.91 -17.08 15.59
N ASP F 67 -1.39 -16.08 16.34
CA ASP F 67 -2.52 -15.24 15.94
C ASP F 67 -2.26 -14.50 14.63
N MET F 68 -3.10 -14.73 13.64
CA MET F 68 -2.94 -14.19 12.31
C MET F 68 -3.99 -13.13 12.03
N ALA F 69 -3.77 -12.38 10.94
CA ALA F 69 -4.67 -11.33 10.51
C ALA F 69 -4.49 -11.16 9.01
N SER F 70 -5.47 -10.51 8.38
CA SER F 70 -5.42 -10.37 6.92
C SER F 70 -6.06 -9.05 6.52
N ASP F 71 -5.25 -8.14 5.96
CA ASP F 71 -5.72 -6.81 5.57
C ASP F 71 -6.15 -6.81 4.12
N SER F 72 -7.26 -6.13 3.85
CA SER F 72 -7.84 -6.03 2.53
C SER F 72 -7.68 -4.61 2.00
N ARG F 73 -7.93 -4.46 0.70
CA ARG F 73 -7.80 -3.17 0.05
C ARG F 73 -8.74 -3.14 -1.16
N CYS F 74 -9.43 -2.01 -1.32
CA CYS F 74 -10.27 -1.77 -2.48
C CYS F 74 -9.45 -1.77 -3.77
N PRO F 75 -10.02 -2.23 -4.88
CA PRO F 75 -9.27 -2.26 -6.14
C PRO F 75 -9.08 -0.87 -6.71
N THR F 76 -7.87 -0.63 -7.24
CA THR F 76 -7.38 0.67 -7.75
C THR F 76 -7.52 1.79 -6.72
N GLN F 77 -7.35 1.44 -5.44
CA GLN F 77 -7.40 2.39 -4.34
C GLN F 77 -6.17 2.22 -3.44
N GLY F 78 -5.10 1.72 -4.01
CA GLY F 78 -3.89 1.44 -3.28
C GLY F 78 -3.61 -0.04 -3.17
N GLU F 79 -2.78 -0.38 -2.19
CA GLU F 79 -2.44 -1.76 -1.91
C GLU F 79 -2.59 -1.99 -0.41
N ALA F 80 -2.80 -3.25 -0.04
CA ALA F 80 -3.02 -3.58 1.36
C ALA F 80 -1.71 -3.57 2.12
N TYR F 81 -1.78 -3.14 3.38
CA TYR F 81 -0.59 -3.00 4.21
C TYR F 81 -0.96 -3.23 5.66
N LEU F 82 -0.23 -4.12 6.32
CA LEU F 82 -0.43 -4.37 7.73
C LEU F 82 0.51 -3.52 8.58
N ASP F 83 0.03 -3.11 9.74
CA ASP F 83 0.90 -2.46 10.70
C ASP F 83 1.77 -3.46 11.44
N LYS F 84 1.38 -4.73 11.48
CA LYS F 84 2.19 -5.79 12.05
C LYS F 84 3.07 -6.46 11.02
N GLN F 85 3.17 -5.90 9.82
CA GLN F 85 4.09 -6.40 8.81
C GLN F 85 5.52 -5.92 9.04
N SER F 86 5.73 -5.01 9.98
CA SER F 86 7.04 -4.44 10.27
C SER F 86 7.84 -5.25 11.29
N ASP F 87 7.43 -6.48 11.59
CA ASP F 87 8.19 -7.36 12.45
C ASP F 87 8.66 -8.55 11.64
N THR F 88 9.84 -9.06 11.98
CA THR F 88 10.42 -10.17 11.24
C THR F 88 9.85 -11.53 11.65
N GLN F 89 9.16 -11.61 12.78
CA GLN F 89 8.54 -12.85 13.20
C GLN F 89 7.16 -13.05 12.59
N TYR F 90 6.71 -12.11 11.76
CA TYR F 90 5.44 -12.24 11.06
C TYR F 90 5.71 -12.57 9.60
N VAL F 91 5.30 -13.75 9.16
CA VAL F 91 5.36 -14.08 7.75
C VAL F 91 4.20 -13.37 7.04
N CYS F 92 4.34 -13.18 5.73
CA CYS F 92 3.36 -12.40 4.99
C CYS F 92 3.34 -12.81 3.53
N LYS F 93 2.19 -12.60 2.89
CA LYS F 93 2.06 -12.85 1.46
C LYS F 93 0.94 -11.97 0.91
N ARG F 94 1.20 -11.37 -0.25
CA ARG F 94 0.26 -10.51 -0.94
C ARG F 94 -0.46 -11.31 -2.02
N THR F 95 -1.77 -11.07 -2.16
CA THR F 95 -2.54 -11.78 -3.17
C THR F 95 -3.69 -10.89 -3.63
N LEU F 96 -4.44 -11.38 -4.61
CA LEU F 96 -5.56 -10.67 -5.20
C LEU F 96 -6.86 -11.41 -4.90
N VAL F 97 -7.87 -10.68 -4.46
CA VAL F 97 -9.20 -11.25 -4.21
C VAL F 97 -10.24 -10.37 -4.88
N ASP F 98 -11.44 -10.92 -5.02
CA ASP F 98 -12.54 -10.20 -5.65
C ASP F 98 -13.20 -9.28 -4.64
N ARG F 99 -13.48 -8.05 -5.07
CA ARG F 99 -14.14 -7.06 -4.23
C ARG F 99 -15.38 -6.55 -4.96
N GLY F 100 -16.39 -6.20 -4.18
CA GLY F 100 -17.60 -5.68 -4.78
C GLY F 100 -18.46 -4.92 -3.79
N TRP F 101 -19.70 -4.66 -4.21
CA TRP F 101 -20.64 -3.91 -3.39
C TRP F 101 -21.09 -4.71 -2.17
N GLY F 102 -21.06 -6.04 -2.25
CA GLY F 102 -21.33 -6.84 -1.07
C GLY F 102 -20.16 -6.97 -0.13
N ASN F 103 -18.96 -6.66 -0.60
CA ASN F 103 -17.75 -6.81 0.18
C ASN F 103 -17.25 -5.50 0.78
N GLY F 104 -18.02 -4.42 0.62
CA GLY F 104 -17.69 -3.15 1.24
C GLY F 104 -17.12 -2.10 0.32
N CYS F 105 -16.65 -2.47 -0.87
CA CYS F 105 -16.07 -1.50 -1.79
C CYS F 105 -17.08 -1.05 -2.82
N GLY F 106 -16.79 0.08 -3.44
CA GLY F 106 -17.66 0.65 -4.46
C GLY F 106 -17.14 0.47 -5.87
N LEU F 107 -16.01 -0.23 -6.01
CA LEU F 107 -15.40 -0.47 -7.31
C LEU F 107 -15.19 -1.97 -7.46
N PHE F 108 -15.87 -2.57 -8.43
CA PHE F 108 -15.71 -3.98 -8.68
C PHE F 108 -14.38 -4.24 -9.38
N GLY F 109 -13.70 -5.30 -8.96
CA GLY F 109 -12.42 -5.64 -9.53
C GLY F 109 -11.60 -6.47 -8.56
N LYS F 110 -10.39 -6.80 -9.00
CA LYS F 110 -9.47 -7.58 -8.20
C LYS F 110 -8.85 -6.69 -7.13
N GLY F 111 -9.13 -6.99 -5.87
CA GLY F 111 -8.60 -6.21 -4.77
C GLY F 111 -7.19 -6.60 -4.41
N SER F 112 -6.78 -6.19 -3.22
CA SER F 112 -5.45 -6.50 -2.70
C SER F 112 -5.60 -7.03 -1.29
N LEU F 113 -5.17 -8.26 -1.06
CA LEU F 113 -5.27 -8.91 0.23
C LEU F 113 -3.88 -9.30 0.70
N VAL F 114 -3.52 -8.87 1.90
CA VAL F 114 -2.25 -9.21 2.52
C VAL F 114 -2.56 -9.89 3.85
N THR F 115 -2.08 -11.12 4.01
CA THR F 115 -2.31 -11.90 5.21
C THR F 115 -1.00 -12.06 5.97
N CYS F 116 -1.00 -11.67 7.24
CA CYS F 116 0.16 -11.83 8.10
C CYS F 116 -0.11 -12.90 9.16
N ALA F 117 0.95 -13.62 9.53
CA ALA F 117 0.84 -14.67 10.53
C ALA F 117 2.15 -14.74 11.30
N LYS F 118 2.06 -14.76 12.62
CA LYS F 118 3.25 -14.78 13.46
C LYS F 118 3.83 -16.18 13.49
N PHE F 119 5.09 -16.30 13.08
CA PHE F 119 5.78 -17.58 13.03
C PHE F 119 6.40 -17.89 14.38
N ALA F 120 6.28 -19.14 14.81
CA ALA F 120 6.84 -19.57 16.09
C ALA F 120 7.25 -21.02 15.99
N CYS F 121 8.55 -21.28 16.12
CA CYS F 121 9.09 -22.62 16.04
C CYS F 121 9.26 -23.17 17.45
N SER F 122 8.71 -24.36 17.70
CA SER F 122 8.82 -24.97 19.02
C SER F 122 10.04 -25.88 19.12
N LYS F 123 10.28 -26.73 18.13
CA LYS F 123 11.39 -27.66 18.14
C LYS F 123 12.25 -27.42 16.90
N LYS F 124 13.53 -27.17 17.11
CA LYS F 124 14.47 -26.89 16.04
C LYS F 124 15.67 -27.82 16.16
N MET F 125 16.34 -28.07 15.03
CA MET F 125 17.57 -28.82 15.02
C MET F 125 18.75 -27.87 14.83
N THR F 126 19.91 -28.29 15.31
CA THR F 126 21.10 -27.46 15.31
C THR F 126 22.23 -28.19 14.61
N GLY F 127 22.84 -27.53 13.63
CA GLY F 127 24.02 -28.05 12.97
C GLY F 127 25.27 -27.48 13.62
N LYS F 128 26.22 -28.37 13.90
CA LYS F 128 27.52 -27.97 14.42
C LYS F 128 28.59 -28.26 13.39
N SER F 129 29.67 -27.48 13.44
CA SER F 129 30.79 -27.64 12.52
C SER F 129 31.91 -28.42 13.17
N ILE F 130 32.75 -29.01 12.32
CA ILE F 130 33.83 -29.90 12.75
C ILE F 130 35.16 -29.23 12.45
N GLN F 131 35.91 -28.92 13.49
CA GLN F 131 37.24 -28.38 13.30
C GLN F 131 38.24 -29.53 13.18
N PRO F 132 39.08 -29.56 12.14
CA PRO F 132 40.03 -30.67 11.98
C PRO F 132 41.18 -30.64 12.98
N GLU F 133 41.39 -29.53 13.66
CA GLU F 133 42.46 -29.39 14.65
C GLU F 133 42.04 -29.81 16.05
N ASN F 134 40.91 -30.49 16.20
CA ASN F 134 40.42 -30.88 17.52
C ASN F 134 40.01 -32.34 17.58
N LEU F 135 40.47 -33.15 16.63
CA LEU F 135 40.17 -34.57 16.65
C LEU F 135 41.03 -35.28 17.69
N GLU F 136 40.41 -36.15 18.48
CA GLU F 136 41.11 -36.90 19.52
C GLU F 136 40.86 -38.39 19.25
N TYR F 137 41.73 -38.99 18.44
CA TYR F 137 41.66 -40.42 18.19
C TYR F 137 42.21 -41.19 19.38
N ARG F 138 41.51 -42.25 19.76
CA ARG F 138 41.97 -43.17 20.79
C ARG F 138 42.29 -44.51 20.14
N ILE F 139 43.54 -44.93 20.25
CA ILE F 139 44.02 -46.18 19.67
C ILE F 139 44.33 -47.14 20.80
N MET F 140 43.68 -48.30 20.80
CA MET F 140 44.00 -49.34 21.76
C MET F 140 45.00 -50.30 21.15
N LEU F 141 46.06 -50.60 21.89
CA LEU F 141 47.05 -51.59 21.51
C LEU F 141 46.89 -52.84 22.37
N SER F 142 47.29 -53.98 21.82
CA SER F 142 47.18 -55.24 22.54
C SER F 142 48.24 -56.20 22.01
N VAL F 143 49.27 -56.45 22.81
CA VAL F 143 50.28 -57.42 22.41
C VAL F 143 49.77 -58.82 22.72
N HIS F 144 50.41 -59.81 22.12
CA HIS F 144 50.09 -61.20 22.34
C HIS F 144 51.03 -61.77 23.40
N GLY F 145 50.47 -62.16 24.54
CA GLY F 145 51.28 -62.66 25.63
C GLY F 145 50.43 -63.32 26.70
N SER F 146 50.84 -63.16 27.97
CA SER F 146 50.23 -63.87 29.09
C SER F 146 48.88 -63.25 29.42
N GLN F 147 47.88 -63.60 28.63
CA GLN F 147 46.50 -63.19 28.86
C GLN F 147 45.60 -64.38 28.56
N HIS F 148 44.43 -64.38 29.19
CA HIS F 148 43.46 -65.43 29.02
C HIS F 148 42.24 -64.89 28.27
N SER F 149 41.23 -65.74 28.13
CA SER F 149 40.05 -65.38 27.34
C SER F 149 39.13 -64.39 28.06
N GLY F 150 39.31 -64.19 29.36
CA GLY F 150 38.52 -63.22 30.08
C GLY F 150 39.19 -61.86 30.16
N MET F 151 40.16 -61.62 29.27
CA MET F 151 40.86 -60.34 29.20
C MET F 151 40.88 -59.79 27.78
N ILE F 152 39.98 -60.23 26.91
CA ILE F 152 39.94 -59.73 25.54
C ILE F 152 39.38 -58.31 25.49
N VAL F 153 38.13 -58.15 25.92
CA VAL F 153 37.50 -56.84 25.98
C VAL F 153 37.48 -56.27 27.40
N ASN F 154 37.94 -57.05 28.38
CA ASN F 154 37.94 -56.62 29.78
C ASN F 154 39.04 -55.57 29.97
N ASP F 155 38.64 -54.30 29.99
CA ASP F 155 39.57 -53.19 30.19
C ASP F 155 39.61 -52.72 31.65
N THR F 156 39.43 -53.65 32.59
CA THR F 156 39.50 -53.33 34.03
C THR F 156 40.96 -53.19 34.44
N GLY F 157 41.54 -52.04 34.09
CA GLY F 157 42.92 -51.77 34.42
C GLY F 157 43.89 -52.11 33.30
N HIS F 158 44.41 -51.09 32.63
CA HIS F 158 45.41 -51.28 31.59
C HIS F 158 46.73 -50.58 31.89
N GLU F 159 46.78 -49.74 32.93
CA GLU F 159 48.01 -49.04 33.29
C GLU F 159 48.98 -49.95 34.04
N THR F 160 48.52 -51.08 34.55
CA THR F 160 49.36 -52.05 35.22
C THR F 160 49.31 -53.43 34.57
N ASP F 161 48.57 -53.57 33.46
CA ASP F 161 48.40 -54.87 32.83
C ASP F 161 49.59 -55.27 31.97
N GLU F 162 50.40 -54.28 31.55
CA GLU F 162 51.67 -54.43 30.83
C GLU F 162 51.52 -55.10 29.46
N ASN F 163 50.31 -55.17 28.92
CA ASN F 163 50.07 -55.73 27.61
C ASN F 163 49.16 -54.86 26.75
N ARG F 164 48.41 -53.94 27.34
CA ARG F 164 47.55 -53.04 26.62
C ARG F 164 47.82 -51.62 27.08
N ALA F 165 47.69 -50.68 26.15
CA ALA F 165 47.90 -49.27 26.46
C ALA F 165 47.07 -48.44 25.51
N LYS F 166 46.43 -47.40 26.05
CA LYS F 166 45.68 -46.49 25.21
C LYS F 166 46.60 -45.45 24.60
N VAL F 167 46.29 -45.08 23.35
CA VAL F 167 47.09 -44.12 22.60
C VAL F 167 46.17 -42.99 22.17
N GLU F 168 46.43 -41.79 22.68
CA GLU F 168 45.63 -40.62 22.38
C GLU F 168 46.30 -39.84 21.25
N ILE F 169 45.59 -39.68 20.14
CA ILE F 169 46.14 -39.03 18.95
C ILE F 169 45.39 -37.72 18.72
N THR F 170 46.13 -36.62 18.75
CA THR F 170 45.71 -35.28 18.42
C THR F 170 46.57 -34.79 17.26
N PRO F 171 46.11 -33.83 16.45
CA PRO F 171 47.01 -33.25 15.46
C PRO F 171 48.03 -32.30 16.04
N ASN F 172 47.91 -31.93 17.32
CA ASN F 172 48.98 -31.20 18.00
C ASN F 172 50.12 -32.13 18.37
N SER F 173 49.83 -33.38 18.72
CA SER F 173 50.85 -34.38 19.02
C SER F 173 50.56 -35.63 18.19
N PRO F 174 50.98 -35.67 16.92
CA PRO F 174 50.60 -36.78 16.04
C PRO F 174 51.38 -38.05 16.33
N ARG F 175 52.59 -37.95 16.86
CA ARG F 175 53.31 -39.14 17.24
C ARG F 175 52.97 -39.50 18.68
N ALA F 176 53.02 -40.79 18.97
CA ALA F 176 52.81 -41.28 20.31
C ALA F 176 53.62 -42.56 20.47
N GLU F 177 54.10 -42.79 21.70
CA GLU F 177 55.00 -43.90 21.98
C GLU F 177 54.48 -44.57 23.25
N ALA F 178 53.82 -45.72 23.08
CA ALA F 178 53.17 -46.40 24.19
C ALA F 178 54.18 -47.29 24.90
N THR F 179 54.34 -47.08 26.20
CA THR F 179 55.30 -47.86 26.98
C THR F 179 54.70 -49.22 27.28
N LEU F 180 55.31 -50.27 26.73
CA LEU F 180 54.93 -51.65 27.00
C LEU F 180 56.09 -52.33 27.72
N GLY F 181 55.92 -52.56 29.01
CA GLY F 181 56.98 -53.05 29.88
C GLY F 181 57.48 -54.43 29.54
N GLY F 182 58.76 -54.53 29.20
CA GLY F 182 59.35 -55.76 28.75
C GLY F 182 59.40 -55.86 27.23
N PHE F 183 58.40 -55.31 26.55
CA PHE F 183 58.34 -55.35 25.10
C PHE F 183 58.97 -54.13 24.45
N GLY F 184 59.33 -53.12 25.23
CA GLY F 184 59.95 -51.92 24.71
C GLY F 184 58.96 -50.77 24.65
N SER F 185 58.79 -50.19 23.47
CA SER F 185 57.86 -49.07 23.29
C SER F 185 57.49 -49.02 21.82
N LEU F 186 56.22 -49.21 21.52
CA LEU F 186 55.75 -49.16 20.14
C LEU F 186 55.56 -47.71 19.72
N GLY F 187 56.18 -47.34 18.60
CA GLY F 187 56.10 -45.99 18.08
C GLY F 187 55.00 -45.89 17.05
N LEU F 188 54.13 -44.90 17.22
CA LEU F 188 53.00 -44.68 16.33
C LEU F 188 53.14 -43.34 15.64
N ASP F 189 52.59 -43.27 14.43
CA ASP F 189 52.68 -42.10 13.57
C ASP F 189 51.32 -41.82 12.95
N CYS F 190 50.29 -41.71 13.78
CA CYS F 190 48.94 -41.53 13.27
C CYS F 190 48.79 -40.13 12.67
N GLU F 191 47.92 -40.03 11.67
CA GLU F 191 47.67 -38.82 10.90
C GLU F 191 46.20 -38.43 10.94
N PRO F 192 45.78 -37.59 11.88
CA PRO F 192 44.35 -37.28 12.00
C PRO F 192 43.80 -36.25 11.03
N ARG F 193 44.64 -35.46 10.34
CA ARG F 193 44.06 -34.45 9.44
C ARG F 193 43.54 -35.07 8.16
N THR F 194 44.24 -36.06 7.62
CA THR F 194 43.75 -36.76 6.43
C THR F 194 42.92 -37.99 6.80
N GLY F 195 41.93 -37.77 7.65
CA GLY F 195 41.06 -38.86 8.05
C GLY F 195 39.86 -38.88 7.15
N LEU F 196 38.67 -38.71 7.72
CA LEU F 196 37.44 -38.70 6.95
C LEU F 196 37.01 -37.27 6.64
N ASP F 197 37.89 -36.60 5.88
CA ASP F 197 37.74 -35.28 5.19
C ASP F 197 36.90 -34.25 5.96
N PHE F 198 37.35 -33.94 7.16
CA PHE F 198 36.53 -33.21 8.14
C PHE F 198 36.44 -31.71 7.90
N SER F 199 36.88 -31.20 6.75
CA SER F 199 36.57 -29.83 6.38
C SER F 199 35.22 -29.70 5.68
N ASP F 200 34.59 -30.82 5.33
CA ASP F 200 33.34 -30.81 4.58
C ASP F 200 32.21 -31.52 5.32
N LEU F 201 32.40 -31.88 6.58
CA LEU F 201 31.38 -32.59 7.34
C LEU F 201 30.94 -31.76 8.53
N TYR F 202 29.64 -31.79 8.79
CA TYR F 202 29.04 -31.08 9.91
C TYR F 202 28.62 -32.09 10.98
N TYR F 203 27.97 -31.58 12.01
CA TYR F 203 27.53 -32.42 13.13
C TYR F 203 26.12 -31.97 13.50
N LEU F 204 25.13 -32.70 13.01
CA LEU F 204 23.73 -32.36 13.28
C LEU F 204 23.35 -32.73 14.70
N THR F 205 22.35 -32.03 15.23
CA THR F 205 21.82 -32.31 16.56
C THR F 205 20.32 -32.20 16.50
N MET F 206 19.61 -33.30 16.74
CA MET F 206 18.16 -33.32 16.55
C MET F 206 17.56 -34.33 17.51
N ASN F 207 17.10 -33.84 18.66
CA ASN F 207 16.33 -34.57 19.68
C ASN F 207 17.11 -35.78 20.22
N ASN F 208 18.29 -35.47 20.76
CA ASN F 208 19.27 -36.43 21.30
C ASN F 208 19.70 -37.46 20.25
N LYS F 209 19.86 -37.00 19.01
CA LYS F 209 20.42 -37.80 17.94
C LYS F 209 21.41 -36.95 17.16
N HIS F 210 22.43 -37.59 16.61
CA HIS F 210 23.48 -36.87 15.90
C HIS F 210 23.81 -37.59 14.61
N TRP F 211 24.38 -36.84 13.67
CA TRP F 211 24.76 -37.38 12.37
C TRP F 211 26.00 -36.67 11.87
N LEU F 212 26.73 -37.35 10.99
CA LEU F 212 27.85 -36.75 10.27
C LEU F 212 27.32 -36.32 8.91
N VAL F 213 26.80 -35.11 8.85
CA VAL F 213 26.11 -34.59 7.68
C VAL F 213 27.10 -33.79 6.84
N HIS F 214 27.14 -34.07 5.55
CA HIS F 214 27.99 -33.36 4.61
C HIS F 214 27.56 -31.90 4.47
N LYS F 215 28.54 -31.03 4.17
CA LYS F 215 28.30 -29.59 4.18
C LYS F 215 27.44 -29.16 2.99
N GLU F 216 27.70 -29.74 1.81
CA GLU F 216 26.96 -29.38 0.61
C GLU F 216 25.54 -29.91 0.63
N TRP F 217 25.26 -30.93 1.46
CA TRP F 217 23.87 -31.31 1.68
C TRP F 217 23.23 -30.42 2.74
N PHE F 218 23.99 -29.95 3.72
CA PHE F 218 23.41 -29.21 4.82
C PHE F 218 23.08 -27.78 4.45
N HIS F 219 23.82 -27.20 3.52
CA HIS F 219 23.56 -25.82 3.11
C HIS F 219 22.53 -25.71 1.99
N ASP F 220 21.78 -26.79 1.71
CA ASP F 220 20.74 -26.77 0.69
C ASP F 220 19.43 -27.32 1.21
N ILE F 221 19.14 -27.16 2.50
CA ILE F 221 17.89 -27.63 3.08
C ILE F 221 16.87 -26.50 2.96
N PRO F 222 15.72 -26.72 2.31
CA PRO F 222 14.66 -25.69 2.27
C PRO F 222 13.80 -25.68 3.53
N LEU F 223 14.36 -25.14 4.60
CA LEU F 223 13.69 -25.03 5.88
C LEU F 223 14.02 -23.68 6.49
N PRO F 224 13.15 -23.14 7.35
CA PRO F 224 13.46 -21.85 8.00
C PRO F 224 14.59 -21.99 9.01
N TRP F 225 15.55 -21.09 8.92
CA TRP F 225 16.76 -21.15 9.72
C TRP F 225 17.13 -19.76 10.21
N HIS F 226 17.87 -19.72 11.32
CA HIS F 226 18.61 -18.54 11.72
C HIS F 226 20.09 -18.89 11.69
N ALA F 227 20.92 -17.87 11.91
CA ALA F 227 22.34 -17.99 11.61
C ALA F 227 23.15 -18.74 12.66
N GLY F 228 22.53 -19.16 13.76
CA GLY F 228 23.22 -19.95 14.74
C GLY F 228 23.86 -19.16 15.86
N ALA F 229 24.22 -17.91 15.59
CA ALA F 229 24.86 -17.04 16.57
C ALA F 229 23.86 -16.37 17.51
N ASP F 230 22.58 -16.66 17.39
CA ASP F 230 21.56 -16.08 18.25
C ASP F 230 21.37 -16.94 19.49
N THR F 231 21.15 -16.26 20.62
CA THR F 231 20.90 -16.93 21.89
C THR F 231 19.56 -16.49 22.48
N GLY F 232 18.62 -16.08 21.63
CA GLY F 232 17.32 -15.63 22.08
C GLY F 232 16.22 -15.99 21.10
N THR F 233 15.33 -15.03 20.82
CA THR F 233 14.31 -15.24 19.81
C THR F 233 14.92 -15.15 18.43
N PRO F 234 14.87 -16.20 17.62
CA PRO F 234 15.59 -16.19 16.34
C PRO F 234 14.86 -15.40 15.27
N HIS F 235 15.63 -14.96 14.29
CA HIS F 235 15.09 -14.15 13.19
C HIS F 235 14.30 -14.99 12.21
N TRP F 236 14.75 -16.23 11.98
CA TRP F 236 14.13 -17.22 11.09
C TRP F 236 14.03 -16.70 9.65
N ASN F 237 15.19 -16.61 9.02
CA ASN F 237 15.25 -16.38 7.58
C ASN F 237 14.54 -17.48 6.82
N ASN F 238 13.89 -17.10 5.71
CA ASN F 238 13.19 -17.98 4.76
C ASN F 238 12.07 -18.78 5.45
N LYS F 239 11.06 -18.04 5.89
CA LYS F 239 9.90 -18.65 6.55
C LYS F 239 8.87 -19.18 5.56
N GLU F 240 9.06 -18.99 4.26
CA GLU F 240 8.07 -19.36 3.28
C GLU F 240 8.13 -20.83 2.88
N ALA F 241 8.87 -21.66 3.59
CA ALA F 241 8.99 -23.07 3.26
C ALA F 241 8.15 -23.98 4.15
N LEU F 242 7.54 -23.44 5.21
CA LEU F 242 6.70 -24.23 6.10
C LEU F 242 5.25 -23.80 6.13
N VAL F 243 4.97 -22.52 6.00
CA VAL F 243 3.59 -22.04 5.96
C VAL F 243 3.12 -22.05 4.52
N GLU F 244 1.82 -22.28 4.33
CA GLU F 244 1.24 -22.41 3.00
C GLU F 244 0.08 -21.43 2.88
N PHE F 245 0.23 -20.43 2.03
CA PHE F 245 -0.83 -19.46 1.77
C PHE F 245 -1.63 -19.93 0.57
N LYS F 246 -2.91 -20.21 0.78
CA LYS F 246 -3.79 -20.70 -0.26
C LYS F 246 -5.10 -19.95 -0.21
N ASP F 247 -5.39 -19.20 -1.27
CA ASP F 247 -6.68 -18.53 -1.40
C ASP F 247 -7.70 -19.52 -1.93
N ALA F 248 -8.84 -19.62 -1.24
CA ALA F 248 -9.87 -20.61 -1.53
C ALA F 248 -10.52 -20.42 -2.90
N HIS F 249 -11.24 -19.31 -3.08
CA HIS F 249 -11.96 -19.05 -4.33
C HIS F 249 -11.82 -17.59 -4.71
N ALA F 250 -10.63 -17.02 -4.41
CA ALA F 250 -10.30 -15.59 -4.53
C ALA F 250 -11.29 -14.73 -3.75
N LYS F 251 -11.74 -15.24 -2.60
CA LYS F 251 -12.55 -14.48 -1.65
C LYS F 251 -12.16 -14.73 -0.21
N ARG F 252 -11.27 -15.68 0.06
CA ARG F 252 -10.84 -16.02 1.41
C ARG F 252 -9.48 -16.69 1.29
N GLN F 253 -8.51 -16.23 2.05
CA GLN F 253 -7.14 -16.72 1.96
C GLN F 253 -6.79 -17.50 3.23
N THR F 254 -6.47 -18.78 3.06
CA THR F 254 -6.07 -19.63 4.16
C THR F 254 -4.56 -19.61 4.32
N VAL F 255 -4.12 -19.77 5.55
CA VAL F 255 -2.69 -19.91 5.86
C VAL F 255 -2.54 -21.08 6.82
N VAL F 256 -1.78 -22.09 6.42
CA VAL F 256 -1.62 -23.31 7.20
C VAL F 256 -0.16 -23.73 7.16
N VAL F 257 0.30 -24.28 8.26
CA VAL F 257 1.67 -24.78 8.35
C VAL F 257 1.66 -26.24 7.94
N LEU F 258 2.82 -26.73 7.50
CA LEU F 258 2.97 -28.16 7.24
C LEU F 258 3.21 -28.89 8.56
N GLY F 259 3.35 -30.21 8.48
CA GLY F 259 3.59 -31.02 9.65
C GLY F 259 5.02 -30.88 10.16
N SER F 260 5.30 -31.62 11.22
CA SER F 260 6.64 -31.70 11.76
C SER F 260 7.54 -32.45 10.79
N GLN F 261 8.62 -31.81 10.34
CA GLN F 261 9.46 -32.33 9.29
C GLN F 261 10.54 -33.28 9.79
N GLU F 262 10.36 -33.87 10.98
CA GLU F 262 11.36 -34.78 11.54
C GLU F 262 11.42 -36.08 10.75
N GLY F 263 10.27 -36.63 10.36
CA GLY F 263 10.27 -37.82 9.52
C GLY F 263 10.74 -37.54 8.11
N ALA F 264 10.49 -36.35 7.58
CA ALA F 264 10.94 -36.01 6.24
C ALA F 264 12.43 -35.71 6.20
N VAL F 265 13.03 -35.35 7.32
CA VAL F 265 14.47 -35.12 7.37
C VAL F 265 15.22 -36.37 7.85
N HIS F 266 14.55 -37.32 8.50
CA HIS F 266 15.18 -38.61 8.76
C HIS F 266 15.23 -39.46 7.50
N THR F 267 14.22 -39.34 6.63
CA THR F 267 14.22 -40.03 5.36
C THR F 267 15.13 -39.36 4.33
N ALA F 268 15.53 -38.12 4.57
CA ALA F 268 16.47 -37.45 3.70
C ALA F 268 17.92 -37.71 4.08
N LEU F 269 18.17 -38.18 5.31
CA LEU F 269 19.52 -38.54 5.74
C LEU F 269 19.81 -39.99 5.37
N ALA F 270 20.01 -40.20 4.06
CA ALA F 270 20.19 -41.55 3.55
C ALA F 270 21.58 -42.09 3.87
N GLY F 271 22.62 -41.36 3.47
CA GLY F 271 23.98 -41.85 3.61
C GLY F 271 24.82 -41.19 4.68
N ALA F 272 24.18 -40.65 5.71
CA ALA F 272 24.90 -40.00 6.80
C ALA F 272 25.13 -40.98 7.94
N LEU F 273 26.38 -41.10 8.38
CA LEU F 273 26.68 -41.91 9.55
C LEU F 273 26.22 -41.19 10.81
N GLU F 274 25.73 -41.95 11.77
CA GLU F 274 25.31 -41.36 13.03
C GLU F 274 26.43 -41.44 14.04
N ALA F 275 26.32 -40.62 15.08
CA ALA F 275 27.33 -40.56 16.12
C ALA F 275 26.67 -40.31 17.47
N GLU F 276 27.41 -40.62 18.53
CA GLU F 276 26.96 -40.38 19.88
C GLU F 276 27.58 -39.09 20.41
N MET F 277 27.23 -38.75 21.65
CA MET F 277 27.75 -37.55 22.30
C MET F 277 27.67 -37.75 23.80
N ASP F 278 28.81 -37.79 24.48
CA ASP F 278 28.87 -38.01 25.92
C ASP F 278 29.13 -36.72 26.69
N GLY F 279 28.57 -35.61 26.25
CA GLY F 279 28.79 -34.33 26.91
C GLY F 279 29.13 -33.23 25.94
N ALA F 280 30.30 -32.62 26.12
CA ALA F 280 30.78 -31.60 25.20
C ALA F 280 31.58 -32.17 24.04
N LYS F 281 31.86 -33.48 24.06
CA LYS F 281 32.63 -34.14 23.03
C LYS F 281 31.74 -35.09 22.24
N GLY F 282 31.94 -35.15 20.93
CA GLY F 282 31.19 -36.05 20.09
C GLY F 282 32.00 -37.24 19.62
N ARG F 283 31.75 -38.41 20.20
CA ARG F 283 32.42 -39.63 19.77
C ARG F 283 31.81 -40.11 18.45
N LEU F 284 32.68 -40.44 17.51
CA LEU F 284 32.22 -40.95 16.22
C LEU F 284 32.23 -42.47 16.21
N SER F 285 31.37 -43.05 15.38
CA SER F 285 31.29 -44.49 15.22
C SER F 285 31.90 -44.95 13.91
N SER F 286 32.74 -44.12 13.30
CA SER F 286 33.38 -44.46 12.04
C SER F 286 34.68 -43.69 11.91
N GLY F 287 35.29 -43.78 10.74
CA GLY F 287 36.53 -43.07 10.45
C GLY F 287 37.64 -44.04 10.11
N HIS F 288 38.78 -43.47 9.72
CA HIS F 288 39.96 -44.26 9.43
C HIS F 288 41.19 -43.38 9.63
N LEU F 289 42.28 -44.01 10.04
CA LEU F 289 43.53 -43.32 10.33
C LEU F 289 44.58 -43.65 9.29
N LYS F 290 45.80 -43.18 9.55
CA LYS F 290 46.95 -43.48 8.71
C LYS F 290 48.15 -43.48 9.65
N CYS F 291 48.58 -44.66 10.08
CA CYS F 291 49.58 -44.78 11.12
C CYS F 291 50.78 -45.55 10.58
N ARG F 292 51.97 -45.03 10.81
CA ARG F 292 53.21 -45.74 10.51
C ARG F 292 53.78 -46.32 11.79
N LEU F 293 54.03 -47.63 11.78
CA LEU F 293 54.38 -48.37 12.99
C LEU F 293 55.90 -48.48 13.10
N LYS F 294 56.52 -47.52 13.77
CA LYS F 294 57.97 -47.58 14.02
C LYS F 294 58.22 -48.66 15.06
N MET F 295 58.71 -49.81 14.61
CA MET F 295 58.94 -50.95 15.48
C MET F 295 60.41 -51.10 15.82
N ASP F 296 61.12 -49.99 16.00
CA ASP F 296 62.54 -50.04 16.28
C ASP F 296 62.81 -50.43 17.73
N LYS F 297 62.07 -49.84 18.67
CA LYS F 297 62.27 -50.12 20.08
C LYS F 297 61.43 -51.28 20.56
N LEU F 298 60.62 -51.87 19.69
CA LEU F 298 59.75 -52.98 20.07
C LEU F 298 60.60 -54.25 20.11
N ARG F 299 61.04 -54.61 21.31
CA ARG F 299 61.87 -55.80 21.49
C ARG F 299 61.00 -56.97 21.95
N LEU F 300 61.55 -58.17 21.84
CA LEU F 300 60.84 -59.37 22.25
C LEU F 300 61.07 -59.61 23.73
N LYS F 301 59.98 -59.78 24.47
CA LYS F 301 60.06 -60.04 25.91
C LYS F 301 60.13 -61.54 26.14
N GLY F 302 61.10 -61.95 26.96
CA GLY F 302 61.20 -63.33 27.35
C GLY F 302 61.95 -64.23 26.39
N VAL F 303 63.01 -63.71 25.77
CA VAL F 303 63.84 -64.57 24.94
C VAL F 303 64.75 -65.42 25.81
N SER F 304 65.11 -64.93 27.00
CA SER F 304 66.01 -65.62 27.91
C SER F 304 65.30 -66.57 28.85
N TYR F 305 64.02 -66.86 28.63
CA TYR F 305 63.28 -67.73 29.53
C TYR F 305 63.42 -69.18 29.10
N SER F 306 63.46 -70.07 30.08
CA SER F 306 63.62 -71.49 29.81
C SER F 306 62.31 -72.11 29.35
N LEU F 307 62.38 -73.37 28.92
CA LEU F 307 61.21 -74.10 28.48
C LEU F 307 60.38 -74.55 29.69
N CYS F 308 59.13 -74.90 29.42
CA CYS F 308 58.26 -75.42 30.46
C CYS F 308 58.55 -76.90 30.70
N THR F 309 58.19 -77.36 31.90
CA THR F 309 58.50 -78.74 32.26
C THR F 309 57.52 -79.71 31.61
N ALA F 310 56.26 -79.65 32.03
CA ALA F 310 55.20 -80.57 31.61
C ALA F 310 53.86 -79.97 32.04
N ALA F 311 52.81 -80.78 31.94
CA ALA F 311 51.48 -80.56 32.52
C ALA F 311 50.80 -79.31 31.97
N PHE F 312 50.54 -79.35 30.66
CA PHE F 312 49.72 -78.35 30.00
C PHE F 312 48.29 -78.86 29.91
N THR F 313 47.33 -78.02 30.27
CA THR F 313 45.94 -78.43 30.40
C THR F 313 45.10 -77.75 29.32
N PHE F 314 44.33 -78.55 28.58
CA PHE F 314 43.43 -78.05 27.54
C PHE F 314 42.18 -77.49 28.19
N THR F 315 42.19 -76.18 28.44
CA THR F 315 41.00 -75.48 28.89
C THR F 315 40.37 -74.80 27.69
N LYS F 316 39.05 -74.96 27.54
CA LYS F 316 38.23 -74.35 26.48
C LYS F 316 38.72 -74.75 25.08
N ILE F 317 38.43 -76.01 24.76
CA ILE F 317 38.73 -76.75 23.51
C ILE F 317 38.58 -75.87 22.27
N PRO F 318 39.61 -75.76 21.43
CA PRO F 318 39.76 -74.60 20.55
C PRO F 318 38.81 -74.60 19.36
N ALA F 319 38.75 -73.44 18.71
CA ALA F 319 37.90 -73.22 17.55
C ALA F 319 38.66 -72.40 16.52
N GLU F 320 38.04 -72.17 15.37
CA GLU F 320 38.61 -71.41 14.27
C GLU F 320 37.91 -70.07 14.16
N THR F 321 38.68 -68.99 14.08
CA THR F 321 38.13 -67.63 14.07
C THR F 321 37.98 -67.11 12.64
N LEU F 322 37.24 -67.86 11.82
CA LEU F 322 36.72 -67.49 10.49
C LEU F 322 37.80 -67.17 9.44
N HIS F 323 39.08 -67.37 9.74
CA HIS F 323 40.14 -67.10 8.77
C HIS F 323 41.21 -68.18 8.73
N GLY F 324 41.10 -69.21 9.56
CA GLY F 324 42.11 -70.24 9.67
C GLY F 324 42.92 -70.17 10.94
N THR F 325 42.88 -69.04 11.64
CA THR F 325 43.57 -68.93 12.92
C THR F 325 42.82 -69.68 14.00
N VAL F 326 43.56 -70.42 14.82
CA VAL F 326 42.98 -71.27 15.86
C VAL F 326 43.39 -70.69 17.21
N THR F 327 42.41 -70.25 17.98
CA THR F 327 42.65 -69.68 19.30
C THR F 327 42.66 -70.82 20.32
N VAL F 328 43.84 -71.10 20.85
CA VAL F 328 44.03 -72.19 21.81
C VAL F 328 44.37 -71.59 23.16
N GLU F 329 43.60 -71.95 24.17
CA GLU F 329 43.88 -71.55 25.55
C GLU F 329 44.47 -72.75 26.28
N VAL F 330 45.60 -72.52 26.95
CA VAL F 330 46.25 -73.57 27.74
C VAL F 330 46.24 -73.16 29.20
N GLN F 331 46.56 -74.12 30.06
CA GLN F 331 46.72 -73.86 31.49
C GLN F 331 47.97 -74.60 31.94
N TYR F 332 49.06 -73.87 32.11
CA TYR F 332 50.32 -74.47 32.52
C TYR F 332 50.26 -74.81 34.00
N ALA F 333 50.47 -76.07 34.33
CA ALA F 333 50.52 -76.53 35.71
C ALA F 333 51.98 -76.75 36.07
N GLY F 334 52.50 -75.91 36.95
CA GLY F 334 53.90 -75.96 37.33
C GLY F 334 54.32 -74.68 38.00
N THR F 335 55.49 -74.74 38.63
CA THR F 335 56.03 -73.63 39.41
C THR F 335 57.35 -73.14 38.85
N ASP F 336 57.43 -72.98 37.52
CA ASP F 336 58.63 -72.41 36.92
C ASP F 336 58.65 -70.89 37.06
N GLY F 337 57.50 -70.25 36.92
CA GLY F 337 57.43 -68.81 36.93
C GLY F 337 57.48 -68.25 35.52
N PRO F 338 58.48 -67.41 35.24
CA PRO F 338 58.64 -66.90 33.87
C PRO F 338 59.20 -67.93 32.92
N CYS F 339 58.34 -68.82 32.41
CA CYS F 339 58.74 -69.86 31.49
C CYS F 339 58.12 -69.63 30.12
N LYS F 340 58.56 -70.42 29.15
CA LYS F 340 58.22 -70.24 27.75
C LYS F 340 57.57 -71.51 27.21
N VAL F 341 56.38 -71.35 26.62
CA VAL F 341 55.60 -72.47 26.12
C VAL F 341 56.12 -72.92 24.76
N PRO F 342 56.54 -74.17 24.60
CA PRO F 342 57.02 -74.66 23.29
C PRO F 342 55.92 -75.22 22.38
N ALA F 343 55.17 -74.31 21.76
CA ALA F 343 54.04 -74.69 20.92
C ALA F 343 54.42 -74.63 19.45
N GLN F 344 53.89 -75.57 18.66
CA GLN F 344 54.11 -75.60 17.23
C GLN F 344 52.98 -76.37 16.57
N MET F 345 53.01 -76.43 15.25
CA MET F 345 52.08 -77.22 14.45
C MET F 345 52.87 -78.27 13.68
N ALA F 346 52.35 -79.50 13.64
CA ALA F 346 53.14 -80.62 13.15
C ALA F 346 52.29 -81.55 12.28
N VAL F 347 52.40 -81.39 10.96
CA VAL F 347 52.13 -82.51 10.05
C VAL F 347 53.34 -83.44 10.13
N ASP F 348 53.09 -84.76 10.01
CA ASP F 348 54.07 -85.84 10.17
C ASP F 348 54.69 -85.79 11.58
N MET F 349 53.83 -86.15 12.54
CA MET F 349 54.11 -86.03 13.97
C MET F 349 55.30 -86.89 14.42
N GLN F 350 55.58 -87.97 13.68
CA GLN F 350 56.75 -88.79 13.99
C GLN F 350 58.06 -88.05 13.69
N THR F 351 58.04 -87.11 12.75
CA THR F 351 59.20 -86.26 12.51
C THR F 351 59.20 -85.01 13.39
N LEU F 352 58.01 -84.52 13.75
CA LEU F 352 57.78 -83.35 14.61
C LEU F 352 58.45 -82.08 14.05
N THR F 353 57.99 -81.67 12.88
CA THR F 353 58.50 -80.47 12.24
C THR F 353 57.51 -79.32 12.37
N PRO F 354 57.99 -78.08 12.46
CA PRO F 354 57.07 -76.94 12.42
C PRO F 354 56.50 -76.77 11.01
N VAL F 355 55.19 -76.63 10.92
CA VAL F 355 54.52 -76.66 9.63
C VAL F 355 53.62 -75.43 9.45
N GLY F 356 53.38 -74.69 10.53
CA GLY F 356 52.55 -73.51 10.45
C GLY F 356 53.16 -72.36 11.21
N ARG F 357 52.85 -71.15 10.77
CA ARG F 357 53.38 -69.95 11.41
C ARG F 357 52.62 -69.68 12.70
N LEU F 358 53.36 -69.25 13.72
CA LEU F 358 52.83 -69.02 15.04
C LEU F 358 52.47 -67.54 15.17
N ILE F 359 51.20 -67.26 15.49
CA ILE F 359 50.74 -65.88 15.55
C ILE F 359 51.25 -65.20 16.82
N THR F 360 50.97 -65.81 17.96
CA THR F 360 51.46 -65.31 19.26
C THR F 360 52.93 -65.67 19.35
N ALA F 361 53.79 -64.76 18.89
CA ALA F 361 55.22 -65.01 18.85
C ALA F 361 55.80 -64.97 20.26
N ASN F 362 56.59 -66.02 20.59
CA ASN F 362 57.19 -66.32 21.89
C ASN F 362 56.18 -66.32 23.01
N PRO F 363 55.34 -67.36 23.14
CA PRO F 363 54.36 -67.39 24.23
C PRO F 363 55.01 -67.59 25.59
N VAL F 364 54.69 -66.70 26.52
CA VAL F 364 55.41 -66.58 27.78
C VAL F 364 54.40 -66.66 28.92
N ILE F 365 54.60 -67.61 29.83
CA ILE F 365 53.92 -67.59 31.12
C ILE F 365 54.58 -66.53 32.00
N THR F 366 53.78 -65.64 32.57
CA THR F 366 54.33 -64.57 33.40
C THR F 366 54.19 -64.84 34.88
N GLU F 367 53.01 -65.25 35.33
CA GLU F 367 52.74 -65.41 36.75
C GLU F 367 53.46 -66.63 37.32
N SER F 368 53.96 -66.50 38.55
CA SER F 368 54.71 -67.55 39.23
C SER F 368 53.82 -68.47 40.05
N THR F 369 52.53 -68.50 39.77
CA THR F 369 51.61 -69.39 40.48
C THR F 369 51.74 -70.81 39.95
N GLU F 370 51.03 -71.73 40.59
CA GLU F 370 51.08 -73.13 40.17
C GLU F 370 50.25 -73.37 38.91
N ASN F 371 49.04 -72.81 38.86
CA ASN F 371 48.17 -72.92 37.71
C ASN F 371 47.91 -71.52 37.16
N SER F 372 48.33 -71.29 35.92
CA SER F 372 48.17 -70.00 35.27
C SER F 372 47.61 -70.20 33.89
N LYS F 373 46.54 -69.48 33.56
CA LYS F 373 45.94 -69.57 32.25
C LYS F 373 46.75 -68.79 31.22
N MET F 374 46.66 -69.22 29.97
CA MET F 374 47.37 -68.58 28.87
C MET F 374 46.64 -68.89 27.58
N MET F 375 46.58 -67.92 26.68
CA MET F 375 45.87 -68.07 25.43
C MET F 375 46.81 -67.81 24.26
N LEU F 376 46.79 -68.70 23.28
CA LEU F 376 47.67 -68.62 22.12
C LEU F 376 46.83 -68.43 20.86
N GLU F 377 47.51 -68.44 19.72
CA GLU F 377 46.87 -68.36 18.42
C GLU F 377 47.82 -68.97 17.40
N LEU F 378 47.31 -69.93 16.62
CA LEU F 378 48.14 -70.67 15.68
C LEU F 378 47.45 -70.71 14.32
N ASP F 379 48.26 -70.89 13.28
CA ASP F 379 47.77 -70.96 11.91
C ASP F 379 48.18 -72.29 11.29
N PRO F 380 47.29 -73.28 11.24
CA PRO F 380 47.61 -74.53 10.58
C PRO F 380 47.56 -74.38 9.07
N PRO F 381 48.19 -75.28 8.32
CA PRO F 381 48.01 -75.29 6.87
C PRO F 381 46.67 -75.92 6.48
N PHE F 382 46.38 -75.84 5.19
CA PHE F 382 45.10 -76.32 4.66
C PHE F 382 45.14 -77.85 4.58
N GLY F 383 44.62 -78.49 5.60
CA GLY F 383 44.59 -79.94 5.66
C GLY F 383 44.69 -80.40 7.10
N ASP F 384 45.08 -81.66 7.27
CA ASP F 384 45.24 -82.25 8.59
C ASP F 384 46.54 -81.79 9.22
N SER F 385 46.48 -81.48 10.52
CA SER F 385 47.66 -81.10 11.27
C SER F 385 47.41 -81.42 12.74
N TYR F 386 48.42 -81.18 13.57
CA TYR F 386 48.36 -81.50 14.99
C TYR F 386 48.89 -80.32 15.80
N ILE F 387 48.22 -80.01 16.89
CA ILE F 387 48.57 -78.89 17.76
C ILE F 387 49.37 -79.44 18.93
N VAL F 388 50.70 -79.38 18.82
CA VAL F 388 51.58 -79.87 19.87
C VAL F 388 51.93 -78.68 20.77
N ILE F 389 51.45 -78.72 22.01
CA ILE F 389 51.65 -77.61 22.94
C ILE F 389 52.49 -78.07 24.13
N GLY F 390 53.40 -79.01 23.91
CA GLY F 390 54.21 -79.50 25.00
C GLY F 390 55.57 -79.97 24.51
N VAL F 391 56.35 -80.48 25.46
CA VAL F 391 57.70 -80.95 25.20
C VAL F 391 57.84 -82.34 25.82
N GLY F 392 58.24 -83.31 25.00
CA GLY F 392 58.50 -84.65 25.49
C GLY F 392 57.30 -85.58 25.39
N GLU F 393 57.18 -86.49 26.35
CA GLU F 393 56.10 -87.47 26.35
C GLU F 393 54.87 -87.01 27.10
N LYS F 394 54.99 -85.99 27.95
CA LYS F 394 53.87 -85.47 28.72
C LYS F 394 53.17 -84.29 28.02
N LYS F 395 53.25 -84.24 26.70
CA LYS F 395 52.62 -83.17 25.93
C LYS F 395 51.13 -83.44 25.77
N ILE F 396 50.42 -82.43 25.29
CA ILE F 396 49.03 -82.58 24.84
C ILE F 396 49.01 -82.35 23.34
N THR F 397 48.23 -83.17 22.64
CA THR F 397 48.17 -83.13 21.19
C THR F 397 46.71 -83.16 20.76
N HIS F 398 46.31 -82.20 19.93
CA HIS F 398 44.97 -82.15 19.37
C HIS F 398 45.07 -82.15 17.85
N HIS F 399 44.38 -83.10 17.22
CA HIS F 399 44.35 -83.16 15.77
C HIS F 399 43.43 -82.07 15.23
N TRP F 400 43.88 -81.37 14.20
CA TRP F 400 43.13 -80.28 13.60
C TRP F 400 43.08 -80.44 12.09
N HIS F 401 41.94 -80.10 11.51
CA HIS F 401 41.74 -80.08 10.07
C HIS F 401 41.22 -78.71 9.67
N ARG F 402 41.96 -78.03 8.81
CA ARG F 402 41.58 -76.71 8.34
C ARG F 402 40.99 -76.81 6.94
N SER F 403 39.72 -76.45 6.81
CA SER F 403 39.01 -76.53 5.55
C SER F 403 39.33 -75.32 4.68
N GLY F 404 39.65 -75.56 3.42
CA GLY F 404 39.95 -74.49 2.49
C GLY F 404 40.98 -74.94 1.49
N SER F 405 41.61 -73.95 0.86
CA SER F 405 42.68 -74.21 -0.10
C SER F 405 43.58 -72.98 -0.16
N THR F 406 44.64 -73.08 -0.97
CA THR F 406 45.50 -71.93 -1.20
C THR F 406 44.85 -70.92 -2.12
N ILE F 407 44.23 -71.40 -3.21
CA ILE F 407 43.57 -70.51 -4.15
C ILE F 407 42.30 -69.91 -3.55
N GLY F 408 41.67 -70.61 -2.59
CA GLY F 408 40.55 -70.02 -1.88
C GLY F 408 40.97 -68.90 -0.94
N LYS F 409 42.12 -69.06 -0.28
CA LYS F 409 42.66 -67.99 0.54
C LYS F 409 43.13 -66.80 -0.31
N ALA F 410 43.66 -67.08 -1.50
CA ALA F 410 44.04 -65.99 -2.41
C ALA F 410 42.82 -65.24 -2.94
N PHE F 411 41.73 -65.97 -3.23
CA PHE F 411 40.49 -65.31 -3.65
C PHE F 411 39.84 -64.54 -2.51
N GLU F 412 39.94 -65.05 -1.28
CA GLU F 412 39.44 -64.31 -0.12
C GLU F 412 40.27 -63.06 0.14
N ALA F 413 41.59 -63.13 -0.05
CA ALA F 413 42.43 -61.94 0.04
C ALA F 413 42.13 -60.94 -1.06
N THR F 414 41.78 -61.42 -2.27
CA THR F 414 41.39 -60.52 -3.35
C THR F 414 40.07 -59.83 -3.05
N VAL F 415 39.11 -60.56 -2.46
CA VAL F 415 37.82 -59.97 -2.07
C VAL F 415 38.01 -58.96 -0.94
N ARG F 416 38.89 -59.28 0.02
CA ARG F 416 39.17 -58.37 1.14
C ARG F 416 39.87 -57.10 0.67
N GLY F 417 40.85 -57.23 -0.22
CA GLY F 417 41.50 -56.06 -0.81
C GLY F 417 40.57 -55.23 -1.67
N ALA F 418 39.65 -55.88 -2.39
CA ALA F 418 38.66 -55.15 -3.19
C ALA F 418 37.69 -54.36 -2.31
N LYS F 419 37.26 -54.95 -1.19
CA LYS F 419 36.37 -54.22 -0.30
C LYS F 419 37.11 -53.13 0.47
N ARG F 420 38.40 -53.33 0.77
CA ARG F 420 39.19 -52.28 1.40
C ARG F 420 39.47 -51.14 0.44
N MET F 421 39.59 -51.43 -0.85
CA MET F 421 39.73 -50.38 -1.85
C MET F 421 38.41 -49.65 -2.07
N ALA F 422 37.29 -50.37 -1.99
CA ALA F 422 35.99 -49.73 -2.20
C ALA F 422 35.58 -48.88 -1.01
N VAL F 423 35.98 -49.26 0.20
CA VAL F 423 35.59 -48.49 1.38
C VAL F 423 36.45 -47.24 1.52
N LEU F 424 37.77 -47.40 1.48
CA LEU F 424 38.67 -46.28 1.75
C LEU F 424 38.97 -45.48 0.48
N GLY F 425 39.52 -46.13 -0.54
CA GLY F 425 39.81 -45.44 -1.78
C GLY F 425 41.30 -45.26 -2.01
N ASP F 426 41.77 -44.02 -1.90
CA ASP F 426 43.18 -43.73 -2.19
C ASP F 426 44.11 -44.20 -1.09
N THR F 427 43.61 -44.34 0.14
CA THR F 427 44.43 -44.76 1.27
C THR F 427 44.68 -46.27 1.28
N ALA F 428 44.01 -47.03 0.42
CA ALA F 428 44.12 -48.48 0.40
C ALA F 428 45.45 -48.97 -0.15
N TRP F 429 46.24 -48.11 -0.81
CA TRP F 429 47.59 -48.47 -1.23
C TRP F 429 48.61 -48.21 -0.13
N ASP F 430 48.18 -47.77 1.04
CA ASP F 430 49.06 -47.54 2.19
C ASP F 430 48.75 -48.50 3.32
N PHE F 431 48.10 -49.63 3.03
CA PHE F 431 47.72 -50.58 4.07
C PHE F 431 48.79 -51.63 4.34
N GLY F 432 49.51 -52.05 3.30
CA GLY F 432 50.58 -53.01 3.48
C GLY F 432 51.86 -52.55 2.84
N SER F 433 51.97 -51.25 2.58
CA SER F 433 53.14 -50.71 1.90
C SER F 433 54.32 -50.58 2.86
N VAL F 434 55.49 -50.93 2.36
CA VAL F 434 56.75 -50.77 3.09
C VAL F 434 57.64 -49.72 2.47
N GLY F 435 57.17 -49.04 1.42
CA GLY F 435 57.99 -48.10 0.69
C GLY F 435 58.56 -48.74 -0.56
N GLY F 436 57.97 -48.44 -1.71
CA GLY F 436 58.41 -49.07 -2.93
C GLY F 436 58.11 -48.23 -4.15
N ALA F 437 58.59 -48.71 -5.29
CA ALA F 437 58.37 -48.06 -6.57
C ALA F 437 57.01 -48.39 -7.17
N LEU F 438 56.25 -49.27 -6.54
CA LEU F 438 54.91 -49.63 -6.99
C LEU F 438 53.82 -49.15 -6.06
N ASN F 439 54.03 -49.24 -4.74
CA ASN F 439 53.02 -48.81 -3.79
C ASN F 439 52.99 -47.31 -3.58
N SER F 440 54.00 -46.58 -4.07
CA SER F 440 53.95 -45.12 -4.06
C SER F 440 53.68 -44.54 -5.44
N LEU F 441 53.79 -45.34 -6.49
CA LEU F 441 53.37 -44.94 -7.82
C LEU F 441 51.93 -45.36 -8.09
N GLY F 442 51.56 -46.56 -7.62
CA GLY F 442 50.17 -46.99 -7.72
C GLY F 442 49.23 -46.14 -6.89
N LYS F 443 49.70 -45.67 -5.72
CA LYS F 443 48.94 -44.74 -4.91
C LYS F 443 48.75 -43.40 -5.62
N GLY F 444 49.78 -42.95 -6.34
CA GLY F 444 49.67 -41.69 -7.08
C GLY F 444 48.71 -41.79 -8.25
N ILE F 445 48.80 -42.87 -9.03
CA ILE F 445 47.89 -43.01 -10.16
C ILE F 445 46.47 -43.35 -9.70
N HIS F 446 46.33 -44.00 -8.54
CA HIS F 446 45.00 -44.23 -7.99
C HIS F 446 44.40 -42.96 -7.40
N GLN F 447 45.23 -42.07 -6.85
CA GLN F 447 44.71 -40.79 -6.39
C GLN F 447 44.34 -39.89 -7.55
N ILE F 448 45.08 -39.97 -8.67
CA ILE F 448 44.70 -39.24 -9.88
C ILE F 448 43.39 -39.76 -10.45
N PHE F 449 43.22 -41.09 -10.49
CA PHE F 449 41.98 -41.70 -10.97
C PHE F 449 40.82 -41.42 -10.04
N GLY F 450 41.05 -41.40 -8.73
CA GLY F 450 40.00 -41.09 -7.78
C GLY F 450 39.62 -39.63 -7.77
N ALA F 451 40.57 -38.73 -8.05
CA ALA F 451 40.23 -37.32 -8.17
C ALA F 451 39.50 -37.04 -9.48
N ALA F 452 39.81 -37.79 -10.53
CA ALA F 452 39.07 -37.64 -11.79
C ALA F 452 37.76 -38.42 -11.79
N PHE F 453 37.54 -39.28 -10.81
CA PHE F 453 36.29 -40.01 -10.67
C PHE F 453 35.33 -39.35 -9.68
N LYS F 454 35.86 -38.77 -8.60
CA LYS F 454 35.00 -38.17 -7.58
C LYS F 454 34.43 -36.83 -8.04
N SER F 455 35.13 -36.12 -8.92
CA SER F 455 34.59 -34.89 -9.46
C SER F 455 33.74 -35.12 -10.69
N LEU F 456 33.85 -36.29 -11.31
CA LEU F 456 33.06 -36.59 -12.50
C LEU F 456 31.63 -36.93 -12.13
N PHE F 457 31.44 -38.04 -11.41
CA PHE F 457 30.09 -38.43 -11.01
C PHE F 457 29.66 -37.70 -9.74
N GLY F 458 30.30 -38.03 -8.61
CA GLY F 458 30.18 -37.29 -7.37
C GLY F 458 28.84 -37.13 -6.67
N GLY F 459 27.76 -37.62 -7.25
CA GLY F 459 26.45 -37.41 -6.68
C GLY F 459 25.49 -38.57 -6.89
N MET F 460 26.04 -39.73 -7.20
CA MET F 460 25.23 -40.87 -7.57
C MET F 460 24.87 -41.71 -6.35
N SER F 461 23.69 -42.31 -6.40
CA SER F 461 23.20 -43.16 -5.33
C SER F 461 23.59 -44.60 -5.60
N TRP F 462 23.02 -45.53 -4.83
CA TRP F 462 23.30 -46.94 -5.07
C TRP F 462 22.57 -47.47 -6.29
N PHE F 463 21.39 -46.93 -6.58
CA PHE F 463 20.63 -47.41 -7.73
C PHE F 463 21.07 -46.75 -9.03
N SER F 464 21.39 -45.45 -8.96
CA SER F 464 21.82 -44.72 -10.15
C SER F 464 23.19 -45.19 -10.65
N GLN F 465 24.06 -45.62 -9.73
CA GLN F 465 25.34 -46.21 -10.11
C GLN F 465 25.15 -47.53 -10.86
N ILE F 466 24.23 -48.37 -10.39
CA ILE F 466 23.90 -49.62 -11.07
C ILE F 466 23.27 -49.35 -12.43
N LEU F 467 22.44 -48.30 -12.53
CA LEU F 467 21.80 -47.93 -13.79
C LEU F 467 22.82 -47.43 -14.82
N ILE F 468 23.71 -46.53 -14.43
CA ILE F 468 24.74 -46.07 -15.37
C ILE F 468 25.80 -47.14 -15.61
N GLY F 469 25.97 -48.08 -14.69
CA GLY F 469 26.86 -49.21 -14.95
C GLY F 469 26.28 -50.16 -15.97
N THR F 470 24.96 -50.37 -15.93
CA THR F 470 24.30 -51.18 -16.95
C THR F 470 24.32 -50.48 -18.31
N LEU F 471 24.18 -49.15 -18.31
CA LEU F 471 24.27 -48.37 -19.55
C LEU F 471 25.67 -48.43 -20.15
N LEU F 472 26.71 -48.27 -19.32
CA LEU F 472 28.07 -48.41 -19.82
C LEU F 472 28.44 -49.85 -20.13
N MET F 473 27.78 -50.82 -19.50
CA MET F 473 27.97 -52.22 -19.86
C MET F 473 27.44 -52.51 -21.25
N TRP F 474 26.26 -51.98 -21.58
CA TRP F 474 25.75 -52.14 -22.93
C TRP F 474 26.54 -51.31 -23.94
N LEU F 475 27.08 -50.17 -23.51
CA LEU F 475 27.96 -49.39 -24.38
C LEU F 475 29.33 -50.02 -24.58
N GLY F 476 29.75 -50.90 -23.67
CA GLY F 476 31.00 -51.61 -23.84
C GLY F 476 30.82 -52.94 -24.55
N LEU F 477 29.62 -53.49 -24.49
CA LEU F 477 29.30 -54.70 -25.22
C LEU F 477 29.04 -54.45 -26.70
N ASN F 478 28.82 -53.19 -27.10
CA ASN F 478 28.64 -52.81 -28.48
C ASN F 478 29.61 -51.69 -28.80
N THR F 479 29.52 -51.20 -30.05
CA THR F 479 30.27 -50.06 -30.60
C THR F 479 31.78 -50.29 -30.48
N LYS F 480 32.27 -51.22 -31.30
CA LYS F 480 33.67 -51.59 -31.33
C LYS F 480 34.49 -50.43 -31.87
N ASN F 481 35.28 -49.81 -30.99
CA ASN F 481 36.09 -48.66 -31.32
C ASN F 481 37.32 -48.67 -30.42
N GLY F 482 38.11 -47.60 -30.47
CA GLY F 482 39.27 -47.50 -29.60
C GLY F 482 38.90 -47.25 -28.15
N SER F 483 37.75 -46.64 -27.92
CA SER F 483 37.27 -46.39 -26.56
C SER F 483 36.37 -47.52 -26.07
N ILE F 484 36.84 -48.76 -26.19
CA ILE F 484 36.12 -49.90 -25.66
C ILE F 484 36.67 -50.32 -24.30
N SER F 485 37.85 -49.84 -23.92
CA SER F 485 38.39 -50.04 -22.59
C SER F 485 38.02 -48.93 -21.63
N LEU F 486 37.73 -47.73 -22.16
CA LEU F 486 37.28 -46.63 -21.31
C LEU F 486 35.86 -46.84 -20.83
N MET F 487 35.07 -47.61 -21.57
CA MET F 487 33.71 -47.92 -21.14
C MET F 487 33.67 -49.12 -20.21
N CYS F 488 34.70 -49.97 -20.23
CA CYS F 488 34.77 -51.10 -19.31
C CYS F 488 35.50 -50.77 -18.03
N LEU F 489 36.43 -49.81 -18.07
CA LEU F 489 37.03 -49.31 -16.84
C LEU F 489 36.01 -48.51 -16.02
N ALA F 490 35.18 -47.73 -16.71
CA ALA F 490 34.07 -47.02 -16.08
C ALA F 490 32.87 -47.93 -15.84
N LEU F 491 32.93 -49.18 -16.29
CA LEU F 491 31.98 -50.19 -15.86
C LEU F 491 32.39 -50.78 -14.52
N GLY F 492 33.64 -51.27 -14.45
CA GLY F 492 34.10 -51.96 -13.26
C GLY F 492 34.31 -51.03 -12.08
N GLY F 493 34.84 -49.83 -12.34
CA GLY F 493 35.06 -48.84 -11.30
C GLY F 493 33.79 -48.30 -10.66
N VAL F 494 32.65 -48.45 -11.34
CA VAL F 494 31.37 -48.12 -10.73
C VAL F 494 30.71 -49.35 -10.12
N LEU F 495 30.83 -50.52 -10.77
CA LEU F 495 30.11 -51.70 -10.31
C LEU F 495 30.73 -52.30 -9.05
N ILE F 496 32.06 -52.35 -8.95
CA ILE F 496 32.69 -52.85 -7.74
C ILE F 496 32.53 -51.85 -6.60
N PHE F 497 32.53 -50.55 -6.91
CA PHE F 497 32.34 -49.53 -5.89
C PHE F 497 30.90 -49.47 -5.40
N LEU F 498 29.95 -49.89 -6.22
CA LEU F 498 28.53 -49.78 -5.87
C LEU F 498 27.95 -51.07 -5.30
N SER F 499 28.19 -52.20 -5.96
CA SER F 499 27.56 -53.46 -5.58
C SER F 499 28.11 -54.02 -4.27
N THR F 500 29.40 -53.81 -4.01
CA THR F 500 30.02 -54.29 -2.77
C THR F 500 29.64 -53.35 -1.64
N ALA F 501 28.44 -53.58 -1.09
CA ALA F 501 27.93 -52.79 0.01
C ALA F 501 27.04 -53.63 0.91
N GLU G 1 -35.00 -14.96 18.60
CA GLU G 1 -34.79 -13.66 17.99
C GLU G 1 -33.38 -13.14 18.27
N VAL G 2 -33.22 -11.82 18.23
CA VAL G 2 -31.92 -11.18 18.45
C VAL G 2 -31.65 -11.22 19.96
N GLN G 3 -30.83 -12.16 20.40
CA GLN G 3 -30.47 -12.33 21.81
C GLN G 3 -28.95 -12.46 21.91
N LEU G 4 -28.28 -11.37 22.27
CA LEU G 4 -26.85 -11.35 22.49
C LEU G 4 -26.60 -10.98 23.95
N LEU G 5 -26.61 -11.99 24.81
CA LEU G 5 -26.36 -11.76 26.23
C LEU G 5 -24.86 -11.63 26.49
N GLU G 6 -24.52 -10.78 27.45
CA GLU G 6 -23.14 -10.54 27.82
C GLU G 6 -22.91 -10.94 29.27
N SER G 7 -21.66 -11.24 29.59
CA SER G 7 -21.27 -11.65 30.94
C SER G 7 -19.85 -11.20 31.19
N GLY G 8 -19.28 -11.65 32.31
CA GLY G 8 -17.95 -11.24 32.70
C GLY G 8 -17.93 -9.86 33.33
N GLY G 9 -18.85 -9.61 34.25
CA GLY G 9 -18.97 -8.33 34.88
C GLY G 9 -18.01 -8.14 36.04
N GLY G 10 -18.27 -7.10 36.83
CA GLY G 10 -17.42 -6.78 37.95
C GLY G 10 -16.48 -5.63 37.67
N LEU G 11 -15.31 -5.63 38.32
CA LEU G 11 -14.31 -4.59 38.15
C LEU G 11 -13.01 -5.21 37.66
N VAL G 12 -12.20 -4.40 36.98
CA VAL G 12 -10.91 -4.82 36.46
C VAL G 12 -9.83 -4.06 37.21
N GLN G 13 -9.01 -4.78 37.96
CA GLN G 13 -7.90 -4.18 38.67
C GLN G 13 -6.76 -3.88 37.72
N PRO G 14 -6.01 -2.78 37.94
CA PRO G 14 -4.86 -2.49 37.08
C PRO G 14 -3.69 -3.43 37.30
N GLY G 15 -3.39 -4.25 36.29
CA GLY G 15 -2.34 -5.24 36.37
C GLY G 15 -2.78 -6.67 36.13
N GLY G 16 -4.09 -6.95 36.14
CA GLY G 16 -4.60 -8.28 35.94
C GLY G 16 -5.11 -8.49 34.52
N SER G 17 -5.92 -9.53 34.36
CA SER G 17 -6.49 -9.87 33.06
C SER G 17 -7.81 -10.60 33.27
N LEU G 18 -8.84 -10.19 32.53
CA LEU G 18 -10.16 -10.79 32.62
C LEU G 18 -10.67 -11.11 31.22
N ARG G 19 -11.89 -11.66 31.16
CA ARG G 19 -12.50 -12.06 29.90
C ARG G 19 -13.94 -11.61 29.88
N LEU G 20 -14.32 -10.89 28.82
CA LEU G 20 -15.70 -10.53 28.57
C LEU G 20 -16.33 -11.61 27.69
N SER G 21 -17.27 -12.37 28.24
CA SER G 21 -17.86 -13.52 27.57
C SER G 21 -19.26 -13.17 27.10
N CYS G 22 -19.44 -13.04 25.79
CA CYS G 22 -20.74 -12.79 25.19
C CYS G 22 -21.40 -14.13 24.86
N ALA G 23 -22.53 -14.41 25.50
CA ALA G 23 -23.27 -15.65 25.26
C ALA G 23 -24.21 -15.44 24.08
N ALA G 24 -23.65 -15.59 22.88
CA ALA G 24 -24.42 -15.39 21.65
C ALA G 24 -25.16 -16.68 21.29
N SER G 25 -26.49 -16.60 21.24
CA SER G 25 -27.31 -17.76 20.92
C SER G 25 -28.56 -17.29 20.19
N GLY G 26 -29.06 -18.14 19.29
CA GLY G 26 -30.25 -17.86 18.52
C GLY G 26 -30.03 -17.72 17.03
N PHE G 27 -28.79 -17.78 16.55
CA PHE G 27 -28.48 -17.69 15.14
C PHE G 27 -27.34 -18.63 14.82
N SER G 28 -27.05 -18.76 13.52
CA SER G 28 -25.91 -19.57 13.07
C SER G 28 -24.68 -18.68 13.12
N PHE G 29 -23.98 -18.71 14.25
CA PHE G 29 -22.83 -17.84 14.48
C PHE G 29 -21.52 -18.42 13.97
N SER G 30 -21.57 -19.49 13.18
CA SER G 30 -20.38 -19.95 12.48
C SER G 30 -20.06 -19.09 11.27
N THR G 31 -21.03 -18.34 10.75
CA THR G 31 -20.82 -17.44 9.64
C THR G 31 -20.90 -15.96 10.02
N TYR G 32 -21.55 -15.64 11.14
CA TYR G 32 -21.72 -14.25 11.56
C TYR G 32 -20.41 -13.74 12.15
N SER G 33 -19.86 -12.69 11.55
CA SER G 33 -18.68 -12.05 12.13
C SER G 33 -19.06 -11.28 13.37
N MET G 34 -18.17 -11.30 14.36
CA MET G 34 -18.42 -10.66 15.65
C MET G 34 -17.53 -9.45 15.82
N HIS G 35 -18.08 -8.41 16.45
CA HIS G 35 -17.38 -7.14 16.65
C HIS G 35 -17.50 -6.72 18.11
N TRP G 36 -16.71 -5.72 18.50
CA TRP G 36 -16.72 -5.20 19.86
C TRP G 36 -16.68 -3.69 19.81
N VAL G 37 -17.72 -3.04 20.36
CA VAL G 37 -17.86 -1.59 20.35
C VAL G 37 -17.97 -1.12 21.79
N ARG G 38 -17.15 -0.13 22.16
CA ARG G 38 -17.20 0.46 23.49
C ARG G 38 -18.32 1.50 23.59
N GLN G 39 -18.52 2.03 24.79
CA GLN G 39 -19.43 3.14 25.03
C GLN G 39 -18.85 3.95 26.19
N ALA G 40 -18.12 5.02 25.86
CA ALA G 40 -17.49 5.83 26.89
C ALA G 40 -18.52 6.76 27.53
N PRO G 41 -18.56 6.87 28.85
CA PRO G 41 -19.48 7.81 29.51
C PRO G 41 -19.03 9.25 29.33
N GLY G 42 -19.89 10.05 28.68
CA GLY G 42 -19.59 11.42 28.39
C GLY G 42 -19.03 11.66 27.00
N LYS G 43 -18.49 10.63 26.37
CA LYS G 43 -17.93 10.72 25.02
C LYS G 43 -18.71 9.79 24.09
N GLY G 44 -18.23 9.66 22.86
CA GLY G 44 -18.88 8.84 21.87
C GLY G 44 -18.53 7.37 22.00
N LEU G 45 -18.85 6.64 20.93
CA LEU G 45 -18.57 5.21 20.87
C LEU G 45 -17.17 4.96 20.34
N GLU G 46 -16.56 3.87 20.80
CA GLU G 46 -15.24 3.49 20.36
C GLU G 46 -15.26 2.07 19.80
N TRP G 47 -14.55 1.89 18.68
CA TRP G 47 -14.40 0.58 18.06
C TRP G 47 -13.14 -0.07 18.60
N VAL G 48 -13.27 -1.31 19.08
CA VAL G 48 -12.15 -1.95 19.75
C VAL G 48 -11.53 -3.03 18.88
N SER G 49 -12.27 -4.10 18.62
CA SER G 49 -11.71 -5.26 17.94
C SER G 49 -12.84 -6.09 17.35
N ALA G 50 -12.49 -7.02 16.48
CA ALA G 50 -13.49 -7.85 15.83
C ALA G 50 -12.91 -9.16 15.32
N ILE G 51 -13.76 -10.17 15.20
CA ILE G 51 -13.34 -11.47 14.71
C ILE G 51 -14.08 -11.83 13.43
N SER G 52 -13.32 -12.26 12.43
CA SER G 52 -13.86 -12.66 11.13
C SER G 52 -14.48 -14.04 11.19
N GLY G 53 -15.21 -14.43 10.14
CA GLY G 53 -15.84 -15.73 10.12
C GLY G 53 -14.80 -16.83 10.22
N GLU G 54 -13.68 -16.70 9.50
CA GLU G 54 -12.62 -17.68 9.60
C GLU G 54 -12.03 -17.54 11.00
N GLY G 55 -11.71 -18.64 11.65
CA GLY G 55 -11.18 -18.59 13.01
C GLY G 55 -9.87 -17.88 13.25
N ASP G 56 -8.90 -18.09 12.37
CA ASP G 56 -7.57 -17.47 12.54
C ASP G 56 -7.52 -15.94 12.47
N SER G 57 -8.23 -15.35 11.53
CA SER G 57 -8.23 -13.89 11.38
C SER G 57 -8.97 -13.14 12.49
N ALA G 58 -8.40 -12.02 12.92
CA ALA G 58 -8.96 -11.17 13.96
C ALA G 58 -8.24 -9.82 13.96
N TYR G 59 -8.99 -8.72 13.91
CA TYR G 59 -8.38 -7.41 13.90
C TYR G 59 -8.80 -6.59 15.12
N TYR G 60 -7.94 -5.64 15.46
CA TYR G 60 -8.17 -4.70 16.55
C TYR G 60 -7.93 -3.29 16.03
N ALA G 61 -8.17 -2.31 16.88
CA ALA G 61 -7.88 -0.92 16.53
C ALA G 61 -6.42 -0.62 16.85
N ASP G 62 -5.91 0.47 16.27
CA ASP G 62 -4.50 0.81 16.43
C ASP G 62 -4.16 1.29 17.83
N SER G 63 -5.14 1.83 18.56
CA SER G 63 -4.91 2.26 19.93
C SER G 63 -4.93 1.08 20.91
N VAL G 64 -5.53 -0.04 20.53
CA VAL G 64 -5.63 -1.20 21.40
C VAL G 64 -5.02 -2.44 20.74
N LYS G 65 -4.07 -2.22 19.84
CA LYS G 65 -3.45 -3.33 19.11
C LYS G 65 -2.44 -4.05 19.99
N GLY G 66 -2.50 -5.38 19.98
CA GLY G 66 -1.58 -6.19 20.75
C GLY G 66 -1.94 -6.35 22.20
N ARG G 67 -3.12 -5.91 22.62
CA ARG G 67 -3.54 -6.02 24.01
C ARG G 67 -4.77 -6.88 24.21
N PHE G 68 -5.78 -6.73 23.38
CA PHE G 68 -7.06 -7.41 23.54
C PHE G 68 -7.23 -8.41 22.42
N THR G 69 -7.10 -9.70 22.74
CA THR G 69 -7.24 -10.77 21.77
C THR G 69 -8.54 -11.53 22.05
N ILE G 70 -9.24 -11.90 20.98
CA ILE G 70 -10.53 -12.56 21.10
C ILE G 70 -10.40 -13.99 20.61
N SER G 71 -11.34 -14.83 21.05
CA SER G 71 -11.38 -16.24 20.66
C SER G 71 -12.83 -16.67 20.53
N ARG G 72 -13.13 -17.35 19.43
CA ARG G 72 -14.48 -17.85 19.16
C ARG G 72 -14.48 -19.37 19.16
N ASP G 73 -15.36 -19.95 19.99
CA ASP G 73 -15.57 -21.38 19.97
C ASP G 73 -16.74 -21.69 19.03
N ASN G 74 -16.47 -22.45 17.97
CA ASN G 74 -17.50 -22.77 17.00
C ASN G 74 -18.50 -23.79 17.53
N SER G 75 -18.13 -24.59 18.51
CA SER G 75 -19.06 -25.50 19.16
C SER G 75 -19.88 -24.82 20.25
N LYS G 76 -19.52 -23.59 20.64
CA LYS G 76 -20.24 -22.85 21.67
C LYS G 76 -20.89 -21.58 21.19
N ASN G 77 -20.43 -21.02 20.05
CA ASN G 77 -20.87 -19.73 19.49
C ASN G 77 -20.73 -18.59 20.49
N THR G 78 -19.60 -18.57 21.20
CA THR G 78 -19.33 -17.60 22.25
C THR G 78 -18.06 -16.84 21.94
N LEU G 79 -17.83 -15.78 22.71
CA LEU G 79 -16.64 -14.95 22.58
C LEU G 79 -15.90 -14.88 23.91
N TYR G 80 -14.61 -14.58 23.83
CA TYR G 80 -13.75 -14.39 25.00
C TYR G 80 -12.78 -13.27 24.68
N LEU G 81 -13.13 -12.04 25.04
CA LEU G 81 -12.25 -10.89 24.85
C LEU G 81 -11.27 -10.83 26.02
N GLN G 82 -10.03 -11.23 25.77
CA GLN G 82 -9.00 -11.27 26.81
C GLN G 82 -8.57 -9.84 27.13
N MET G 83 -8.85 -9.40 28.36
CA MET G 83 -8.60 -8.02 28.76
C MET G 83 -7.21 -7.90 29.39
N ASN G 84 -6.19 -8.04 28.53
CA ASN G 84 -4.81 -7.98 28.97
C ASN G 84 -4.31 -6.54 28.91
N LYS G 85 -3.61 -6.13 29.97
CA LYS G 85 -3.00 -4.80 30.14
C LYS G 85 -4.05 -3.68 30.06
N VAL G 86 -4.99 -3.72 31.00
CA VAL G 86 -6.07 -2.74 31.05
C VAL G 86 -5.57 -1.48 31.72
N ARG G 87 -5.65 -0.35 31.02
CA ARG G 87 -5.27 0.95 31.54
C ARG G 87 -6.51 1.71 31.99
N ALA G 88 -6.33 2.98 32.34
CA ALA G 88 -7.44 3.81 32.84
C ALA G 88 -8.36 4.32 31.74
N GLU G 89 -7.98 4.16 30.48
CA GLU G 89 -8.81 4.61 29.36
C GLU G 89 -9.85 3.59 28.93
N ASP G 90 -9.90 2.42 29.58
CA ASP G 90 -10.84 1.38 29.23
C ASP G 90 -12.12 1.42 30.06
N THR G 91 -12.37 2.53 30.76
CA THR G 91 -13.58 2.69 31.57
C THR G 91 -14.73 3.05 30.64
N ALA G 92 -15.37 2.02 30.07
CA ALA G 92 -16.47 2.22 29.13
C ALA G 92 -17.41 1.04 29.24
N VAL G 93 -18.39 0.97 28.35
CA VAL G 93 -19.39 -0.08 28.33
C VAL G 93 -19.19 -0.87 27.04
N TYR G 94 -18.71 -2.10 27.17
CA TYR G 94 -18.42 -2.93 26.00
C TYR G 94 -19.69 -3.60 25.50
N TYR G 95 -19.72 -3.86 24.19
CA TYR G 95 -20.86 -4.49 23.54
C TYR G 95 -20.37 -5.60 22.62
N CYS G 96 -21.32 -6.29 22.00
CA CYS G 96 -21.04 -7.35 21.04
C CYS G 96 -21.93 -7.16 19.83
N VAL G 97 -21.31 -6.94 18.67
CA VAL G 97 -22.02 -6.69 17.42
C VAL G 97 -21.80 -7.87 16.50
N GLY G 98 -22.89 -8.49 16.06
CA GLY G 98 -22.80 -9.65 15.18
C GLY G 98 -23.58 -9.47 13.90
N GLY G 99 -22.90 -9.60 12.77
CA GLY G 99 -23.55 -9.49 11.48
C GLY G 99 -23.00 -10.51 10.50
N TYR G 100 -23.81 -10.83 9.50
CA TYR G 100 -23.41 -11.82 8.50
C TYR G 100 -22.39 -11.22 7.55
N SER G 101 -21.37 -12.01 7.22
CA SER G 101 -20.26 -11.56 6.40
C SER G 101 -19.98 -12.59 5.32
N ASN G 102 -20.19 -12.20 4.05
CA ASN G 102 -19.71 -13.01 2.95
C ASN G 102 -18.20 -12.90 2.82
N PHE G 103 -17.66 -11.71 3.05
CA PHE G 103 -16.23 -11.47 3.09
C PHE G 103 -15.76 -11.60 4.55
N TYR G 104 -14.57 -11.08 4.86
CA TYR G 104 -14.00 -11.20 6.19
C TYR G 104 -14.79 -10.39 7.22
N TYR G 105 -14.87 -9.07 7.03
CA TYR G 105 -15.51 -8.18 7.99
C TYR G 105 -16.55 -7.31 7.28
N TYR G 106 -17.82 -7.71 7.36
CA TYR G 106 -18.92 -6.95 6.79
C TYR G 106 -20.20 -7.33 7.50
N TYR G 107 -21.18 -6.44 7.46
CA TYR G 107 -22.51 -6.72 7.94
C TYR G 107 -23.53 -5.87 7.20
N THR G 108 -24.67 -6.47 6.89
CA THR G 108 -25.78 -5.76 6.27
C THR G 108 -26.88 -5.41 7.27
N MET G 109 -27.13 -6.30 8.23
CA MET G 109 -28.02 -6.02 9.34
C MET G 109 -27.27 -6.32 10.63
N ASP G 110 -27.21 -5.34 11.52
CA ASP G 110 -26.39 -5.44 12.72
C ASP G 110 -27.23 -5.88 13.92
N ALA G 111 -26.57 -6.56 14.84
CA ALA G 111 -27.17 -6.94 16.12
C ALA G 111 -26.36 -6.30 17.24
N TRP G 112 -26.94 -6.28 18.44
CA TRP G 112 -26.30 -5.62 19.56
C TRP G 112 -26.60 -6.38 20.85
N GLY G 113 -25.75 -6.13 21.85
CA GLY G 113 -25.91 -6.71 23.16
C GLY G 113 -26.58 -5.76 24.13
N GLN G 114 -26.40 -6.06 25.42
CA GLN G 114 -26.98 -5.24 26.48
C GLN G 114 -25.96 -4.39 27.21
N GLY G 115 -24.68 -4.64 27.01
CA GLY G 115 -23.64 -3.85 27.63
C GLY G 115 -23.06 -4.51 28.87
N THR G 116 -21.84 -4.09 29.22
CA THR G 116 -21.13 -4.58 30.39
C THR G 116 -20.44 -3.40 31.05
N MET G 117 -20.72 -3.17 32.33
CA MET G 117 -20.12 -2.07 33.08
C MET G 117 -18.70 -2.48 33.46
N VAL G 118 -17.71 -1.94 32.74
CA VAL G 118 -16.30 -2.23 32.98
C VAL G 118 -15.63 -0.91 33.32
N THR G 119 -15.23 -0.77 34.59
CA THR G 119 -14.53 0.41 35.07
C THR G 119 -13.24 -0.01 35.75
N VAL G 120 -12.34 0.96 35.92
CA VAL G 120 -11.03 0.74 36.53
C VAL G 120 -10.98 1.55 37.82
N SER G 121 -10.76 0.86 38.94
CA SER G 121 -10.64 1.50 40.24
C SER G 121 -9.56 0.82 41.05
N SER G 122 -8.74 1.60 41.74
CA SER G 122 -7.64 1.09 42.55
C SER G 122 -7.78 1.67 43.95
N ALA G 123 -8.53 0.96 44.80
CA ALA G 123 -8.75 1.37 46.18
C ALA G 123 -9.02 0.13 47.01
N SER G 124 -9.25 0.34 48.31
CA SER G 124 -9.56 -0.74 49.22
C SER G 124 -11.07 -0.93 49.32
N THR G 125 -11.50 -1.79 50.24
CA THR G 125 -12.93 -2.06 50.43
C THR G 125 -13.53 -0.98 51.31
N LYS G 126 -14.42 -0.17 50.74
CA LYS G 126 -15.07 0.92 51.47
C LYS G 126 -16.57 0.74 51.44
N GLY G 127 -17.24 1.40 52.37
CA GLY G 127 -18.68 1.34 52.48
C GLY G 127 -19.33 2.64 52.06
N PRO G 128 -20.62 2.60 51.72
CA PRO G 128 -21.33 3.82 51.32
C PRO G 128 -21.67 4.68 52.53
N SER G 129 -21.38 5.98 52.41
CA SER G 129 -21.68 6.95 53.44
C SER G 129 -22.98 7.69 53.10
N VAL G 130 -23.54 8.34 54.12
CA VAL G 130 -24.79 9.09 53.99
C VAL G 130 -24.46 10.57 54.11
N PHE G 131 -24.48 11.27 52.98
CA PHE G 131 -24.22 12.70 52.95
C PHE G 131 -25.52 13.44 52.73
N PRO G 132 -25.89 14.37 53.60
CA PRO G 132 -27.19 15.04 53.46
C PRO G 132 -27.15 16.15 52.41
N LEU G 133 -28.35 16.63 52.09
CA LEU G 133 -28.55 17.75 51.17
C LEU G 133 -29.93 18.32 51.47
N ALA G 134 -30.02 19.65 51.55
CA ALA G 134 -31.28 20.29 51.92
C ALA G 134 -31.29 21.70 51.36
N PRO G 135 -32.47 22.24 51.02
CA PRO G 135 -32.54 23.66 50.63
C PRO G 135 -32.53 24.61 51.81
N SER G 136 -32.70 25.90 51.53
CA SER G 136 -32.68 26.91 52.59
C SER G 136 -33.98 26.87 53.39
N SER G 137 -33.89 27.31 54.64
CA SER G 137 -35.02 27.30 55.57
C SER G 137 -35.79 28.61 55.54
N LYS G 138 -36.20 29.04 54.35
CA LYS G 138 -37.00 30.25 54.19
C LYS G 138 -38.29 30.06 53.43
N SER G 139 -38.40 29.03 52.58
CA SER G 139 -39.63 28.77 51.83
C SER G 139 -39.95 27.28 51.80
N THR G 140 -39.55 26.55 52.84
CA THR G 140 -39.78 25.11 52.92
C THR G 140 -41.09 24.76 53.60
N SER G 141 -41.93 25.74 53.90
CA SER G 141 -43.23 25.49 54.53
C SER G 141 -44.34 25.40 53.48
N GLY G 142 -44.16 24.45 52.56
CA GLY G 142 -45.13 24.22 51.51
C GLY G 142 -44.67 24.71 50.15
N GLY G 143 -44.26 23.79 49.30
CA GLY G 143 -43.81 24.15 47.97
C GLY G 143 -43.01 23.03 47.35
N THR G 144 -42.20 23.39 46.36
CA THR G 144 -41.32 22.46 45.66
C THR G 144 -39.87 22.83 45.95
N ALA G 145 -39.02 21.82 46.09
CA ALA G 145 -37.62 22.04 46.40
C ALA G 145 -36.80 20.92 45.77
N ALA G 146 -35.52 20.84 46.16
CA ALA G 146 -34.60 19.84 45.63
C ALA G 146 -33.64 19.42 46.73
N LEU G 147 -33.53 18.12 46.95
CA LEU G 147 -32.65 17.55 47.95
C LEU G 147 -32.23 16.16 47.50
N GLY G 148 -31.65 15.39 48.41
CA GLY G 148 -31.26 14.03 48.07
C GLY G 148 -30.17 13.44 48.94
N CYS G 149 -30.34 12.18 49.31
CA CYS G 149 -29.38 11.46 50.13
C CYS G 149 -28.18 11.09 49.27
N LEU G 150 -27.08 11.83 49.44
CA LEU G 150 -25.91 11.66 48.59
C LEU G 150 -25.09 10.46 49.06
N VAL G 151 -24.68 9.62 48.12
CA VAL G 151 -23.91 8.42 48.39
C VAL G 151 -22.59 8.53 47.64
N LYS G 152 -21.50 8.76 48.38
CA LYS G 152 -20.17 8.84 47.82
C LYS G 152 -19.24 7.88 48.57
N ASP G 153 -18.04 7.72 48.01
CA ASP G 153 -16.93 6.92 48.58
C ASP G 153 -17.30 5.46 48.82
N TYR G 154 -18.13 4.91 47.93
CA TYR G 154 -18.56 3.52 48.05
C TYR G 154 -17.79 2.63 47.10
N PHE G 155 -17.79 1.34 47.40
CA PHE G 155 -17.06 0.35 46.63
C PHE G 155 -17.69 -1.04 46.82
N PRO G 156 -18.13 -1.70 45.73
CA PRO G 156 -18.14 -1.23 44.35
C PRO G 156 -19.46 -0.57 43.94
N GLU G 157 -19.62 -0.34 42.64
CA GLU G 157 -20.82 0.23 42.05
C GLU G 157 -21.81 -0.88 41.71
N PRO G 158 -23.11 -0.73 42.03
CA PRO G 158 -23.71 0.36 42.79
C PRO G 158 -24.14 -0.02 44.20
N VAL G 159 -24.72 0.92 44.93
CA VAL G 159 -25.33 0.67 46.22
C VAL G 159 -26.84 0.87 46.07
N THR G 160 -27.61 -0.15 46.42
CA THR G 160 -29.07 -0.08 46.32
C THR G 160 -29.61 0.83 47.41
N VAL G 161 -29.99 2.05 47.03
CA VAL G 161 -30.49 3.06 47.95
C VAL G 161 -31.95 3.34 47.61
N SER G 162 -32.82 3.22 48.61
CA SER G 162 -34.23 3.53 48.48
C SER G 162 -34.53 4.85 49.20
N TRP G 163 -35.80 5.26 49.14
CA TRP G 163 -36.26 6.50 49.77
C TRP G 163 -37.64 6.24 50.36
N ASN G 164 -37.67 5.95 51.66
CA ASN G 164 -38.87 5.77 52.48
C ASN G 164 -39.77 4.64 51.96
N SER G 165 -39.13 3.49 51.71
CA SER G 165 -39.75 2.23 51.25
C SER G 165 -40.51 2.41 49.93
N GLY G 166 -39.91 3.14 49.01
CA GLY G 166 -40.52 3.33 47.70
C GLY G 166 -41.63 4.34 47.66
N ALA G 167 -41.48 5.47 48.34
CA ALA G 167 -42.47 6.54 48.36
C ALA G 167 -41.98 7.80 47.67
N LEU G 168 -40.81 8.31 48.06
CA LEU G 168 -40.24 9.51 47.45
C LEU G 168 -39.25 9.12 46.36
N THR G 169 -39.81 8.55 45.29
CA THR G 169 -39.03 8.08 44.15
C THR G 169 -39.37 8.88 42.89
N SER G 170 -39.72 10.15 43.05
CA SER G 170 -40.05 10.99 41.91
C SER G 170 -38.83 11.48 41.15
N GLY G 171 -37.67 11.53 41.79
CA GLY G 171 -36.46 11.98 41.14
C GLY G 171 -35.26 11.10 41.41
N VAL G 172 -35.47 10.03 42.17
CA VAL G 172 -34.38 9.11 42.51
C VAL G 172 -34.17 8.15 41.34
N HIS G 173 -32.95 8.14 40.80
CA HIS G 173 -32.60 7.28 39.69
C HIS G 173 -31.21 6.70 39.92
N THR G 174 -30.99 5.50 39.40
CA THR G 174 -29.71 4.80 39.55
C THR G 174 -28.70 5.43 38.61
N PHE G 175 -27.99 6.43 39.12
CA PHE G 175 -26.95 7.11 38.35
C PHE G 175 -25.63 6.35 38.43
N PRO G 176 -24.80 6.43 37.39
CA PRO G 176 -23.49 5.76 37.43
C PRO G 176 -22.52 6.47 38.36
N ALA G 177 -21.36 5.82 38.53
CA ALA G 177 -20.38 6.26 39.51
C ALA G 177 -19.63 7.49 39.03
N VAL G 178 -19.63 8.55 39.84
CA VAL G 178 -18.83 9.73 39.56
C VAL G 178 -17.38 9.43 39.93
N LEU G 179 -16.48 9.58 38.94
CA LEU G 179 -15.08 9.23 39.14
C LEU G 179 -14.39 10.29 39.99
N GLN G 180 -13.84 9.86 41.12
CA GLN G 180 -13.10 10.74 42.01
C GLN G 180 -11.62 10.75 41.63
N SER G 181 -10.77 11.29 42.50
CA SER G 181 -9.33 11.26 42.30
C SER G 181 -8.69 9.94 42.68
N SER G 182 -9.48 8.99 43.18
CA SER G 182 -9.00 7.66 43.54
C SER G 182 -10.06 6.66 43.07
N GLY G 183 -10.00 5.44 43.59
CA GLY G 183 -10.94 4.40 43.24
C GLY G 183 -12.31 4.48 43.89
N LEU G 184 -12.60 5.53 44.63
CA LEU G 184 -13.89 5.70 45.26
C LEU G 184 -14.95 6.11 44.24
N TYR G 185 -16.19 5.71 44.50
CA TYR G 185 -17.32 6.00 43.64
C TYR G 185 -18.24 7.00 44.30
N SER G 186 -19.01 7.72 43.47
CA SER G 186 -19.89 8.76 43.96
C SER G 186 -21.13 8.85 43.10
N LEU G 187 -22.22 9.33 43.69
CA LEU G 187 -23.44 9.61 42.95
C LEU G 187 -24.16 10.76 43.64
N SER G 188 -24.91 11.53 42.84
CA SER G 188 -25.66 12.68 43.33
C SER G 188 -26.85 12.92 42.43
N SER G 189 -27.99 13.25 43.03
CA SER G 189 -29.22 13.46 42.28
C SER G 189 -30.11 14.43 43.05
N VAL G 190 -31.20 14.83 42.40
CA VAL G 190 -32.19 15.71 43.01
C VAL G 190 -33.50 14.94 43.15
N VAL G 191 -34.47 15.58 43.80
CA VAL G 191 -35.78 14.97 44.03
C VAL G 191 -36.81 16.10 44.15
N THR G 192 -38.07 15.77 43.95
CA THR G 192 -39.18 16.69 44.05
C THR G 192 -39.95 16.39 45.33
N VAL G 193 -40.08 17.39 46.21
CA VAL G 193 -40.74 17.21 47.49
C VAL G 193 -41.94 18.13 47.59
N PRO G 194 -43.02 17.72 48.28
CA PRO G 194 -44.12 18.65 48.56
C PRO G 194 -43.89 19.52 49.78
N SER G 195 -42.82 19.29 50.53
CA SER G 195 -42.29 20.05 51.66
C SER G 195 -43.17 20.06 52.91
N SER G 196 -44.31 19.39 52.90
CA SER G 196 -45.15 19.25 54.09
C SER G 196 -44.84 17.94 54.83
N SER G 197 -43.57 17.73 55.17
CA SER G 197 -43.16 16.50 55.82
C SER G 197 -42.09 16.70 56.89
N LEU G 198 -41.68 17.93 57.18
CA LEU G 198 -40.66 18.19 58.19
C LEU G 198 -41.30 18.06 59.57
N GLY G 199 -41.01 16.95 60.25
CA GLY G 199 -41.56 16.64 61.55
C GLY G 199 -42.48 15.44 61.59
N THR G 200 -43.00 15.01 60.44
CA THR G 200 -43.89 13.86 60.36
C THR G 200 -43.28 12.70 59.59
N GLN G 201 -42.83 12.93 58.36
CA GLN G 201 -42.21 11.90 57.54
C GLN G 201 -40.69 12.07 57.58
N THR G 202 -40.00 11.03 58.02
CA THR G 202 -38.56 11.07 58.17
C THR G 202 -37.87 10.78 56.84
N TYR G 203 -36.84 11.57 56.53
CA TYR G 203 -36.10 11.40 55.27
C TYR G 203 -34.88 10.51 55.49
N ILE G 204 -35.17 9.24 55.77
CA ILE G 204 -34.15 8.24 56.00
C ILE G 204 -33.97 7.42 54.72
N CYS G 205 -32.75 7.43 54.19
CA CYS G 205 -32.41 6.61 53.03
C CYS G 205 -31.86 5.27 53.50
N ASN G 206 -32.48 4.18 53.08
CA ASN G 206 -32.01 2.84 53.39
C ASN G 206 -30.83 2.51 52.49
N VAL G 207 -29.65 2.95 52.92
CA VAL G 207 -28.42 2.76 52.15
C VAL G 207 -27.85 1.38 52.47
N ASN G 208 -28.23 0.39 51.67
CA ASN G 208 -27.83 -1.00 51.89
C ASN G 208 -27.04 -1.51 50.70
N HIS G 209 -25.96 -2.24 50.97
CA HIS G 209 -25.14 -2.85 49.94
C HIS G 209 -24.58 -4.15 50.48
N LYS G 210 -24.45 -5.15 49.59
CA LYS G 210 -24.02 -6.48 50.02
C LYS G 210 -22.55 -6.58 50.44
N PRO G 211 -21.55 -6.27 49.60
CA PRO G 211 -20.18 -6.59 50.01
C PRO G 211 -19.48 -5.53 50.84
N SER G 212 -20.20 -4.55 51.39
CA SER G 212 -19.60 -3.49 52.19
C SER G 212 -20.02 -3.54 53.66
N ASN G 213 -21.28 -3.92 53.91
CA ASN G 213 -21.90 -4.02 55.24
C ASN G 213 -21.82 -2.70 56.01
N THR G 214 -22.50 -1.69 55.46
CA THR G 214 -22.55 -0.36 56.07
C THR G 214 -23.97 0.17 55.90
N LYS G 215 -24.73 0.19 56.99
CA LYS G 215 -26.12 0.66 56.98
C LYS G 215 -26.28 1.66 58.13
N VAL G 216 -26.23 2.94 57.80
CA VAL G 216 -26.40 4.02 58.78
C VAL G 216 -27.65 4.80 58.41
N ASP G 217 -28.64 4.77 59.28
CA ASP G 217 -29.90 5.49 59.06
C ASP G 217 -29.72 6.94 59.48
N LYS G 218 -29.72 7.85 58.51
CA LYS G 218 -29.55 9.27 58.77
C LYS G 218 -30.57 10.07 57.97
N LYS G 219 -30.74 11.32 58.38
CA LYS G 219 -31.70 12.23 57.77
C LYS G 219 -30.98 13.50 57.32
N VAL G 220 -31.53 14.15 56.30
CA VAL G 220 -31.02 15.44 55.88
C VAL G 220 -31.41 16.51 56.90
N GLU G 221 -30.60 17.57 56.96
CA GLU G 221 -30.79 18.63 57.94
C GLU G 221 -30.90 19.97 57.22
N PRO G 222 -32.01 20.71 57.38
CA PRO G 222 -32.16 22.03 56.75
C PRO G 222 -31.34 23.10 57.45
N ASP H 1 -7.17 7.16 9.05
CA ASP H 1 -7.07 8.61 9.14
C ASP H 1 -8.40 9.27 8.83
N ILE H 2 -9.44 8.45 8.65
CA ILE H 2 -10.77 8.94 8.32
C ILE H 2 -11.54 9.10 9.62
N VAL H 3 -11.71 10.35 10.05
CA VAL H 3 -12.41 10.69 11.29
C VAL H 3 -13.80 11.19 10.91
N MET H 4 -14.83 10.49 11.35
CA MET H 4 -16.20 10.89 11.06
C MET H 4 -16.59 12.04 11.98
N THR H 5 -16.66 13.23 11.42
CA THR H 5 -17.03 14.43 12.16
C THR H 5 -18.49 14.76 11.89
N GLN H 6 -19.17 15.26 12.92
CA GLN H 6 -20.60 15.55 12.85
C GLN H 6 -20.82 17.05 13.03
N SER H 7 -21.63 17.63 12.16
CA SER H 7 -21.93 19.06 12.21
C SER H 7 -23.37 19.30 11.75
N PRO H 8 -24.23 19.87 12.61
CA PRO H 8 -23.98 20.26 14.01
C PRO H 8 -24.18 19.11 15.00
N ALA H 9 -23.90 19.36 16.27
CA ALA H 9 -24.06 18.35 17.31
C ALA H 9 -25.34 18.48 18.10
N SER H 10 -25.97 19.66 18.10
CA SER H 10 -27.20 19.89 18.83
C SER H 10 -28.02 20.95 18.12
N LEU H 11 -29.33 20.73 18.05
CA LEU H 11 -30.26 21.65 17.41
C LEU H 11 -31.47 21.83 18.33
N SER H 12 -31.61 23.03 18.89
CA SER H 12 -32.74 23.35 19.77
C SER H 12 -33.97 23.60 18.89
N LEU H 13 -34.67 22.52 18.56
CA LEU H 13 -35.84 22.57 17.71
C LEU H 13 -37.04 21.99 18.45
N SER H 14 -38.19 21.99 17.78
CA SER H 14 -39.45 21.48 18.32
C SER H 14 -39.78 20.12 17.73
N PRO H 15 -40.49 19.26 18.45
CA PRO H 15 -40.95 17.99 17.86
C PRO H 15 -42.02 18.22 16.81
N GLY H 16 -41.76 17.72 15.60
CA GLY H 16 -42.62 17.93 14.45
C GLY H 16 -41.94 18.58 13.27
N GLU H 17 -40.78 19.19 13.47
CA GLU H 17 -40.05 19.85 12.40
C GLU H 17 -39.06 18.87 11.78
N ARG H 18 -38.17 19.38 10.94
CA ARG H 18 -37.17 18.57 10.27
C ARG H 18 -35.82 18.69 10.97
N ALA H 19 -34.94 17.73 10.68
CA ALA H 19 -33.60 17.70 11.27
C ALA H 19 -32.63 17.08 10.27
N THR H 20 -31.53 17.79 10.01
CA THR H 20 -30.51 17.34 9.06
C THR H 20 -29.20 17.18 9.83
N LEU H 21 -28.71 15.95 9.92
CA LEU H 21 -27.44 15.64 10.56
C LEU H 21 -26.49 15.08 9.50
N SER H 22 -25.26 15.61 9.47
CA SER H 22 -24.30 15.27 8.44
C SER H 22 -23.05 14.68 9.06
N CYS H 23 -22.53 13.63 8.44
CA CYS H 23 -21.26 13.03 8.81
C CYS H 23 -20.26 13.22 7.66
N ARG H 24 -19.05 13.64 7.99
CA ARG H 24 -18.04 13.96 7.00
C ARG H 24 -16.93 12.92 7.01
N ALA H 25 -16.07 12.98 5.99
CA ALA H 25 -14.97 12.06 5.86
C ALA H 25 -13.80 12.76 5.19
N THR H 26 -12.60 12.21 5.38
CA THR H 26 -11.40 12.80 4.82
C THR H 26 -11.04 12.18 3.46
N GLN H 27 -10.99 10.85 3.39
CA GLN H 27 -10.66 10.15 2.16
C GLN H 27 -11.93 9.94 1.33
N SER H 28 -11.82 9.11 0.30
CA SER H 28 -12.93 8.92 -0.64
C SER H 28 -13.71 7.65 -0.29
N ILE H 29 -14.49 7.75 0.78
CA ILE H 29 -15.52 6.77 1.05
C ILE H 29 -16.74 7.12 0.20
N SER H 30 -17.17 6.20 -0.65
CA SER H 30 -18.15 6.55 -1.68
C SER H 30 -19.56 6.62 -1.11
N THR H 31 -20.09 5.48 -0.66
CA THR H 31 -21.47 5.42 -0.18
C THR H 31 -21.67 4.59 1.07
N PHE H 32 -20.71 3.75 1.47
CA PHE H 32 -20.90 2.76 2.52
C PHE H 32 -20.87 3.44 3.89
N LEU H 33 -22.02 3.98 4.27
CA LEU H 33 -22.22 4.61 5.56
C LEU H 33 -23.39 3.92 6.26
N ALA H 34 -23.42 4.02 7.59
CA ALA H 34 -24.49 3.43 8.36
C ALA H 34 -24.77 4.31 9.57
N TRP H 35 -26.01 4.76 9.70
CA TRP H 35 -26.42 5.58 10.82
C TRP H 35 -26.94 4.69 11.95
N TYR H 36 -26.89 5.22 13.17
CA TYR H 36 -27.29 4.47 14.35
C TYR H 36 -28.24 5.31 15.19
N GLN H 37 -28.96 4.61 16.07
CA GLN H 37 -29.90 5.24 16.99
C GLN H 37 -29.66 4.67 18.38
N GLN H 38 -29.21 5.51 19.30
CA GLN H 38 -28.85 5.08 20.65
C GLN H 38 -29.58 5.92 21.67
N LYS H 39 -30.56 5.32 22.33
CA LYS H 39 -31.15 5.97 23.50
C LYS H 39 -30.23 5.77 24.70
N PRO H 40 -30.17 6.75 25.61
CA PRO H 40 -29.34 6.58 26.82
C PRO H 40 -29.99 5.61 27.78
N GLY H 41 -29.21 4.61 28.19
CA GLY H 41 -29.70 3.56 29.07
C GLY H 41 -30.26 2.35 28.36
N GLN H 42 -30.34 2.37 27.04
CA GLN H 42 -30.88 1.27 26.26
C GLN H 42 -29.84 0.79 25.24
N ALA H 43 -30.18 -0.28 24.54
CA ALA H 43 -29.29 -0.83 23.52
C ALA H 43 -29.40 -0.01 22.24
N PRO H 44 -28.26 0.30 21.60
CA PRO H 44 -28.31 1.10 20.36
C PRO H 44 -28.79 0.30 19.16
N ARG H 45 -29.65 0.93 18.37
CA ARG H 45 -30.13 0.38 17.12
C ARG H 45 -29.49 1.13 15.95
N LEU H 46 -29.88 0.75 14.74
CA LEU H 46 -29.45 1.45 13.54
C LEU H 46 -30.53 2.42 13.09
N LEU H 47 -30.23 3.18 12.04
CA LEU H 47 -31.23 3.99 11.37
C LEU H 47 -31.41 3.60 9.91
N ILE H 48 -30.33 3.56 9.13
CA ILE H 48 -30.42 3.30 7.70
C ILE H 48 -29.20 2.51 7.26
N TYR H 49 -29.42 1.56 6.35
CA TYR H 49 -28.35 0.82 5.67
C TYR H 49 -28.05 1.51 4.36
N ASP H 50 -26.77 1.87 4.15
CA ASP H 50 -26.26 2.63 3.00
C ASP H 50 -26.96 3.98 2.83
N ALA H 51 -27.40 4.57 3.96
CA ALA H 51 -28.13 5.84 4.07
C ALA H 51 -29.43 5.89 3.25
N SER H 52 -30.01 4.74 2.93
CA SER H 52 -31.24 4.72 2.13
C SER H 52 -32.32 3.76 2.64
N THR H 53 -31.97 2.67 3.31
CA THR H 53 -32.94 1.64 3.66
C THR H 53 -32.79 1.30 5.14
N ARG H 54 -33.90 1.31 5.87
CA ARG H 54 -33.89 1.14 7.32
C ARG H 54 -33.85 -0.35 7.67
N ALA H 55 -33.95 -0.65 8.95
CA ALA H 55 -33.97 -2.03 9.43
C ALA H 55 -35.41 -2.51 9.57
N SER H 56 -35.59 -3.70 10.12
CA SER H 56 -36.91 -4.28 10.34
C SER H 56 -37.54 -3.61 11.55
N GLY H 57 -38.63 -2.88 11.32
CA GLY H 57 -39.33 -2.20 12.39
C GLY H 57 -39.01 -0.73 12.55
N ILE H 58 -38.46 -0.09 11.54
CA ILE H 58 -38.13 1.33 11.56
C ILE H 58 -38.92 2.00 10.44
N PRO H 59 -39.70 3.04 10.72
CA PRO H 59 -40.53 3.65 9.67
C PRO H 59 -39.71 4.46 8.69
N ALA H 60 -40.35 4.82 7.57
CA ALA H 60 -39.71 5.51 6.47
C ALA H 60 -39.72 7.04 6.64
N ARG H 61 -39.98 7.53 7.85
CA ARG H 61 -39.92 8.96 8.09
C ARG H 61 -38.49 9.47 8.19
N PHE H 62 -37.54 8.60 8.46
CA PHE H 62 -36.13 8.95 8.59
C PHE H 62 -35.38 8.36 7.40
N SER H 63 -34.69 9.22 6.65
CA SER H 63 -33.90 8.79 5.51
C SER H 63 -32.63 9.63 5.44
N GLY H 64 -31.75 9.25 4.50
CA GLY H 64 -30.52 9.97 4.28
C GLY H 64 -30.28 10.17 2.79
N SER H 65 -29.20 10.88 2.49
CA SER H 65 -28.80 11.16 1.12
C SER H 65 -27.29 11.02 1.00
N ARG H 66 -26.81 10.95 -0.23
CA ARG H 66 -25.39 10.82 -0.51
C ARG H 66 -24.93 12.04 -1.30
N SER H 67 -23.93 12.74 -0.78
CA SER H 67 -23.41 13.93 -1.46
C SER H 67 -21.90 13.98 -1.19
N GLY H 68 -21.13 13.39 -2.11
CA GLY H 68 -19.69 13.30 -1.98
C GLY H 68 -19.26 12.44 -0.81
N THR H 69 -18.68 13.08 0.21
CA THR H 69 -18.34 12.41 1.46
C THR H 69 -19.26 12.79 2.60
N ASP H 70 -20.23 13.67 2.34
CA ASP H 70 -21.18 14.10 3.35
C ASP H 70 -22.50 13.39 3.16
N PHE H 71 -23.13 12.99 4.26
CA PHE H 71 -24.38 12.23 4.23
C PHE H 71 -25.36 12.89 5.19
N THR H 72 -26.35 13.59 4.65
CA THR H 72 -27.28 14.38 5.43
C THR H 72 -28.56 13.60 5.68
N LEU H 73 -29.06 13.67 6.91
CA LEU H 73 -30.32 13.04 7.25
C LEU H 73 -31.50 13.88 6.78
N THR H 74 -32.61 13.22 6.47
CA THR H 74 -33.87 13.86 6.10
C THR H 74 -34.97 13.28 6.98
N ILE H 75 -35.40 14.05 7.97
CA ILE H 75 -36.44 13.63 8.91
C ILE H 75 -37.69 14.43 8.63
N THR H 76 -38.81 13.74 8.40
CA THR H 76 -40.05 14.42 8.07
C THR H 76 -40.70 15.02 9.30
N ARG H 77 -41.06 14.19 10.28
CA ARG H 77 -41.73 14.62 11.50
C ARG H 77 -40.97 14.09 12.70
N LEU H 78 -40.62 14.99 13.62
CA LEU H 78 -39.93 14.62 14.84
C LEU H 78 -40.94 14.28 15.93
N GLU H 79 -40.76 13.13 16.56
CA GLU H 79 -41.56 12.61 17.66
C GLU H 79 -40.83 12.83 18.99
N PRO H 80 -41.56 13.03 20.09
CA PRO H 80 -40.88 13.21 21.39
C PRO H 80 -40.26 11.95 21.94
N GLU H 81 -40.64 10.77 21.46
CA GLU H 81 -40.03 9.51 21.87
C GLU H 81 -38.91 9.08 20.93
N ASP H 82 -38.42 10.00 20.07
CA ASP H 82 -37.37 9.68 19.11
C ASP H 82 -36.09 10.47 19.32
N PHE H 83 -36.08 11.46 20.19
CA PHE H 83 -34.88 12.28 20.41
C PHE H 83 -33.87 11.49 21.23
N ALA H 84 -32.78 11.12 20.60
CA ALA H 84 -31.73 10.33 21.25
C ALA H 84 -30.39 10.70 20.64
N VAL H 85 -29.38 9.88 20.91
CA VAL H 85 -28.03 10.09 20.39
C VAL H 85 -27.85 9.23 19.15
N TYR H 86 -27.30 9.82 18.09
CA TYR H 86 -27.11 9.14 16.83
C TYR H 86 -25.63 9.14 16.46
N TYR H 87 -25.22 8.08 15.76
CA TYR H 87 -23.82 7.89 15.38
C TYR H 87 -23.73 7.51 13.91
N CYS H 88 -22.50 7.53 13.40
CA CYS H 88 -22.18 7.10 12.05
C CYS H 88 -21.16 5.97 12.12
N GLN H 89 -20.94 5.31 10.98
CA GLN H 89 -20.04 4.16 10.96
C GLN H 89 -19.41 4.01 9.58
N GLN H 90 -18.15 3.60 9.56
CA GLN H 90 -17.43 3.33 8.32
C GLN H 90 -17.47 1.85 8.00
N ARG H 91 -17.65 1.55 6.71
CA ARG H 91 -17.69 0.19 6.22
C ARG H 91 -17.01 0.18 4.85
N TYR H 92 -15.89 0.88 4.78
CA TYR H 92 -15.12 0.97 3.54
C TYR H 92 -13.77 0.30 3.69
N ASN H 93 -13.40 -0.50 2.69
CA ASN H 93 -12.13 -1.23 2.66
C ASN H 93 -11.97 -2.14 3.88
N TRP H 94 -10.85 -2.01 4.58
CA TRP H 94 -10.58 -2.86 5.73
C TRP H 94 -10.65 -2.09 7.06
N PRO H 95 -11.33 -2.69 8.05
CA PRO H 95 -11.59 -2.21 9.42
C PRO H 95 -10.31 -1.92 10.22
N PRO H 96 -10.39 -1.02 11.21
CA PRO H 96 -11.53 -0.79 12.08
C PRO H 96 -12.40 0.36 11.58
N TYR H 97 -13.71 0.13 11.52
CA TYR H 97 -14.64 1.15 11.06
C TYR H 97 -14.59 2.33 12.03
N SER H 98 -14.66 3.54 11.49
CA SER H 98 -14.58 4.71 12.35
C SER H 98 -15.96 5.32 12.64
N PHE H 99 -16.27 5.39 13.93
CA PHE H 99 -17.52 5.95 14.40
C PHE H 99 -17.46 7.47 14.40
N GLY H 100 -18.62 8.12 14.53
CA GLY H 100 -18.71 9.56 14.55
C GLY H 100 -18.37 10.18 15.90
N GLN H 101 -19.29 10.94 16.45
CA GLN H 101 -19.06 11.58 17.74
C GLN H 101 -20.28 11.49 18.65
N GLY H 102 -21.47 11.55 18.06
CA GLY H 102 -22.68 11.53 18.86
C GLY H 102 -23.49 12.80 18.73
N THR H 103 -24.68 12.71 18.16
CA THR H 103 -25.54 13.86 17.91
C THR H 103 -26.80 13.74 18.75
N LYS H 104 -26.91 14.59 19.76
CA LYS H 104 -28.11 14.66 20.58
C LYS H 104 -29.06 15.72 20.03
N LEU H 105 -30.32 15.60 20.42
CA LEU H 105 -31.36 16.53 19.97
C LEU H 105 -32.07 17.10 21.19
N GLU H 106 -32.04 18.41 21.32
CA GLU H 106 -32.66 19.11 22.44
C GLU H 106 -33.96 19.77 22.00
N ILE H 107 -34.81 20.04 22.99
CA ILE H 107 -36.10 20.67 22.75
C ILE H 107 -36.18 21.95 23.57
N LYS H 108 -37.12 22.81 23.19
CA LYS H 108 -37.34 24.05 23.90
C LYS H 108 -38.06 23.79 25.22
N ARG H 109 -37.80 24.65 26.20
CA ARG H 109 -38.35 24.48 27.54
C ARG H 109 -38.44 25.84 28.21
N THR H 110 -38.67 25.83 29.53
CA THR H 110 -38.80 27.06 30.30
C THR H 110 -37.41 27.60 30.61
N VAL H 111 -37.14 28.83 30.19
CA VAL H 111 -35.86 29.49 30.43
C VAL H 111 -36.10 30.68 31.34
N ALA H 112 -37.08 30.57 32.22
CA ALA H 112 -37.50 31.70 33.04
C ALA H 112 -36.52 31.98 34.18
N ALA H 113 -36.32 31.00 35.06
CA ALA H 113 -35.47 31.21 36.22
C ALA H 113 -34.86 29.90 36.70
N PRO H 114 -33.57 29.88 37.04
CA PRO H 114 -32.96 28.69 37.64
C PRO H 114 -33.24 28.65 39.14
N SER H 115 -32.66 27.66 39.79
CA SER H 115 -32.80 27.50 41.24
C SER H 115 -31.70 28.25 41.97
N VAL H 116 -31.99 28.64 43.21
CA VAL H 116 -31.06 29.43 44.01
C VAL H 116 -30.75 28.70 45.32
N PHE H 117 -30.78 27.37 45.29
CA PHE H 117 -30.47 26.59 46.48
C PHE H 117 -28.97 26.59 46.73
N ILE H 118 -28.58 26.82 47.99
CA ILE H 118 -27.20 27.03 48.35
C ILE H 118 -26.62 25.82 49.09
N PHE H 119 -27.41 25.22 50.00
CA PHE H 119 -27.04 24.15 50.94
C PHE H 119 -25.81 24.51 51.77
N PRO H 120 -25.99 25.26 52.88
CA PRO H 120 -24.92 25.36 53.90
C PRO H 120 -24.47 24.00 54.37
N PRO H 121 -23.16 23.82 54.65
CA PRO H 121 -22.52 22.50 54.46
C PRO H 121 -22.83 21.41 55.49
N SER H 122 -23.82 21.62 56.37
CA SER H 122 -24.39 20.62 57.28
C SER H 122 -23.33 20.05 58.23
N ASP H 123 -22.91 20.92 59.17
CA ASP H 123 -21.72 20.86 60.02
C ASP H 123 -21.36 19.51 60.65
N GLU H 124 -22.34 18.63 60.87
CA GLU H 124 -22.03 17.26 61.28
C GLU H 124 -21.29 16.49 60.18
N GLN H 125 -21.61 16.76 58.90
CA GLN H 125 -20.84 16.18 57.81
C GLN H 125 -19.43 16.80 57.75
N LEU H 126 -19.29 18.06 58.14
CA LEU H 126 -17.98 18.68 58.24
C LEU H 126 -17.16 18.09 59.38
N LYS H 127 -17.81 17.70 60.47
CA LYS H 127 -17.14 16.98 61.55
C LYS H 127 -16.85 15.53 61.20
N SER H 128 -17.60 14.96 60.24
CA SER H 128 -17.32 13.60 59.80
C SER H 128 -16.04 13.53 58.96
N GLY H 129 -15.71 14.60 58.24
CA GLY H 129 -14.48 14.65 57.48
C GLY H 129 -14.60 15.26 56.10
N THR H 130 -15.78 15.14 55.48
CA THR H 130 -16.00 15.63 54.14
C THR H 130 -16.64 17.00 54.15
N ALA H 131 -16.75 17.60 52.96
CA ALA H 131 -17.31 18.94 52.80
C ALA H 131 -18.07 18.98 51.48
N SER H 132 -19.40 19.08 51.56
CA SER H 132 -20.27 19.11 50.38
C SER H 132 -21.02 20.44 50.39
N VAL H 133 -20.43 21.46 49.77
CA VAL H 133 -21.14 22.74 49.55
C VAL H 133 -21.81 22.60 48.18
N VAL H 134 -23.00 22.00 48.20
CA VAL H 134 -23.71 21.65 46.97
C VAL H 134 -24.58 22.83 46.58
N CYS H 135 -24.09 23.64 45.64
CA CYS H 135 -24.88 24.74 45.08
C CYS H 135 -25.78 24.17 44.01
N LEU H 136 -27.03 23.88 44.37
CA LEU H 136 -27.95 23.21 43.46
C LEU H 136 -28.50 24.18 42.42
N LEU H 137 -28.44 23.77 41.16
CA LEU H 137 -29.02 24.52 40.05
C LEU H 137 -29.97 23.58 39.32
N ASN H 138 -31.24 23.97 39.23
CA ASN H 138 -32.26 23.13 38.62
C ASN H 138 -33.20 24.00 37.80
N ASN H 139 -33.84 23.35 36.81
CA ASN H 139 -34.84 23.93 35.91
C ASN H 139 -34.29 25.12 35.13
N PHE H 140 -33.14 24.92 34.49
CA PHE H 140 -32.47 25.96 33.74
C PHE H 140 -32.11 25.42 32.36
N TYR H 141 -31.76 26.36 31.47
CA TYR H 141 -31.46 26.02 30.09
C TYR H 141 -30.46 27.04 29.57
N PRO H 142 -29.40 26.60 28.85
CA PRO H 142 -29.05 25.23 28.44
C PRO H 142 -28.34 24.44 29.54
N ARG H 143 -27.87 23.24 29.18
CA ARG H 143 -27.24 22.36 30.16
C ARG H 143 -25.80 22.73 30.45
N GLU H 144 -25.19 23.61 29.66
CA GLU H 144 -23.80 24.01 29.88
C GLU H 144 -23.75 25.25 30.77
N ALA H 145 -22.73 25.30 31.63
CA ALA H 145 -22.55 26.41 32.55
C ALA H 145 -21.07 26.53 32.88
N LYS H 146 -20.71 27.67 33.50
CA LYS H 146 -19.34 27.95 33.92
C LYS H 146 -19.39 28.42 35.36
N VAL H 147 -19.27 27.49 36.30
CA VAL H 147 -19.33 27.79 37.72
C VAL H 147 -17.93 28.16 38.19
N GLN H 148 -17.77 29.40 38.65
CA GLN H 148 -16.50 29.89 39.18
C GLN H 148 -16.68 30.22 40.65
N TRP H 149 -16.11 29.39 41.52
CA TRP H 149 -16.23 29.58 42.96
C TRP H 149 -15.28 30.70 43.39
N LYS H 150 -15.84 31.90 43.54
CA LYS H 150 -15.05 33.06 43.99
C LYS H 150 -14.88 32.96 45.49
N VAL H 151 -13.84 32.23 45.91
CA VAL H 151 -13.54 32.02 47.31
C VAL H 151 -12.42 32.98 47.70
N ASP H 152 -12.77 33.99 48.52
CA ASP H 152 -11.87 35.05 49.00
C ASP H 152 -11.20 35.81 47.86
N ASN H 153 -12.03 36.15 46.84
CA ASN H 153 -11.63 36.85 45.61
C ASN H 153 -10.53 36.12 44.86
N ALA H 154 -10.78 34.83 44.59
CA ALA H 154 -9.81 34.01 43.87
C ALA H 154 -10.56 32.96 43.07
N LEU H 155 -9.95 32.54 41.96
CA LEU H 155 -10.54 31.55 41.07
C LEU H 155 -10.08 30.16 41.49
N GLN H 156 -11.02 29.31 41.87
CA GLN H 156 -10.74 27.93 42.28
C GLN H 156 -11.57 26.98 41.43
N SER H 157 -10.88 26.16 40.65
CA SER H 157 -11.54 25.18 39.77
C SER H 157 -10.75 23.89 39.83
N GLY H 158 -11.11 22.95 38.94
CA GLY H 158 -10.44 21.68 38.86
C GLY H 158 -11.03 20.58 39.74
N ASN H 159 -12.01 20.91 40.58
CA ASN H 159 -12.63 19.93 41.47
C ASN H 159 -14.15 19.87 41.30
N SER H 160 -14.69 20.54 40.29
CA SER H 160 -16.14 20.58 40.09
C SER H 160 -16.59 19.29 39.40
N GLN H 161 -17.37 18.48 40.12
CA GLN H 161 -17.90 17.23 39.60
C GLN H 161 -19.42 17.37 39.53
N GLU H 162 -19.92 17.74 38.35
CA GLU H 162 -21.34 17.96 38.16
C GLU H 162 -22.05 16.66 37.80
N SER H 163 -23.38 16.72 37.79
CA SER H 163 -24.21 15.56 37.44
C SER H 163 -25.45 16.08 36.73
N VAL H 164 -25.44 16.05 35.40
CA VAL H 164 -26.54 16.55 34.59
C VAL H 164 -27.56 15.42 34.39
N THR H 165 -28.80 15.66 34.80
CA THR H 165 -29.85 14.68 34.65
C THR H 165 -30.38 14.65 33.21
N GLU H 166 -31.18 13.64 32.91
CA GLU H 166 -31.77 13.50 31.60
C GLU H 166 -32.93 14.48 31.43
N GLN H 167 -33.34 14.67 30.19
CA GLN H 167 -34.41 15.62 29.88
C GLN H 167 -35.77 15.05 30.27
N ASP H 168 -36.63 15.91 30.79
CA ASP H 168 -37.98 15.54 31.16
C ASP H 168 -38.90 15.64 29.95
N SER H 169 -40.10 15.07 30.08
CA SER H 169 -41.03 15.04 28.96
C SER H 169 -41.81 16.34 28.82
N LYS H 170 -42.08 17.04 29.93
CA LYS H 170 -42.92 18.22 29.90
C LYS H 170 -42.14 19.53 30.00
N ASP H 171 -41.03 19.57 30.73
CA ASP H 171 -40.33 20.82 30.94
C ASP H 171 -38.80 20.72 30.85
N SER H 172 -38.25 19.55 30.53
CA SER H 172 -36.81 19.30 30.29
C SER H 172 -35.96 19.68 31.51
N THR H 173 -36.17 18.94 32.60
CA THR H 173 -35.53 19.21 33.88
C THR H 173 -34.03 18.90 33.79
N TYR H 174 -33.21 19.94 33.92
CA TYR H 174 -31.77 19.82 33.89
C TYR H 174 -31.21 20.23 35.24
N SER H 175 -30.34 19.40 35.81
CA SER H 175 -29.77 19.65 37.11
C SER H 175 -28.25 19.82 36.99
N LEU H 176 -27.66 20.41 38.03
CA LEU H 176 -26.22 20.64 38.07
C LEU H 176 -25.81 20.66 39.53
N SER H 177 -25.15 19.59 39.98
CA SER H 177 -24.72 19.45 41.37
C SER H 177 -23.25 19.86 41.44
N SER H 178 -23.01 21.16 41.61
CA SER H 178 -21.65 21.67 41.73
C SER H 178 -21.13 21.39 43.13
N THR H 179 -20.00 20.67 43.22
CA THR H 179 -19.41 20.29 44.49
C THR H 179 -17.94 20.66 44.48
N LEU H 180 -17.51 21.39 45.50
CA LEU H 180 -16.11 21.80 45.65
C LEU H 180 -15.46 20.94 46.73
N THR H 181 -14.47 20.15 46.33
CA THR H 181 -13.80 19.23 47.24
C THR H 181 -12.82 20.02 48.12
N LEU H 182 -13.18 20.19 49.39
CA LEU H 182 -12.35 20.89 50.35
C LEU H 182 -12.17 20.03 51.59
N SER H 183 -11.05 20.23 52.28
CA SER H 183 -10.76 19.53 53.51
C SER H 183 -11.23 20.36 54.69
N LYS H 184 -10.85 19.97 55.91
CA LYS H 184 -11.23 20.72 57.10
C LYS H 184 -10.41 21.99 57.24
N ALA H 185 -9.11 21.93 56.93
CA ALA H 185 -8.26 23.11 57.02
C ALA H 185 -8.56 24.12 55.92
N ASP H 186 -8.99 23.63 54.75
CA ASP H 186 -9.43 24.53 53.68
C ASP H 186 -10.75 25.20 54.01
N TYR H 187 -11.61 24.53 54.79
CA TYR H 187 -12.82 25.17 55.27
C TYR H 187 -12.53 26.15 56.40
N GLU H 188 -11.51 25.88 57.21
CA GLU H 188 -11.17 26.79 58.30
C GLU H 188 -10.42 28.03 57.81
N LYS H 189 -9.64 27.91 56.74
CA LYS H 189 -8.87 29.04 56.23
C LYS H 189 -9.65 29.92 55.26
N HIS H 190 -10.85 29.50 54.86
CA HIS H 190 -11.68 30.27 53.94
C HIS H 190 -12.99 30.63 54.61
N LYS H 191 -13.44 31.87 54.38
CA LYS H 191 -14.66 32.38 54.99
C LYS H 191 -15.72 32.77 53.98
N VAL H 192 -15.35 33.49 52.92
CA VAL H 192 -16.29 33.99 51.94
C VAL H 192 -16.43 32.99 50.81
N TYR H 193 -17.65 32.52 50.57
CA TYR H 193 -17.95 31.61 49.49
C TYR H 193 -18.95 32.25 48.54
N ALA H 194 -18.81 31.95 47.25
CA ALA H 194 -19.68 32.52 46.23
C ALA H 194 -19.91 31.50 45.13
N CYS H 195 -21.17 31.23 44.83
CA CYS H 195 -21.57 30.32 43.77
C CYS H 195 -21.99 31.10 42.53
N GLU H 196 -21.93 30.43 41.38
CA GLU H 196 -22.34 31.01 40.11
C GLU H 196 -23.29 30.06 39.40
N VAL H 197 -24.10 30.63 38.50
CA VAL H 197 -25.11 29.88 37.76
C VAL H 197 -24.84 29.94 36.25
N THR H 198 -24.57 31.14 35.72
CA THR H 198 -24.36 31.46 34.30
C THR H 198 -25.53 30.96 33.44
N HIS H 199 -26.71 31.53 33.71
CA HIS H 199 -27.92 31.19 32.98
C HIS H 199 -28.04 32.08 31.75
N GLN H 200 -28.16 31.46 30.58
CA GLN H 200 -28.21 32.21 29.33
C GLN H 200 -29.56 32.83 29.05
N GLY H 201 -30.61 32.43 29.78
CA GLY H 201 -31.91 33.05 29.59
C GLY H 201 -32.00 34.43 30.20
N LEU H 202 -31.32 34.65 31.32
CA LEU H 202 -31.30 35.95 31.98
C LEU H 202 -30.13 36.78 31.46
N SER H 203 -30.11 38.05 31.88
CA SER H 203 -29.05 38.98 31.49
C SER H 203 -28.05 39.24 32.60
N SER H 204 -28.21 38.62 33.77
CA SER H 204 -27.30 38.82 34.88
C SER H 204 -27.30 37.56 35.74
N PRO H 205 -26.13 36.96 35.99
CA PRO H 205 -26.10 35.78 36.86
C PRO H 205 -26.28 36.16 38.33
N VAL H 206 -27.07 35.36 39.03
CA VAL H 206 -27.35 35.60 40.45
C VAL H 206 -26.19 35.00 41.25
N THR H 207 -25.24 35.84 41.64
CA THR H 207 -24.09 35.40 42.44
C THR H 207 -24.42 35.62 43.91
N LYS H 208 -24.75 34.52 44.60
CA LYS H 208 -25.10 34.58 46.02
C LYS H 208 -23.83 34.42 46.84
N SER H 209 -23.27 35.54 47.29
CA SER H 209 -22.06 35.54 48.11
C SER H 209 -22.46 35.45 49.58
N PHE H 210 -22.82 34.24 49.99
CA PHE H 210 -23.27 34.01 51.36
C PHE H 210 -22.08 33.85 52.30
N ASN H 211 -22.29 34.18 53.57
CA ASN H 211 -21.26 34.10 54.59
C ASN H 211 -21.38 32.78 55.34
N ARG H 212 -20.27 32.35 55.93
CA ARG H 212 -20.22 31.12 56.71
C ARG H 212 -20.94 31.31 58.04
N GLY H 213 -22.09 30.66 58.20
CA GLY H 213 -22.87 30.80 59.41
C GLY H 213 -24.23 31.40 59.18
N GLU H 214 -24.68 31.41 57.93
CA GLU H 214 -25.98 31.93 57.55
C GLU H 214 -26.82 30.81 56.91
N CYS H 215 -28.00 31.20 56.45
CA CYS H 215 -28.91 30.24 55.81
C CYS H 215 -29.31 30.71 54.41
N GLU I 1 -18.85 41.13 -2.22
CA GLU I 1 -18.62 42.25 -3.12
C GLU I 1 -17.17 42.71 -3.08
N VAL I 2 -16.95 43.97 -3.45
CA VAL I 2 -15.61 44.54 -3.45
C VAL I 2 -15.18 44.82 -2.01
N GLN I 3 -14.31 43.96 -1.47
CA GLN I 3 -13.84 44.08 -0.09
C GLN I 3 -12.31 44.04 -0.11
N LEU I 4 -11.69 45.20 -0.25
CA LEU I 4 -10.23 45.30 -0.23
C LEU I 4 -9.85 46.26 0.89
N LEU I 5 -9.72 45.72 2.10
CA LEU I 5 -9.22 46.51 3.22
C LEU I 5 -7.70 46.52 3.22
N GLU I 6 -7.13 47.53 3.88
CA GLU I 6 -5.70 47.71 3.93
C GLU I 6 -5.22 47.76 5.37
N SER I 7 -3.93 47.50 5.54
CA SER I 7 -3.27 47.53 6.84
C SER I 7 -1.80 47.81 6.63
N GLY I 8 -1.02 47.72 7.71
CA GLY I 8 0.41 47.95 7.63
C GLY I 8 0.80 49.41 7.51
N GLY I 9 0.11 50.29 8.22
CA GLY I 9 0.39 51.71 8.19
C GLY I 9 1.41 52.11 9.23
N GLY I 10 1.45 53.42 9.50
CA GLY I 10 2.38 53.95 10.48
C GLY I 10 3.56 54.66 9.87
N LEU I 11 4.72 54.58 10.51
CA LEU I 11 5.93 55.25 10.06
C LEU I 11 6.99 54.21 9.73
N VAL I 12 7.79 54.52 8.71
CA VAL I 12 8.92 53.69 8.32
C VAL I 12 10.18 54.54 8.43
N GLN I 13 11.13 54.07 9.23
CA GLN I 13 12.42 54.74 9.32
C GLN I 13 13.22 54.52 8.04
N PRO I 14 14.08 55.48 7.64
CA PRO I 14 14.92 55.27 6.46
C PRO I 14 15.98 54.21 6.69
N GLY I 15 15.81 53.07 6.02
CA GLY I 15 16.57 51.87 6.32
C GLY I 15 15.79 50.83 7.06
N GLY I 16 14.60 51.17 7.56
CA GLY I 16 13.74 50.21 8.22
C GLY I 16 12.93 49.41 7.23
N SER I 17 11.98 48.64 7.79
CA SER I 17 11.19 47.75 6.96
C SER I 17 9.83 47.51 7.59
N LEU I 18 8.80 47.44 6.75
CA LEU I 18 7.46 47.05 7.14
C LEU I 18 6.86 46.20 6.03
N ARG I 19 5.60 45.81 6.20
CA ARG I 19 4.88 45.01 5.23
C ARG I 19 3.51 45.62 4.98
N LEU I 20 3.33 46.19 3.79
CA LEU I 20 2.01 46.69 3.40
C LEU I 20 1.11 45.51 3.09
N SER I 21 0.04 45.35 3.87
CA SER I 21 -0.81 44.18 3.80
C SER I 21 -2.24 44.59 3.44
N CYS I 22 -2.64 44.28 2.21
CA CYS I 22 -4.02 44.47 1.78
C CYS I 22 -4.82 43.22 2.11
N ALA I 23 -5.94 43.42 2.82
CA ALA I 23 -6.82 42.32 3.20
C ALA I 23 -7.65 41.93 1.98
N ALA I 24 -7.12 40.98 1.21
CA ALA I 24 -7.79 40.51 0.00
C ALA I 24 -8.91 39.56 0.39
N SER I 25 -10.16 39.98 0.16
CA SER I 25 -11.31 39.20 0.57
C SER I 25 -12.43 39.37 -0.44
N GLY I 26 -13.30 38.36 -0.51
CA GLY I 26 -14.50 38.42 -1.32
C GLY I 26 -14.34 37.96 -2.76
N PHE I 27 -13.14 37.59 -3.18
CA PHE I 27 -12.91 37.13 -4.55
C PHE I 27 -11.96 35.95 -4.53
N SER I 28 -11.87 35.26 -5.67
CA SER I 28 -10.88 34.22 -5.89
C SER I 28 -9.68 34.90 -6.53
N PHE I 29 -8.65 35.17 -5.73
CA PHE I 29 -7.51 35.97 -6.16
C PHE I 29 -6.44 35.15 -6.88
N SER I 30 -6.73 33.89 -7.22
CA SER I 30 -5.84 33.14 -8.09
C SER I 30 -5.86 33.65 -9.52
N THR I 31 -7.00 34.21 -9.94
CA THR I 31 -7.11 34.85 -11.24
C THR I 31 -7.06 36.37 -11.16
N TYR I 32 -7.41 36.94 -10.01
CA TYR I 32 -7.37 38.39 -9.84
C TYR I 32 -5.94 38.87 -9.67
N SER I 33 -5.55 39.84 -10.49
CA SER I 33 -4.25 40.48 -10.35
C SER I 33 -4.34 41.61 -9.33
N MET I 34 -3.21 41.89 -8.68
CA MET I 34 -3.13 42.93 -7.65
C MET I 34 -2.08 43.94 -8.05
N HIS I 35 -2.39 45.22 -7.86
CA HIS I 35 -1.50 46.32 -8.21
C HIS I 35 -1.38 47.28 -7.02
N TRP I 36 -0.41 48.19 -7.11
CA TRP I 36 -0.16 49.17 -6.06
C TRP I 36 0.00 50.55 -6.67
N VAL I 37 -0.86 51.48 -6.26
CA VAL I 37 -0.87 52.85 -6.77
C VAL I 37 -0.62 53.81 -5.63
N ARG I 38 0.41 54.65 -5.76
CA ARG I 38 0.67 55.69 -4.78
C ARG I 38 -0.24 56.90 -4.98
N GLN I 39 -0.27 57.73 -3.94
CA GLN I 39 -0.90 59.05 -4.01
C GLN I 39 -0.14 59.94 -3.03
N ALA I 40 0.82 60.71 -3.53
CA ALA I 40 1.54 61.61 -2.65
C ALA I 40 0.70 62.86 -2.37
N PRO I 41 0.70 63.36 -1.12
CA PRO I 41 -0.01 64.61 -0.82
C PRO I 41 0.67 65.82 -1.42
N GLY I 42 0.06 66.40 -2.45
CA GLY I 42 0.63 67.52 -3.18
C GLY I 42 0.91 67.23 -4.64
N LYS I 43 1.08 65.96 -5.00
CA LYS I 43 1.33 65.54 -6.37
C LYS I 43 0.24 64.56 -6.80
N GLY I 44 0.40 64.02 -8.01
CA GLY I 44 -0.59 63.11 -8.56
C GLY I 44 -0.40 61.68 -8.11
N LEU I 45 -0.65 60.73 -9.00
CA LEU I 45 -0.50 59.32 -8.69
C LEU I 45 0.79 58.77 -9.27
N GLU I 46 1.32 57.74 -8.62
CA GLU I 46 2.49 57.02 -9.09
C GLU I 46 2.15 55.55 -9.15
N TRP I 47 2.99 54.79 -9.86
CA TRP I 47 2.80 53.36 -10.01
C TRP I 47 4.05 52.67 -9.51
N VAL I 48 3.87 51.68 -8.63
CA VAL I 48 4.99 51.06 -7.94
C VAL I 48 5.24 49.70 -8.54
N SER I 49 4.27 48.81 -8.41
CA SER I 49 4.48 47.41 -8.72
C SER I 49 3.14 46.71 -8.92
N ALA I 50 3.21 45.40 -9.14
CA ALA I 50 2.04 44.59 -9.41
C ALA I 50 2.32 43.15 -9.01
N ILE I 51 1.25 42.36 -8.94
CA ILE I 51 1.32 40.92 -8.70
C ILE I 51 0.53 40.25 -9.81
N SER I 52 1.15 39.26 -10.46
CA SER I 52 0.51 38.53 -11.54
C SER I 52 -0.42 37.46 -10.99
N GLY I 53 -0.95 36.62 -11.90
CA GLY I 53 -1.79 35.51 -11.50
C GLY I 53 -1.02 34.44 -10.76
N GLU I 54 0.25 34.28 -11.10
CA GLU I 54 1.16 33.46 -10.31
C GLU I 54 1.73 34.29 -9.17
N GLY I 55 2.19 33.60 -8.13
CA GLY I 55 2.71 34.32 -7.00
C GLY I 55 4.20 34.60 -7.09
N ASP I 56 4.79 34.36 -8.25
CA ASP I 56 6.21 34.54 -8.49
C ASP I 56 6.51 35.71 -9.42
N SER I 57 5.78 35.80 -10.53
CA SER I 57 5.98 36.86 -11.50
C SER I 57 5.43 38.21 -11.07
N ALA I 58 6.31 39.17 -10.84
CA ALA I 58 5.93 40.51 -10.43
C ALA I 58 6.74 41.56 -11.18
N TYR I 59 6.13 42.73 -11.37
CA TYR I 59 6.81 43.82 -12.07
C TYR I 59 6.88 45.07 -11.19
N TYR I 60 8.05 45.71 -11.15
CA TYR I 60 8.26 46.90 -10.34
C TYR I 60 8.82 48.06 -11.15
N ALA I 61 8.57 49.27 -10.69
CA ALA I 61 9.06 50.48 -11.36
C ALA I 61 10.57 50.61 -11.21
N ASP I 62 11.21 51.30 -12.15
CA ASP I 62 12.66 51.44 -12.11
C ASP I 62 13.12 52.57 -11.21
N SER I 63 12.24 53.51 -10.87
CA SER I 63 12.58 54.54 -9.91
C SER I 63 12.58 54.01 -8.49
N VAL I 64 11.86 52.92 -8.23
CA VAL I 64 11.80 52.32 -6.90
C VAL I 64 12.18 50.85 -6.96
N LYS I 65 12.96 50.47 -7.95
CA LYS I 65 13.39 49.09 -8.11
C LYS I 65 14.49 48.76 -7.11
N GLY I 66 14.63 47.46 -6.81
CA GLY I 66 15.68 47.01 -5.92
C GLY I 66 15.44 47.27 -4.46
N ARG I 67 14.24 47.69 -4.09
CA ARG I 67 13.88 48.02 -2.72
C ARG I 67 12.68 47.22 -2.24
N PHE I 68 11.68 47.02 -3.09
CA PHE I 68 10.38 46.51 -2.70
C PHE I 68 10.12 45.20 -3.41
N THR I 69 9.82 44.16 -2.65
CA THR I 69 9.43 42.85 -3.18
C THR I 69 8.10 42.46 -2.57
N ILE I 70 7.21 41.92 -3.38
CA ILE I 70 5.88 41.52 -2.92
C ILE I 70 5.78 40.00 -2.92
N SER I 71 4.69 39.51 -2.32
CA SER I 71 4.41 38.09 -2.27
C SER I 71 2.90 37.88 -2.21
N ARG I 72 2.44 36.80 -2.81
CA ARG I 72 1.03 36.44 -2.83
C ARG I 72 0.87 35.06 -2.19
N ASP I 73 0.00 34.97 -1.19
CA ASP I 73 -0.32 33.71 -0.53
C ASP I 73 -1.77 33.35 -0.87
N ASN I 74 -1.95 32.29 -1.65
CA ASN I 74 -3.28 31.87 -2.05
C ASN I 74 -4.02 31.20 -0.90
N SER I 75 -3.28 30.61 0.04
CA SER I 75 -3.90 29.99 1.21
C SER I 75 -4.24 30.99 2.30
N LYS I 76 -3.75 32.23 2.20
CA LYS I 76 -4.04 33.26 3.19
C LYS I 76 -4.87 34.41 2.64
N ASN I 77 -4.86 34.63 1.31
CA ASN I 77 -5.53 35.72 0.60
C ASN I 77 -5.11 37.09 1.15
N THR I 78 -3.83 37.38 1.02
CA THR I 78 -3.26 38.65 1.46
C THR I 78 -2.05 38.98 0.59
N LEU I 79 -1.57 40.21 0.73
CA LEU I 79 -0.38 40.66 0.04
C LEU I 79 0.62 41.13 1.09
N TYR I 80 1.90 41.17 0.72
CA TYR I 80 2.95 41.61 1.65
C TYR I 80 4.02 42.36 0.87
N LEU I 81 3.95 43.68 0.86
CA LEU I 81 4.95 44.52 0.21
C LEU I 81 6.10 44.74 1.19
N GLN I 82 7.23 44.07 0.96
CA GLN I 82 8.39 44.22 1.82
C GLN I 82 9.07 45.55 1.55
N MET I 83 9.10 46.43 2.55
CA MET I 83 9.58 47.79 2.37
C MET I 83 11.04 47.90 2.82
N ASN I 84 11.92 47.22 2.09
CA ASN I 84 13.34 47.27 2.39
C ASN I 84 13.97 48.51 1.74
N LYS I 85 14.84 49.17 2.51
CA LYS I 85 15.64 50.34 2.08
C LYS I 85 14.75 51.50 1.59
N VAL I 86 13.91 51.97 2.50
CA VAL I 86 12.95 53.02 2.18
C VAL I 86 13.66 54.37 2.21
N ARG I 87 13.59 55.12 1.11
CA ARG I 87 14.08 56.48 1.06
C ARG I 87 12.92 57.45 1.19
N ALA I 88 13.22 58.74 1.16
CA ALA I 88 12.25 59.79 1.45
C ALA I 88 11.21 60.00 0.35
N GLU I 89 11.41 59.43 -0.84
CA GLU I 89 10.46 59.61 -1.94
C GLU I 89 9.23 58.72 -1.82
N ASP I 90 9.18 57.82 -0.85
CA ASP I 90 8.09 56.87 -0.70
C ASP I 90 6.95 57.41 0.16
N THR I 91 6.98 58.69 0.53
CA THR I 91 5.94 59.29 1.36
C THR I 91 4.70 59.53 0.49
N ALA I 92 3.78 58.58 0.52
CA ALA I 92 2.58 58.66 -0.30
C ALA I 92 1.47 57.86 0.38
N VAL I 93 0.34 57.74 -0.29
CA VAL I 93 -0.79 56.94 0.17
C VAL I 93 -0.95 55.76 -0.78
N TYR I 94 -0.92 54.55 -0.23
CA TYR I 94 -0.93 53.34 -1.05
C TYR I 94 -2.35 52.79 -1.18
N TYR I 95 -2.59 52.09 -2.29
CA TYR I 95 -3.87 51.47 -2.56
C TYR I 95 -3.63 50.06 -3.10
N CYS I 96 -4.73 49.34 -3.35
CA CYS I 96 -4.67 48.02 -3.98
C CYS I 96 -5.74 47.95 -5.07
N VAL I 97 -5.33 47.52 -6.26
CA VAL I 97 -6.20 47.46 -7.44
C VAL I 97 -6.41 46.00 -7.81
N GLY I 98 -7.67 45.57 -7.87
CA GLY I 98 -7.97 44.20 -8.24
C GLY I 98 -8.90 44.10 -9.43
N GLY I 99 -8.54 43.27 -10.41
CA GLY I 99 -9.36 43.07 -11.59
C GLY I 99 -9.14 41.69 -12.18
N TYR I 100 -10.03 41.33 -13.10
CA TYR I 100 -9.88 40.06 -13.81
C TYR I 100 -8.73 40.15 -14.78
N SER I 101 -8.03 39.03 -14.97
CA SER I 101 -6.83 39.01 -15.79
C SER I 101 -6.69 37.66 -16.46
N ASN I 102 -6.82 37.63 -17.78
CA ASN I 102 -6.41 36.44 -18.52
C ASN I 102 -4.89 36.36 -18.60
N PHE I 103 -4.22 37.49 -18.80
CA PHE I 103 -2.77 37.58 -18.80
C PHE I 103 -2.27 37.83 -17.38
N TYR I 104 -0.99 38.20 -17.26
CA TYR I 104 -0.41 38.42 -15.94
C TYR I 104 -0.85 39.73 -15.30
N TYR I 105 -0.90 40.82 -16.06
CA TYR I 105 -1.26 42.12 -15.49
C TYR I 105 -2.31 42.80 -16.34
N TYR I 106 -3.58 42.66 -15.95
CA TYR I 106 -4.71 43.32 -16.60
C TYR I 106 -5.90 43.41 -15.67
N TYR I 107 -6.76 44.38 -15.97
CA TYR I 107 -8.02 44.54 -15.28
C TYR I 107 -9.03 45.21 -16.19
N THR I 108 -10.27 44.72 -16.16
CA THR I 108 -11.35 45.26 -16.98
C THR I 108 -12.50 45.82 -16.15
N MET I 109 -12.59 45.46 -14.87
CA MET I 109 -13.53 46.06 -13.92
C MET I 109 -12.76 46.17 -12.61
N ASP I 110 -12.14 47.32 -12.41
CA ASP I 110 -11.12 47.47 -11.38
C ASP I 110 -11.73 47.72 -10.00
N ALA I 111 -10.98 47.33 -8.98
CA ALA I 111 -11.31 47.60 -7.59
C ALA I 111 -10.30 48.59 -7.01
N TRP I 112 -10.62 49.12 -5.83
CA TRP I 112 -9.75 50.07 -5.18
C TRP I 112 -9.81 49.88 -3.67
N GLY I 113 -8.70 50.19 -3.01
CA GLY I 113 -8.57 50.06 -1.57
C GLY I 113 -9.05 51.29 -0.83
N GLN I 114 -8.61 51.39 0.43
CA GLN I 114 -9.07 52.45 1.32
C GLN I 114 -7.93 53.31 1.86
N GLY I 115 -6.76 53.27 1.21
CA GLY I 115 -5.67 54.16 1.58
C GLY I 115 -4.84 53.69 2.76
N THR I 116 -3.56 54.06 2.76
CA THR I 116 -2.64 53.70 3.84
C THR I 116 -1.61 54.81 3.97
N MET I 117 -1.49 55.38 5.17
CA MET I 117 -0.56 56.48 5.41
C MET I 117 0.80 55.91 5.79
N VAL I 118 1.78 56.07 4.90
CA VAL I 118 3.16 55.66 5.15
C VAL I 118 4.06 56.84 4.82
N THR I 119 4.83 57.29 5.81
CA THR I 119 5.78 58.38 5.64
C THR I 119 7.15 57.93 6.12
N VAL I 120 8.13 58.83 6.01
CA VAL I 120 9.51 58.55 6.40
C VAL I 120 9.86 59.46 7.57
N SER I 121 10.25 58.86 8.68
CA SER I 121 10.56 59.59 9.91
C SER I 121 11.93 59.18 10.40
N SER I 122 12.81 60.17 10.58
CA SER I 122 14.15 59.96 11.18
C SER I 122 14.33 61.02 12.26
N ALA I 123 13.80 60.74 13.46
CA ALA I 123 13.87 61.66 14.57
C ALA I 123 13.69 60.88 15.87
N SER I 124 13.68 61.59 16.98
CA SER I 124 13.43 61.02 18.29
C SER I 124 11.97 61.24 18.68
N THR I 125 11.62 60.79 19.89
CA THR I 125 10.25 60.93 20.38
C THR I 125 10.06 62.35 20.91
N LYS I 126 9.22 63.13 20.24
CA LYS I 126 8.93 64.50 20.63
C LYS I 126 7.44 64.67 20.91
N GLY I 127 7.12 65.64 21.75
CA GLY I 127 5.76 65.89 22.15
C GLY I 127 5.14 67.09 21.45
N PRO I 128 3.81 67.13 21.38
CA PRO I 128 3.15 68.27 20.72
C PRO I 128 3.17 69.52 21.59
N SER I 129 3.63 70.62 21.00
CA SER I 129 3.61 71.91 21.67
C SER I 129 2.31 72.66 21.34
N VAL I 130 2.11 73.78 22.01
CA VAL I 130 0.91 74.60 21.86
C VAL I 130 1.34 75.97 21.33
N PHE I 131 0.96 76.27 20.10
CA PHE I 131 1.25 77.56 19.48
C PHE I 131 -0.07 78.25 19.15
N PRO I 132 -0.37 79.42 19.72
CA PRO I 132 -1.67 80.05 19.49
C PRO I 132 -1.72 80.75 18.14
N LEU I 133 -2.92 81.27 17.83
CA LEU I 133 -3.18 82.01 16.61
C LEU I 133 -4.41 82.88 16.85
N ALA I 134 -4.39 84.10 16.32
CA ALA I 134 -5.42 85.09 16.54
C ALA I 134 -5.32 86.15 15.45
N PRO I 135 -6.35 86.97 15.27
CA PRO I 135 -6.17 88.23 14.55
C PRO I 135 -5.53 89.27 15.48
N SER I 136 -5.33 90.47 14.95
CA SER I 136 -4.74 91.55 15.73
C SER I 136 -5.76 92.11 16.72
N SER I 137 -5.27 92.95 17.63
CA SER I 137 -6.12 93.55 18.66
C SER I 137 -6.71 94.88 18.22
N LYS I 138 -7.35 94.86 17.04
CA LYS I 138 -8.05 96.03 16.51
C LYS I 138 -9.45 95.73 16.00
N SER I 139 -9.75 94.48 15.64
CA SER I 139 -11.07 94.12 15.16
C SER I 139 -11.57 92.81 15.75
N THR I 140 -11.07 92.43 16.93
CA THR I 140 -11.47 91.18 17.57
C THR I 140 -12.72 91.33 18.43
N SER I 141 -13.32 92.51 18.46
CA SER I 141 -14.53 92.77 19.25
C SER I 141 -15.80 92.57 18.43
N GLY I 142 -15.93 91.39 17.82
CA GLY I 142 -17.09 91.10 17.02
C GLY I 142 -16.79 91.06 15.52
N GLY I 143 -16.73 89.87 14.96
CA GLY I 143 -16.48 89.72 13.55
C GLY I 143 -16.07 88.29 13.23
N THR I 144 -15.54 88.12 12.02
CA THR I 144 -15.08 86.81 11.56
C THR I 144 -13.58 86.85 11.35
N ALA I 145 -12.93 85.72 11.64
CA ALA I 145 -11.49 85.61 11.54
C ALA I 145 -11.13 84.15 11.25
N ALA I 146 -9.86 83.83 11.42
CA ALA I 146 -9.36 82.46 11.28
C ALA I 146 -8.25 82.26 12.29
N LEU I 147 -8.41 81.27 13.16
CA LEU I 147 -7.46 81.06 14.25
C LEU I 147 -7.39 79.57 14.54
N GLY I 148 -6.83 79.23 15.70
CA GLY I 148 -6.70 77.85 16.11
C GLY I 148 -5.34 77.58 16.72
N CYS I 149 -5.32 76.90 17.87
CA CYS I 149 -4.07 76.56 18.53
C CYS I 149 -3.33 75.51 17.70
N LEU I 150 -2.10 75.84 17.31
CA LEU I 150 -1.36 75.03 16.36
C LEU I 150 -0.65 73.89 17.07
N VAL I 151 -0.57 72.75 16.39
CA VAL I 151 0.08 71.55 16.91
C VAL I 151 1.28 71.30 16.01
N LYS I 152 2.48 71.63 16.50
CA LYS I 152 3.70 71.47 15.73
C LYS I 152 4.73 70.71 16.55
N ASP I 153 5.74 70.20 15.83
CA ASP I 153 6.91 69.48 16.37
C ASP I 153 6.50 68.25 17.18
N TYR I 154 5.46 67.55 16.71
CA TYR I 154 4.94 66.39 17.41
C TYR I 154 5.40 65.10 16.75
N PHE I 155 5.26 64.01 17.50
CA PHE I 155 5.67 62.68 17.07
C PHE I 155 4.86 61.63 17.81
N PRO I 156 4.06 60.81 17.12
CA PRO I 156 3.84 60.81 15.67
C PRO I 156 2.52 61.43 15.22
N GLU I 157 2.29 61.42 13.91
CA GLU I 157 1.04 61.86 13.31
C GLU I 157 -0.03 60.78 13.49
N PRO I 158 -1.26 61.15 13.90
CA PRO I 158 -1.73 62.47 14.29
C PRO I 158 -1.96 62.63 15.80
N VAL I 159 -2.40 63.81 16.21
CA VAL I 159 -2.75 64.09 17.60
C VAL I 159 -4.23 64.43 17.66
N THR I 160 -4.96 63.74 18.53
CA THR I 160 -6.40 63.97 18.70
C THR I 160 -6.61 65.29 19.43
N VAL I 161 -7.02 66.32 18.69
CA VAL I 161 -7.25 67.66 19.22
C VAL I 161 -8.73 67.98 19.11
N SER I 162 -9.33 68.41 20.22
CA SER I 162 -10.74 68.76 20.28
C SER I 162 -10.91 70.25 20.55
N TRP I 163 -12.12 70.74 20.29
CA TRP I 163 -12.42 72.18 20.44
C TRP I 163 -13.86 72.32 20.94
N ASN I 164 -13.99 72.48 22.27
CA ASN I 164 -15.25 72.79 22.97
C ASN I 164 -16.33 71.73 22.73
N SER I 165 -15.89 70.46 22.64
CA SER I 165 -16.74 69.29 22.41
C SER I 165 -17.56 69.39 21.13
N GLY I 166 -16.95 69.96 20.09
CA GLY I 166 -17.62 70.09 18.81
C GLY I 166 -18.46 71.35 18.66
N ALA I 167 -17.94 72.47 19.17
CA ALA I 167 -18.60 73.76 19.01
C ALA I 167 -17.81 74.73 18.13
N LEU I 168 -16.53 74.94 18.43
CA LEU I 168 -15.65 75.74 17.59
C LEU I 168 -14.89 74.86 16.60
N THR I 169 -15.62 74.02 15.87
CA THR I 169 -15.03 73.06 14.94
C THR I 169 -15.53 73.29 13.52
N SER I 170 -15.78 74.54 13.15
CA SER I 170 -16.24 74.86 11.80
C SER I 170 -15.13 74.76 10.77
N GLY I 171 -13.87 74.82 11.19
CA GLY I 171 -12.76 74.67 10.28
C GLY I 171 -11.71 73.69 10.80
N VAL I 172 -11.94 73.15 11.99
CA VAL I 172 -10.99 72.24 12.63
C VAL I 172 -11.08 70.88 11.94
N HIS I 173 -10.02 70.50 11.23
CA HIS I 173 -9.93 69.21 10.57
C HIS I 173 -8.52 68.67 10.77
N THR I 174 -8.42 67.35 10.87
CA THR I 174 -7.13 66.68 11.10
C THR I 174 -6.35 66.70 9.80
N PHE I 175 -5.57 67.77 9.61
CA PHE I 175 -4.70 67.87 8.44
C PHE I 175 -3.52 66.90 8.60
N PRO I 176 -2.97 66.42 7.49
CA PRO I 176 -1.79 65.54 7.59
C PRO I 176 -0.54 66.30 8.00
N ALA I 177 0.49 65.54 8.33
CA ALA I 177 1.72 66.09 8.88
C ALA I 177 2.52 66.80 7.81
N VAL I 178 2.67 68.11 7.96
CA VAL I 178 3.50 68.90 7.04
C VAL I 178 4.97 68.60 7.34
N LEU I 179 5.72 68.24 6.31
CA LEU I 179 7.11 67.82 6.48
C LEU I 179 8.00 69.02 6.75
N GLN I 180 8.73 68.96 7.86
CA GLN I 180 9.68 70.00 8.24
C GLN I 180 11.05 69.66 7.66
N SER I 181 12.08 70.36 8.14
CA SER I 181 13.46 70.04 7.77
C SER I 181 14.01 68.81 8.47
N SER I 182 13.28 68.28 9.44
CA SER I 182 13.64 67.05 10.15
C SER I 182 12.37 66.23 10.31
N GLY I 183 12.40 65.23 11.19
CA GLY I 183 11.27 64.36 11.42
C GLY I 183 10.13 64.91 12.24
N LEU I 184 10.17 66.20 12.60
CA LEU I 184 9.08 66.80 13.34
C LEU I 184 7.88 67.03 12.43
N TYR I 185 6.69 67.00 13.03
CA TYR I 185 5.44 67.12 12.31
C TYR I 185 4.73 68.41 12.69
N SER I 186 3.93 68.92 11.76
CA SER I 186 3.19 70.16 11.98
C SER I 186 1.83 70.09 11.31
N LEU I 187 0.81 70.59 12.01
CA LEU I 187 -0.52 70.74 11.43
C LEU I 187 -1.03 72.14 11.74
N SER I 188 -1.69 72.75 10.75
CA SER I 188 -2.23 74.10 10.89
C SER I 188 -3.35 74.29 9.88
N SER I 189 -4.43 74.94 10.31
CA SER I 189 -5.59 75.14 9.46
C SER I 189 -6.32 76.41 9.91
N VAL I 190 -7.54 76.59 9.42
CA VAL I 190 -8.34 77.76 9.72
C VAL I 190 -9.54 77.35 10.56
N VAL I 191 -10.31 78.36 11.01
CA VAL I 191 -11.53 78.13 11.79
C VAL I 191 -12.44 79.34 11.57
N THR I 192 -13.72 79.17 11.88
CA THR I 192 -14.70 80.24 11.83
C THR I 192 -15.10 80.62 13.25
N VAL I 193 -14.83 81.86 13.63
CA VAL I 193 -15.08 82.33 14.99
C VAL I 193 -15.99 83.56 14.98
N PRO I 194 -16.89 83.70 15.96
CA PRO I 194 -17.62 84.96 16.11
C PRO I 194 -16.81 86.03 16.84
N SER I 195 -15.74 85.63 17.54
CA SER I 195 -14.72 86.43 18.22
C SER I 195 -15.22 87.21 19.44
N SER I 196 -16.50 87.15 19.77
CA SER I 196 -17.01 87.77 21.01
C SER I 196 -17.13 86.74 22.12
N SER I 197 -16.08 85.93 22.28
CA SER I 197 -16.05 84.92 23.32
C SER I 197 -14.71 84.82 24.04
N LEU I 198 -13.72 85.63 23.66
CA LEU I 198 -12.40 85.59 24.29
C LEU I 198 -12.50 86.24 25.68
N GLY I 199 -12.45 85.43 26.72
CA GLY I 199 -12.65 85.87 28.08
C GLY I 199 -13.86 85.26 28.76
N THR I 200 -14.81 84.72 27.99
CA THR I 200 -15.98 84.04 28.52
C THR I 200 -15.96 82.55 28.20
N GLN I 201 -15.81 82.18 26.93
CA GLN I 201 -15.72 80.78 26.51
C GLN I 201 -14.25 80.43 26.33
N THR I 202 -13.77 79.48 27.12
CA THR I 202 -12.35 79.14 27.12
C THR I 202 -12.03 78.26 25.92
N TYR I 203 -11.07 78.69 25.11
CA TYR I 203 -10.67 77.97 23.90
C TYR I 203 -9.43 77.12 24.19
N ILE I 204 -9.63 76.08 24.99
CA ILE I 204 -8.56 75.18 25.39
C ILE I 204 -8.46 74.05 24.38
N CYS I 205 -7.29 73.90 23.76
CA CYS I 205 -7.05 72.79 22.84
C CYS I 205 -6.55 71.59 23.63
N ASN I 206 -7.33 70.51 23.62
CA ASN I 206 -6.94 69.26 24.26
C ASN I 206 -6.01 68.54 23.31
N VAL I 207 -4.72 68.87 23.40
CA VAL I 207 -3.71 68.33 22.49
C VAL I 207 -3.26 67.01 23.11
N ASN I 208 -3.99 65.94 22.80
CA ASN I 208 -3.81 64.64 23.43
C ASN I 208 -3.52 63.58 22.39
N HIS I 209 -2.46 62.79 22.63
CA HIS I 209 -2.13 61.63 21.82
C HIS I 209 -1.43 60.63 22.72
N LYS I 210 -1.81 59.36 22.60
CA LYS I 210 -1.35 58.34 23.55
C LYS I 210 0.12 57.90 23.41
N PRO I 211 0.73 57.77 22.23
CA PRO I 211 2.19 57.57 22.21
C PRO I 211 3.02 58.84 22.32
N SER I 212 2.43 59.98 22.69
CA SER I 212 3.18 61.22 22.87
C SER I 212 3.26 61.66 24.32
N ASN I 213 2.10 61.71 25.01
CA ASN I 213 1.95 62.05 26.42
C ASN I 213 2.50 63.44 26.75
N THR I 214 1.88 64.44 26.11
CA THR I 214 2.21 65.84 26.37
C THR I 214 0.93 66.64 26.21
N LYS I 215 0.37 67.12 27.32
CA LYS I 215 -0.89 67.85 27.32
C LYS I 215 -0.69 69.18 28.05
N VAL I 216 -0.70 70.27 27.30
CA VAL I 216 -0.57 71.62 27.85
C VAL I 216 -1.88 72.35 27.56
N ASP I 217 -2.66 72.60 28.60
CA ASP I 217 -3.94 73.30 28.46
C ASP I 217 -3.67 74.79 28.32
N LYS I 218 -3.87 75.31 27.10
CA LYS I 218 -3.64 76.73 26.83
C LYS I 218 -4.72 77.25 25.89
N LYS I 219 -4.81 78.58 25.84
CA LYS I 219 -5.82 79.28 25.06
C LYS I 219 -5.13 80.26 24.12
N VAL I 220 -5.78 80.53 22.98
CA VAL I 220 -5.27 81.55 22.06
C VAL I 220 -5.46 82.93 22.68
N GLU I 221 -4.54 83.84 22.34
CA GLU I 221 -4.52 85.17 22.91
C GLU I 221 -4.62 86.22 21.81
N PRO I 222 -5.59 87.15 21.86
CA PRO I 222 -5.72 88.20 20.84
C PRO I 222 -4.65 89.27 20.93
N ASP J 1 9.69 54.02 -21.94
CA ASP J 1 9.52 55.33 -21.29
C ASP J 1 8.51 56.20 -22.02
N ILE J 2 7.24 55.91 -21.79
CA ILE J 2 6.12 56.64 -22.38
C ILE J 2 5.52 57.49 -21.27
N VAL J 3 5.46 58.80 -21.50
CA VAL J 3 4.99 59.76 -20.50
C VAL J 3 3.64 60.30 -20.92
N MET J 4 2.66 60.18 -20.03
CA MET J 4 1.32 60.68 -20.23
C MET J 4 1.28 62.16 -19.84
N THR J 5 0.96 63.02 -20.80
CA THR J 5 0.84 64.45 -20.56
C THR J 5 -0.61 64.87 -20.67
N GLN J 6 -1.01 65.79 -19.81
CA GLN J 6 -2.38 66.27 -19.74
C GLN J 6 -2.42 67.78 -19.91
N SER J 7 -3.41 68.25 -20.66
CA SER J 7 -3.60 69.67 -20.94
C SER J 7 -5.06 69.94 -21.27
N PRO J 8 -5.71 70.90 -20.61
CA PRO J 8 -5.19 71.75 -19.53
C PRO J 8 -5.35 71.11 -18.16
N ALA J 9 -4.87 71.77 -17.11
CA ALA J 9 -4.90 71.23 -15.76
C ALA J 9 -6.00 71.82 -14.88
N SER J 10 -6.59 72.95 -15.28
CA SER J 10 -7.61 73.58 -14.46
C SER J 10 -8.59 74.32 -15.37
N LEU J 11 -9.87 74.23 -15.04
CA LEU J 11 -10.93 74.92 -15.76
C LEU J 11 -11.95 75.42 -14.74
N SER J 12 -11.91 76.72 -14.44
CA SER J 12 -12.84 77.33 -13.49
C SER J 12 -14.15 77.57 -14.21
N LEU J 13 -15.05 76.60 -14.11
CA LEU J 13 -16.30 76.60 -14.86
C LEU J 13 -17.49 76.70 -13.90
N SER J 14 -18.69 76.67 -14.48
CA SER J 14 -19.94 76.64 -13.76
C SER J 14 -20.56 75.25 -13.91
N PRO J 15 -21.28 74.76 -12.90
CA PRO J 15 -21.90 73.42 -13.01
C PRO J 15 -23.07 73.44 -13.98
N GLY J 16 -22.98 72.58 -15.00
CA GLY J 16 -23.99 72.51 -16.04
C GLY J 16 -23.38 72.62 -17.43
N GLU J 17 -22.13 73.03 -17.51
CA GLU J 17 -21.45 73.20 -18.78
C GLU J 17 -20.71 71.91 -19.16
N ARG J 18 -19.85 71.99 -20.16
CA ARG J 18 -19.06 70.85 -20.62
C ARG J 18 -17.61 70.99 -20.18
N ALA J 19 -16.87 69.89 -20.28
CA ALA J 19 -15.48 69.85 -19.88
C ALA J 19 -14.75 68.84 -20.74
N THR J 20 -13.66 69.27 -21.38
CA THR J 20 -12.86 68.41 -22.25
C THR J 20 -11.42 68.41 -21.73
N LEU J 21 -10.90 67.21 -21.47
CA LEU J 21 -9.52 67.03 -21.03
C LEU J 21 -8.81 66.10 -22.00
N SER J 22 -7.61 66.50 -22.44
CA SER J 22 -6.87 65.79 -23.48
C SER J 22 -5.62 65.16 -22.89
N CYS J 23 -5.46 63.86 -23.13
CA CYS J 23 -4.24 63.15 -22.79
C CYS J 23 -3.47 62.77 -24.06
N ARG J 24 -2.15 62.78 -23.96
CA ARG J 24 -1.28 62.43 -25.06
C ARG J 24 -0.28 61.37 -24.60
N ALA J 25 0.47 60.84 -25.56
CA ALA J 25 1.50 59.84 -25.26
C ALA J 25 2.57 59.92 -26.33
N THR J 26 3.68 59.22 -26.07
CA THR J 26 4.78 59.21 -27.04
C THR J 26 4.49 58.21 -28.15
N GLN J 27 4.34 56.94 -27.81
CA GLN J 27 4.03 55.93 -28.80
C GLN J 27 2.54 55.95 -29.13
N SER J 28 2.15 55.15 -30.12
CA SER J 28 0.77 55.11 -30.57
C SER J 28 -0.03 54.15 -29.69
N ILE J 29 -0.46 54.65 -28.54
CA ILE J 29 -1.42 53.90 -27.73
C ILE J 29 -2.74 54.00 -28.46
N SER J 30 -3.16 52.91 -29.10
CA SER J 30 -4.29 53.01 -30.01
C SER J 30 -5.62 52.83 -29.29
N THR J 31 -5.80 51.70 -28.61
CA THR J 31 -7.11 51.35 -28.11
C THR J 31 -7.25 51.51 -26.59
N PHE J 32 -6.42 50.85 -25.79
CA PHE J 32 -6.64 50.79 -24.35
C PHE J 32 -6.12 52.04 -23.65
N LEU J 33 -7.07 52.86 -23.21
CA LEU J 33 -6.84 54.07 -22.45
C LEU J 33 -7.88 54.04 -21.34
N ALA J 34 -7.67 54.86 -20.32
CA ALA J 34 -8.58 54.87 -19.20
C ALA J 34 -8.64 56.27 -18.61
N TRP J 35 -9.63 56.46 -17.73
CA TRP J 35 -9.80 57.72 -17.05
C TRP J 35 -10.17 57.44 -15.61
N TYR J 36 -10.06 58.48 -14.78
CA TYR J 36 -10.42 58.37 -13.38
C TYR J 36 -11.04 59.67 -12.92
N GLN J 37 -11.86 59.57 -11.87
CA GLN J 37 -12.36 60.74 -11.16
C GLN J 37 -12.06 60.52 -9.68
N GLN J 38 -11.20 61.35 -9.12
CA GLN J 38 -10.70 61.17 -7.77
C GLN J 38 -11.06 62.39 -6.94
N LYS J 39 -12.05 62.25 -6.07
CA LYS J 39 -12.25 63.24 -5.03
C LYS J 39 -11.12 63.14 -4.02
N PRO J 40 -10.68 64.27 -3.44
CA PRO J 40 -9.61 64.20 -2.44
C PRO J 40 -10.11 63.62 -1.13
N GLY J 41 -9.33 62.69 -0.56
CA GLY J 41 -9.66 62.02 0.67
C GLY J 41 -10.26 60.64 0.50
N GLN J 42 -10.61 60.23 -0.71
CA GLN J 42 -11.23 58.94 -0.95
C GLN J 42 -10.46 58.19 -2.04
N ALA J 43 -10.94 57.00 -2.37
CA ALA J 43 -10.36 56.20 -3.43
C ALA J 43 -10.72 56.79 -4.79
N PRO J 44 -9.83 56.68 -5.78
CA PRO J 44 -10.16 57.17 -7.12
C PRO J 44 -11.17 56.25 -7.80
N ARG J 45 -12.17 56.87 -8.43
CA ARG J 45 -13.26 56.16 -9.06
C ARG J 45 -13.02 56.07 -10.57
N LEU J 46 -13.43 54.95 -11.15
CA LEU J 46 -13.30 54.77 -12.60
C LEU J 46 -14.34 55.58 -13.35
N LEU J 47 -14.01 55.94 -14.59
CA LEU J 47 -14.97 56.57 -15.47
C LEU J 47 -15.27 55.73 -16.70
N ILE J 48 -14.26 55.37 -17.50
CA ILE J 48 -14.47 54.63 -18.74
C ILE J 48 -13.29 53.70 -18.98
N TYR J 49 -13.55 52.66 -19.77
CA TYR J 49 -12.52 51.78 -20.31
C TYR J 49 -12.50 51.93 -21.82
N ASP J 50 -11.29 52.09 -22.38
CA ASP J 50 -11.02 52.25 -23.82
C ASP J 50 -11.72 53.47 -24.42
N ALA J 51 -11.95 54.49 -23.59
CA ALA J 51 -12.59 55.78 -23.90
C ALA J 51 -14.02 55.65 -24.45
N SER J 52 -14.67 54.49 -24.30
CA SER J 52 -16.04 54.32 -24.79
C SER J 52 -16.96 53.54 -23.86
N THR J 53 -16.43 52.69 -22.97
CA THR J 53 -17.26 51.81 -22.16
C THR J 53 -17.01 52.08 -20.68
N ARG J 54 -18.07 52.44 -19.96
CA ARG J 54 -17.99 52.74 -18.54
C ARG J 54 -18.00 51.46 -17.73
N ALA J 55 -17.94 51.59 -16.41
CA ALA J 55 -18.01 50.44 -15.52
C ALA J 55 -19.47 50.18 -15.15
N SER J 56 -19.68 49.28 -14.19
CA SER J 56 -21.03 48.96 -13.73
C SER J 56 -21.51 50.05 -12.79
N GLY J 57 -22.56 50.77 -13.20
CA GLY J 57 -23.17 51.79 -12.38
C GLY J 57 -22.70 53.21 -12.64
N ILE J 58 -22.35 53.54 -13.87
CA ILE J 58 -21.89 54.88 -14.25
C ILE J 58 -22.82 55.38 -15.35
N PRO J 59 -23.42 56.58 -15.20
CA PRO J 59 -24.32 57.09 -16.24
C PRO J 59 -23.59 57.58 -17.48
N ALA J 60 -24.34 58.02 -18.48
CA ALA J 60 -23.80 58.37 -19.78
C ALA J 60 -23.33 59.82 -19.88
N ARG J 61 -23.02 60.46 -18.74
CA ARG J 61 -22.45 61.79 -18.79
C ARG J 61 -20.99 61.76 -19.18
N PHE J 62 -20.23 60.79 -18.67
CA PHE J 62 -18.79 60.72 -18.87
C PHE J 62 -18.51 59.82 -20.06
N SER J 63 -18.28 60.43 -21.22
CA SER J 63 -17.91 59.72 -22.42
C SER J 63 -16.59 60.29 -22.95
N GLY J 64 -15.91 59.50 -23.79
CA GLY J 64 -14.64 59.90 -24.33
C GLY J 64 -14.58 59.69 -25.83
N SER J 65 -13.45 60.09 -26.41
CA SER J 65 -13.23 59.98 -27.85
C SER J 65 -11.74 59.87 -28.11
N ARG J 66 -11.40 59.58 -29.37
CA ARG J 66 -10.02 59.46 -29.81
C ARG J 66 -9.78 60.33 -31.03
N SER J 67 -8.58 60.91 -31.11
CA SER J 67 -8.14 61.63 -32.31
C SER J 67 -6.63 61.45 -32.39
N GLY J 68 -6.21 60.43 -33.12
CA GLY J 68 -4.81 60.07 -33.21
C GLY J 68 -4.29 59.54 -31.89
N THR J 69 -3.44 60.33 -31.23
CA THR J 69 -2.95 60.04 -29.89
C THR J 69 -3.58 60.93 -28.83
N ASP J 70 -4.59 61.73 -29.20
CA ASP J 70 -5.28 62.61 -28.28
C ASP J 70 -6.60 61.99 -27.87
N PHE J 71 -6.84 61.95 -26.56
CA PHE J 71 -8.03 61.32 -25.99
C PHE J 71 -8.80 62.37 -25.21
N THR J 72 -9.95 62.77 -25.72
CA THR J 72 -10.73 63.87 -25.15
C THR J 72 -11.94 63.34 -24.40
N LEU J 73 -12.05 63.72 -23.13
CA LEU J 73 -13.28 63.47 -22.38
C LEU J 73 -14.38 64.40 -22.88
N THR J 74 -15.62 63.92 -22.77
CA THR J 74 -16.80 64.72 -23.08
C THR J 74 -17.80 64.55 -21.96
N ILE J 75 -18.03 65.61 -21.20
CA ILE J 75 -19.01 65.62 -20.12
C ILE J 75 -20.17 66.50 -20.57
N THR J 76 -21.39 65.98 -20.45
CA THR J 76 -22.56 66.73 -20.91
C THR J 76 -22.89 67.89 -19.96
N ARG J 77 -23.22 67.57 -18.70
CA ARG J 77 -23.53 68.58 -17.70
C ARG J 77 -22.66 68.35 -16.47
N LEU J 78 -22.04 69.41 -15.98
CA LEU J 78 -21.21 69.33 -14.79
C LEU J 78 -22.07 69.48 -13.54
N GLU J 79 -21.78 68.67 -12.54
CA GLU J 79 -22.35 68.72 -11.21
C GLU J 79 -21.36 69.34 -10.24
N PRO J 80 -21.84 69.97 -9.15
CA PRO J 80 -20.91 70.47 -8.12
C PRO J 80 -20.19 69.36 -7.36
N GLU J 81 -20.72 68.13 -7.36
CA GLU J 81 -20.02 66.97 -6.83
C GLU J 81 -19.20 66.24 -7.89
N ASP J 82 -18.93 66.91 -9.02
CA ASP J 82 -18.11 66.33 -10.07
C ASP J 82 -16.81 67.09 -10.31
N PHE J 83 -16.64 68.27 -9.71
CA PHE J 83 -15.40 69.03 -9.86
C PHE J 83 -14.34 68.38 -8.99
N ALA J 84 -13.50 67.55 -9.60
CA ALA J 84 -12.48 66.81 -8.87
C ALA J 84 -11.26 66.64 -9.78
N VAL J 85 -10.37 65.75 -9.38
CA VAL J 85 -9.14 65.49 -10.11
C VAL J 85 -9.36 64.35 -11.10
N TYR J 86 -8.79 64.47 -12.29
CA TYR J 86 -8.91 63.48 -13.33
C TYR J 86 -7.53 63.00 -13.76
N TYR J 87 -7.45 61.72 -14.12
CA TYR J 87 -6.19 61.08 -14.47
C TYR J 87 -6.38 60.25 -15.73
N CYS J 88 -5.26 59.86 -16.32
CA CYS J 88 -5.19 58.97 -17.47
C CYS J 88 -4.31 57.78 -17.11
N GLN J 89 -4.18 56.85 -18.03
CA GLN J 89 -3.48 55.60 -17.75
C GLN J 89 -2.82 55.08 -19.01
N GLN J 90 -1.91 54.13 -18.81
CA GLN J 90 -1.35 53.33 -19.88
C GLN J 90 -1.62 51.86 -19.61
N ARG J 91 -2.04 51.13 -20.64
CA ARG J 91 -2.23 49.69 -20.49
C ARG J 91 -1.71 48.96 -21.72
N TYR J 92 -0.72 49.53 -22.39
CA TYR J 92 -0.18 48.91 -23.60
C TYR J 92 0.78 47.76 -23.32
N ASN J 93 0.21 46.56 -23.17
CA ASN J 93 0.93 45.29 -22.96
C ASN J 93 1.61 45.09 -21.59
N TRP J 94 2.54 45.97 -21.26
CA TRP J 94 3.39 45.77 -20.10
C TRP J 94 3.51 47.01 -19.22
N PRO J 95 3.82 46.80 -17.94
CA PRO J 95 3.99 47.87 -16.94
C PRO J 95 5.23 48.70 -17.24
N PRO J 96 5.21 49.98 -16.85
CA PRO J 96 4.40 50.49 -15.76
C PRO J 96 3.26 51.39 -16.26
N TYR J 97 2.05 51.12 -15.78
CA TYR J 97 0.88 51.90 -16.16
C TYR J 97 0.98 53.30 -15.58
N SER J 98 1.76 54.15 -16.23
CA SER J 98 1.96 55.52 -15.79
C SER J 98 0.66 56.30 -15.88
N PHE J 99 0.52 57.23 -14.95
CA PHE J 99 -0.63 58.10 -14.86
C PHE J 99 -0.30 59.42 -15.51
N GLY J 100 -1.23 60.37 -15.40
CA GLY J 100 -1.04 61.67 -15.98
C GLY J 100 -0.38 62.60 -14.99
N GLN J 101 -0.94 63.77 -14.80
CA GLN J 101 -0.40 64.77 -13.91
C GLN J 101 -1.37 65.16 -12.82
N GLY J 102 -2.66 65.18 -13.13
CA GLY J 102 -3.68 65.57 -12.18
C GLY J 102 -4.33 66.85 -12.62
N THR J 103 -5.56 66.74 -13.11
CA THR J 103 -6.29 67.88 -13.67
C THR J 103 -7.53 68.10 -12.82
N LYS J 104 -7.53 69.19 -12.05
CA LYS J 104 -8.68 69.55 -11.25
C LYS J 104 -9.60 70.47 -12.04
N LEU J 105 -10.79 70.70 -11.51
CA LEU J 105 -11.76 71.61 -12.08
C LEU J 105 -12.26 72.51 -10.96
N GLU J 106 -12.14 73.82 -11.16
CA GLU J 106 -12.53 74.77 -10.14
C GLU J 106 -13.85 75.43 -10.53
N ILE J 107 -14.32 76.33 -9.66
CA ILE J 107 -15.52 77.11 -9.89
C ILE J 107 -15.18 78.58 -9.64
N LYS J 108 -15.98 79.46 -10.22
CA LYS J 108 -15.79 80.88 -9.98
C LYS J 108 -16.33 81.27 -8.61
N ARG J 109 -15.82 82.38 -8.09
CA ARG J 109 -16.15 82.82 -6.75
C ARG J 109 -15.91 84.32 -6.66
N THR J 110 -15.88 84.84 -5.43
CA THR J 110 -15.63 86.25 -5.21
C THR J 110 -14.14 86.56 -5.35
N VAL J 111 -13.82 87.57 -6.16
CA VAL J 111 -12.44 87.96 -6.40
C VAL J 111 -12.22 89.34 -5.81
N ALA J 112 -12.95 89.67 -4.73
CA ALA J 112 -12.99 91.04 -4.25
C ALA J 112 -11.75 91.41 -3.43
N ALA J 113 -11.55 90.75 -2.29
CA ALA J 113 -10.48 91.16 -1.39
C ALA J 113 -9.99 90.00 -0.54
N PRO J 114 -8.66 89.86 -0.36
CA PRO J 114 -8.15 88.86 0.59
C PRO J 114 -8.13 89.38 2.02
N SER J 115 -7.54 88.61 2.92
CA SER J 115 -7.35 89.03 4.29
C SER J 115 -5.86 89.24 4.56
N VAL J 116 -5.57 90.07 5.56
CA VAL J 116 -4.19 90.44 5.87
C VAL J 116 -3.87 90.09 7.32
N PHE J 117 -4.40 88.96 7.79
CA PHE J 117 -4.11 88.48 9.14
C PHE J 117 -2.65 88.10 9.28
N ILE J 118 -1.99 88.65 10.29
CA ILE J 118 -0.55 88.55 10.44
C ILE J 118 -0.17 87.74 11.67
N PHE J 119 -0.80 88.04 12.83
CA PHE J 119 -0.57 87.46 14.16
C PHE J 119 0.89 87.57 14.60
N PRO J 120 1.29 88.71 15.19
CA PRO J 120 2.61 88.80 15.88
C PRO J 120 2.82 87.66 16.86
N PRO J 121 4.06 87.15 16.96
CA PRO J 121 4.25 85.71 17.25
C PRO J 121 4.06 85.24 18.68
N SER J 122 3.42 86.05 19.54
CA SER J 122 2.95 85.67 20.89
C SER J 122 4.13 85.23 21.78
N ASP J 123 4.90 86.25 22.20
CA ASP J 123 6.28 86.23 22.69
C ASP J 123 6.72 85.08 23.61
N GLU J 124 5.78 84.47 24.35
CA GLU J 124 6.06 83.22 25.04
C GLU J 124 6.42 82.09 24.06
N GLN J 125 5.80 82.09 22.87
CA GLN J 125 6.19 81.16 21.82
C GLN J 125 7.60 81.46 21.32
N LEU J 126 7.96 82.74 21.24
CA LEU J 126 9.31 83.11 20.84
C LEU J 126 10.35 82.76 21.91
N LYS J 127 9.94 82.79 23.18
CA LYS J 127 10.81 82.33 24.26
C LYS J 127 10.87 80.80 24.33
N SER J 128 9.87 80.11 23.77
CA SER J 128 9.96 78.66 23.67
C SER J 128 10.98 78.23 22.63
N GLY J 129 11.20 79.04 21.60
CA GLY J 129 12.22 78.74 20.61
C GLY J 129 11.80 78.97 19.18
N THR J 130 10.51 78.79 18.89
CA THR J 130 10.02 78.87 17.52
C THR J 130 9.60 80.29 17.17
N ALA J 131 9.38 80.53 15.88
CA ALA J 131 8.94 81.83 15.37
C ALA J 131 8.05 81.55 14.15
N SER J 132 6.75 81.49 14.40
CA SER J 132 5.76 81.15 13.37
C SER J 132 4.83 82.34 13.16
N VAL J 133 5.23 83.28 12.30
CA VAL J 133 4.38 84.40 11.92
C VAL J 133 3.43 83.88 10.86
N VAL J 134 2.23 83.48 11.27
CA VAL J 134 1.26 82.88 10.35
C VAL J 134 0.55 83.98 9.58
N CYS J 135 1.07 84.29 8.39
CA CYS J 135 0.49 85.31 7.52
C CYS J 135 -0.73 84.72 6.82
N LEU J 136 -1.86 84.75 7.54
CA LEU J 136 -3.09 84.16 7.03
C LEU J 136 -3.77 85.09 6.03
N LEU J 137 -4.15 84.53 4.89
CA LEU J 137 -4.98 85.21 3.90
C LEU J 137 -6.24 84.38 3.71
N ASN J 138 -7.39 85.05 3.65
CA ASN J 138 -8.66 84.36 3.61
C ASN J 138 -9.56 85.00 2.56
N ASN J 139 -10.38 84.14 1.92
CA ASN J 139 -11.39 84.49 0.92
C ASN J 139 -10.77 85.21 -0.28
N PHE J 140 -9.82 84.52 -0.92
CA PHE J 140 -9.14 85.05 -2.09
C PHE J 140 -9.19 84.01 -3.21
N TYR J 141 -8.67 84.37 -4.37
CA TYR J 141 -8.76 83.56 -5.58
C TYR J 141 -7.65 83.94 -6.54
N PRO J 142 -6.91 82.97 -7.12
CA PRO J 142 -7.01 81.51 -6.96
C PRO J 142 -6.26 80.99 -5.73
N ARG J 143 -5.98 79.69 -5.74
CA ARG J 143 -5.30 79.03 -4.62
C ARG J 143 -3.79 79.11 -4.70
N GLU J 144 -3.24 79.70 -5.76
CA GLU J 144 -1.80 79.86 -5.90
C GLU J 144 -1.36 81.26 -5.50
N ALA J 145 -0.15 81.36 -4.96
CA ALA J 145 0.39 82.63 -4.50
C ALA J 145 1.91 82.58 -4.55
N LYS J 146 2.52 83.75 -4.47
CA LYS J 146 3.99 83.90 -4.46
C LYS J 146 4.32 84.89 -3.35
N VAL J 147 4.56 84.37 -2.15
CA VAL J 147 4.84 85.19 -0.98
C VAL J 147 6.35 85.42 -0.89
N GLN J 148 6.75 86.69 -0.86
CA GLN J 148 8.14 87.08 -0.70
C GLN J 148 8.27 87.85 0.61
N TRP J 149 8.87 87.22 1.61
CA TRP J 149 9.06 87.85 2.91
C TRP J 149 10.16 88.90 2.84
N LYS J 150 9.77 90.16 2.61
CA LYS J 150 10.73 91.27 2.54
C LYS J 150 11.17 91.62 3.95
N VAL J 151 12.21 90.93 4.42
CA VAL J 151 12.73 91.11 5.76
C VAL J 151 14.01 91.93 5.65
N ASP J 152 13.93 93.20 6.10
CA ASP J 152 15.01 94.19 6.08
C ASP J 152 15.57 94.40 4.67
N ASN J 153 14.65 94.55 3.70
CA ASN J 153 14.92 94.75 2.27
C ASN J 153 15.77 93.62 1.69
N ALA J 154 15.32 92.38 1.89
CA ALA J 154 16.02 91.21 1.40
C ALA J 154 15.02 90.10 1.10
N LEU J 155 15.35 89.28 0.12
CA LEU J 155 14.49 88.19 -0.29
C LEU J 155 14.84 86.92 0.48
N GLN J 156 13.90 86.42 1.26
CA GLN J 156 14.08 85.21 2.05
C GLN J 156 12.96 84.24 1.71
N SER J 157 13.31 83.09 1.14
CA SER J 157 12.33 82.08 0.75
C SER J 157 12.88 80.70 1.14
N GLY J 158 12.17 79.66 0.73
CA GLY J 158 12.57 78.29 1.00
C GLY J 158 12.13 77.75 2.34
N ASN J 159 11.38 78.52 3.13
CA ASN J 159 10.92 78.09 4.44
C ASN J 159 9.41 78.20 4.60
N SER J 160 8.68 78.51 3.54
CA SER J 160 7.24 78.70 3.61
C SER J 160 6.53 77.35 3.45
N GLN J 161 5.80 76.94 4.48
CA GLN J 161 5.00 75.72 4.46
C GLN J 161 3.54 76.13 4.57
N GLU J 162 2.86 76.24 3.42
CA GLU J 162 1.50 76.75 3.37
C GLU J 162 0.49 75.62 3.61
N SER J 163 -0.77 76.01 3.77
CA SER J 163 -1.86 75.07 3.93
C SER J 163 -3.11 75.68 3.31
N VAL J 164 -3.43 75.27 2.10
CA VAL J 164 -4.59 75.77 1.37
C VAL J 164 -5.78 74.87 1.70
N THR J 165 -6.87 75.48 2.15
CA THR J 165 -8.07 74.72 2.48
C THR J 165 -8.81 74.34 1.20
N GLU J 166 -9.76 73.42 1.35
CA GLU J 166 -10.55 72.95 0.22
C GLU J 166 -11.60 73.98 -0.15
N GLN J 167 -12.17 73.83 -1.35
CA GLN J 167 -13.18 74.76 -1.82
C GLN J 167 -14.50 74.55 -1.09
N ASP J 168 -15.10 75.63 -0.64
CA ASP J 168 -16.40 75.57 0.02
C ASP J 168 -17.52 75.50 -1.02
N SER J 169 -18.73 75.30 -0.53
CA SER J 169 -19.89 75.18 -1.41
C SER J 169 -20.49 76.53 -1.77
N LYS J 170 -20.43 77.50 -0.85
CA LYS J 170 -21.11 78.77 -1.05
C LYS J 170 -20.24 79.82 -1.73
N ASP J 171 -18.97 79.96 -1.31
CA ASP J 171 -18.14 81.02 -1.86
C ASP J 171 -16.69 80.60 -2.14
N SER J 172 -16.36 79.31 -1.98
CA SER J 172 -15.06 78.70 -2.27
C SER J 172 -13.94 79.36 -1.47
N THR J 173 -14.00 79.17 -0.15
CA THR J 173 -13.08 79.80 0.78
C THR J 173 -11.68 79.21 0.62
N TYR J 174 -10.77 80.02 0.11
CA TYR J 174 -9.39 79.61 -0.13
C TYR J 174 -8.49 80.30 0.89
N SER J 175 -7.55 79.54 1.45
CA SER J 175 -6.69 80.05 2.52
C SER J 175 -5.23 79.83 2.17
N LEU J 176 -4.36 80.47 2.95
CA LEU J 176 -2.92 80.32 2.80
C LEU J 176 -2.27 80.63 4.13
N SER J 177 -1.54 79.66 4.69
CA SER J 177 -0.83 79.84 5.96
C SER J 177 0.64 80.07 5.67
N SER J 178 0.99 81.30 5.32
CA SER J 178 2.38 81.64 5.02
C SER J 178 3.17 81.78 6.30
N THR J 179 4.35 81.14 6.34
CA THR J 179 5.18 81.13 7.52
C THR J 179 6.64 81.38 7.11
N LEU J 180 7.43 81.85 8.07
CA LEU J 180 8.86 82.04 7.87
C LEU J 180 9.59 81.41 9.04
N THR J 181 10.38 80.36 8.76
CA THR J 181 11.08 79.62 9.80
C THR J 181 12.28 80.43 10.27
N LEU J 182 12.18 80.99 11.47
CA LEU J 182 13.24 81.78 12.08
C LEU J 182 13.54 81.25 13.48
N SER J 183 14.79 81.43 13.90
CA SER J 183 15.20 81.06 15.24
C SER J 183 15.05 82.26 16.16
N LYS J 184 15.62 82.18 17.37
CA LYS J 184 15.56 83.30 18.30
C LYS J 184 16.52 84.41 17.90
N ALA J 185 17.74 84.04 17.48
CA ALA J 185 18.72 85.04 17.06
C ALA J 185 18.35 85.67 15.73
N ASP J 186 17.71 84.89 14.84
CA ASP J 186 17.23 85.46 13.59
C ASP J 186 16.03 86.38 13.81
N TYR J 187 15.24 86.12 14.85
CA TYR J 187 14.17 87.04 15.22
C TYR J 187 14.74 88.29 15.88
N GLU J 188 15.84 88.17 16.63
CA GLU J 188 16.43 89.32 17.30
C GLU J 188 17.20 90.21 16.33
N LYS J 189 17.81 89.65 15.29
CA LYS J 189 18.59 90.44 14.35
C LYS J 189 17.75 91.05 13.24
N HIS J 190 16.45 90.78 13.21
CA HIS J 190 15.56 91.32 12.18
C HIS J 190 14.48 92.18 12.82
N LYS J 191 14.20 93.32 12.20
CA LYS J 191 13.23 94.28 12.71
C LYS J 191 12.05 94.48 11.77
N VAL J 192 12.30 94.77 10.50
CA VAL J 192 11.23 95.08 9.55
C VAL J 192 10.77 93.79 8.89
N TYR J 193 9.48 93.49 9.01
CA TYR J 193 8.87 92.31 8.41
C TYR J 193 7.82 92.76 7.40
N ALA J 194 7.68 92.00 6.32
CA ALA J 194 6.71 92.33 5.28
C ALA J 194 6.27 91.04 4.59
N CYS J 195 5.02 90.67 4.80
CA CYS J 195 4.44 89.51 4.13
C CYS J 195 3.79 89.96 2.82
N GLU J 196 3.50 88.99 1.95
CA GLU J 196 2.89 89.25 0.66
C GLU J 196 1.71 88.31 0.43
N VAL J 197 0.82 88.72 -0.47
CA VAL J 197 -0.37 87.96 -0.81
C VAL J 197 -0.34 87.48 -2.26
N THR J 198 0.02 88.39 -3.18
CA THR J 198 0.08 88.19 -4.64
C THR J 198 -1.26 87.67 -5.19
N HIS J 199 -2.27 88.52 -5.07
CA HIS J 199 -3.61 88.20 -5.54
C HIS J 199 -3.76 88.55 -7.01
N GLN J 200 -4.47 87.70 -7.75
CA GLN J 200 -4.64 87.90 -9.19
C GLN J 200 -5.86 88.75 -9.53
N GLY J 201 -6.82 88.87 -8.62
CA GLY J 201 -7.97 89.71 -8.89
C GLY J 201 -7.69 91.18 -8.73
N LEU J 202 -6.76 91.52 -7.84
CA LEU J 202 -6.39 92.91 -7.60
C LEU J 202 -5.24 93.33 -8.52
N SER J 203 -4.94 94.62 -8.52
CA SER J 203 -3.84 95.17 -9.29
C SER J 203 -2.65 95.56 -8.42
N SER J 204 -2.75 95.40 -7.10
CA SER J 204 -1.67 95.72 -6.18
C SER J 204 -1.79 94.85 -4.93
N PRO J 205 -0.77 94.05 -4.60
CA PRO J 205 -0.84 93.22 -3.41
C PRO J 205 -0.66 94.05 -2.14
N VAL J 206 -1.42 93.69 -1.11
CA VAL J 206 -1.35 94.39 0.17
C VAL J 206 -0.16 93.86 0.97
N THR J 207 0.99 94.49 0.80
CA THR J 207 2.20 94.10 1.52
C THR J 207 2.13 94.71 2.92
N LYS J 208 1.78 93.89 3.91
CA LYS J 208 1.67 94.35 5.29
C LYS J 208 3.08 94.49 5.86
N SER J 209 3.67 95.68 5.68
CA SER J 209 5.02 95.96 6.15
C SER J 209 4.96 96.53 7.56
N PHE J 210 4.60 95.66 8.50
CA PHE J 210 4.49 96.03 9.90
C PHE J 210 5.85 95.90 10.58
N ASN J 211 6.09 96.77 11.56
CA ASN J 211 7.34 96.76 12.29
C ASN J 211 7.24 95.82 13.49
N ARG J 212 8.40 95.49 14.06
CA ARG J 212 8.47 94.57 15.20
C ARG J 212 7.94 95.27 16.46
N GLY J 213 6.75 94.88 16.89
CA GLY J 213 6.13 95.49 18.04
C GLY J 213 4.83 96.21 17.74
N GLU J 214 4.21 95.87 16.61
CA GLU J 214 2.94 96.47 16.19
C GLU J 214 1.87 95.39 16.10
N CYS J 215 0.64 95.83 15.86
CA CYS J 215 -0.49 94.92 15.73
C CYS J 215 -1.28 95.22 14.46
C1 NAG K . 41.21 -58.60 32.64
C2 NAG K . 42.05 -59.37 33.65
C3 NAG K . 41.34 -59.42 35.01
C4 NAG K . 40.82 -58.05 35.44
C5 NAG K . 40.15 -57.31 34.29
C6 NAG K . 39.84 -55.85 34.61
C7 NAG K . 43.48 -61.36 33.44
C8 NAG K . 43.62 -62.73 32.84
N2 NAG K . 42.34 -60.71 33.16
O3 NAG K . 42.33 -59.92 35.91
O4 NAG K . 39.78 -58.14 36.41
O5 NAG K . 40.97 -57.30 33.12
O6 NAG K . 38.46 -55.58 34.52
O7 NAG K . 44.36 -60.87 34.15
C1 NAG K . 40.06 -58.70 37.71
C2 NAG K . 40.15 -57.62 38.80
C3 NAG K . 40.42 -58.29 40.15
C4 NAG K . 39.34 -59.32 40.45
C5 NAG K . 39.22 -60.32 39.30
C6 NAG K . 38.05 -61.27 39.45
C7 NAG K . 40.91 -55.41 38.08
C8 NAG K . 42.09 -54.51 37.82
N2 NAG K . 41.18 -56.64 38.49
O3 NAG K . 40.49 -57.32 41.17
O4 NAG K . 39.66 -60.02 41.64
O5 NAG K . 39.01 -59.63 38.05
O6 NAG K . 37.57 -61.69 38.19
O7 NAG K . 39.75 -55.02 37.92
#